data_8CJZ
#
_entry.id   8CJZ
#
_cell.length_a   1.00
_cell.length_b   1.00
_cell.length_c   1.00
_cell.angle_alpha   90.00
_cell.angle_beta   90.00
_cell.angle_gamma   90.00
#
_symmetry.space_group_name_H-M   'P 1'
#
loop_
_entity.id
_entity.type
_entity.pdbx_description
1 polymer 'Major Capsid Protein'
2 polymer 'Spike Base Protein'
3 polymer 'Capsid Decoration Protein'
#
loop_
_entity_poly.entity_id
_entity_poly.type
_entity_poly.pdbx_seq_one_letter_code
_entity_poly.pdbx_strand_id
1 'polypeptide(L)'
;MATLGNTYLTLADVQKQKDGKGNVTSEIIEMLAETNPILEDMVVMECNDGTGHLTTIRTGLPQATWRRLYEGVQPAKSTT
RQIKDSTGTLEAWSEVDEKLVKLSKDKQQLMLNEAAAFLEGMNQTMASTLFYGNTATDAVKFMGLAPRFNAYRAARNLKP
VDTADQVIDAGGTGSDLTSIWMVVWGDRTAHGLYPEGTSAGLQREYLGAETKELGDGGVYRVVREKFEWDLGLTVRDFRY
VVRIANIDVSDLQAGTIDIYALLRKAYYRLENRVITGGRAALYCNADVTEAMDAAATPTSSTTASYVRLTPMQVDGKEVM
MYRGIPVRECDAILSTETAVPSVA
;
Y,K,J,I,H,G,g
2 'polypeptide(L)'
;MAIGDIQTSVAFDRQVGRFPPRAEVVTPSNSEEFTSGVSVFSNDGGDISVVPLLPYGSAAIVVTVAAGGFVPFMVRKVNA
TGTTSTSIVAVW
;
h
3 'polypeptide(L)'
;MIMDKENTFSYKQAITGTAVSTNVIDLGVSRDIGKGVPVPIIIQVVEDFADATSLTATLQTSETENFSSATTLATSGAVP
VADLTAGKQLAVQYMPLGTQRYLRVNYTVSGTATAGAVTAGVVMSHQQND
;
B,C,c,F,D,A,E
#
# COMPACT_ATOMS: atom_id res chain seq x y z
N THR A 3 -46.91 -13.80 27.23
CA THR A 3 -45.62 -13.14 27.08
C THR A 3 -45.40 -12.76 25.63
N LEU A 4 -44.25 -13.18 25.10
CA LEU A 4 -43.95 -13.04 23.68
C LEU A 4 -44.10 -11.61 23.17
N GLY A 5 -45.01 -11.41 22.22
CA GLY A 5 -45.14 -10.14 21.54
C GLY A 5 -44.27 -9.98 20.32
N ASN A 6 -43.48 -11.00 19.97
CA ASN A 6 -42.58 -10.93 18.82
C ASN A 6 -43.08 -11.67 17.60
N THR A 7 -44.14 -12.46 17.73
CA THR A 7 -44.53 -13.36 16.64
C THR A 7 -45.24 -12.63 15.52
N TYR A 8 -46.38 -12.02 15.80
CA TYR A 8 -47.14 -11.34 14.76
C TYR A 8 -46.88 -9.84 14.77
N LEU A 9 -47.31 -9.18 13.71
CA LEU A 9 -47.11 -7.74 13.53
C LEU A 9 -48.05 -6.99 14.48
N THR A 10 -47.50 -6.63 15.64
CA THR A 10 -48.31 -5.99 16.67
C THR A 10 -48.64 -4.55 16.27
N LEU A 11 -49.40 -3.88 17.13
CA LEU A 11 -49.87 -2.53 16.86
C LEU A 11 -48.75 -1.51 17.04
N ALA A 12 -47.85 -1.75 17.98
CA ALA A 12 -46.74 -0.84 18.21
C ALA A 12 -45.90 -0.68 16.96
N ASP A 13 -45.63 -1.78 16.26
CA ASP A 13 -44.84 -1.72 15.05
C ASP A 13 -45.54 -0.89 13.98
N VAL A 14 -46.86 -1.06 13.85
CA VAL A 14 -47.60 -0.28 12.86
C VAL A 14 -47.54 1.19 13.20
N GLN A 15 -47.64 1.53 14.48
CA GLN A 15 -47.45 2.92 14.87
C GLN A 15 -46.05 3.41 14.50
N LYS A 16 -45.05 2.55 14.63
CA LYS A 16 -43.69 2.95 14.30
C LYS A 16 -43.46 3.06 12.80
N GLN A 17 -44.30 2.45 11.97
CA GLN A 17 -44.06 2.41 10.54
C GLN A 17 -44.82 3.49 9.77
N LYS A 18 -45.17 4.59 10.43
CA LYS A 18 -45.93 5.65 9.79
C LYS A 18 -45.31 6.99 10.13
N ASP A 19 -45.51 7.96 9.24
CA ASP A 19 -45.04 9.32 9.50
C ASP A 19 -46.03 10.06 10.39
N GLY A 20 -45.64 11.28 10.77
CA GLY A 20 -46.47 12.05 11.67
C GLY A 20 -47.79 12.50 11.06
N LYS A 21 -47.85 12.53 9.73
CA LYS A 21 -49.10 12.87 9.06
C LYS A 21 -50.15 11.78 9.17
N GLY A 22 -49.80 10.62 9.71
CA GLY A 22 -50.74 9.54 9.85
C GLY A 22 -50.77 8.55 8.71
N ASN A 23 -49.82 8.63 7.79
CA ASN A 23 -49.76 7.71 6.66
C ASN A 23 -48.57 6.77 6.83
N VAL A 24 -48.71 5.56 6.28
CA VAL A 24 -47.64 4.58 6.38
C VAL A 24 -46.42 5.08 5.62
N THR A 25 -45.24 4.77 6.17
CA THR A 25 -43.98 5.26 5.60
C THR A 25 -43.65 4.51 4.32
N SER A 26 -43.49 5.25 3.22
CA SER A 26 -43.03 4.62 1.99
C SER A 26 -41.54 4.33 2.04
N GLU A 27 -40.75 5.26 2.57
CA GLU A 27 -39.29 5.16 2.57
C GLU A 27 -38.84 4.68 3.94
N ILE A 28 -38.47 3.42 4.03
CA ILE A 28 -38.00 2.82 5.27
C ILE A 28 -36.50 2.64 5.16
N ILE A 29 -35.76 3.16 6.14
CA ILE A 29 -34.32 2.95 6.18
C ILE A 29 -34.08 1.50 6.60
N GLU A 30 -33.36 0.76 5.76
CA GLU A 30 -33.13 -0.65 6.05
C GLU A 30 -32.08 -0.81 7.14
N MET A 31 -30.88 -0.30 6.90
CA MET A 31 -29.82 -0.29 7.91
C MET A 31 -29.44 -1.69 8.35
N LEU A 32 -30.04 -2.71 7.73
CA LEU A 32 -29.64 -4.09 7.98
C LEU A 32 -29.59 -4.91 6.70
N ALA A 33 -29.81 -4.30 5.54
CA ALA A 33 -29.64 -5.00 4.28
C ALA A 33 -28.17 -5.36 4.08
N GLU A 34 -27.95 -6.45 3.34
CA GLU A 34 -26.60 -6.91 3.03
C GLU A 34 -26.52 -7.16 1.54
N THR A 35 -25.29 -7.10 1.02
CA THR A 35 -25.02 -7.38 -0.38
C THR A 35 -24.36 -8.75 -0.50
N ASN A 36 -24.92 -9.60 -1.36
CA ASN A 36 -24.41 -10.95 -1.54
C ASN A 36 -24.63 -11.35 -2.99
N PRO A 37 -23.66 -11.05 -3.87
CA PRO A 37 -23.80 -11.42 -5.27
C PRO A 37 -23.48 -12.87 -5.58
N ILE A 38 -23.23 -13.70 -4.58
CA ILE A 38 -23.09 -15.13 -4.82
C ILE A 38 -24.37 -15.66 -5.46
N LEU A 39 -25.51 -15.28 -4.91
CA LEU A 39 -26.79 -15.69 -5.48
C LEU A 39 -27.10 -15.00 -6.79
N GLU A 40 -26.33 -13.98 -7.18
CA GLU A 40 -26.56 -13.29 -8.44
C GLU A 40 -25.76 -13.90 -9.57
N ASP A 41 -24.46 -14.16 -9.34
CA ASP A 41 -23.62 -14.67 -10.41
C ASP A 41 -23.68 -16.20 -10.52
N MET A 42 -24.25 -16.87 -9.53
CA MET A 42 -24.30 -18.32 -9.53
C MET A 42 -25.12 -18.84 -10.69
N VAL A 43 -24.65 -19.94 -11.28
CA VAL A 43 -25.39 -20.65 -12.31
C VAL A 43 -26.26 -21.70 -11.62
N VAL A 44 -27.49 -21.84 -12.09
CA VAL A 44 -28.44 -22.78 -11.52
C VAL A 44 -29.29 -23.35 -12.65
N MET A 45 -29.59 -24.64 -12.56
CA MET A 45 -30.44 -25.31 -13.54
C MET A 45 -31.17 -26.43 -12.86
N GLU A 46 -32.28 -26.86 -13.47
CA GLU A 46 -33.11 -27.90 -12.87
C GLU A 46 -32.36 -29.22 -12.78
N CYS A 47 -32.61 -29.95 -11.69
CA CYS A 47 -31.96 -31.25 -11.51
C CYS A 47 -32.34 -32.20 -12.65
N ASN A 48 -33.63 -32.26 -12.98
CA ASN A 48 -34.12 -32.95 -14.16
C ASN A 48 -33.60 -34.38 -14.25
N ASP A 49 -33.73 -35.11 -13.15
CA ASP A 49 -33.21 -36.47 -13.10
C ASP A 49 -33.96 -37.24 -12.02
N GLY A 50 -33.43 -38.38 -11.61
CA GLY A 50 -34.08 -39.22 -10.62
C GLY A 50 -33.77 -38.79 -9.20
N THR A 51 -33.12 -39.65 -8.43
CA THR A 51 -32.86 -39.39 -7.02
C THR A 51 -32.18 -38.04 -6.81
N GLY A 52 -31.26 -37.66 -7.69
CA GLY A 52 -30.63 -36.35 -7.55
C GLY A 52 -29.60 -36.14 -8.62
N HIS A 53 -28.97 -34.97 -8.54
CA HIS A 53 -27.85 -34.65 -9.43
C HIS A 53 -26.71 -35.64 -9.20
N LEU A 54 -26.14 -36.13 -10.30
CA LEU A 54 -25.19 -37.23 -10.23
C LEU A 54 -23.83 -36.78 -10.72
N THR A 55 -22.79 -37.09 -9.92
CA THR A 55 -21.41 -36.80 -10.26
C THR A 55 -20.63 -38.10 -10.31
N THR A 56 -19.80 -38.27 -11.34
CA THR A 56 -19.03 -39.48 -11.56
C THR A 56 -17.55 -39.16 -11.34
N ILE A 57 -16.97 -39.73 -10.30
CA ILE A 57 -15.57 -39.49 -9.95
C ILE A 57 -14.78 -40.76 -10.20
N ARG A 58 -13.65 -40.64 -10.88
CA ARG A 58 -12.76 -41.76 -11.12
C ARG A 58 -11.84 -41.96 -9.92
N THR A 59 -11.73 -43.20 -9.44
CA THR A 59 -10.90 -43.53 -8.28
C THR A 59 -9.91 -44.64 -8.58
N GLY A 60 -9.67 -44.95 -9.85
CA GLY A 60 -8.69 -45.96 -10.18
C GLY A 60 -8.21 -45.87 -11.61
N LEU A 61 -6.94 -46.18 -11.85
CA LEU A 61 -6.39 -46.15 -13.18
C LEU A 61 -5.80 -47.51 -13.51
N PRO A 62 -5.94 -47.96 -14.75
CA PRO A 62 -5.35 -49.24 -15.14
C PRO A 62 -3.89 -49.09 -15.53
N GLN A 63 -3.04 -48.90 -14.52
CA GLN A 63 -1.62 -48.68 -14.74
C GLN A 63 -1.02 -49.84 -15.52
N ALA A 64 -0.30 -49.52 -16.59
CA ALA A 64 0.22 -50.54 -17.48
C ALA A 64 1.34 -51.33 -16.81
N THR A 65 1.66 -52.47 -17.40
CA THR A 65 2.67 -53.37 -16.88
C THR A 65 3.87 -53.38 -17.82
N TRP A 66 5.07 -53.39 -17.24
CA TRP A 66 6.29 -53.49 -18.02
C TRP A 66 6.43 -54.89 -18.59
N ARG A 67 5.97 -55.08 -19.82
CA ARG A 67 5.81 -56.43 -20.36
C ARG A 67 7.16 -57.00 -20.77
N ARG A 68 7.60 -58.04 -20.08
CA ARG A 68 8.70 -58.83 -20.61
C ARG A 68 8.23 -59.65 -21.81
N LEU A 69 9.17 -59.97 -22.67
CA LEU A 69 8.83 -60.73 -23.86
C LEU A 69 8.50 -62.16 -23.47
N TYR A 70 7.42 -62.69 -24.05
CA TYR A 70 6.78 -63.95 -23.62
C TYR A 70 6.20 -63.83 -22.22
N GLU A 71 5.38 -62.80 -22.01
CA GLU A 71 4.65 -62.62 -20.77
C GLU A 71 3.20 -62.30 -21.08
N GLY A 72 2.30 -62.74 -20.19
CA GLY A 72 0.89 -62.44 -20.34
C GLY A 72 0.46 -61.31 -19.45
N VAL A 73 0.25 -60.12 -20.04
CA VAL A 73 -0.18 -58.97 -19.28
C VAL A 73 -1.64 -59.16 -18.87
N GLN A 74 -1.91 -59.00 -17.58
CA GLN A 74 -3.26 -59.20 -17.07
C GLN A 74 -4.13 -58.00 -17.41
N PRO A 75 -5.28 -58.19 -18.06
CA PRO A 75 -6.13 -57.05 -18.42
C PRO A 75 -6.63 -56.33 -17.17
N ALA A 76 -6.76 -55.02 -17.28
CA ALA A 76 -7.13 -54.17 -16.16
C ALA A 76 -8.41 -53.42 -16.48
N LYS A 77 -9.03 -52.88 -15.42
CA LYS A 77 -10.28 -52.15 -15.51
C LYS A 77 -10.13 -50.78 -14.87
N SER A 78 -10.99 -49.86 -15.28
CA SER A 78 -11.01 -48.50 -14.75
C SER A 78 -12.17 -48.36 -13.78
N THR A 79 -11.87 -48.06 -12.53
CA THR A 79 -12.91 -47.94 -11.52
C THR A 79 -13.49 -46.52 -11.49
N THR A 80 -14.76 -46.43 -11.09
CA THR A 80 -15.44 -45.14 -10.99
C THR A 80 -16.22 -45.06 -9.69
N ARG A 81 -16.42 -43.84 -9.22
CA ARG A 81 -17.13 -43.55 -7.99
C ARG A 81 -18.19 -42.49 -8.26
N GLN A 82 -19.36 -42.65 -7.66
CA GLN A 82 -20.50 -41.78 -7.94
C GLN A 82 -20.96 -41.07 -6.66
N ILE A 83 -21.30 -39.80 -6.80
CA ILE A 83 -21.79 -38.98 -5.70
C ILE A 83 -22.98 -38.17 -6.18
N LYS A 84 -24.01 -38.07 -5.35
CA LYS A 84 -25.18 -37.26 -5.67
C LYS A 84 -25.44 -36.24 -4.56
N ASP A 85 -25.92 -35.06 -4.97
CA ASP A 85 -26.21 -33.96 -4.06
C ASP A 85 -27.66 -33.52 -4.25
N SER A 86 -28.30 -33.10 -3.16
CA SER A 86 -29.72 -32.83 -3.11
C SER A 86 -30.00 -31.34 -2.93
N THR A 87 -31.24 -30.96 -3.23
CA THR A 87 -31.71 -29.58 -3.10
C THR A 87 -32.42 -29.37 -1.77
N GLY A 88 -32.56 -28.10 -1.39
CA GLY A 88 -33.24 -27.75 -0.18
C GLY A 88 -34.28 -26.67 -0.43
N THR A 89 -35.27 -26.63 0.45
CA THR A 89 -36.41 -25.72 0.32
C THR A 89 -36.67 -25.05 1.66
N LEU A 90 -36.90 -23.74 1.63
CA LEU A 90 -37.39 -23.02 2.79
C LEU A 90 -38.41 -21.98 2.34
N GLU A 91 -39.27 -21.58 3.26
CA GLU A 91 -40.24 -20.52 3.00
C GLU A 91 -40.62 -19.87 4.32
N ALA A 92 -41.10 -18.63 4.23
CA ALA A 92 -41.51 -17.85 5.38
C ALA A 92 -42.85 -17.20 5.08
N TRP A 93 -43.58 -16.88 6.15
CA TRP A 93 -44.96 -16.43 6.03
C TRP A 93 -45.17 -15.16 6.83
N SER A 94 -46.11 -14.34 6.39
CA SER A 94 -46.48 -13.10 7.05
C SER A 94 -47.93 -13.18 7.50
N GLU A 95 -48.17 -12.89 8.78
CA GLU A 95 -49.51 -13.01 9.36
C GLU A 95 -49.85 -11.70 10.04
N VAL A 96 -50.88 -11.01 9.55
CA VAL A 96 -51.27 -9.71 10.05
C VAL A 96 -52.79 -9.65 10.15
N ASP A 97 -53.28 -9.00 11.20
CA ASP A 97 -54.72 -8.80 11.34
C ASP A 97 -55.23 -7.86 10.26
N GLU A 98 -56.44 -8.13 9.78
CA GLU A 98 -57.02 -7.29 8.74
C GLU A 98 -57.32 -5.89 9.25
N LYS A 99 -57.77 -5.78 10.50
CA LYS A 99 -58.03 -4.46 11.07
C LYS A 99 -56.72 -3.70 11.29
N LEU A 100 -55.64 -4.42 11.61
CA LEU A 100 -54.32 -3.78 11.65
C LEU A 100 -54.00 -3.10 10.33
N VAL A 101 -54.51 -3.63 9.23
CA VAL A 101 -54.33 -3.03 7.93
C VAL A 101 -55.29 -1.88 7.71
N LYS A 102 -56.58 -2.11 8.00
CA LYS A 102 -57.59 -1.12 7.66
C LYS A 102 -57.42 0.16 8.48
N LEU A 103 -57.11 0.04 9.77
CA LEU A 103 -56.90 1.24 10.56
C LEU A 103 -55.59 1.94 10.23
N SER A 104 -54.71 1.30 9.46
CA SER A 104 -53.49 1.96 9.03
C SER A 104 -53.71 2.81 7.78
N LYS A 105 -54.95 2.87 7.27
CA LYS A 105 -55.36 3.75 6.18
C LYS A 105 -54.70 3.39 4.85
N ASP A 106 -53.87 2.35 4.84
CA ASP A 106 -53.10 2.02 3.63
C ASP A 106 -52.72 0.55 3.70
N LYS A 107 -53.17 -0.23 2.71
CA LYS A 107 -52.82 -1.65 2.69
C LYS A 107 -51.58 -1.90 1.83
N GLN A 108 -51.59 -1.42 0.58
CA GLN A 108 -50.52 -1.76 -0.35
C GLN A 108 -49.17 -1.33 0.19
N GLN A 109 -49.12 -0.20 0.90
CA GLN A 109 -47.86 0.25 1.47
C GLN A 109 -47.34 -0.73 2.53
N LEU A 110 -48.24 -1.21 3.38
CA LEU A 110 -47.82 -2.17 4.41
C LEU A 110 -47.36 -3.47 3.79
N MET A 111 -48.08 -3.94 2.76
CA MET A 111 -47.61 -5.13 2.04
C MET A 111 -46.25 -4.90 1.41
N LEU A 112 -46.02 -3.73 0.81
CA LEU A 112 -44.73 -3.46 0.20
C LEU A 112 -43.62 -3.49 1.24
N ASN A 113 -43.84 -2.84 2.39
CA ASN A 113 -42.82 -2.81 3.43
C ASN A 113 -42.50 -4.22 3.91
N GLU A 114 -43.54 -5.00 4.23
CA GLU A 114 -43.28 -6.34 4.75
C GLU A 114 -42.65 -7.23 3.70
N ALA A 115 -43.06 -7.09 2.43
CA ALA A 115 -42.48 -7.90 1.37
C ALA A 115 -41.01 -7.58 1.17
N ALA A 116 -40.64 -6.30 1.19
CA ALA A 116 -39.22 -5.95 1.05
C ALA A 116 -38.41 -6.52 2.21
N ALA A 117 -38.94 -6.41 3.42
CA ALA A 117 -38.22 -6.97 4.57
C ALA A 117 -38.05 -8.47 4.43
N PHE A 118 -39.10 -9.17 3.97
CA PHE A 118 -39.00 -10.62 3.84
C PHE A 118 -38.03 -11.03 2.74
N LEU A 119 -38.02 -10.27 1.64
CA LEU A 119 -37.06 -10.57 0.58
C LEU A 119 -35.64 -10.44 1.08
N GLU A 120 -35.34 -9.35 1.80
CA GLU A 120 -33.99 -9.18 2.34
C GLU A 120 -33.66 -10.30 3.31
N GLY A 121 -34.60 -10.65 4.19
CA GLY A 121 -34.33 -11.70 5.16
C GLY A 121 -34.01 -13.02 4.50
N MET A 122 -34.80 -13.41 3.50
CA MET A 122 -34.55 -14.67 2.80
C MET A 122 -33.22 -14.64 2.06
N ASN A 123 -32.89 -13.53 1.41
CA ASN A 123 -31.61 -13.46 0.71
C ASN A 123 -30.46 -13.66 1.69
N GLN A 124 -30.51 -12.97 2.83
CA GLN A 124 -29.45 -13.13 3.81
C GLN A 124 -29.37 -14.56 4.32
N THR A 125 -30.52 -15.17 4.61
CA THR A 125 -30.53 -16.54 5.11
C THR A 125 -29.95 -17.50 4.08
N MET A 126 -30.33 -17.32 2.82
CA MET A 126 -29.87 -18.22 1.77
C MET A 126 -28.38 -18.11 1.56
N ALA A 127 -27.84 -16.89 1.54
CA ALA A 127 -26.39 -16.76 1.39
C ALA A 127 -25.68 -17.37 2.58
N SER A 128 -26.22 -17.18 3.79
CA SER A 128 -25.61 -17.76 4.97
C SER A 128 -25.56 -19.28 4.87
N THR A 129 -26.63 -19.90 4.37
CA THR A 129 -26.64 -21.36 4.28
C THR A 129 -25.78 -21.86 3.13
N LEU A 130 -25.72 -21.11 2.04
CA LEU A 130 -24.82 -21.49 0.94
C LEU A 130 -23.40 -21.55 1.42
N PHE A 131 -22.96 -20.52 2.15
CA PHE A 131 -21.60 -20.53 2.65
C PHE A 131 -21.43 -21.46 3.85
N TYR A 132 -22.50 -21.67 4.65
CA TYR A 132 -22.45 -22.62 5.75
C TYR A 132 -23.73 -23.44 5.78
N GLY A 133 -23.77 -24.51 4.99
CA GLY A 133 -24.84 -25.48 5.01
C GLY A 133 -24.54 -26.76 5.75
N ASN A 134 -24.23 -26.69 7.04
CA ASN A 134 -23.75 -27.87 7.79
C ASN A 134 -24.90 -28.84 8.02
N THR A 135 -25.26 -29.57 6.96
CA THR A 135 -26.38 -30.50 7.08
C THR A 135 -25.98 -31.77 7.84
N ALA A 136 -24.73 -31.84 8.30
CA ALA A 136 -24.29 -32.96 9.10
C ALA A 136 -25.14 -33.07 10.36
N THR A 137 -25.55 -31.93 10.92
CA THR A 137 -26.35 -31.88 12.13
C THR A 137 -27.73 -31.27 11.88
N ASP A 138 -28.19 -31.23 10.64
CA ASP A 138 -29.46 -30.58 10.33
C ASP A 138 -30.47 -31.53 9.71
N ALA A 139 -30.07 -32.30 8.71
CA ALA A 139 -30.90 -33.15 7.85
C ALA A 139 -31.73 -32.30 6.89
N VAL A 140 -31.71 -30.98 7.03
CA VAL A 140 -32.14 -30.02 6.04
C VAL A 140 -31.01 -29.02 5.87
N LYS A 141 -31.27 -27.95 5.11
CA LYS A 141 -30.25 -26.95 4.83
C LYS A 141 -29.07 -27.59 4.09
N PHE A 142 -29.35 -27.92 2.83
CA PHE A 142 -28.45 -28.68 1.96
C PHE A 142 -27.00 -28.27 2.09
N MET A 143 -26.11 -29.25 1.92
CA MET A 143 -24.68 -29.05 2.11
C MET A 143 -24.19 -27.84 1.33
N GLY A 144 -23.49 -26.94 2.00
CA GLY A 144 -23.04 -25.73 1.36
C GLY A 144 -21.63 -25.86 0.82
N LEU A 145 -20.71 -25.06 1.36
CA LEU A 145 -19.30 -25.14 0.99
C LEU A 145 -18.38 -25.37 2.16
N ALA A 146 -18.58 -24.65 3.26
CA ALA A 146 -17.79 -24.87 4.47
C ALA A 146 -17.90 -26.29 5.00
N PRO A 147 -19.07 -26.94 5.06
CA PRO A 147 -19.10 -28.31 5.58
C PRO A 147 -18.26 -29.27 4.78
N ARG A 148 -18.16 -29.06 3.46
CA ARG A 148 -17.35 -29.94 2.63
C ARG A 148 -15.87 -29.80 2.93
N PHE A 149 -15.41 -28.57 3.18
CA PHE A 149 -13.99 -28.31 3.38
C PHE A 149 -13.63 -27.99 4.82
N ASN A 150 -14.45 -28.43 5.78
CA ASN A 150 -14.16 -28.09 7.17
C ASN A 150 -13.09 -29.01 7.74
N ALA A 151 -11.99 -29.17 7.01
CA ALA A 151 -10.86 -29.95 7.45
C ALA A 151 -9.68 -29.69 6.51
N TYR A 152 -8.49 -29.44 7.06
CA TYR A 152 -7.32 -29.17 6.26
C TYR A 152 -6.21 -30.13 6.62
N ARG A 153 -5.35 -30.40 5.63
CA ARG A 153 -4.21 -31.30 5.80
C ARG A 153 -2.94 -30.48 5.69
N ALA A 154 -2.09 -30.54 6.74
CA ALA A 154 -0.93 -29.66 6.84
C ALA A 154 0.12 -29.99 5.79
N ALA A 155 0.47 -31.27 5.67
CA ALA A 155 1.49 -31.72 4.73
C ALA A 155 0.83 -32.63 3.71
N ARG A 156 1.64 -33.25 2.85
CA ARG A 156 1.19 -34.23 1.87
C ARG A 156 0.22 -33.65 0.85
N ASN A 157 -0.04 -32.34 0.89
CA ASN A 157 -1.01 -31.70 0.02
C ASN A 157 -0.38 -31.50 -1.37
N LEU A 158 -0.18 -32.61 -2.06
CA LEU A 158 0.46 -32.59 -3.37
C LEU A 158 -0.55 -32.60 -4.51
N LYS A 159 -1.48 -33.55 -4.48
CA LYS A 159 -2.56 -33.63 -5.44
C LYS A 159 -3.85 -33.86 -4.68
N PRO A 160 -4.99 -33.45 -5.24
CA PRO A 160 -6.24 -33.50 -4.46
C PRO A 160 -6.72 -34.91 -4.15
N VAL A 161 -6.01 -35.61 -3.25
CA VAL A 161 -6.47 -36.91 -2.81
C VAL A 161 -7.79 -36.80 -2.05
N ASP A 162 -7.89 -35.83 -1.14
CA ASP A 162 -9.13 -35.51 -0.47
C ASP A 162 -9.39 -34.01 -0.54
N THR A 163 -10.39 -33.52 0.17
CA THR A 163 -10.61 -32.08 0.27
C THR A 163 -9.79 -31.43 1.39
N ALA A 164 -9.13 -32.21 2.23
CA ALA A 164 -8.26 -31.65 3.25
C ALA A 164 -7.02 -31.01 2.67
N ASP A 165 -6.74 -31.23 1.39
CA ASP A 165 -5.65 -30.58 0.69
C ASP A 165 -6.08 -29.30 -0.01
N GLN A 166 -7.35 -28.94 0.10
CA GLN A 166 -7.88 -27.73 -0.54
C GLN A 166 -8.10 -26.61 0.45
N VAL A 167 -7.54 -26.72 1.65
CA VAL A 167 -7.69 -25.71 2.69
C VAL A 167 -6.31 -25.37 3.23
N ILE A 168 -6.02 -24.09 3.36
CA ILE A 168 -4.70 -23.61 3.74
C ILE A 168 -4.78 -23.00 5.13
N ASP A 169 -4.04 -23.58 6.06
CA ASP A 169 -3.94 -23.01 7.39
C ASP A 169 -3.26 -21.64 7.32
N ALA A 170 -3.70 -20.73 8.18
CA ALA A 170 -3.08 -19.41 8.30
C ALA A 170 -2.65 -19.09 9.72
N GLY A 171 -2.70 -20.06 10.63
CA GLY A 171 -2.21 -19.89 11.98
C GLY A 171 -3.18 -19.23 12.95
N GLY A 172 -4.42 -18.99 12.54
CA GLY A 172 -5.36 -18.26 13.38
C GLY A 172 -5.82 -19.03 14.60
N THR A 173 -6.37 -18.30 15.58
CA THR A 173 -6.86 -18.87 16.82
C THR A 173 -7.89 -17.90 17.39
N GLY A 174 -8.87 -18.43 18.13
CA GLY A 174 -9.89 -17.62 18.72
C GLY A 174 -11.14 -17.55 17.85
N SER A 175 -12.07 -16.69 18.27
CA SER A 175 -13.33 -16.52 17.58
C SER A 175 -13.27 -15.43 16.51
N ASP A 176 -12.08 -15.05 16.08
CA ASP A 176 -11.89 -14.00 15.09
C ASP A 176 -11.38 -14.55 13.75
N LEU A 177 -11.72 -15.78 13.42
CA LEU A 177 -11.27 -16.37 12.17
C LEU A 177 -12.24 -16.05 11.04
N THR A 178 -11.78 -16.21 9.82
CA THR A 178 -12.63 -16.02 8.65
C THR A 178 -12.14 -16.94 7.54
N SER A 179 -12.64 -16.73 6.33
CA SER A 179 -12.28 -17.57 5.21
C SER A 179 -12.50 -16.82 3.91
N ILE A 180 -11.85 -17.29 2.85
CA ILE A 180 -12.02 -16.77 1.51
C ILE A 180 -12.32 -17.94 0.59
N TRP A 181 -13.42 -17.84 -0.15
CA TRP A 181 -13.84 -18.85 -1.10
C TRP A 181 -13.55 -18.40 -2.52
N MET A 182 -13.05 -19.34 -3.33
CA MET A 182 -12.82 -19.12 -4.76
C MET A 182 -13.53 -20.23 -5.53
N VAL A 183 -14.81 -19.98 -5.80
CA VAL A 183 -15.64 -20.95 -6.49
C VAL A 183 -15.52 -20.74 -8.00
N VAL A 184 -15.75 -21.80 -8.75
CA VAL A 184 -15.85 -21.71 -10.20
C VAL A 184 -17.21 -22.23 -10.64
N TRP A 185 -18.05 -21.35 -11.19
CA TRP A 185 -19.37 -21.75 -11.63
C TRP A 185 -19.31 -22.22 -13.08
N GLY A 186 -19.86 -23.40 -13.34
CA GLY A 186 -19.88 -23.92 -14.69
C GLY A 186 -20.71 -25.18 -14.76
N ASP A 187 -20.90 -25.66 -15.99
CA ASP A 187 -21.71 -26.86 -16.20
C ASP A 187 -21.10 -28.05 -15.49
N ARG A 188 -19.78 -28.18 -15.49
CA ARG A 188 -19.10 -29.28 -14.84
C ARG A 188 -18.36 -28.89 -13.58
N THR A 189 -17.94 -27.63 -13.46
CA THR A 189 -17.20 -27.20 -12.28
C THR A 189 -18.04 -27.33 -11.02
N ALA A 190 -19.10 -26.52 -10.94
CA ALA A 190 -20.06 -26.47 -9.83
C ALA A 190 -21.14 -25.48 -10.22
N HIS A 191 -22.30 -25.60 -9.58
CA HIS A 191 -23.41 -24.71 -9.89
C HIS A 191 -24.51 -24.91 -8.85
N GLY A 192 -25.55 -24.07 -8.95
CA GLY A 192 -26.73 -24.24 -8.14
C GLY A 192 -27.70 -25.23 -8.75
N LEU A 193 -28.77 -25.51 -8.00
CA LEU A 193 -29.67 -26.59 -8.38
C LEU A 193 -31.04 -26.37 -7.76
N TYR A 194 -32.09 -26.53 -8.57
CA TYR A 194 -33.41 -26.60 -8.00
C TYR A 194 -34.15 -27.80 -8.56
N PRO A 195 -35.02 -28.44 -7.78
CA PRO A 195 -35.72 -29.63 -8.28
C PRO A 195 -36.70 -29.28 -9.39
N GLU A 196 -36.98 -30.27 -10.23
CA GLU A 196 -37.85 -30.07 -11.37
C GLU A 196 -39.27 -29.77 -10.90
N GLY A 197 -40.01 -29.04 -11.74
CA GLY A 197 -41.37 -28.67 -11.42
C GLY A 197 -41.47 -27.32 -10.75
N THR A 198 -40.48 -26.99 -9.93
CA THR A 198 -40.44 -25.68 -9.28
C THR A 198 -39.94 -24.63 -10.25
N SER A 199 -39.58 -23.46 -9.75
CA SER A 199 -39.05 -22.40 -10.59
C SER A 199 -37.81 -21.79 -9.94
N ALA A 200 -36.98 -21.18 -10.76
CA ALA A 200 -35.78 -20.53 -10.26
C ALA A 200 -36.12 -19.24 -9.53
N GLY A 201 -35.29 -18.88 -8.56
CA GLY A 201 -35.45 -17.65 -7.85
C GLY A 201 -36.54 -17.73 -6.79
N LEU A 202 -36.73 -16.60 -6.10
CA LEU A 202 -37.73 -16.51 -5.05
C LEU A 202 -39.11 -16.32 -5.68
N GLN A 203 -40.05 -17.17 -5.30
CA GLN A 203 -41.44 -17.04 -5.71
C GLN A 203 -42.27 -16.52 -4.54
N ARG A 204 -43.01 -15.45 -4.78
CA ARG A 204 -43.86 -14.85 -3.78
C ARG A 204 -45.31 -14.89 -4.24
N GLU A 205 -46.21 -15.18 -3.30
CA GLU A 205 -47.63 -15.30 -3.61
C GLU A 205 -48.44 -14.54 -2.57
N TYR A 206 -49.40 -13.75 -3.05
CA TYR A 206 -50.27 -12.94 -2.20
C TYR A 206 -51.56 -13.71 -1.99
N LEU A 207 -51.72 -14.29 -0.80
CA LEU A 207 -52.88 -15.13 -0.50
C LEU A 207 -54.15 -14.33 -0.22
N GLY A 208 -54.04 -13.02 -0.06
CA GLY A 208 -55.23 -12.25 0.23
C GLY A 208 -55.68 -12.43 1.67
N ALA A 209 -56.95 -12.08 1.88
CA ALA A 209 -57.52 -12.15 3.22
C ALA A 209 -57.78 -13.59 3.62
N GLU A 210 -57.36 -13.96 4.82
CA GLU A 210 -57.52 -15.30 5.35
C GLU A 210 -58.57 -15.30 6.44
N THR A 211 -58.77 -16.45 7.07
CA THR A 211 -59.77 -16.61 8.11
C THR A 211 -59.22 -17.42 9.28
N LYS A 212 -58.06 -17.01 9.79
CA LYS A 212 -57.32 -17.76 10.79
C LYS A 212 -58.23 -18.29 11.89
N GLU A 213 -58.29 -19.61 12.00
CA GLU A 213 -59.15 -20.29 12.96
C GLU A 213 -58.31 -20.72 14.16
N LEU A 214 -58.77 -20.35 15.35
CA LEU A 214 -58.05 -20.66 16.57
C LEU A 214 -58.43 -22.04 17.07
N GLY A 215 -57.56 -22.61 17.90
CA GLY A 215 -57.87 -23.89 18.51
C GLY A 215 -59.10 -23.82 19.39
N ASP A 216 -59.20 -22.77 20.19
CA ASP A 216 -60.33 -22.58 21.10
C ASP A 216 -61.36 -21.63 20.49
N GLY A 217 -61.90 -22.04 19.35
CA GLY A 217 -63.00 -21.32 18.71
C GLY A 217 -62.77 -19.84 18.50
N GLY A 218 -61.87 -19.48 17.59
CA GLY A 218 -61.63 -18.09 17.28
C GLY A 218 -61.31 -17.89 15.82
N VAL A 219 -62.01 -16.98 15.16
CA VAL A 219 -61.96 -16.87 13.72
C VAL A 219 -61.52 -15.49 13.24
N TYR A 220 -60.65 -14.82 13.99
CA TYR A 220 -60.28 -13.47 13.60
C TYR A 220 -59.54 -13.49 12.26
N ARG A 221 -59.85 -12.49 11.44
CA ARG A 221 -59.48 -12.51 10.02
C ARG A 221 -58.10 -11.89 9.82
N VAL A 222 -57.22 -12.65 9.16
CA VAL A 222 -55.84 -12.23 8.91
C VAL A 222 -55.57 -12.22 7.42
N VAL A 223 -54.42 -11.65 7.05
CA VAL A 223 -53.97 -11.58 5.67
C VAL A 223 -52.54 -12.09 5.63
N ARG A 224 -52.22 -12.87 4.59
CA ARG A 224 -50.92 -13.50 4.52
C ARG A 224 -50.35 -13.38 3.11
N GLU A 225 -49.03 -13.39 3.03
CA GLU A 225 -48.29 -13.47 1.78
C GLU A 225 -47.33 -14.65 1.84
N LYS A 226 -47.21 -15.34 0.71
CA LYS A 226 -46.32 -16.48 0.59
C LYS A 226 -45.00 -16.04 -0.01
N PHE A 227 -43.90 -16.58 0.54
CA PHE A 227 -42.57 -16.32 0.02
C PHE A 227 -41.86 -17.67 -0.07
N GLU A 228 -41.57 -18.13 -1.27
CA GLU A 228 -40.97 -19.44 -1.49
C GLU A 228 -39.72 -19.31 -2.35
N TRP A 229 -38.67 -20.03 -1.95
CA TRP A 229 -37.44 -20.10 -2.74
C TRP A 229 -36.69 -21.34 -2.32
N ASP A 230 -36.31 -22.18 -3.29
CA ASP A 230 -35.62 -23.42 -3.04
C ASP A 230 -34.42 -23.53 -3.98
N LEU A 231 -33.31 -24.03 -3.47
CA LEU A 231 -32.19 -24.36 -4.35
C LEU A 231 -31.31 -25.39 -3.68
N GLY A 232 -30.34 -25.88 -4.44
CA GLY A 232 -29.37 -26.83 -3.95
C GLY A 232 -28.04 -26.62 -4.62
N LEU A 233 -27.01 -27.20 -4.04
CA LEU A 233 -25.64 -27.06 -4.51
C LEU A 233 -25.11 -28.39 -5.04
N THR A 234 -24.07 -28.30 -5.87
CA THR A 234 -23.38 -29.49 -6.33
C THR A 234 -21.95 -29.09 -6.68
N VAL A 235 -21.02 -29.39 -5.77
CA VAL A 235 -19.60 -29.18 -6.01
C VAL A 235 -19.09 -30.49 -6.62
N ARG A 236 -19.07 -30.54 -7.95
CA ARG A 236 -18.67 -31.76 -8.63
C ARG A 236 -17.21 -32.09 -8.33
N ASP A 237 -16.34 -31.09 -8.39
CA ASP A 237 -14.92 -31.27 -8.17
C ASP A 237 -14.47 -30.47 -6.97
N PHE A 238 -13.74 -31.11 -6.06
CA PHE A 238 -13.07 -30.36 -5.01
C PHE A 238 -11.74 -29.81 -5.49
N ARG A 239 -11.48 -29.85 -6.79
CA ARG A 239 -10.36 -29.16 -7.40
C ARG A 239 -10.74 -27.77 -7.89
N TYR A 240 -12.00 -27.37 -7.70
CA TYR A 240 -12.50 -26.09 -8.18
C TYR A 240 -12.82 -25.12 -7.05
N VAL A 241 -12.66 -25.56 -5.81
CA VAL A 241 -12.98 -24.70 -4.63
C VAL A 241 -11.83 -24.76 -3.62
N VAL A 242 -11.25 -23.60 -3.30
CA VAL A 242 -10.15 -23.53 -2.28
C VAL A 242 -10.49 -22.44 -1.27
N ARG A 243 -10.39 -22.75 0.02
CA ARG A 243 -10.73 -21.76 1.08
C ARG A 243 -9.58 -21.65 2.08
N ILE A 244 -9.36 -20.47 2.65
CA ILE A 244 -8.28 -20.28 3.67
C ILE A 244 -8.91 -20.32 5.06
N ALA A 245 -8.40 -21.17 5.94
CA ALA A 245 -8.92 -21.29 7.30
C ALA A 245 -7.95 -20.69 8.29
N ASN A 246 -8.47 -20.40 9.49
CA ASN A 246 -7.69 -19.83 10.59
C ASN A 246 -7.03 -18.52 10.19
N ILE A 247 -7.83 -17.59 9.67
CA ILE A 247 -7.38 -16.25 9.33
C ILE A 247 -7.77 -15.37 10.51
N ASP A 248 -6.81 -15.14 11.41
CA ASP A 248 -7.10 -14.43 12.65
C ASP A 248 -7.18 -12.93 12.40
N VAL A 249 -8.34 -12.34 12.72
CA VAL A 249 -8.55 -10.91 12.51
C VAL A 249 -7.88 -10.05 13.58
N SER A 250 -7.36 -10.68 14.65
CA SER A 250 -6.42 -9.94 15.50
C SER A 250 -5.21 -9.51 14.68
N ASP A 251 -4.84 -10.30 13.69
CA ASP A 251 -3.94 -9.91 12.61
C ASP A 251 -4.78 -9.49 11.41
N LEU A 252 -4.15 -9.29 10.26
CA LEU A 252 -4.84 -8.92 9.03
C LEU A 252 -5.37 -7.49 9.12
N GLN A 253 -5.30 -6.91 10.32
CA GLN A 253 -5.49 -5.48 10.47
C GLN A 253 -4.16 -4.78 10.66
N ALA A 254 -3.22 -5.46 11.33
CA ALA A 254 -1.83 -5.07 11.37
C ALA A 254 -1.03 -5.95 10.42
N GLY A 255 0.25 -5.64 10.26
CA GLY A 255 1.11 -6.39 9.36
C GLY A 255 1.67 -7.66 9.96
N THR A 256 0.86 -8.70 10.06
CA THR A 256 1.33 -10.00 10.51
C THR A 256 1.04 -11.13 9.54
N ILE A 257 -0.03 -11.05 8.77
CA ILE A 257 -0.39 -12.08 7.80
C ILE A 257 -0.54 -11.41 6.44
N ASP A 258 0.26 -11.85 5.47
CA ASP A 258 0.16 -11.27 4.13
C ASP A 258 -0.95 -11.95 3.36
N ILE A 259 -1.83 -11.14 2.78
CA ILE A 259 -2.98 -11.67 2.07
C ILE A 259 -2.55 -12.30 0.75
N TYR A 260 -1.74 -11.57 -0.02
CA TYR A 260 -1.43 -12.04 -1.37
C TYR A 260 -0.58 -13.29 -1.33
N ALA A 261 0.19 -13.50 -0.26
CA ALA A 261 0.91 -14.76 -0.10
C ALA A 261 -0.06 -15.93 -0.04
N LEU A 262 -1.05 -15.84 0.85
CA LEU A 262 -2.03 -16.91 0.98
C LEU A 262 -2.88 -17.04 -0.28
N LEU A 263 -3.22 -15.92 -0.91
CA LEU A 263 -4.04 -15.96 -2.11
C LEU A 263 -3.31 -16.64 -3.27
N ARG A 264 -2.00 -16.36 -3.42
CA ARG A 264 -1.23 -17.07 -4.44
C ARG A 264 -1.09 -18.54 -4.10
N LYS A 265 -0.83 -18.85 -2.83
CA LYS A 265 -0.76 -20.25 -2.40
C LYS A 265 -2.04 -20.99 -2.76
N ALA A 266 -3.19 -20.35 -2.56
CA ALA A 266 -4.47 -20.98 -2.87
C ALA A 266 -4.72 -21.03 -4.37
N TYR A 267 -4.35 -19.97 -5.09
CA TYR A 267 -4.48 -19.93 -6.54
C TYR A 267 -3.80 -21.14 -7.15
N TYR A 268 -2.62 -21.47 -6.65
CA TYR A 268 -1.93 -22.63 -7.17
C TYR A 268 -2.54 -23.91 -6.62
N ARG A 269 -3.25 -23.83 -5.50
CA ARG A 269 -3.98 -25.00 -5.01
C ARG A 269 -5.23 -25.26 -5.85
N LEU A 270 -5.72 -24.24 -6.56
CA LEU A 270 -6.87 -24.42 -7.44
C LEU A 270 -6.42 -25.22 -8.65
N GLU A 271 -6.51 -26.54 -8.57
CA GLU A 271 -5.87 -27.40 -9.56
C GLU A 271 -6.56 -27.33 -10.92
N ASN A 272 -7.69 -26.67 -11.05
CA ASN A 272 -8.41 -26.66 -12.32
C ASN A 272 -8.65 -25.25 -12.86
N ARG A 273 -7.69 -24.34 -12.66
CA ARG A 273 -7.66 -23.10 -13.42
C ARG A 273 -6.73 -23.20 -14.63
N VAL A 274 -5.98 -24.30 -14.74
CA VAL A 274 -5.09 -24.48 -15.89
C VAL A 274 -5.89 -24.63 -17.17
N ILE A 275 -7.13 -25.11 -17.07
CA ILE A 275 -8.01 -25.27 -18.22
C ILE A 275 -9.36 -24.65 -17.87
N THR A 276 -9.93 -23.90 -18.82
CA THR A 276 -11.16 -23.17 -18.60
C THR A 276 -12.31 -24.14 -18.41
N GLY A 277 -12.90 -24.14 -17.21
CA GLY A 277 -14.10 -24.90 -16.95
C GLY A 277 -15.33 -24.03 -16.97
N GLY A 278 -15.21 -22.85 -16.37
CA GLY A 278 -16.32 -21.91 -16.33
C GLY A 278 -15.90 -20.63 -15.66
N ARG A 279 -16.89 -19.77 -15.42
CA ARG A 279 -16.61 -18.50 -14.76
C ARG A 279 -16.12 -18.72 -13.34
N ALA A 280 -15.14 -17.94 -12.93
CA ALA A 280 -14.52 -18.05 -11.63
C ALA A 280 -14.94 -16.87 -10.75
N ALA A 281 -14.62 -16.96 -9.47
CA ALA A 281 -14.92 -15.89 -8.53
C ALA A 281 -14.10 -16.10 -7.26
N LEU A 282 -13.92 -15.02 -6.52
CA LEU A 282 -13.21 -15.05 -5.23
C LEU A 282 -13.99 -14.16 -4.27
N TYR A 283 -14.80 -14.78 -3.42
CA TYR A 283 -15.70 -14.06 -2.54
C TYR A 283 -15.01 -13.75 -1.21
N CYS A 284 -15.27 -12.56 -0.69
CA CYS A 284 -14.67 -12.12 0.56
C CYS A 284 -15.72 -11.67 1.56
N ASN A 285 -15.30 -11.01 2.64
CA ASN A 285 -16.20 -10.51 3.66
C ASN A 285 -15.99 -9.04 3.96
N ALA A 286 -15.33 -8.30 3.08
CA ALA A 286 -15.14 -6.85 3.16
C ALA A 286 -14.17 -6.46 4.27
N ASP A 287 -13.74 -7.43 5.08
CA ASP A 287 -12.55 -7.23 5.90
C ASP A 287 -11.32 -7.63 5.13
N VAL A 288 -11.41 -8.74 4.40
CA VAL A 288 -10.31 -9.20 3.56
C VAL A 288 -10.03 -8.18 2.47
N THR A 289 -11.07 -7.65 1.82
CA THR A 289 -10.84 -6.66 0.78
C THR A 289 -10.26 -5.37 1.34
N GLU A 290 -10.71 -4.95 2.52
CA GLU A 290 -10.11 -3.78 3.16
C GLU A 290 -8.63 -4.00 3.40
N ALA A 291 -8.27 -5.16 3.97
CA ALA A 291 -6.86 -5.43 4.19
C ALA A 291 -6.09 -5.56 2.88
N MET A 292 -6.76 -6.04 1.83
CA MET A 292 -6.09 -6.24 0.55
C MET A 292 -5.75 -4.92 -0.09
N ASP A 293 -6.66 -3.95 -0.04
CA ASP A 293 -6.27 -2.61 -0.43
C ASP A 293 -5.31 -1.98 0.56
N ALA A 294 -5.24 -2.47 1.80
CA ALA A 294 -4.24 -2.02 2.75
C ALA A 294 -2.84 -2.55 2.46
N ALA A 295 -2.73 -3.62 1.69
CA ALA A 295 -1.44 -4.20 1.35
C ALA A 295 -1.11 -4.12 -0.14
N ALA A 296 -1.96 -3.49 -0.94
CA ALA A 296 -1.70 -3.32 -2.36
C ALA A 296 -1.45 -1.87 -2.76
N THR A 297 -1.87 -0.91 -1.93
CA THR A 297 -1.50 0.49 -2.10
C THR A 297 -0.95 1.00 -0.78
N PRO A 298 0.25 0.54 -0.41
CA PRO A 298 0.73 0.75 0.96
C PRO A 298 1.14 2.19 1.22
N THR A 299 0.82 2.66 2.43
CA THR A 299 1.32 3.94 2.93
C THR A 299 1.72 3.70 4.39
N SER A 300 3.01 3.89 4.68
CA SER A 300 3.54 3.71 6.03
C SER A 300 3.22 2.33 6.60
N SER A 301 3.23 1.32 5.74
CA SER A 301 2.97 -0.04 6.19
C SER A 301 4.18 -0.57 6.96
N THR A 302 4.00 -1.75 7.57
CA THR A 302 4.97 -2.28 8.51
C THR A 302 5.95 -3.21 7.80
N THR A 303 7.15 -2.72 7.54
CA THR A 303 8.31 -3.55 7.18
C THR A 303 8.02 -4.47 6.00
N ALA A 304 7.30 -3.96 5.01
CA ALA A 304 6.84 -4.79 3.91
C ALA A 304 6.47 -3.98 2.68
N SER A 305 5.69 -4.59 1.77
CA SER A 305 5.08 -3.88 0.66
C SER A 305 6.10 -3.30 -0.32
N TYR A 306 6.81 -4.17 -1.03
CA TYR A 306 7.72 -3.75 -2.07
C TYR A 306 7.06 -2.90 -3.15
N VAL A 307 5.74 -2.79 -3.15
CA VAL A 307 5.06 -1.91 -4.09
C VAL A 307 5.53 -0.49 -3.87
N ARG A 308 5.88 0.20 -4.96
CA ARG A 308 6.37 1.56 -4.91
C ARG A 308 5.35 2.49 -5.57
N LEU A 309 4.96 3.53 -4.86
CA LEU A 309 3.86 4.38 -5.27
C LEU A 309 4.36 5.62 -6.01
N THR A 310 3.40 6.32 -6.61
CA THR A 310 3.63 7.60 -7.29
C THR A 310 2.55 8.56 -6.82
N PRO A 311 2.78 9.87 -6.96
CA PRO A 311 1.69 10.83 -6.73
C PRO A 311 0.52 10.51 -7.63
N MET A 312 -0.68 10.84 -7.16
CA MET A 312 -1.97 10.58 -7.79
C MET A 312 -2.33 9.12 -7.64
N GLN A 313 -1.42 8.27 -7.17
CA GLN A 313 -1.70 6.86 -6.93
C GLN A 313 -1.33 6.46 -5.51
N VAL A 314 -1.37 7.42 -4.57
CA VAL A 314 -0.95 7.16 -3.19
C VAL A 314 -2.09 6.61 -2.33
N ASP A 315 -3.35 6.83 -2.73
CA ASP A 315 -4.48 6.45 -1.91
C ASP A 315 -4.89 4.99 -2.12
N GLY A 316 -5.09 4.59 -3.36
CA GLY A 316 -5.63 3.27 -3.69
C GLY A 316 -6.70 3.49 -4.72
N LYS A 317 -6.95 2.46 -5.53
CA LYS A 317 -7.98 2.55 -6.56
C LYS A 317 -9.14 1.60 -6.30
N GLU A 318 -8.90 0.29 -6.27
CA GLU A 318 -9.94 -0.72 -6.17
C GLU A 318 -9.33 -2.10 -5.93
N VAL A 319 -10.17 -3.11 -5.72
CA VAL A 319 -9.71 -4.48 -5.54
C VAL A 319 -10.49 -5.41 -6.46
N MET A 320 -10.93 -4.90 -7.61
CA MET A 320 -11.95 -5.58 -8.41
C MET A 320 -11.56 -7.00 -8.78
N MET A 321 -10.34 -7.20 -9.27
CA MET A 321 -9.93 -8.48 -9.80
C MET A 321 -8.66 -8.97 -9.09
N TYR A 322 -8.64 -10.25 -8.74
CA TYR A 322 -7.50 -10.79 -8.01
C TYR A 322 -6.37 -11.16 -8.96
N ARG A 323 -6.61 -12.12 -9.84
CA ARG A 323 -5.64 -12.51 -10.87
C ARG A 323 -6.37 -12.70 -12.18
N GLY A 324 -7.26 -11.77 -12.51
CA GLY A 324 -8.26 -11.97 -13.52
C GLY A 324 -9.55 -12.54 -13.00
N ILE A 325 -9.52 -13.15 -11.82
CA ILE A 325 -10.73 -13.62 -11.15
C ILE A 325 -11.46 -12.40 -10.57
N PRO A 326 -12.73 -12.20 -10.90
CA PRO A 326 -13.46 -11.08 -10.27
C PRO A 326 -13.64 -11.34 -8.77
N VAL A 327 -13.50 -10.28 -7.99
CA VAL A 327 -13.62 -10.35 -6.54
C VAL A 327 -14.98 -9.77 -6.18
N ARG A 328 -15.97 -10.64 -6.04
CA ARG A 328 -17.30 -10.24 -5.63
C ARG A 328 -17.39 -10.27 -4.11
N GLU A 329 -17.85 -9.18 -3.52
CA GLU A 329 -17.88 -9.04 -2.07
C GLU A 329 -19.22 -9.54 -1.55
N CYS A 330 -19.19 -10.60 -0.74
CA CYS A 330 -20.38 -11.23 -0.21
C CYS A 330 -20.43 -11.02 1.29
N ASP A 331 -21.51 -10.40 1.77
CA ASP A 331 -21.62 -10.09 3.18
C ASP A 331 -21.98 -11.29 4.04
N ALA A 332 -22.34 -12.42 3.41
CA ALA A 332 -22.77 -13.58 4.19
C ALA A 332 -21.64 -14.10 5.07
N ILE A 333 -20.39 -13.94 4.63
CA ILE A 333 -19.29 -14.50 5.38
C ILE A 333 -19.16 -13.77 6.72
N LEU A 334 -18.84 -14.55 7.76
CA LEU A 334 -18.70 -14.02 9.10
C LEU A 334 -17.24 -14.08 9.53
N SER A 335 -16.84 -13.09 10.33
CA SER A 335 -15.53 -13.07 10.95
C SER A 335 -15.47 -13.89 12.22
N THR A 336 -16.43 -14.78 12.41
CA THR A 336 -16.37 -15.81 13.43
C THR A 336 -16.76 -17.12 12.78
N GLU A 337 -15.85 -18.11 12.80
CA GLU A 337 -16.12 -19.36 12.13
C GLU A 337 -15.62 -20.58 12.91
N THR A 338 -14.96 -20.37 14.05
CA THR A 338 -14.36 -21.45 14.86
C THR A 338 -13.27 -22.17 14.09
N ALA A 339 -12.38 -22.85 14.82
CA ALA A 339 -11.20 -23.44 14.20
C ALA A 339 -11.57 -24.53 13.22
N VAL A 340 -10.87 -24.55 12.08
CA VAL A 340 -10.88 -25.66 11.14
C VAL A 340 -9.66 -26.53 11.45
N PRO A 341 -9.84 -27.75 11.93
CA PRO A 341 -8.71 -28.49 12.52
C PRO A 341 -7.79 -29.06 11.45
N SER A 342 -6.61 -29.46 11.90
CA SER A 342 -5.59 -30.06 11.05
C SER A 342 -5.81 -31.57 11.01
N VAL A 343 -6.08 -32.10 9.82
CA VAL A 343 -6.22 -33.55 9.70
C VAL A 343 -4.88 -34.20 9.99
N ALA A 344 -4.88 -35.16 10.91
CA ALA A 344 -3.66 -35.82 11.34
C ALA A 344 -3.01 -36.61 10.21
N THR B 3 -12.02 -66.07 -6.00
CA THR B 3 -12.27 -65.27 -4.82
C THR B 3 -12.53 -63.82 -5.18
N LEU B 4 -11.58 -63.18 -5.85
CA LEU B 4 -11.69 -61.78 -6.16
C LEU B 4 -12.45 -61.57 -7.46
N GLY B 5 -12.76 -60.31 -7.76
CA GLY B 5 -13.41 -59.94 -9.00
C GLY B 5 -12.87 -58.65 -9.60
N ASN B 6 -11.60 -58.36 -9.36
CA ASN B 6 -11.01 -57.07 -9.75
C ASN B 6 -10.47 -57.09 -11.18
N THR B 7 -11.30 -57.55 -12.12
CA THR B 7 -10.96 -57.54 -13.54
C THR B 7 -12.24 -57.51 -14.37
N TYR B 8 -12.08 -57.13 -15.63
CA TYR B 8 -13.09 -57.27 -16.68
C TYR B 8 -14.31 -56.36 -16.50
N LEU B 9 -14.15 -55.20 -15.85
CA LEU B 9 -15.15 -54.13 -15.87
C LEU B 9 -16.55 -54.65 -15.55
N THR B 10 -16.72 -55.03 -14.28
CA THR B 10 -17.93 -55.70 -13.84
C THR B 10 -19.16 -54.82 -14.00
N LEU B 11 -20.33 -55.42 -13.75
CA LEU B 11 -21.59 -54.68 -13.85
C LEU B 11 -21.63 -53.50 -12.89
N ALA B 12 -20.90 -53.60 -11.78
CA ALA B 12 -20.87 -52.51 -10.81
C ALA B 12 -20.38 -51.22 -11.45
N ASP B 13 -19.26 -51.30 -12.15
CA ASP B 13 -18.68 -50.12 -12.78
C ASP B 13 -19.44 -49.69 -14.03
N VAL B 14 -20.37 -50.50 -14.52
CA VAL B 14 -21.29 -50.03 -15.55
C VAL B 14 -22.43 -49.23 -14.94
N GLN B 15 -22.97 -49.70 -13.81
CA GLN B 15 -23.95 -48.88 -13.09
C GLN B 15 -23.34 -47.57 -12.65
N LYS B 16 -22.11 -47.61 -12.16
CA LYS B 16 -21.41 -46.40 -11.73
C LYS B 16 -21.00 -45.52 -12.86
N GLN B 17 -21.31 -45.88 -14.11
CA GLN B 17 -21.12 -44.98 -15.23
C GLN B 17 -22.43 -44.51 -15.83
N LYS B 18 -23.54 -44.64 -15.11
CA LYS B 18 -24.82 -44.13 -15.57
C LYS B 18 -25.17 -42.87 -14.80
N ASP B 19 -25.44 -41.79 -15.52
CA ASP B 19 -25.66 -40.48 -14.90
C ASP B 19 -27.12 -40.18 -14.66
N GLY B 20 -28.01 -40.65 -15.53
CA GLY B 20 -29.42 -40.35 -15.43
C GLY B 20 -30.11 -40.77 -16.72
N LYS B 21 -31.42 -40.90 -16.68
CA LYS B 21 -32.21 -41.39 -17.81
C LYS B 21 -31.78 -42.77 -18.27
N GLY B 22 -31.00 -43.49 -17.46
CA GLY B 22 -30.53 -44.81 -17.81
C GLY B 22 -29.58 -44.84 -18.99
N ASN B 23 -28.61 -43.92 -19.02
CA ASN B 23 -27.62 -43.86 -20.08
C ASN B 23 -26.24 -43.71 -19.48
N VAL B 24 -25.24 -44.21 -20.21
CA VAL B 24 -23.86 -44.13 -19.73
C VAL B 24 -23.40 -42.67 -19.72
N THR B 25 -22.53 -42.35 -18.77
CA THR B 25 -22.10 -40.98 -18.57
C THR B 25 -21.28 -40.46 -19.75
N SER B 26 -21.78 -39.43 -20.43
CA SER B 26 -21.04 -38.83 -21.52
C SER B 26 -19.85 -38.01 -21.03
N GLU B 27 -19.73 -37.77 -19.73
CA GLU B 27 -18.62 -37.04 -19.17
C GLU B 27 -18.31 -37.61 -17.79
N ILE B 28 -17.03 -37.84 -17.51
CA ILE B 28 -16.59 -38.34 -16.22
C ILE B 28 -15.58 -37.36 -15.65
N ILE B 29 -15.80 -36.97 -14.40
CA ILE B 29 -14.83 -36.11 -13.74
C ILE B 29 -13.57 -36.92 -13.46
N GLU B 30 -12.44 -36.48 -14.03
CA GLU B 30 -11.19 -37.24 -13.95
C GLU B 30 -10.36 -36.68 -12.80
N MET B 31 -10.61 -37.23 -11.61
CA MET B 31 -9.89 -36.78 -10.43
C MET B 31 -8.40 -37.08 -10.55
N LEU B 32 -8.05 -38.29 -10.98
CA LEU B 32 -6.64 -38.66 -11.11
C LEU B 32 -6.02 -38.18 -12.42
N ALA B 33 -6.65 -37.23 -13.10
CA ALA B 33 -6.10 -36.73 -14.35
C ALA B 33 -4.77 -36.01 -14.08
N GLU B 34 -4.00 -35.84 -15.15
CA GLU B 34 -2.67 -35.27 -15.03
C GLU B 34 -2.28 -34.73 -16.40
N THR B 35 -1.32 -33.82 -16.41
CA THR B 35 -0.81 -33.23 -17.65
C THR B 35 0.72 -33.23 -17.61
N ASN B 36 1.31 -34.29 -18.15
CA ASN B 36 2.75 -34.37 -18.29
C ASN B 36 3.14 -33.92 -19.70
N PRO B 37 3.84 -32.80 -19.86
CA PRO B 37 4.16 -32.30 -21.19
C PRO B 37 5.48 -32.80 -21.76
N ILE B 38 6.29 -33.49 -20.95
CA ILE B 38 7.54 -34.03 -21.47
C ILE B 38 7.26 -35.05 -22.56
N LEU B 39 6.17 -35.80 -22.43
CA LEU B 39 5.74 -36.66 -23.52
C LEU B 39 4.88 -35.89 -24.51
N GLU B 40 5.33 -34.70 -24.90
CA GLU B 40 4.70 -33.96 -25.98
C GLU B 40 5.69 -33.26 -26.90
N ASP B 41 6.95 -33.09 -26.49
CA ASP B 41 7.95 -32.42 -27.30
C ASP B 41 9.22 -33.22 -27.47
N MET B 42 9.26 -34.45 -26.96
CA MET B 42 10.44 -35.30 -27.17
C MET B 42 10.60 -35.63 -28.65
N VAL B 43 11.83 -35.57 -29.12
CA VAL B 43 12.16 -36.01 -30.46
C VAL B 43 12.46 -37.50 -30.43
N VAL B 44 11.84 -38.26 -31.33
CA VAL B 44 12.00 -39.71 -31.38
C VAL B 44 12.42 -40.12 -32.78
N MET B 45 13.43 -40.99 -32.85
CA MET B 45 13.86 -41.56 -34.11
C MET B 45 14.08 -43.05 -33.93
N GLU B 46 14.02 -43.79 -35.03
CA GLU B 46 14.16 -45.24 -34.99
C GLU B 46 15.53 -45.62 -34.45
N CYS B 47 15.58 -46.70 -33.68
CA CYS B 47 16.84 -47.16 -33.12
C CYS B 47 17.82 -47.53 -34.23
N ASN B 48 17.32 -48.21 -35.27
CA ASN B 48 18.08 -48.51 -36.48
C ASN B 48 19.38 -49.25 -36.15
N ASP B 49 19.34 -50.12 -35.16
CA ASP B 49 20.55 -50.79 -34.68
C ASP B 49 20.18 -52.02 -33.85
N GLY B 50 20.80 -53.15 -34.15
CA GLY B 50 20.58 -54.34 -33.33
C GLY B 50 21.08 -54.16 -31.92
N THR B 51 22.20 -53.47 -31.75
CA THR B 51 22.76 -53.18 -30.44
C THR B 51 22.01 -51.97 -29.90
N GLY B 52 22.31 -51.53 -28.68
CA GLY B 52 21.56 -50.51 -27.99
C GLY B 52 21.81 -49.08 -28.43
N HIS B 53 22.08 -48.87 -29.71
CA HIS B 53 22.14 -47.53 -30.30
C HIS B 53 23.28 -46.71 -29.73
N LEU B 54 23.14 -45.39 -29.81
CA LEU B 54 24.02 -44.41 -29.17
C LEU B 54 25.40 -44.38 -29.82
N THR B 55 26.25 -43.45 -29.38
CA THR B 55 27.39 -43.03 -30.18
C THR B 55 28.63 -42.93 -29.29
N THR B 56 29.68 -42.35 -29.86
CA THR B 56 31.01 -42.31 -29.25
C THR B 56 31.36 -40.89 -28.84
N ILE B 57 31.95 -40.75 -27.65
CA ILE B 57 32.32 -39.46 -27.11
C ILE B 57 33.82 -39.47 -26.82
N ARG B 58 34.43 -38.28 -26.82
CA ARG B 58 35.84 -38.15 -26.51
C ARG B 58 36.04 -37.97 -25.01
N THR B 59 37.19 -38.44 -24.52
CA THR B 59 37.51 -38.26 -23.11
C THR B 59 38.95 -37.81 -22.89
N GLY B 60 39.70 -37.52 -23.95
CA GLY B 60 41.05 -37.05 -23.80
C GLY B 60 41.52 -36.40 -25.08
N LEU B 61 42.45 -35.47 -24.92
CA LEU B 61 42.98 -34.72 -26.05
C LEU B 61 44.49 -34.81 -26.07
N PRO B 62 45.08 -34.89 -27.26
CA PRO B 62 46.55 -34.88 -27.34
C PRO B 62 47.10 -33.56 -26.86
N GLN B 63 48.21 -33.63 -26.16
CA GLN B 63 48.91 -32.43 -25.70
C GLN B 63 50.21 -32.30 -26.49
N ALA B 64 50.28 -31.27 -27.32
CA ALA B 64 51.46 -31.03 -28.12
C ALA B 64 52.63 -30.62 -27.23
N THR B 65 53.85 -30.80 -27.73
CA THR B 65 55.04 -30.47 -26.99
C THR B 65 55.70 -29.26 -27.62
N TRP B 66 56.18 -28.35 -26.78
CA TRP B 66 56.97 -27.21 -27.25
C TRP B 66 58.36 -27.71 -27.63
N ARG B 67 58.49 -28.14 -28.88
CA ARG B 67 59.72 -28.75 -29.34
C ARG B 67 60.87 -27.77 -29.21
N ARG B 68 61.87 -28.13 -28.39
CA ARG B 68 63.15 -27.46 -28.47
C ARG B 68 63.63 -27.51 -29.91
N LEU B 69 64.43 -26.52 -30.30
CA LEU B 69 64.77 -26.40 -31.71
C LEU B 69 65.40 -27.69 -32.23
N TYR B 70 66.09 -28.45 -31.38
CA TYR B 70 66.69 -29.68 -31.79
C TYR B 70 66.13 -30.86 -30.97
N GLU B 71 64.81 -30.85 -30.77
CA GLU B 71 64.13 -31.87 -29.98
C GLU B 71 63.29 -32.77 -30.87
N GLY B 72 62.91 -33.92 -30.32
CA GLY B 72 62.04 -34.85 -31.01
C GLY B 72 60.66 -34.96 -30.39
N VAL B 73 59.62 -34.85 -31.21
CA VAL B 73 58.25 -34.79 -30.73
C VAL B 73 57.73 -36.19 -30.47
N GLN B 74 57.34 -36.47 -29.23
CA GLN B 74 56.66 -37.70 -28.93
C GLN B 74 55.28 -37.72 -29.59
N PRO B 75 54.84 -38.86 -30.06
CA PRO B 75 53.55 -38.94 -30.76
C PRO B 75 52.40 -38.89 -29.76
N ALA B 76 51.19 -38.76 -30.29
CA ALA B 76 50.02 -38.63 -29.44
C ALA B 76 48.81 -39.25 -30.14
N LYS B 77 47.80 -39.56 -29.34
CA LYS B 77 46.56 -40.16 -29.84
C LYS B 77 45.38 -39.53 -29.11
N SER B 78 44.23 -39.59 -29.75
CA SER B 78 42.99 -39.08 -29.18
C SER B 78 42.15 -40.25 -28.69
N THR B 79 42.01 -40.37 -27.38
CA THR B 79 41.19 -41.43 -26.82
C THR B 79 39.71 -41.09 -26.94
N THR B 80 38.87 -42.10 -26.75
CA THR B 80 37.42 -41.94 -26.93
C THR B 80 36.69 -42.77 -25.90
N ARG B 81 35.37 -42.64 -25.88
CA ARG B 81 34.50 -43.43 -25.03
C ARG B 81 33.19 -43.68 -25.78
N GLN B 82 32.63 -44.85 -25.57
CA GLN B 82 31.34 -45.21 -26.16
C GLN B 82 30.30 -45.32 -25.06
N ILE B 83 29.04 -45.31 -25.48
CA ILE B 83 27.90 -45.40 -24.57
C ILE B 83 26.74 -46.07 -25.29
N LYS B 84 25.88 -46.73 -24.53
CA LYS B 84 24.81 -47.54 -25.09
C LYS B 84 23.63 -47.55 -24.13
N ASP B 85 22.45 -47.20 -24.64
CA ASP B 85 21.23 -47.14 -23.83
C ASP B 85 20.24 -48.18 -24.33
N SER B 86 19.79 -49.05 -23.43
CA SER B 86 18.75 -50.01 -23.73
C SER B 86 17.39 -49.32 -23.80
N THR B 87 16.41 -49.99 -24.39
CA THR B 87 15.05 -49.48 -24.46
C THR B 87 14.10 -50.39 -23.69
N GLY B 88 12.98 -49.81 -23.26
CA GLY B 88 11.97 -50.54 -22.53
C GLY B 88 10.64 -50.52 -23.26
N THR B 89 9.80 -51.51 -22.98
CA THR B 89 8.53 -51.68 -23.67
C THR B 89 7.39 -51.76 -22.65
N LEU B 90 6.35 -50.96 -22.87
CA LEU B 90 5.20 -50.93 -21.99
C LEU B 90 3.92 -51.22 -22.77
N GLU B 91 3.05 -52.02 -22.18
CA GLU B 91 1.86 -52.51 -22.87
C GLU B 91 0.84 -52.96 -21.84
N ALA B 92 -0.43 -52.72 -22.15
CA ALA B 92 -1.54 -53.20 -21.32
C ALA B 92 -2.70 -53.57 -22.22
N TRP B 93 -3.63 -54.35 -21.68
CA TRP B 93 -4.71 -54.94 -22.46
C TRP B 93 -6.05 -54.66 -21.80
N SER B 94 -7.11 -54.75 -22.60
CA SER B 94 -8.46 -54.55 -22.11
C SER B 94 -9.33 -55.75 -22.46
N GLU B 95 -10.23 -56.09 -21.54
CA GLU B 95 -11.10 -57.25 -21.69
C GLU B 95 -12.35 -56.99 -20.89
N VAL B 96 -13.51 -56.92 -21.55
CA VAL B 96 -14.73 -56.71 -20.78
C VAL B 96 -15.75 -57.82 -21.03
N ASP B 97 -16.29 -57.88 -22.23
CA ASP B 97 -17.31 -58.85 -22.64
C ASP B 97 -17.72 -58.51 -24.06
N GLU B 98 -18.55 -59.37 -24.64
CA GLU B 98 -19.27 -59.02 -25.85
C GLU B 98 -20.73 -58.66 -25.56
N LYS B 99 -21.29 -59.22 -24.49
CA LYS B 99 -22.67 -58.96 -24.10
C LYS B 99 -22.78 -57.71 -23.24
N LEU B 100 -21.86 -57.52 -22.30
CA LEU B 100 -21.95 -56.39 -21.38
C LEU B 100 -21.86 -55.06 -22.11
N VAL B 101 -20.99 -54.97 -23.12
CA VAL B 101 -20.90 -53.75 -23.91
C VAL B 101 -22.21 -53.46 -24.61
N LYS B 102 -22.88 -54.51 -25.10
CA LYS B 102 -24.15 -54.33 -25.81
C LYS B 102 -25.26 -53.85 -24.90
N LEU B 103 -25.22 -54.23 -23.61
CA LEU B 103 -26.29 -53.86 -22.71
C LEU B 103 -26.22 -52.39 -22.32
N SER B 104 -25.05 -51.76 -22.48
CA SER B 104 -24.89 -50.36 -22.09
C SER B 104 -25.69 -49.43 -22.97
N LYS B 105 -26.25 -49.93 -24.08
CA LYS B 105 -27.15 -49.19 -24.95
C LYS B 105 -26.42 -48.13 -25.77
N ASP B 106 -25.12 -47.96 -25.51
CA ASP B 106 -24.33 -47.02 -26.30
C ASP B 106 -23.20 -47.72 -27.02
N LYS B 107 -22.48 -48.59 -26.31
CA LYS B 107 -21.43 -49.44 -26.87
C LYS B 107 -20.25 -48.63 -27.40
N GLN B 108 -20.35 -47.30 -27.32
CA GLN B 108 -19.24 -46.46 -27.78
C GLN B 108 -18.76 -45.54 -26.68
N GLN B 109 -19.69 -44.98 -25.89
CA GLN B 109 -19.29 -44.08 -24.83
C GLN B 109 -18.52 -44.81 -23.74
N LEU B 110 -18.99 -46.01 -23.37
CA LEU B 110 -18.27 -46.79 -22.36
C LEU B 110 -16.88 -47.18 -22.85
N MET B 111 -16.78 -47.61 -24.10
CA MET B 111 -15.47 -47.99 -24.64
C MET B 111 -14.55 -46.78 -24.70
N LEU B 112 -15.09 -45.61 -25.08
CA LEU B 112 -14.28 -44.40 -25.08
C LEU B 112 -13.80 -44.05 -23.68
N ASN B 113 -14.67 -44.21 -22.68
CA ASN B 113 -14.27 -43.93 -21.31
C ASN B 113 -13.12 -44.83 -20.88
N GLU B 114 -13.25 -46.13 -21.14
CA GLU B 114 -12.21 -47.07 -20.75
C GLU B 114 -10.91 -46.78 -21.50
N ALA B 115 -11.01 -46.46 -22.79
CA ALA B 115 -9.81 -46.13 -23.56
C ALA B 115 -9.12 -44.89 -23.01
N ALA B 116 -9.90 -43.87 -22.64
CA ALA B 116 -9.31 -42.66 -22.08
C ALA B 116 -8.60 -42.97 -20.77
N ALA B 117 -9.22 -43.80 -19.93
CA ALA B 117 -8.58 -44.16 -18.66
C ALA B 117 -7.27 -44.89 -18.90
N PHE B 118 -7.26 -45.82 -19.87
CA PHE B 118 -6.04 -46.58 -20.14
C PHE B 118 -4.94 -45.67 -20.70
N LEU B 119 -5.30 -44.76 -21.62
CA LEU B 119 -4.34 -43.80 -22.13
C LEU B 119 -3.72 -43.00 -20.99
N GLU B 120 -4.57 -42.49 -20.09
CA GLU B 120 -4.04 -41.69 -18.99
C GLU B 120 -3.13 -42.51 -18.10
N GLY B 121 -3.50 -43.77 -17.81
CA GLY B 121 -2.65 -44.61 -16.99
C GLY B 121 -1.29 -44.85 -17.59
N MET B 122 -1.26 -45.17 -18.89
CA MET B 122 0.02 -45.42 -19.56
C MET B 122 0.87 -44.16 -19.58
N ASN B 123 0.25 -43.02 -19.93
CA ASN B 123 1.00 -41.78 -20.00
C ASN B 123 1.59 -41.43 -18.64
N GLN B 124 0.80 -41.60 -17.58
CA GLN B 124 1.31 -41.33 -16.24
C GLN B 124 2.46 -42.27 -15.90
N THR B 125 2.34 -43.54 -16.25
CA THR B 125 3.38 -44.50 -15.88
C THR B 125 4.72 -44.15 -16.52
N MET B 126 4.74 -43.94 -17.84
CA MET B 126 6.06 -43.65 -18.40
C MET B 126 6.51 -42.22 -18.10
N ALA B 127 5.57 -41.28 -17.94
CA ALA B 127 5.99 -39.93 -17.56
C ALA B 127 6.66 -39.93 -16.19
N SER B 128 6.11 -40.67 -15.23
CA SER B 128 6.73 -40.77 -13.92
C SER B 128 7.98 -41.63 -13.92
N THR B 129 8.07 -42.61 -14.81
CA THR B 129 9.31 -43.37 -14.94
C THR B 129 10.27 -42.75 -15.95
N LEU B 130 9.86 -41.70 -16.66
CA LEU B 130 10.79 -40.92 -17.45
C LEU B 130 11.77 -40.17 -16.57
N PHE B 131 11.44 -39.97 -15.30
CA PHE B 131 12.29 -39.26 -14.38
C PHE B 131 12.85 -40.11 -13.25
N TYR B 132 12.36 -41.35 -13.09
CA TYR B 132 12.92 -42.21 -12.06
C TYR B 132 13.06 -43.66 -12.52
N GLY B 133 13.08 -43.92 -13.82
CA GLY B 133 13.09 -45.28 -14.31
C GLY B 133 14.47 -45.90 -14.20
N ASN B 134 14.84 -46.28 -12.98
CA ASN B 134 16.17 -46.80 -12.70
C ASN B 134 16.18 -48.29 -13.00
N THR B 135 16.99 -48.70 -13.99
CA THR B 135 17.17 -50.12 -14.26
C THR B 135 17.78 -50.84 -13.08
N ALA B 136 18.58 -50.13 -12.29
CA ALA B 136 19.18 -50.72 -11.10
C ALA B 136 18.13 -51.19 -10.12
N THR B 137 17.10 -50.37 -9.89
CA THR B 137 16.03 -50.75 -8.96
C THR B 137 15.07 -51.75 -9.58
N ASP B 138 14.93 -51.74 -10.91
CA ASP B 138 14.07 -52.70 -11.59
C ASP B 138 14.52 -52.75 -13.05
N ALA B 139 15.09 -53.87 -13.47
CA ALA B 139 15.75 -53.96 -14.77
C ALA B 139 14.79 -54.45 -15.85
N VAL B 140 13.69 -53.72 -16.01
CA VAL B 140 12.72 -54.06 -17.04
C VAL B 140 12.27 -52.82 -17.80
N LYS B 141 12.70 -51.64 -17.33
CA LYS B 141 12.25 -50.38 -17.91
C LYS B 141 13.46 -49.56 -18.33
N PHE B 142 13.26 -48.68 -19.30
CA PHE B 142 14.38 -47.91 -19.84
C PHE B 142 14.91 -46.92 -18.81
N MET B 143 16.19 -46.60 -18.94
CA MET B 143 16.86 -45.74 -17.97
C MET B 143 16.26 -44.33 -17.99
N GLY B 144 16.06 -43.76 -16.81
CA GLY B 144 15.47 -42.46 -16.66
C GLY B 144 16.49 -41.35 -16.61
N LEU B 145 16.05 -40.17 -16.17
CA LEU B 145 16.89 -38.98 -16.10
C LEU B 145 17.54 -38.80 -14.74
N ALA B 146 16.92 -39.23 -13.65
CA ALA B 146 17.51 -39.09 -12.33
C ALA B 146 18.65 -40.06 -12.06
N PRO B 147 18.51 -41.36 -12.36
CA PRO B 147 19.55 -42.30 -11.93
C PRO B 147 20.92 -42.00 -12.52
N ARG B 148 20.98 -41.48 -13.75
CA ARG B 148 22.26 -41.07 -14.30
C ARG B 148 22.90 -39.99 -13.45
N PHE B 149 22.11 -38.99 -13.05
CA PHE B 149 22.60 -37.89 -12.24
C PHE B 149 22.42 -38.17 -10.76
N ASN B 150 22.90 -39.33 -10.31
CA ASN B 150 22.72 -39.73 -8.92
C ASN B 150 23.56 -38.90 -7.96
N ALA B 151 24.53 -38.13 -8.47
CA ALA B 151 25.49 -37.46 -7.60
C ALA B 151 25.62 -35.99 -7.98
N TYR B 152 25.83 -35.15 -6.97
CA TYR B 152 26.12 -33.74 -7.15
C TYR B 152 27.52 -33.47 -6.65
N ARG B 153 28.29 -32.70 -7.40
CA ARG B 153 29.69 -32.44 -7.06
C ARG B 153 29.87 -31.01 -6.62
N ALA B 154 30.42 -30.82 -5.42
CA ALA B 154 30.84 -29.51 -4.95
C ALA B 154 32.26 -29.24 -5.41
N ALA B 155 32.70 -27.98 -5.31
CA ALA B 155 33.99 -27.56 -5.84
C ALA B 155 34.14 -27.99 -7.29
N ARG B 156 33.18 -27.57 -8.10
CA ARG B 156 33.05 -28.00 -9.49
C ARG B 156 34.32 -27.84 -10.30
N ASN B 157 34.47 -28.65 -11.35
CA ASN B 157 35.62 -28.60 -12.24
C ASN B 157 35.35 -27.80 -13.50
N LEU B 158 34.48 -26.80 -13.44
CA LEU B 158 34.11 -26.00 -14.61
C LEU B 158 33.63 -26.90 -15.73
N LYS B 159 34.52 -27.25 -16.65
CA LYS B 159 34.18 -28.23 -17.66
C LYS B 159 33.83 -29.56 -17.00
N PRO B 160 32.85 -30.28 -17.53
CA PRO B 160 32.40 -31.50 -16.86
C PRO B 160 33.42 -32.62 -16.89
N VAL B 161 33.92 -33.03 -15.71
CA VAL B 161 34.65 -34.28 -15.62
C VAL B 161 33.73 -35.48 -15.61
N ASP B 162 32.44 -35.25 -15.35
CA ASP B 162 31.42 -36.29 -15.31
C ASP B 162 30.04 -35.62 -15.21
N THR B 163 28.98 -36.42 -15.16
CA THR B 163 27.65 -35.85 -15.01
C THR B 163 27.38 -35.33 -13.60
N ALA B 164 28.27 -35.62 -12.64
CA ALA B 164 28.11 -35.10 -11.29
C ALA B 164 28.29 -33.60 -11.23
N ASP B 165 28.80 -32.96 -12.28
CA ASP B 165 28.91 -31.51 -12.37
C ASP B 165 27.78 -30.89 -13.17
N GLN B 166 26.64 -31.58 -13.24
CA GLN B 166 25.44 -31.02 -13.86
C GLN B 166 24.27 -31.01 -12.88
N VAL B 167 24.55 -31.18 -11.59
CA VAL B 167 23.50 -31.21 -10.58
C VAL B 167 23.91 -30.32 -9.41
N ILE B 168 23.18 -29.22 -9.22
CA ILE B 168 23.49 -28.30 -8.14
C ILE B 168 22.73 -28.69 -6.89
N ASP B 169 23.41 -28.65 -5.75
CA ASP B 169 22.77 -28.89 -4.46
C ASP B 169 21.94 -27.68 -4.07
N ALA B 170 20.80 -27.94 -3.43
CA ALA B 170 19.95 -26.89 -2.88
C ALA B 170 19.67 -27.11 -1.40
N GLY B 171 20.48 -27.91 -0.73
CA GLY B 171 20.28 -28.19 0.67
C GLY B 171 19.62 -29.53 0.90
N GLY B 172 20.41 -30.54 1.21
CA GLY B 172 19.89 -31.87 1.43
C GLY B 172 19.26 -32.00 2.80
N THR B 173 19.30 -33.24 3.31
CA THR B 173 18.71 -33.59 4.61
C THR B 173 17.24 -33.21 4.69
N GLY B 174 16.59 -33.02 3.54
CA GLY B 174 15.19 -32.65 3.49
C GLY B 174 14.33 -33.87 3.22
N SER B 175 13.17 -33.92 3.86
CA SER B 175 12.23 -35.02 3.69
C SER B 175 11.12 -34.69 2.71
N ASP B 176 11.19 -33.53 2.06
CA ASP B 176 10.14 -33.06 1.17
C ASP B 176 10.73 -32.44 -0.09
N LEU B 177 11.72 -33.09 -0.68
CA LEU B 177 12.54 -32.46 -1.71
C LEU B 177 11.93 -32.61 -3.10
N THR B 178 11.92 -31.52 -3.86
CA THR B 178 11.58 -31.49 -5.27
C THR B 178 12.84 -31.16 -6.07
N SER B 179 12.67 -31.02 -7.38
CA SER B 179 13.82 -30.81 -8.26
C SER B 179 13.36 -30.12 -9.53
N ILE B 180 14.33 -29.59 -10.28
CA ILE B 180 14.08 -28.96 -11.58
C ILE B 180 14.95 -29.63 -12.62
N TRP B 181 14.35 -29.97 -13.76
CA TRP B 181 15.07 -30.56 -14.87
C TRP B 181 14.96 -29.64 -16.08
N MET B 182 16.10 -29.33 -16.68
CA MET B 182 16.18 -28.50 -17.87
C MET B 182 17.02 -29.23 -18.90
N VAL B 183 16.43 -29.53 -20.05
CA VAL B 183 17.04 -30.42 -21.04
C VAL B 183 16.76 -29.88 -22.43
N VAL B 184 17.73 -30.06 -23.32
CA VAL B 184 17.59 -29.72 -24.73
C VAL B 184 17.32 -31.01 -25.51
N TRP B 185 16.33 -30.96 -26.40
CA TRP B 185 15.93 -32.12 -27.19
C TRP B 185 16.49 -32.00 -28.60
N GLY B 186 17.26 -33.00 -29.02
CA GLY B 186 17.84 -32.98 -30.35
C GLY B 186 18.56 -34.29 -30.62
N ASP B 187 19.07 -34.41 -31.84
CA ASP B 187 19.76 -35.63 -32.24
C ASP B 187 21.03 -35.84 -31.42
N ARG B 188 21.79 -34.78 -31.17
CA ARG B 188 23.08 -34.91 -30.50
C ARG B 188 22.98 -34.73 -29.00
N THR B 189 21.88 -34.16 -28.49
CA THR B 189 21.74 -33.85 -27.08
C THR B 189 21.02 -34.97 -26.31
N ALA B 190 19.77 -35.25 -26.68
CA ALA B 190 18.95 -36.24 -26.01
C ALA B 190 17.67 -36.43 -26.79
N HIS B 191 17.16 -37.65 -26.80
CA HIS B 191 15.97 -37.99 -27.58
C HIS B 191 15.41 -39.30 -27.04
N GLY B 192 14.36 -39.79 -27.69
CA GLY B 192 13.71 -41.03 -27.31
C GLY B 192 13.85 -42.06 -28.42
N LEU B 193 14.02 -43.33 -28.04
CA LEU B 193 14.26 -44.41 -28.98
C LEU B 193 13.11 -45.38 -28.96
N TYR B 194 12.68 -45.81 -30.15
CA TYR B 194 11.72 -46.90 -30.29
C TYR B 194 12.37 -47.96 -31.17
N PRO B 195 12.52 -49.20 -30.70
CA PRO B 195 13.23 -50.21 -31.49
C PRO B 195 12.56 -50.43 -32.83
N GLU B 196 13.39 -50.74 -33.83
CA GLU B 196 12.92 -50.82 -35.21
C GLU B 196 11.82 -51.86 -35.36
N GLY B 197 10.81 -51.52 -36.16
CA GLY B 197 9.67 -52.37 -36.40
C GLY B 197 8.42 -51.97 -35.65
N THR B 198 8.54 -51.11 -34.65
CA THR B 198 7.41 -50.62 -33.89
C THR B 198 7.24 -49.13 -34.15
N SER B 199 6.02 -48.72 -34.46
CA SER B 199 5.75 -47.31 -34.75
C SER B 199 5.95 -46.45 -33.50
N ALA B 200 6.41 -45.22 -33.73
CA ALA B 200 6.63 -44.30 -32.62
C ALA B 200 5.29 -43.81 -32.06
N GLY B 201 5.33 -43.34 -30.83
CA GLY B 201 4.14 -42.88 -30.16
C GLY B 201 3.27 -44.04 -29.70
N LEU B 202 2.14 -43.70 -29.09
CA LEU B 202 1.27 -44.69 -28.50
C LEU B 202 0.36 -45.28 -29.57
N GLN B 203 0.51 -46.58 -29.82
CA GLN B 203 -0.28 -47.28 -30.81
C GLN B 203 -1.30 -48.15 -30.10
N ARG B 204 -2.58 -47.98 -30.45
CA ARG B 204 -3.65 -48.77 -29.89
C ARG B 204 -4.28 -49.61 -30.99
N GLU B 205 -4.40 -50.91 -30.73
CA GLU B 205 -4.98 -51.85 -31.69
C GLU B 205 -6.30 -52.36 -31.14
N TYR B 206 -7.37 -52.18 -31.91
CA TYR B 206 -8.69 -52.67 -31.55
C TYR B 206 -8.90 -54.01 -32.26
N LEU B 207 -8.86 -55.09 -31.51
CA LEU B 207 -8.90 -56.43 -32.07
C LEU B 207 -10.32 -56.94 -32.32
N GLY B 208 -11.34 -56.25 -31.83
CA GLY B 208 -12.69 -56.72 -32.00
C GLY B 208 -13.02 -57.87 -31.07
N ALA B 209 -14.05 -58.62 -31.45
CA ALA B 209 -14.52 -59.74 -30.65
C ALA B 209 -13.49 -60.86 -30.63
N GLU B 210 -13.46 -61.58 -29.51
CA GLU B 210 -12.51 -62.67 -29.30
C GLU B 210 -13.26 -63.81 -28.63
N THR B 211 -12.50 -64.77 -28.08
CA THR B 211 -13.06 -65.85 -27.31
C THR B 211 -12.14 -66.17 -26.14
N LYS B 212 -12.71 -66.37 -24.97
CA LYS B 212 -11.94 -66.62 -23.76
C LYS B 212 -12.26 -68.02 -23.26
N GLU B 213 -11.32 -68.95 -23.46
CA GLU B 213 -11.45 -70.30 -22.93
C GLU B 213 -10.59 -70.44 -21.69
N LEU B 214 -11.21 -70.80 -20.58
CA LEU B 214 -10.51 -70.99 -19.32
C LEU B 214 -10.30 -72.47 -19.07
N GLY B 215 -9.64 -72.77 -17.95
CA GLY B 215 -9.28 -74.15 -17.64
C GLY B 215 -10.44 -74.96 -17.09
N ASP B 216 -11.62 -74.79 -17.69
CA ASP B 216 -12.80 -75.56 -17.30
C ASP B 216 -13.62 -76.05 -18.47
N GLY B 217 -13.41 -75.54 -19.68
CA GLY B 217 -14.27 -75.83 -20.79
C GLY B 217 -15.34 -74.80 -21.06
N GLY B 218 -15.33 -73.69 -20.34
CA GLY B 218 -16.30 -72.63 -20.56
C GLY B 218 -15.86 -71.72 -21.71
N VAL B 219 -16.83 -71.31 -22.52
CA VAL B 219 -16.60 -70.44 -23.67
C VAL B 219 -17.55 -69.27 -23.59
N TYR B 220 -17.03 -68.07 -23.87
CA TYR B 220 -17.85 -66.86 -23.90
C TYR B 220 -17.08 -65.76 -24.60
N ARG B 221 -17.74 -65.06 -25.51
CA ARG B 221 -17.06 -64.05 -26.31
C ARG B 221 -16.60 -62.88 -25.45
N VAL B 222 -15.45 -62.31 -25.80
CA VAL B 222 -14.84 -61.21 -25.08
C VAL B 222 -14.32 -60.21 -26.11
N VAL B 223 -14.42 -58.93 -25.77
CA VAL B 223 -13.90 -57.85 -26.59
C VAL B 223 -12.54 -57.45 -26.04
N ARG B 224 -11.53 -57.42 -26.91
CA ARG B 224 -10.15 -57.15 -26.52
C ARG B 224 -9.61 -55.96 -27.31
N GLU B 225 -8.87 -55.09 -26.63
CA GLU B 225 -8.19 -53.97 -27.27
C GLU B 225 -6.76 -53.90 -26.77
N LYS B 226 -5.84 -53.52 -27.66
CA LYS B 226 -4.41 -53.62 -27.42
C LYS B 226 -3.81 -52.23 -27.27
N PHE B 227 -3.17 -51.98 -26.13
CA PHE B 227 -2.49 -50.73 -25.86
C PHE B 227 -1.00 -51.03 -25.71
N GLU B 228 -0.20 -50.51 -26.65
CA GLU B 228 1.23 -50.75 -26.65
C GLU B 228 1.96 -49.49 -27.06
N TRP B 229 3.03 -49.16 -26.31
CA TRP B 229 3.95 -48.13 -26.77
C TRP B 229 5.25 -48.18 -25.98
N ASP B 230 6.35 -48.36 -26.70
CA ASP B 230 7.67 -48.63 -26.15
C ASP B 230 8.60 -47.46 -26.43
N LEU B 231 9.51 -47.19 -25.50
CA LEU B 231 10.33 -46.00 -25.62
C LEU B 231 11.64 -46.24 -24.90
N GLY B 232 12.63 -45.41 -25.22
CA GLY B 232 13.93 -45.46 -24.60
C GLY B 232 14.59 -44.11 -24.52
N LEU B 233 14.98 -43.69 -23.32
CA LEU B 233 15.57 -42.39 -23.12
C LEU B 233 17.09 -42.47 -23.25
N THR B 234 17.65 -41.53 -24.00
CA THR B 234 19.10 -41.44 -24.12
C THR B 234 19.52 -39.99 -24.02
N VAL B 235 20.56 -39.74 -23.23
CA VAL B 235 21.22 -38.45 -23.18
C VAL B 235 22.67 -38.71 -23.59
N ARG B 236 22.99 -38.39 -24.84
CA ARG B 236 24.35 -38.62 -25.33
C ARG B 236 25.29 -37.52 -24.88
N ASP B 237 25.02 -36.28 -25.28
CA ASP B 237 25.83 -35.13 -24.86
C ASP B 237 25.26 -34.64 -23.53
N PHE B 238 25.80 -35.17 -22.43
CA PHE B 238 25.26 -34.86 -21.12
C PHE B 238 25.56 -33.43 -20.67
N ARG B 239 26.20 -32.63 -21.51
CA ARG B 239 26.44 -31.23 -21.19
C ARG B 239 25.28 -30.33 -21.63
N TYR B 240 24.25 -30.92 -22.24
CA TYR B 240 23.02 -30.21 -22.57
C TYR B 240 21.95 -30.40 -21.51
N VAL B 241 22.27 -31.05 -20.39
CA VAL B 241 21.30 -31.42 -19.37
C VAL B 241 21.80 -30.96 -18.02
N VAL B 242 20.94 -30.29 -17.26
CA VAL B 242 21.25 -29.84 -15.92
C VAL B 242 20.10 -30.24 -14.99
N ARG B 243 20.39 -30.27 -13.70
CA ARG B 243 19.39 -30.60 -12.69
C ARG B 243 19.72 -29.85 -11.42
N ILE B 244 18.68 -29.49 -10.66
CA ILE B 244 18.82 -28.90 -9.34
C ILE B 244 18.20 -29.89 -8.35
N ALA B 245 18.98 -30.28 -7.35
CA ALA B 245 18.61 -31.38 -6.47
C ALA B 245 18.31 -30.88 -5.06
N ASN B 246 17.45 -31.63 -4.37
CA ASN B 246 17.19 -31.44 -2.94
C ASN B 246 16.54 -30.10 -2.61
N ILE B 247 15.58 -29.66 -3.42
CA ILE B 247 14.90 -28.42 -3.10
C ILE B 247 13.84 -28.68 -2.03
N ASP B 248 14.04 -28.12 -0.85
CA ASP B 248 13.19 -28.36 0.30
C ASP B 248 11.92 -27.52 0.16
N VAL B 249 10.79 -28.18 -0.14
CA VAL B 249 9.54 -27.47 -0.35
C VAL B 249 9.12 -26.73 0.92
N SER B 250 9.30 -27.36 2.08
CA SER B 250 8.97 -26.70 3.33
C SER B 250 9.74 -25.39 3.48
N ASP B 251 11.02 -25.40 3.12
CA ASP B 251 11.82 -24.19 3.11
C ASP B 251 11.77 -23.47 1.77
N LEU B 252 11.15 -24.07 0.74
CA LEU B 252 10.91 -23.35 -0.50
C LEU B 252 9.78 -22.34 -0.33
N GLN B 253 8.73 -22.72 0.39
CA GLN B 253 7.64 -21.78 0.66
C GLN B 253 8.12 -20.60 1.49
N ALA B 254 8.98 -20.86 2.47
CA ALA B 254 9.48 -19.80 3.33
C ALA B 254 10.40 -18.83 2.59
N GLY B 255 10.92 -19.22 1.43
CA GLY B 255 11.82 -18.39 0.67
C GLY B 255 13.27 -18.46 1.10
N THR B 256 13.62 -19.34 2.04
CA THR B 256 14.99 -19.44 2.50
C THR B 256 15.93 -19.84 1.37
N ILE B 257 15.53 -20.80 0.56
CA ILE B 257 16.31 -21.26 -0.58
C ILE B 257 15.92 -20.44 -1.80
N ASP B 258 16.87 -19.71 -2.36
CA ASP B 258 16.62 -18.97 -3.58
C ASP B 258 16.35 -19.94 -4.73
N ILE B 259 15.53 -19.49 -5.68
CA ILE B 259 15.24 -20.25 -6.88
C ILE B 259 15.82 -19.60 -8.12
N TYR B 260 15.69 -18.28 -8.24
CA TYR B 260 16.21 -17.60 -9.43
C TYR B 260 17.73 -17.63 -9.43
N ALA B 261 18.35 -17.58 -8.25
CA ALA B 261 19.81 -17.74 -8.19
C ALA B 261 20.23 -19.13 -8.64
N LEU B 262 19.59 -20.16 -8.09
CA LEU B 262 19.96 -21.52 -8.48
C LEU B 262 19.53 -21.82 -9.91
N LEU B 263 18.45 -21.19 -10.39
CA LEU B 263 18.11 -21.32 -11.80
C LEU B 263 19.18 -20.69 -12.69
N ARG B 264 19.72 -19.55 -12.29
CA ARG B 264 20.84 -18.95 -13.03
C ARG B 264 22.04 -19.89 -13.01
N LYS B 265 22.32 -20.48 -11.85
CA LYS B 265 23.45 -21.42 -11.76
C LYS B 265 23.26 -22.58 -12.71
N ALA B 266 22.05 -23.14 -12.73
CA ALA B 266 21.77 -24.32 -13.58
C ALA B 266 21.85 -23.92 -15.06
N TYR B 267 21.22 -22.80 -15.43
CA TYR B 267 21.31 -22.32 -16.83
C TYR B 267 22.79 -22.18 -17.20
N TYR B 268 23.59 -21.65 -16.28
CA TYR B 268 25.05 -21.52 -16.52
C TYR B 268 25.68 -22.93 -16.51
N ARG B 269 25.23 -23.79 -15.59
CA ARG B 269 25.78 -25.17 -15.50
C ARG B 269 25.53 -25.90 -16.82
N LEU B 270 24.37 -25.67 -17.44
CA LEU B 270 24.09 -26.27 -18.77
C LEU B 270 24.85 -25.47 -19.84
N GLU B 271 26.14 -25.75 -20.01
CA GLU B 271 26.97 -24.94 -20.95
C GLU B 271 26.94 -25.59 -22.35
N ASN B 272 25.85 -25.39 -23.10
CA ASN B 272 25.81 -25.89 -24.46
C ASN B 272 24.78 -25.17 -25.33
N ARG B 273 23.64 -24.79 -24.76
CA ARG B 273 22.61 -24.15 -25.57
C ARG B 273 23.02 -22.78 -26.09
N VAL B 274 23.97 -22.11 -25.44
CA VAL B 274 24.46 -20.83 -25.92
C VAL B 274 25.38 -21.04 -27.12
N ILE B 275 25.54 -22.31 -27.53
CA ILE B 275 26.23 -22.66 -28.76
C ILE B 275 25.26 -23.45 -29.63
N THR B 276 23.96 -23.12 -29.50
CA THR B 276 22.88 -23.75 -30.26
C THR B 276 22.77 -25.25 -29.99
N GLY B 277 21.88 -25.92 -30.71
CA GLY B 277 21.61 -27.32 -30.49
C GLY B 277 20.20 -27.70 -30.91
N GLY B 278 19.45 -28.31 -29.99
CA GLY B 278 18.07 -28.64 -30.27
C GLY B 278 17.09 -27.61 -29.74
N ARG B 279 16.11 -28.05 -28.95
CA ARG B 279 15.15 -27.16 -28.31
C ARG B 279 15.13 -27.46 -26.83
N ALA B 280 15.24 -26.42 -26.01
CA ALA B 280 15.32 -26.58 -24.57
C ALA B 280 13.94 -26.51 -23.92
N ALA B 281 13.85 -27.11 -22.73
CA ALA B 281 12.62 -27.09 -21.96
C ALA B 281 12.96 -27.26 -20.49
N LEU B 282 12.19 -26.62 -19.63
CA LEU B 282 12.39 -26.65 -18.20
C LEU B 282 11.14 -27.21 -17.53
N TYR B 283 11.34 -28.05 -16.52
CA TYR B 283 10.24 -28.75 -15.87
C TYR B 283 10.25 -28.46 -14.37
N CYS B 284 9.06 -28.37 -13.77
CA CYS B 284 9.01 -28.00 -12.33
C CYS B 284 7.71 -28.47 -11.69
N ASN B 285 7.78 -29.00 -10.47
CA ASN B 285 6.55 -29.39 -9.73
C ASN B 285 5.82 -28.12 -9.30
N ALA B 286 4.60 -28.24 -8.77
CA ALA B 286 3.81 -27.06 -8.39
C ALA B 286 4.59 -26.18 -7.41
N ASP B 287 5.31 -26.80 -6.47
CA ASP B 287 6.05 -26.02 -5.44
C ASP B 287 7.12 -25.14 -6.11
N VAL B 288 7.89 -25.71 -7.05
CA VAL B 288 9.00 -24.96 -7.69
C VAL B 288 8.41 -23.75 -8.43
N THR B 289 7.45 -23.99 -9.32
CA THR B 289 6.86 -22.89 -10.13
C THR B 289 6.24 -21.85 -9.19
N GLU B 290 5.57 -22.30 -8.12
CA GLU B 290 4.93 -21.38 -7.20
C GLU B 290 5.95 -20.43 -6.58
N ALA B 291 7.09 -20.97 -6.14
CA ALA B 291 8.11 -20.10 -5.55
C ALA B 291 8.70 -19.17 -6.60
N MET B 292 8.80 -19.61 -7.85
CA MET B 292 9.34 -18.74 -8.90
C MET B 292 8.37 -17.62 -9.24
N ASP B 293 7.06 -17.93 -9.22
CA ASP B 293 6.06 -16.87 -9.38
C ASP B 293 6.06 -15.93 -8.18
N ALA B 294 6.33 -16.46 -6.99
CA ALA B 294 6.44 -15.62 -5.80
C ALA B 294 7.61 -14.66 -5.90
N ALA B 295 8.79 -15.19 -6.25
CA ALA B 295 9.97 -14.35 -6.39
C ALA B 295 9.79 -13.34 -7.52
N ALA B 296 9.05 -13.72 -8.57
CA ALA B 296 8.77 -12.78 -9.64
C ALA B 296 7.95 -11.59 -9.15
N THR B 297 6.95 -11.84 -8.32
CA THR B 297 6.03 -10.82 -7.83
C THR B 297 5.90 -10.93 -6.31
N PRO B 298 6.86 -10.41 -5.57
CA PRO B 298 6.83 -10.54 -4.11
C PRO B 298 5.89 -9.53 -3.47
N THR B 299 5.21 -9.97 -2.41
CA THR B 299 4.38 -9.07 -1.63
C THR B 299 4.91 -8.97 -0.20
N SER B 300 5.09 -10.13 0.45
CA SER B 300 5.81 -10.21 1.71
C SER B 300 6.78 -11.38 1.71
N SER B 301 7.56 -11.50 0.64
CA SER B 301 8.63 -12.48 0.56
C SER B 301 9.65 -12.19 1.66
N THR B 302 9.73 -10.93 2.07
CA THR B 302 10.57 -10.48 3.18
C THR B 302 12.04 -10.75 2.93
N THR B 303 12.88 -10.48 3.93
CA THR B 303 14.31 -10.74 3.86
C THR B 303 14.92 -10.22 2.57
N ALA B 304 14.56 -9.00 2.18
CA ALA B 304 15.11 -8.26 1.04
C ALA B 304 14.73 -8.86 -0.30
N SER B 305 14.52 -7.98 -1.28
CA SER B 305 14.28 -8.33 -2.67
C SER B 305 14.38 -7.05 -3.48
N TYR B 306 14.64 -7.20 -4.78
CA TYR B 306 14.86 -6.05 -5.64
C TYR B 306 13.87 -5.99 -6.79
N VAL B 307 12.74 -6.66 -6.68
CA VAL B 307 11.64 -6.49 -7.60
C VAL B 307 10.70 -5.43 -7.03
N ARG B 308 10.39 -4.41 -7.83
CA ARG B 308 9.52 -3.33 -7.39
C ARG B 308 8.26 -3.32 -8.25
N LEU B 309 7.11 -3.32 -7.59
CA LEU B 309 5.82 -3.42 -8.25
C LEU B 309 5.07 -2.09 -8.19
N THR B 310 4.18 -1.90 -9.14
CA THR B 310 3.27 -0.77 -9.17
C THR B 310 1.87 -1.22 -8.79
N PRO B 311 0.95 -0.29 -8.54
CA PRO B 311 -0.45 -0.68 -8.42
C PRO B 311 -0.94 -1.35 -9.70
N MET B 312 -2.00 -2.14 -9.56
CA MET B 312 -2.57 -2.98 -10.61
C MET B 312 -1.60 -4.03 -11.11
N GLN B 313 -0.46 -4.18 -10.44
CA GLN B 313 0.53 -5.18 -10.81
C GLN B 313 0.81 -6.19 -9.70
N VAL B 314 0.27 -6.02 -8.50
CA VAL B 314 0.54 -6.94 -7.40
C VAL B 314 -0.13 -8.29 -7.61
N ASP B 315 -0.98 -8.41 -8.64
CA ASP B 315 -1.70 -9.65 -8.90
C ASP B 315 -0.76 -10.84 -8.95
N GLY B 316 0.19 -10.82 -9.87
CA GLY B 316 1.10 -11.93 -10.05
C GLY B 316 0.75 -12.77 -11.26
N LYS B 317 1.46 -12.55 -12.36
CA LYS B 317 1.22 -13.29 -13.59
C LYS B 317 1.95 -14.63 -13.54
N GLU B 318 1.38 -15.61 -14.22
CA GLU B 318 2.01 -16.93 -14.29
C GLU B 318 3.30 -16.86 -15.11
N VAL B 319 4.27 -17.68 -14.72
CA VAL B 319 5.57 -17.68 -15.38
C VAL B 319 5.49 -18.45 -16.69
N MET B 320 6.19 -17.95 -17.70
CA MET B 320 6.09 -18.51 -19.04
C MET B 320 7.44 -18.80 -19.70
N MET B 321 8.52 -18.12 -19.32
CA MET B 321 9.82 -18.33 -19.92
C MET B 321 10.91 -18.10 -18.87
N TYR B 322 12.11 -18.56 -19.20
CA TYR B 322 13.31 -18.39 -18.39
C TYR B 322 14.48 -17.95 -19.28
N ARG B 323 14.30 -16.82 -19.96
CA ARG B 323 15.25 -16.22 -20.90
C ARG B 323 15.12 -16.85 -22.28
N GLY B 324 14.06 -17.61 -22.51
CA GLY B 324 13.81 -18.18 -23.82
C GLY B 324 13.59 -19.67 -23.74
N ILE B 325 13.47 -20.18 -22.52
CA ILE B 325 13.29 -21.59 -22.26
C ILE B 325 11.88 -21.80 -21.72
N PRO B 326 10.93 -22.24 -22.54
CA PRO B 326 9.56 -22.43 -22.06
C PRO B 326 9.50 -23.31 -20.81
N VAL B 327 8.73 -22.87 -19.83
CA VAL B 327 8.56 -23.62 -18.59
C VAL B 327 7.34 -24.52 -18.74
N ARG B 328 7.54 -25.82 -18.55
CA ARG B 328 6.48 -26.81 -18.70
C ARG B 328 6.18 -27.44 -17.35
N GLU B 329 4.90 -27.58 -17.04
CA GLU B 329 4.46 -28.07 -15.74
C GLU B 329 4.41 -29.58 -15.78
N CYS B 330 5.45 -30.23 -15.26
CA CYS B 330 5.55 -31.69 -15.30
C CYS B 330 5.24 -32.24 -13.92
N ASP B 331 4.08 -32.88 -13.79
CA ASP B 331 3.67 -33.45 -12.52
C ASP B 331 4.46 -34.71 -12.15
N ALA B 332 5.30 -35.20 -13.06
CA ALA B 332 6.07 -36.40 -12.77
C ALA B 332 7.02 -36.17 -11.61
N ILE B 333 7.64 -34.99 -11.54
CA ILE B 333 8.54 -34.69 -10.45
C ILE B 333 7.76 -34.74 -9.14
N LEU B 334 8.16 -35.64 -8.26
CA LEU B 334 7.49 -35.79 -6.97
C LEU B 334 7.94 -34.69 -6.03
N SER B 335 7.57 -34.80 -4.76
CA SER B 335 8.08 -33.91 -3.73
C SER B 335 8.65 -34.68 -2.55
N THR B 336 9.03 -35.94 -2.77
CA THR B 336 9.74 -36.72 -1.75
C THR B 336 10.52 -37.80 -2.48
N GLU B 337 11.85 -37.68 -2.46
CA GLU B 337 12.69 -38.65 -3.14
C GLU B 337 14.06 -38.60 -2.47
N THR B 338 14.99 -39.40 -2.97
CA THR B 338 16.33 -39.47 -2.39
C THR B 338 17.02 -38.12 -2.44
N ALA B 339 17.97 -37.89 -1.53
CA ALA B 339 18.61 -36.60 -1.37
C ALA B 339 19.99 -36.53 -1.99
N VAL B 340 20.29 -37.43 -2.94
CA VAL B 340 21.58 -37.56 -3.63
C VAL B 340 22.72 -37.34 -2.64
N PRO B 341 23.02 -38.34 -1.79
CA PRO B 341 23.91 -38.13 -0.62
C PRO B 341 25.24 -37.46 -0.95
N SER B 342 25.88 -36.89 0.07
CA SER B 342 27.11 -36.11 -0.11
C SER B 342 28.14 -36.88 -0.92
N VAL B 343 28.68 -36.23 -1.93
CA VAL B 343 29.59 -36.86 -2.88
C VAL B 343 30.99 -36.29 -2.67
N ALA B 344 31.98 -37.18 -2.61
CA ALA B 344 33.39 -36.83 -2.41
C ALA B 344 33.59 -36.06 -1.10
N THR C 3 54.63 -52.18 -20.70
CA THR C 3 54.14 -51.35 -19.62
C THR C 3 53.48 -50.09 -20.17
N LEU C 4 54.00 -49.57 -21.27
CA LEU C 4 53.36 -48.43 -21.92
C LEU C 4 52.22 -48.89 -22.83
N GLY C 5 52.56 -49.61 -23.89
CA GLY C 5 51.58 -50.16 -24.83
C GLY C 5 50.40 -49.29 -25.18
N ASN C 6 50.60 -47.99 -25.36
CA ASN C 6 49.45 -47.17 -25.73
C ASN C 6 49.68 -46.29 -26.95
N THR C 7 50.89 -45.77 -27.12
CA THR C 7 51.13 -44.73 -28.12
C THR C 7 50.82 -45.26 -29.52
N TYR C 8 50.62 -44.33 -30.46
CA TYR C 8 50.32 -44.61 -31.87
C TYR C 8 48.93 -45.21 -32.04
N LEU C 9 47.95 -44.63 -31.36
CA LEU C 9 46.61 -45.20 -31.30
C LEU C 9 46.68 -46.66 -30.87
N THR C 10 45.66 -47.45 -31.24
CA THR C 10 45.63 -48.87 -30.96
C THR C 10 44.44 -49.51 -31.65
N LEU C 11 44.37 -50.85 -31.63
CA LEU C 11 43.22 -51.54 -32.22
C LEU C 11 41.94 -51.22 -31.47
N ALA C 12 42.00 -51.21 -30.14
CA ALA C 12 40.81 -50.97 -29.33
C ALA C 12 40.23 -49.59 -29.59
N ASP C 13 41.08 -48.57 -29.62
CA ASP C 13 40.58 -47.20 -29.82
C ASP C 13 39.95 -47.05 -31.20
N VAL C 14 40.56 -47.64 -32.22
CA VAL C 14 39.99 -47.56 -33.56
C VAL C 14 38.65 -48.30 -33.61
N GLN C 15 38.53 -49.40 -32.88
CA GLN C 15 37.25 -50.12 -32.85
C GLN C 15 36.18 -49.32 -32.14
N LYS C 16 36.53 -48.61 -31.06
CA LYS C 16 35.54 -47.84 -30.32
C LYS C 16 34.89 -46.76 -31.18
N GLN C 17 35.60 -46.29 -32.19
CA GLN C 17 35.06 -45.27 -33.08
C GLN C 17 34.16 -45.83 -34.17
N LYS C 18 33.68 -47.05 -34.00
CA LYS C 18 32.80 -47.70 -34.97
C LYS C 18 31.36 -47.58 -34.49
N ASP C 19 30.46 -47.26 -35.41
CA ASP C 19 29.04 -47.14 -35.10
C ASP C 19 28.40 -48.53 -35.08
N GLY C 20 27.06 -48.56 -35.05
CA GLY C 20 26.37 -49.84 -35.01
C GLY C 20 26.60 -50.67 -36.27
N LYS C 21 26.55 -50.03 -37.43
CA LYS C 21 26.76 -50.75 -38.68
C LYS C 21 28.15 -51.34 -38.75
N GLY C 22 29.15 -50.59 -38.30
CA GLY C 22 30.53 -51.04 -38.35
C GLY C 22 31.46 -49.97 -38.85
N ASN C 23 30.96 -49.09 -39.71
CA ASN C 23 31.76 -48.00 -40.24
C ASN C 23 32.16 -47.04 -39.13
N VAL C 24 33.29 -46.37 -39.30
CA VAL C 24 33.73 -45.40 -38.31
C VAL C 24 32.80 -44.20 -38.31
N THR C 25 32.39 -43.78 -37.12
CA THR C 25 31.37 -42.74 -37.01
C THR C 25 31.93 -41.38 -37.38
N SER C 26 31.11 -40.59 -38.08
CA SER C 26 31.45 -39.22 -38.43
C SER C 26 30.84 -38.22 -37.46
N GLU C 27 30.17 -38.69 -36.41
CA GLU C 27 29.42 -37.82 -35.50
C GLU C 27 29.86 -38.07 -34.07
N ILE C 28 31.18 -38.05 -33.84
CA ILE C 28 31.70 -38.15 -32.49
C ILE C 28 31.29 -36.91 -31.70
N ILE C 29 30.94 -37.10 -30.43
CA ILE C 29 30.50 -36.02 -29.56
C ILE C 29 31.74 -35.42 -28.90
N GLU C 30 32.16 -34.25 -29.37
CA GLU C 30 33.33 -33.58 -28.82
C GLU C 30 33.03 -33.13 -27.39
N MET C 31 33.58 -33.84 -26.41
CA MET C 31 33.26 -33.56 -25.02
C MET C 31 34.17 -32.49 -24.42
N LEU C 32 35.44 -32.47 -24.81
CA LEU C 32 36.41 -31.55 -24.22
C LEU C 32 36.65 -30.32 -25.09
N ALA C 33 35.88 -30.13 -26.15
CA ALA C 33 36.02 -28.94 -26.98
C ALA C 33 35.65 -27.70 -26.18
N GLU C 34 36.39 -26.62 -26.43
CA GLU C 34 36.21 -25.37 -25.72
C GLU C 34 35.99 -24.26 -26.72
N THR C 35 35.91 -23.02 -26.24
CA THR C 35 35.80 -21.84 -27.09
C THR C 35 36.73 -20.76 -26.56
N ASN C 36 37.67 -20.33 -27.39
CA ASN C 36 38.65 -19.32 -27.01
C ASN C 36 38.71 -18.28 -28.12
N PRO C 37 37.88 -17.23 -28.05
CA PRO C 37 37.94 -16.18 -29.07
C PRO C 37 39.24 -15.39 -29.07
N ILE C 38 40.14 -15.64 -28.12
CA ILE C 38 41.45 -14.99 -28.13
C ILE C 38 42.20 -15.36 -29.41
N LEU C 39 42.07 -16.61 -29.84
CA LEU C 39 42.74 -17.06 -31.06
C LEU C 39 42.11 -16.49 -32.32
N GLU C 40 40.96 -15.83 -32.20
CA GLU C 40 40.26 -15.27 -33.35
C GLU C 40 40.40 -13.76 -33.44
N ASP C 41 40.26 -13.06 -32.31
CA ASP C 41 40.33 -11.60 -32.34
C ASP C 41 41.74 -11.12 -32.63
N MET C 42 42.74 -11.83 -32.12
CA MET C 42 44.13 -11.38 -32.17
C MET C 42 44.65 -11.22 -33.60
N VAL C 43 45.44 -10.17 -33.82
CA VAL C 43 46.05 -9.89 -35.11
C VAL C 43 47.50 -10.36 -35.07
N VAL C 44 47.98 -10.91 -36.19
CA VAL C 44 49.35 -11.38 -36.32
C VAL C 44 50.00 -10.73 -37.52
N MET C 45 51.32 -10.60 -37.45
CA MET C 45 52.11 -10.13 -38.58
C MET C 45 53.51 -10.71 -38.47
N GLU C 46 54.17 -10.83 -39.62
CA GLU C 46 55.48 -11.46 -39.69
C GLU C 46 56.50 -10.64 -38.90
N CYS C 47 57.42 -11.35 -38.22
CA CYS C 47 58.41 -10.67 -37.40
C CYS C 47 59.31 -9.77 -38.24
N ASN C 48 60.03 -10.37 -39.20
CA ASN C 48 60.90 -9.63 -40.11
C ASN C 48 62.00 -8.88 -39.37
N ASP C 49 62.47 -9.42 -38.24
CA ASP C 49 63.57 -8.82 -37.50
C ASP C 49 64.70 -9.78 -37.19
N GLY C 50 64.42 -11.09 -37.14
CA GLY C 50 65.45 -12.07 -36.86
C GLY C 50 65.82 -12.17 -35.41
N THR C 51 66.20 -11.05 -34.80
CA THR C 51 66.56 -11.01 -33.39
C THR C 51 65.36 -10.89 -32.47
N GLY C 52 64.17 -11.21 -32.96
CA GLY C 52 62.96 -11.05 -32.18
C GLY C 52 62.37 -9.67 -32.36
N HIS C 53 61.14 -9.51 -31.88
CA HIS C 53 60.44 -8.24 -32.03
C HIS C 53 61.10 -7.16 -31.19
N LEU C 54 61.10 -5.94 -31.72
CA LEU C 54 61.76 -4.81 -31.12
C LEU C 54 60.81 -3.62 -31.09
N THR C 55 60.84 -2.88 -29.99
CA THR C 55 59.93 -1.76 -29.81
C THR C 55 60.61 -0.70 -28.96
N THR C 56 60.38 0.57 -29.32
CA THR C 56 60.99 1.70 -28.64
C THR C 56 59.89 2.51 -27.95
N ILE C 57 60.03 2.71 -26.65
CA ILE C 57 59.07 3.46 -25.85
C ILE C 57 59.82 4.56 -25.10
N ARG C 58 59.31 5.78 -25.16
CA ARG C 58 59.91 6.86 -24.40
C ARG C 58 59.82 6.55 -22.91
N THR C 59 60.74 7.12 -22.14
CA THR C 59 60.64 6.95 -20.70
C THR C 59 60.95 8.23 -19.94
N GLY C 60 61.49 9.26 -20.58
CA GLY C 60 61.62 10.57 -19.98
C GLY C 60 61.42 11.63 -21.04
N LEU C 61 61.30 12.87 -20.60
CA LEU C 61 60.99 13.99 -21.46
C LEU C 61 61.97 15.14 -21.22
N PRO C 62 62.16 16.01 -22.22
CA PRO C 62 62.98 17.21 -21.99
C PRO C 62 62.20 18.24 -21.20
N GLN C 63 62.78 18.69 -20.08
CA GLN C 63 62.11 19.61 -19.18
C GLN C 63 62.52 21.03 -19.52
N ALA C 64 61.82 21.61 -20.49
CA ALA C 64 62.07 22.98 -20.89
C ALA C 64 61.89 23.92 -19.71
N THR C 65 62.89 24.77 -19.48
CA THR C 65 62.92 25.64 -18.31
C THR C 65 62.67 27.08 -18.74
N TRP C 66 61.81 27.77 -17.99
CA TRP C 66 61.54 29.17 -18.25
C TRP C 66 62.83 29.97 -18.18
N ARG C 67 63.06 30.80 -19.18
CA ARG C 67 64.33 31.48 -19.36
C ARG C 67 64.22 32.92 -18.88
N ARG C 68 65.33 33.41 -18.30
CA ARG C 68 65.46 34.81 -17.96
C ARG C 68 65.76 35.60 -19.22
N LEU C 69 66.18 36.86 -19.08
CA LEU C 69 66.33 37.70 -20.25
C LEU C 69 67.76 37.86 -20.72
N TYR C 70 68.75 37.45 -19.92
CA TYR C 70 70.12 37.44 -20.41
C TYR C 70 70.92 36.24 -19.91
N GLU C 71 70.25 35.18 -19.48
CA GLU C 71 70.91 33.96 -19.05
C GLU C 71 70.45 32.81 -19.94
N GLY C 72 71.42 32.06 -20.45
CA GLY C 72 71.09 30.92 -21.28
C GLY C 72 70.47 29.79 -20.50
N VAL C 73 69.77 28.92 -21.21
CA VAL C 73 69.10 27.76 -20.64
C VAL C 73 69.78 26.51 -21.19
N GLN C 74 70.14 25.60 -20.28
CA GLN C 74 70.85 24.41 -20.68
C GLN C 74 70.03 23.58 -21.67
N PRO C 75 70.64 23.06 -22.72
CA PRO C 75 69.90 22.18 -23.64
C PRO C 75 69.52 20.88 -22.96
N ALA C 76 68.39 20.34 -23.38
CA ALA C 76 67.80 19.15 -22.78
C ALA C 76 67.96 17.94 -23.70
N LYS C 77 67.38 16.82 -23.28
CA LYS C 77 67.48 15.56 -24.03
C LYS C 77 66.14 14.85 -23.91
N SER C 78 65.97 13.78 -24.68
CA SER C 78 64.77 12.95 -24.59
C SER C 78 65.21 11.51 -24.43
N THR C 79 64.92 10.93 -23.27
CA THR C 79 65.37 9.59 -22.93
C THR C 79 64.35 8.54 -23.38
N THR C 80 64.84 7.32 -23.63
CA THR C 80 63.99 6.25 -24.13
C THR C 80 64.68 4.91 -23.89
N ARG C 81 63.93 3.82 -24.13
CA ARG C 81 64.41 2.47 -23.92
C ARG C 81 63.77 1.55 -24.94
N GLN C 82 64.01 0.25 -24.79
CA GLN C 82 63.44 -0.75 -25.68
C GLN C 82 63.04 -2.01 -24.91
N ILE C 83 62.25 -2.85 -25.58
CA ILE C 83 61.84 -4.15 -25.08
C ILE C 83 61.93 -5.13 -26.24
N LYS C 84 62.40 -6.35 -25.95
CA LYS C 84 62.53 -7.39 -26.96
C LYS C 84 61.61 -8.56 -26.64
N ASP C 85 60.76 -8.92 -27.61
CA ASP C 85 59.78 -9.99 -27.43
C ASP C 85 60.06 -11.09 -28.44
N SER C 86 60.32 -12.29 -27.94
CA SER C 86 60.75 -13.40 -28.78
C SER C 86 59.54 -14.16 -29.31
N THR C 87 59.77 -15.36 -29.85
CA THR C 87 58.70 -16.18 -30.41
C THR C 87 58.69 -17.57 -29.78
N GLY C 88 57.91 -18.47 -30.35
CA GLY C 88 57.84 -19.83 -29.86
C GLY C 88 57.21 -20.73 -30.88
N THR C 89 57.41 -22.03 -30.71
CA THR C 89 56.97 -23.02 -31.67
C THR C 89 56.36 -24.22 -30.98
N LEU C 90 55.23 -24.70 -31.49
CA LEU C 90 54.55 -25.89 -31.00
C LEU C 90 54.40 -26.87 -32.16
N GLU C 91 54.86 -28.10 -31.96
CA GLU C 91 54.81 -29.12 -33.00
C GLU C 91 54.21 -30.40 -32.42
N ALA C 92 53.23 -30.96 -33.13
CA ALA C 92 52.61 -32.22 -32.78
C ALA C 92 52.67 -33.14 -33.98
N TRP C 93 52.96 -34.42 -33.73
CA TRP C 93 53.24 -35.38 -34.80
C TRP C 93 52.33 -36.60 -34.64
N SER C 94 51.38 -36.75 -35.55
CA SER C 94 50.54 -37.94 -35.58
C SER C 94 51.29 -39.08 -36.24
N GLU C 95 51.22 -40.27 -35.64
CA GLU C 95 51.88 -41.47 -36.16
C GLU C 95 50.96 -42.65 -35.91
N VAL C 96 50.20 -43.04 -36.93
CA VAL C 96 49.28 -44.17 -36.84
C VAL C 96 50.09 -45.44 -36.65
N ASP C 97 49.62 -46.33 -35.77
CA ASP C 97 50.31 -47.54 -35.36
C ASP C 97 50.97 -48.32 -36.49
N GLU C 98 50.14 -48.85 -37.38
CA GLU C 98 50.56 -49.71 -38.48
C GLU C 98 49.59 -49.43 -39.61
N LYS C 99 49.53 -50.32 -40.60
CA LYS C 99 48.48 -50.22 -41.60
C LYS C 99 47.18 -50.83 -41.05
N LEU C 100 46.78 -50.32 -39.88
CA LEU C 100 45.43 -50.50 -39.36
C LEU C 100 44.54 -49.43 -39.98
N VAL C 101 44.65 -49.28 -41.30
CA VAL C 101 43.94 -48.26 -42.05
C VAL C 101 43.06 -48.89 -43.14
N LYS C 102 43.61 -49.84 -43.89
CA LYS C 102 42.79 -50.70 -44.74
C LYS C 102 42.07 -51.76 -43.93
N LEU C 103 42.36 -51.88 -42.64
CA LEU C 103 41.67 -52.80 -41.74
C LEU C 103 40.53 -52.14 -40.99
N SER C 104 40.23 -50.88 -41.30
CA SER C 104 39.17 -50.15 -40.61
C SER C 104 38.29 -49.42 -41.62
N LYS C 105 37.99 -50.09 -42.74
CA LYS C 105 37.04 -49.60 -43.72
C LYS C 105 37.45 -48.25 -44.28
N ASP C 106 36.91 -47.17 -43.72
CA ASP C 106 37.12 -45.82 -44.24
C ASP C 106 38.37 -45.23 -43.59
N LYS C 107 39.38 -44.95 -44.41
CA LYS C 107 40.57 -44.27 -43.91
C LYS C 107 40.32 -42.79 -43.66
N GLN C 108 39.57 -42.16 -44.57
CA GLN C 108 39.39 -40.71 -44.52
C GLN C 108 38.68 -40.29 -43.23
N GLN C 109 37.68 -41.07 -42.81
CA GLN C 109 36.92 -40.70 -41.62
C GLN C 109 37.79 -40.79 -40.37
N LEU C 110 38.57 -41.86 -40.24
CA LEU C 110 39.45 -42.00 -39.08
C LEU C 110 40.49 -40.89 -39.05
N MET C 111 41.08 -40.60 -40.21
CA MET C 111 42.08 -39.52 -40.26
C MET C 111 41.45 -38.19 -39.90
N LEU C 112 40.22 -37.94 -40.37
CA LEU C 112 39.55 -36.69 -40.03
C LEU C 112 39.29 -36.59 -38.53
N ASN C 113 38.84 -37.67 -37.91
CA ASN C 113 38.58 -37.64 -36.47
C ASN C 113 39.86 -37.33 -35.70
N GLU C 114 40.94 -38.05 -36.01
CA GLU C 114 42.19 -37.81 -35.30
C GLU C 114 42.73 -36.41 -35.56
N ALA C 115 42.61 -35.92 -36.80
CA ALA C 115 43.07 -34.58 -37.11
C ALA C 115 42.30 -33.52 -36.35
N ALA C 116 40.97 -33.68 -36.26
CA ALA C 116 40.16 -32.71 -35.52
C ALA C 116 40.54 -32.70 -34.05
N ALA C 117 40.76 -33.89 -33.47
CA ALA C 117 41.16 -33.93 -32.06
C ALA C 117 42.52 -33.27 -31.85
N PHE C 118 43.48 -33.54 -32.75
CA PHE C 118 44.78 -32.90 -32.65
C PHE C 118 44.67 -31.39 -32.75
N LEU C 119 43.86 -30.91 -33.70
CA LEU C 119 43.68 -29.47 -33.87
C LEU C 119 43.12 -28.84 -32.60
N GLU C 120 42.11 -29.48 -32.00
CA GLU C 120 41.53 -28.93 -30.79
C GLU C 120 42.52 -28.91 -29.64
N GLY C 121 43.30 -29.98 -29.48
CA GLY C 121 44.29 -30.00 -28.42
C GLY C 121 45.35 -28.92 -28.58
N MET C 122 45.83 -28.74 -29.82
CA MET C 122 46.80 -27.68 -30.08
C MET C 122 46.21 -26.30 -29.82
N ASN C 123 44.94 -26.10 -30.22
CA ASN C 123 44.29 -24.82 -29.96
C ASN C 123 44.20 -24.54 -28.47
N GLN C 124 43.82 -25.55 -27.68
CA GLN C 124 43.71 -25.34 -26.24
C GLN C 124 45.07 -25.02 -25.64
N THR C 125 46.12 -25.73 -26.05
CA THR C 125 47.44 -25.44 -25.51
C THR C 125 47.88 -24.02 -25.87
N MET C 126 47.63 -23.60 -27.11
CA MET C 126 48.03 -22.26 -27.52
C MET C 126 47.27 -21.19 -26.75
N ALA C 127 45.96 -21.38 -26.54
CA ALA C 127 45.19 -20.38 -25.80
C ALA C 127 45.65 -20.32 -24.34
N SER C 128 45.86 -21.48 -23.72
CA SER C 128 46.33 -21.49 -22.34
C SER C 128 47.71 -20.84 -22.22
N THR C 129 48.52 -20.92 -23.28
CA THR C 129 49.80 -20.22 -23.26
C THR C 129 49.62 -18.72 -23.44
N LEU C 130 48.69 -18.33 -24.32
CA LEU C 130 48.47 -16.91 -24.58
C LEU C 130 48.00 -16.20 -23.31
N PHE C 131 47.13 -16.84 -22.54
CA PHE C 131 46.67 -16.21 -21.31
C PHE C 131 47.71 -16.32 -20.21
N TYR C 132 48.01 -17.54 -19.78
CA TYR C 132 49.02 -17.82 -18.77
C TYR C 132 50.27 -18.30 -19.49
N GLY C 133 51.08 -17.34 -19.90
CA GLY C 133 52.37 -17.64 -20.48
C GLY C 133 53.41 -17.94 -19.44
N ASN C 134 54.55 -18.41 -19.90
CA ASN C 134 55.64 -18.73 -18.98
C ASN C 134 56.93 -18.84 -19.77
N THR C 135 57.86 -17.93 -19.49
CA THR C 135 59.23 -18.04 -19.97
C THR C 135 60.19 -18.42 -18.87
N ALA C 136 60.07 -17.79 -17.71
CA ALA C 136 60.77 -18.21 -16.50
C ALA C 136 60.15 -19.51 -16.01
N THR C 137 60.98 -20.54 -15.83
CA THR C 137 60.69 -21.96 -15.59
C THR C 137 60.38 -22.73 -16.88
N ASP C 138 60.32 -22.07 -18.03
CA ASP C 138 60.00 -22.77 -19.28
C ASP C 138 61.08 -22.59 -20.33
N ALA C 139 61.41 -21.35 -20.70
CA ALA C 139 62.49 -21.01 -21.62
C ALA C 139 62.22 -21.41 -23.08
N VAL C 140 61.06 -21.98 -23.38
CA VAL C 140 60.68 -22.33 -24.75
C VAL C 140 59.36 -21.67 -25.15
N LYS C 141 58.38 -21.64 -24.24
CA LYS C 141 57.08 -21.02 -24.51
C LYS C 141 57.25 -19.53 -24.75
N PHE C 142 56.35 -18.95 -25.53
CA PHE C 142 56.43 -17.51 -25.72
C PHE C 142 55.94 -16.78 -24.48
N MET C 143 56.21 -15.48 -24.44
CA MET C 143 55.86 -14.66 -23.29
C MET C 143 54.36 -14.34 -23.36
N GLY C 144 53.60 -14.90 -22.43
CA GLY C 144 52.15 -14.78 -22.50
C GLY C 144 51.61 -13.48 -21.93
N LEU C 145 50.58 -13.59 -21.09
CA LEU C 145 50.00 -12.44 -20.42
C LEU C 145 50.02 -12.53 -18.90
N ALA C 146 50.00 -13.74 -18.33
CA ALA C 146 50.13 -13.86 -16.88
C ALA C 146 51.45 -13.28 -16.37
N PRO C 147 52.60 -13.54 -17.00
CA PRO C 147 53.76 -12.68 -16.76
C PRO C 147 53.58 -11.37 -17.51
N ARG C 148 54.45 -10.42 -17.22
CA ARG C 148 54.37 -9.01 -17.60
C ARG C 148 53.33 -8.29 -16.76
N PHE C 149 52.55 -8.98 -15.94
CA PHE C 149 51.62 -8.35 -15.02
C PHE C 149 51.65 -8.99 -13.65
N ASN C 150 52.58 -9.90 -13.40
CA ASN C 150 52.60 -10.66 -12.16
C ASN C 150 53.00 -9.75 -11.01
N ALA C 151 52.16 -8.76 -10.73
CA ALA C 151 52.44 -7.71 -9.77
C ALA C 151 51.23 -6.81 -9.68
N TYR C 152 51.23 -5.94 -8.67
CA TYR C 152 50.26 -4.87 -8.53
C TYR C 152 50.82 -3.86 -7.54
N ARG C 153 50.60 -2.58 -7.82
CA ARG C 153 51.04 -1.54 -6.92
C ARG C 153 49.91 -1.19 -5.96
N ALA C 154 50.23 -1.17 -4.66
CA ALA C 154 49.23 -0.85 -3.65
C ALA C 154 48.69 0.57 -3.85
N ALA C 155 49.57 1.57 -3.71
CA ALA C 155 49.19 2.96 -3.91
C ALA C 155 49.56 3.35 -5.33
N ARG C 156 48.70 2.97 -6.27
CA ARG C 156 48.97 3.22 -7.68
C ARG C 156 49.07 4.70 -7.96
N ASN C 157 50.09 5.08 -8.72
CA ASN C 157 50.21 6.43 -9.25
C ASN C 157 49.38 6.55 -10.51
N LEU C 158 48.73 7.71 -10.67
CA LEU C 158 47.83 7.90 -11.80
C LEU C 158 48.55 7.84 -13.14
N LYS C 159 49.86 8.09 -13.16
CA LYS C 159 50.63 7.98 -14.38
C LYS C 159 51.03 6.53 -14.60
N PRO C 160 50.63 5.91 -15.70
CA PRO C 160 50.98 4.49 -15.94
C PRO C 160 52.43 4.32 -16.37
N VAL C 161 53.32 4.29 -15.38
CA VAL C 161 54.76 4.17 -15.62
C VAL C 161 55.24 2.74 -15.49
N ASP C 162 54.40 1.83 -15.02
CA ASP C 162 54.79 0.44 -14.83
C ASP C 162 53.57 -0.43 -15.00
N THR C 163 53.81 -1.71 -15.32
CA THR C 163 52.71 -2.64 -15.53
C THR C 163 51.89 -2.83 -14.26
N ALA C 164 52.51 -2.66 -13.08
CA ALA C 164 51.76 -2.78 -11.83
C ALA C 164 50.66 -1.74 -11.75
N ASP C 165 50.82 -0.60 -12.43
CA ASP C 165 49.77 0.39 -12.51
C ASP C 165 48.59 -0.06 -13.35
N GLN C 166 48.72 -1.17 -14.08
CA GLN C 166 47.64 -1.68 -14.91
C GLN C 166 47.02 -2.95 -14.33
N VAL C 167 47.27 -3.24 -13.06
CA VAL C 167 46.72 -4.43 -12.41
C VAL C 167 45.97 -3.98 -11.17
N ILE C 168 44.69 -4.34 -11.08
CA ILE C 168 43.87 -4.04 -9.92
C ILE C 168 43.60 -5.35 -9.19
N ASP C 169 43.86 -5.37 -7.89
CA ASP C 169 43.63 -6.54 -7.06
C ASP C 169 42.44 -6.30 -6.17
N ALA C 170 41.57 -7.31 -6.06
CA ALA C 170 40.41 -7.25 -5.18
C ALA C 170 40.70 -7.85 -3.81
N GLY C 171 41.96 -8.08 -3.49
CA GLY C 171 42.31 -8.69 -2.22
C GLY C 171 41.85 -10.13 -2.10
N GLY C 172 41.89 -10.88 -3.20
CA GLY C 172 41.47 -12.26 -3.17
C GLY C 172 42.52 -13.18 -2.56
N THR C 173 42.75 -13.05 -1.26
CA THR C 173 43.71 -13.92 -0.60
C THR C 173 43.10 -15.30 -0.39
N GLY C 174 43.30 -16.18 -1.35
CA GLY C 174 42.74 -17.52 -1.31
C GLY C 174 43.60 -18.52 -2.03
N SER C 175 42.96 -19.52 -2.63
CA SER C 175 43.68 -20.60 -3.30
C SER C 175 43.03 -21.01 -4.62
N ASP C 176 42.01 -20.31 -5.07
CA ASP C 176 41.28 -20.67 -6.29
C ASP C 176 40.96 -19.42 -7.10
N LEU C 177 41.93 -18.53 -7.25
CA LEU C 177 41.67 -17.19 -7.76
C LEU C 177 41.59 -17.17 -9.29
N THR C 178 41.02 -16.10 -9.81
CA THR C 178 40.86 -15.93 -11.26
C THR C 178 41.24 -14.49 -11.60
N SER C 179 40.95 -14.07 -12.83
CA SER C 179 41.31 -12.73 -13.26
C SER C 179 40.47 -12.37 -14.49
N ILE C 180 40.44 -11.07 -14.77
CA ILE C 180 39.78 -10.52 -15.95
C ILE C 180 40.77 -9.64 -16.68
N TRP C 181 40.73 -9.70 -18.01
CA TRP C 181 41.68 -8.97 -18.85
C TRP C 181 40.93 -8.07 -19.82
N MET C 182 41.58 -6.97 -20.19
CA MET C 182 41.14 -6.14 -21.29
C MET C 182 42.36 -5.82 -22.14
N VAL C 183 42.32 -6.22 -23.41
CA VAL C 183 43.45 -6.08 -24.32
C VAL C 183 42.95 -5.41 -25.60
N VAL C 184 43.85 -4.70 -26.26
CA VAL C 184 43.58 -4.07 -27.55
C VAL C 184 44.52 -4.71 -28.56
N TRP C 185 43.96 -5.45 -29.51
CA TRP C 185 44.75 -6.14 -30.53
C TRP C 185 44.81 -5.24 -31.77
N GLY C 186 45.80 -4.35 -31.79
CA GLY C 186 45.94 -3.39 -32.87
C GLY C 186 47.32 -3.46 -33.49
N ASP C 187 47.55 -2.53 -34.42
CA ASP C 187 48.80 -2.54 -35.19
C ASP C 187 50.02 -2.36 -34.30
N ARG C 188 49.94 -1.47 -33.31
CA ARG C 188 51.08 -1.17 -32.46
C ARG C 188 50.77 -1.36 -30.99
N THR C 189 49.64 -1.96 -30.65
CA THR C 189 49.25 -2.16 -29.25
C THR C 189 49.69 -3.52 -28.73
N ALA C 190 49.14 -4.58 -29.32
CA ALA C 190 49.51 -5.95 -28.96
C ALA C 190 49.08 -6.90 -30.06
N HIS C 191 50.03 -7.61 -30.67
CA HIS C 191 49.70 -8.50 -31.78
C HIS C 191 50.41 -9.83 -31.62
N GLY C 192 50.40 -10.64 -32.67
CA GLY C 192 51.04 -11.95 -32.67
C GLY C 192 52.26 -11.95 -33.59
N LEU C 193 53.34 -12.53 -33.09
CA LEU C 193 54.59 -12.61 -33.84
C LEU C 193 54.85 -14.07 -34.22
N TYR C 194 55.01 -14.31 -35.52
CA TYR C 194 55.51 -15.59 -35.99
C TYR C 194 56.80 -15.31 -36.76
N PRO C 195 57.86 -16.06 -36.51
CA PRO C 195 59.15 -15.76 -37.15
C PRO C 195 59.10 -15.83 -38.66
N GLU C 196 59.95 -15.08 -39.33
CA GLU C 196 59.92 -14.97 -40.78
C GLU C 196 60.21 -16.34 -41.42
N GLY C 197 59.63 -16.54 -42.60
CA GLY C 197 59.80 -17.79 -43.30
C GLY C 197 58.79 -18.86 -42.95
N THR C 198 57.91 -18.60 -41.98
CA THR C 198 56.90 -19.56 -41.57
C THR C 198 55.53 -18.98 -41.90
N SER C 199 54.65 -19.83 -42.44
CA SER C 199 53.30 -19.39 -42.77
C SER C 199 52.52 -19.07 -41.50
N ALA C 200 51.64 -18.09 -41.60
CA ALA C 200 50.85 -17.66 -40.45
C ALA C 200 49.85 -18.74 -40.05
N GLY C 201 49.61 -18.83 -38.74
CA GLY C 201 48.62 -19.76 -38.23
C GLY C 201 49.12 -21.19 -38.21
N LEU C 202 48.19 -22.09 -37.89
CA LEU C 202 48.53 -23.51 -37.84
C LEU C 202 48.86 -24.03 -39.23
N GLN C 203 49.87 -24.89 -39.29
CA GLN C 203 50.36 -25.44 -40.55
C GLN C 203 50.29 -26.97 -40.51
N ARG C 204 49.75 -27.56 -41.56
CA ARG C 204 49.57 -29.00 -41.67
C ARG C 204 50.46 -29.57 -42.76
N GLU C 205 50.82 -30.84 -42.60
CA GLU C 205 51.62 -31.52 -43.61
C GLU C 205 51.35 -33.01 -43.52
N TYR C 206 50.83 -33.59 -44.61
CA TYR C 206 50.54 -35.01 -44.69
C TYR C 206 51.76 -35.72 -45.24
N LEU C 207 52.53 -36.35 -44.34
CA LEU C 207 53.75 -37.04 -44.77
C LEU C 207 53.44 -38.23 -45.68
N GLY C 208 52.42 -38.99 -45.34
CA GLY C 208 52.12 -40.22 -46.06
C GLY C 208 52.71 -41.43 -45.37
N ALA C 209 52.72 -42.53 -46.12
CA ALA C 209 53.29 -43.78 -45.60
C ALA C 209 54.80 -43.67 -45.45
N GLU C 210 55.32 -44.30 -44.41
CA GLU C 210 56.75 -44.26 -44.11
C GLU C 210 57.15 -45.61 -43.51
N THR C 211 58.29 -45.64 -42.83
CA THR C 211 58.79 -46.87 -42.23
C THR C 211 59.35 -46.58 -40.85
N LYS C 212 59.40 -47.60 -40.01
CA LYS C 212 59.88 -47.47 -38.64
C LYS C 212 61.07 -48.38 -38.42
N GLU C 213 62.03 -47.91 -37.63
CA GLU C 213 63.25 -48.65 -37.35
C GLU C 213 63.17 -49.45 -36.06
N LEU C 214 62.56 -48.92 -35.02
CA LEU C 214 62.24 -49.64 -33.79
C LEU C 214 63.51 -50.02 -33.01
N GLY C 215 64.68 -49.78 -33.58
CA GLY C 215 65.90 -50.21 -32.94
C GLY C 215 66.37 -51.57 -33.42
N ASP C 216 66.09 -52.62 -32.65
CA ASP C 216 66.54 -53.97 -32.98
C ASP C 216 65.79 -54.45 -34.21
N GLY C 217 66.20 -53.92 -35.36
CA GLY C 217 65.62 -54.32 -36.63
C GLY C 217 64.12 -54.05 -36.67
N GLY C 218 63.43 -54.76 -37.53
CA GLY C 218 61.99 -54.66 -37.57
C GLY C 218 61.52 -53.40 -38.25
N VAL C 219 60.45 -53.50 -39.04
CA VAL C 219 59.95 -52.37 -39.82
C VAL C 219 58.42 -52.31 -39.81
N TYR C 220 57.86 -51.34 -39.10
CA TYR C 220 56.45 -51.04 -39.27
C TYR C 220 56.25 -50.27 -40.57
N ARG C 221 55.06 -50.34 -41.12
CA ARG C 221 54.67 -49.51 -42.25
C ARG C 221 53.71 -48.45 -41.72
N VAL C 222 54.26 -47.35 -41.24
CA VAL C 222 53.49 -46.32 -40.54
C VAL C 222 53.17 -45.20 -41.51
N VAL C 223 52.13 -44.43 -41.16
CA VAL C 223 51.76 -43.22 -41.87
C VAL C 223 51.74 -42.08 -40.85
N ARG C 224 52.35 -40.96 -41.22
CA ARG C 224 52.53 -39.85 -40.29
C ARG C 224 51.94 -38.57 -40.86
N GLU C 225 51.53 -37.68 -39.95
CA GLU C 225 51.08 -36.34 -40.29
C GLU C 225 51.68 -35.37 -39.28
N LYS C 226 51.98 -34.16 -39.73
CA LYS C 226 52.69 -33.18 -38.94
C LYS C 226 51.77 -32.01 -38.62
N PHE C 227 51.70 -31.66 -37.33
CA PHE C 227 51.01 -30.46 -36.88
C PHE C 227 52.03 -29.54 -36.23
N GLU C 228 52.22 -28.36 -36.81
CA GLU C 228 53.18 -27.40 -36.31
C GLU C 228 52.57 -26.02 -36.34
N TRP C 229 52.49 -25.37 -35.18
CA TRP C 229 52.02 -24.00 -35.06
C TRP C 229 53.02 -23.23 -34.21
N ASP C 230 53.47 -22.08 -34.72
CA ASP C 230 54.44 -21.27 -34.02
C ASP C 230 54.00 -19.82 -34.03
N LEU C 231 54.06 -19.17 -32.87
CA LEU C 231 53.80 -17.74 -32.77
C LEU C 231 54.32 -17.27 -31.42
N GLY C 232 54.19 -15.96 -31.18
CA GLY C 232 54.49 -15.38 -29.90
C GLY C 232 53.82 -14.02 -29.77
N LEU C 233 53.10 -13.79 -28.68
CA LEU C 233 52.44 -12.50 -28.56
C LEU C 233 53.45 -11.45 -28.11
N THR C 234 53.09 -10.20 -28.33
CA THR C 234 53.84 -9.08 -27.78
C THR C 234 52.86 -8.02 -27.32
N VAL C 235 53.26 -7.26 -26.31
CA VAL C 235 52.50 -6.10 -25.88
C VAL C 235 53.40 -4.88 -26.04
N ARG C 236 53.32 -4.23 -27.20
CA ARG C 236 54.18 -3.07 -27.45
C ARG C 236 53.89 -1.97 -26.45
N ASP C 237 52.62 -1.72 -26.15
CA ASP C 237 52.21 -0.71 -25.19
C ASP C 237 51.53 -1.42 -24.03
N PHE C 238 52.23 -1.48 -22.89
CA PHE C 238 51.65 -2.15 -21.73
C PHE C 238 50.44 -1.42 -21.18
N ARG C 239 50.30 -0.13 -21.48
CA ARG C 239 49.17 0.64 -21.01
C ARG C 239 47.87 0.22 -21.68
N TYR C 240 47.92 -0.61 -22.71
CA TYR C 240 46.76 -1.08 -23.42
C TYR C 240 46.21 -2.40 -22.89
N VAL C 241 46.81 -2.95 -21.84
CA VAL C 241 46.37 -4.23 -21.29
C VAL C 241 46.18 -4.09 -19.79
N VAL C 242 45.02 -4.49 -19.29
CA VAL C 242 44.67 -4.38 -17.88
C VAL C 242 44.32 -5.75 -17.34
N ARG C 243 44.71 -6.01 -16.10
CA ARG C 243 44.47 -7.29 -15.43
C ARG C 243 43.77 -7.03 -14.10
N ILE C 244 42.72 -7.80 -13.83
CA ILE C 244 42.02 -7.72 -12.55
C ILE C 244 42.31 -8.97 -11.73
N ALA C 245 43.34 -8.91 -10.90
CA ALA C 245 43.84 -10.09 -10.23
C ALA C 245 43.28 -10.20 -8.82
N ASN C 246 43.64 -11.30 -8.15
CA ASN C 246 43.25 -11.55 -6.76
C ASN C 246 41.74 -11.53 -6.57
N ILE C 247 41.08 -12.48 -7.21
CA ILE C 247 39.63 -12.63 -7.14
C ILE C 247 39.33 -14.01 -6.59
N ASP C 248 38.81 -14.08 -5.37
CA ASP C 248 38.38 -15.34 -4.78
C ASP C 248 36.99 -15.66 -5.34
N VAL C 249 36.93 -16.64 -6.23
CA VAL C 249 35.67 -16.94 -6.92
C VAL C 249 34.62 -17.44 -5.94
N SER C 250 35.04 -18.18 -4.91
CA SER C 250 34.10 -18.68 -3.92
C SER C 250 33.36 -17.52 -3.25
N ASP C 251 34.12 -16.50 -2.83
CA ASP C 251 33.47 -15.32 -2.28
C ASP C 251 32.86 -14.45 -3.37
N LEU C 252 33.33 -14.56 -4.61
CA LEU C 252 32.76 -13.78 -5.69
C LEU C 252 31.31 -14.18 -5.95
N GLN C 253 31.03 -15.48 -5.95
CA GLN C 253 29.67 -15.94 -6.22
C GLN C 253 28.70 -15.60 -5.10
N ALA C 254 29.20 -15.24 -3.93
CA ALA C 254 28.37 -14.74 -2.84
C ALA C 254 28.13 -13.24 -2.95
N GLY C 255 28.68 -12.58 -3.95
CA GLY C 255 28.52 -11.14 -4.09
C GLY C 255 29.16 -10.35 -2.97
N THR C 256 30.24 -10.86 -2.38
CA THR C 256 30.93 -10.19 -1.29
C THR C 256 31.89 -9.11 -1.76
N ILE C 257 32.20 -9.06 -3.06
CA ILE C 257 33.12 -8.08 -3.62
C ILE C 257 32.46 -7.45 -4.83
N ASP C 258 32.70 -6.15 -5.01
CA ASP C 258 32.18 -5.45 -6.17
C ASP C 258 32.69 -6.10 -7.46
N ILE C 259 31.91 -5.96 -8.52
CA ILE C 259 32.33 -6.46 -9.82
C ILE C 259 32.32 -5.32 -10.83
N TYR C 260 31.19 -4.65 -10.99
CA TYR C 260 31.12 -3.57 -11.95
C TYR C 260 32.00 -2.40 -11.53
N ALA C 261 32.29 -2.27 -10.23
CA ALA C 261 33.25 -1.26 -9.81
C ALA C 261 34.67 -1.66 -10.21
N LEU C 262 35.00 -2.95 -10.12
CA LEU C 262 36.31 -3.40 -10.59
C LEU C 262 36.45 -3.21 -12.09
N LEU C 263 35.40 -3.54 -12.86
CA LEU C 263 35.46 -3.34 -14.30
C LEU C 263 35.51 -1.87 -14.66
N ARG C 264 34.82 -1.02 -13.90
CA ARG C 264 34.94 0.43 -14.12
C ARG C 264 36.36 0.91 -13.83
N LYS C 265 36.95 0.40 -12.75
CA LYS C 265 38.35 0.70 -12.43
C LYS C 265 39.25 0.35 -13.59
N ALA C 266 39.09 -0.87 -14.13
CA ALA C 266 39.91 -1.32 -15.24
C ALA C 266 39.70 -0.45 -16.46
N TYR C 267 38.44 -0.12 -16.76
CA TYR C 267 38.16 0.70 -17.93
C TYR C 267 38.80 2.07 -17.81
N TYR C 268 38.84 2.64 -16.61
CA TYR C 268 39.48 3.93 -16.44
C TYR C 268 41.00 3.80 -16.50
N ARG C 269 41.56 2.74 -15.92
CA ARG C 269 43.00 2.53 -15.99
C ARG C 269 43.47 2.13 -17.38
N LEU C 270 42.52 1.82 -18.27
CA LEU C 270 42.87 1.51 -19.69
C LEU C 270 42.55 2.75 -20.52
N GLU C 271 43.05 3.91 -20.11
CA GLU C 271 42.72 5.19 -20.81
C GLU C 271 43.21 5.12 -22.26
N ASN C 272 44.14 4.21 -22.56
CA ASN C 272 44.72 4.15 -23.93
C ASN C 272 43.62 3.77 -24.93
N ARG C 273 42.57 3.16 -24.61
CA ARG C 273 41.48 2.81 -25.55
C ARG C 273 40.40 3.92 -25.75
N VAL C 274 40.14 4.66 -24.54
CA VAL C 274 39.15 5.71 -24.64
C VAL C 274 39.50 6.74 -25.72
N ILE C 275 40.65 6.58 -26.39
CA ILE C 275 41.07 7.49 -27.45
C ILE C 275 41.15 6.77 -28.79
N THR C 276 42.05 5.79 -28.92
CA THR C 276 42.22 5.04 -30.16
C THR C 276 43.19 3.89 -29.89
N GLY C 277 43.40 3.06 -30.91
CA GLY C 277 44.37 2.00 -30.82
C GLY C 277 43.98 0.71 -31.51
N GLY C 278 42.73 0.59 -31.92
CA GLY C 278 42.24 -0.60 -32.61
C GLY C 278 41.13 -1.27 -31.84
N ARG C 279 40.79 -2.48 -32.29
CA ARG C 279 39.71 -3.24 -31.68
C ARG C 279 40.07 -3.65 -30.25
N ALA C 280 39.08 -3.59 -29.36
CA ALA C 280 39.25 -3.93 -27.96
C ALA C 280 38.60 -5.27 -27.66
N ALA C 281 38.86 -5.77 -26.45
CA ALA C 281 38.34 -7.07 -26.06
C ALA C 281 38.37 -7.19 -24.55
N LEU C 282 37.65 -8.21 -24.06
CA LEU C 282 37.47 -8.44 -22.62
C LEU C 282 37.33 -9.94 -22.39
N TYR C 283 38.30 -10.53 -21.70
CA TYR C 283 38.39 -11.98 -21.56
C TYR C 283 38.19 -12.40 -20.12
N CYS C 284 37.29 -13.37 -19.90
CA CYS C 284 36.95 -13.82 -18.57
C CYS C 284 36.29 -15.19 -18.66
N ASN C 285 36.45 -15.99 -17.61
CA ASN C 285 35.89 -17.34 -17.57
C ASN C 285 34.40 -17.28 -17.20
N ALA C 286 33.80 -18.47 -17.04
CA ALA C 286 32.36 -18.54 -16.84
C ALA C 286 31.92 -17.98 -15.50
N ASP C 287 32.77 -18.10 -14.47
CA ASP C 287 32.40 -17.57 -13.16
C ASP C 287 32.20 -16.07 -13.20
N VAL C 288 33.06 -15.37 -13.92
CA VAL C 288 32.91 -13.92 -14.05
C VAL C 288 31.64 -13.59 -14.81
N THR C 289 31.31 -14.38 -15.84
CA THR C 289 30.09 -14.13 -16.60
C THR C 289 28.86 -14.31 -15.73
N GLU C 290 28.84 -15.35 -14.89
CA GLU C 290 27.69 -15.57 -14.03
C GLU C 290 27.61 -14.51 -12.93
N ALA C 291 28.77 -14.02 -12.45
CA ALA C 291 28.74 -12.93 -11.50
C ALA C 291 28.19 -11.66 -12.14
N MET C 292 28.57 -11.40 -13.39
CA MET C 292 28.04 -10.24 -14.12
C MET C 292 26.54 -10.37 -14.29
N ASP C 293 26.05 -11.57 -14.63
CA ASP C 293 24.61 -11.77 -14.75
C ASP C 293 23.93 -11.58 -13.40
N ALA C 294 24.55 -12.03 -12.32
CA ALA C 294 23.97 -11.86 -11.00
C ALA C 294 23.84 -10.38 -10.64
N ALA C 295 24.89 -9.60 -10.89
CA ALA C 295 24.85 -8.19 -10.56
C ALA C 295 24.10 -7.34 -11.59
N ALA C 296 23.74 -7.93 -12.73
CA ALA C 296 22.99 -7.17 -13.73
C ALA C 296 21.48 -7.25 -13.49
N THR C 297 20.98 -8.43 -13.13
CA THR C 297 19.58 -8.62 -12.75
C THR C 297 19.58 -9.34 -11.41
N PRO C 298 19.71 -8.61 -10.32
CA PRO C 298 19.86 -9.25 -9.00
C PRO C 298 18.58 -9.98 -8.59
N THR C 299 18.78 -11.06 -7.83
CA THR C 299 17.71 -11.75 -7.14
C THR C 299 17.81 -11.60 -5.64
N SER C 300 18.97 -11.93 -5.07
CA SER C 300 19.28 -11.57 -3.68
C SER C 300 20.80 -11.38 -3.63
N SER C 301 21.24 -10.13 -3.85
CA SER C 301 22.68 -9.87 -3.85
C SER C 301 23.28 -9.97 -2.46
N THR C 302 22.42 -10.03 -1.43
CA THR C 302 22.80 -10.29 -0.05
C THR C 302 23.55 -9.12 0.57
N THR C 303 23.92 -8.12 -0.24
CA THR C 303 24.36 -6.86 0.33
C THR C 303 23.51 -5.69 -0.17
N ALA C 304 23.44 -5.53 -1.49
CA ALA C 304 22.70 -4.42 -2.10
C ALA C 304 22.78 -4.56 -3.61
N SER C 305 21.87 -3.84 -4.28
CA SER C 305 21.88 -3.70 -5.72
C SER C 305 20.92 -2.60 -6.12
N TYR C 306 21.38 -1.64 -6.92
CA TYR C 306 20.54 -0.53 -7.34
C TYR C 306 19.93 -0.77 -8.71
N VAL C 307 19.60 -2.02 -9.01
CA VAL C 307 19.09 -2.42 -10.31
C VAL C 307 17.64 -2.86 -10.15
N ARG C 308 16.93 -2.20 -9.24
CA ARG C 308 15.51 -2.45 -8.98
C ARG C 308 14.75 -2.68 -10.29
N LEU C 309 14.09 -3.83 -10.38
CA LEU C 309 13.57 -4.31 -11.66
C LEU C 309 12.10 -4.69 -11.54
N THR C 310 11.41 -4.65 -12.68
CA THR C 310 9.99 -4.93 -12.87
C THR C 310 9.71 -6.40 -12.56
N PRO C 311 8.44 -6.87 -12.58
CA PRO C 311 8.23 -8.30 -12.29
C PRO C 311 8.55 -9.21 -13.46
N MET C 312 8.70 -8.66 -14.65
CA MET C 312 9.42 -9.35 -15.72
C MET C 312 10.89 -9.01 -15.57
N GLN C 313 11.72 -9.48 -16.48
CA GLN C 313 13.17 -9.24 -16.45
C GLN C 313 13.83 -9.77 -15.19
N VAL C 314 13.12 -10.54 -14.38
CA VAL C 314 13.72 -11.11 -13.18
C VAL C 314 14.49 -12.40 -13.47
N ASP C 315 14.20 -13.05 -14.60
CA ASP C 315 14.95 -14.24 -14.98
C ASP C 315 16.42 -13.89 -15.20
N GLY C 316 16.68 -12.81 -15.91
CA GLY C 316 18.02 -12.34 -16.16
C GLY C 316 18.26 -12.14 -17.64
N LYS C 317 19.53 -11.92 -17.98
CA LYS C 317 19.96 -11.76 -19.36
C LYS C 317 21.48 -11.85 -19.43
N GLU C 318 22.00 -12.67 -20.33
CA GLU C 318 23.45 -12.82 -20.44
C GLU C 318 24.09 -11.53 -20.94
N VAL C 319 25.30 -11.25 -20.46
CA VAL C 319 25.99 -10.03 -20.81
C VAL C 319 26.70 -10.22 -22.15
N MET C 320 26.40 -9.36 -23.12
CA MET C 320 26.99 -9.47 -24.44
C MET C 320 28.22 -8.57 -24.59
N MET C 321 28.04 -7.26 -24.40
CA MET C 321 29.11 -6.29 -24.57
C MET C 321 29.20 -5.40 -23.35
N TYR C 322 30.43 -5.14 -22.90
CA TYR C 322 30.69 -4.27 -21.76
C TYR C 322 31.12 -2.90 -22.29
N ARG C 323 30.24 -1.91 -22.14
CA ARG C 323 30.58 -0.52 -22.42
C ARG C 323 31.13 -0.35 -23.83
N GLY C 324 30.56 -1.10 -24.76
CA GLY C 324 31.06 -1.11 -26.13
C GLY C 324 32.09 -2.19 -26.38
N ILE C 325 32.94 -2.44 -25.39
CA ILE C 325 33.94 -3.50 -25.47
C ILE C 325 33.21 -4.84 -25.42
N PRO C 326 33.30 -5.68 -26.45
CA PRO C 326 32.62 -6.97 -26.42
C PRO C 326 33.20 -7.86 -25.33
N VAL C 327 32.33 -8.66 -24.72
CA VAL C 327 32.76 -9.61 -23.69
C VAL C 327 33.10 -10.93 -24.37
N ARG C 328 34.35 -11.34 -24.24
CA ARG C 328 34.82 -12.58 -24.84
C ARG C 328 35.01 -13.62 -23.74
N GLU C 329 34.44 -14.80 -23.96
CA GLU C 329 34.47 -15.87 -22.98
C GLU C 329 35.54 -16.88 -23.36
N CYS C 330 36.59 -16.96 -22.55
CA CYS C 330 37.70 -17.89 -22.79
C CYS C 330 37.78 -18.84 -21.61
N ASP C 331 37.48 -20.12 -21.86
CA ASP C 331 37.47 -21.10 -20.78
C ASP C 331 38.89 -21.40 -20.32
N ALA C 332 39.87 -21.21 -21.19
CA ALA C 332 41.26 -21.54 -20.84
C ALA C 332 41.74 -20.75 -19.63
N ILE C 333 41.08 -19.63 -19.31
CA ILE C 333 41.39 -18.93 -18.08
C ILE C 333 41.06 -19.83 -16.90
N LEU C 334 42.10 -20.23 -16.17
CA LEU C 334 41.94 -21.16 -15.06
C LEU C 334 41.61 -20.39 -13.79
N SER C 335 40.56 -20.81 -13.09
CA SER C 335 40.22 -20.21 -11.82
C SER C 335 41.06 -20.82 -10.71
N THR C 336 42.38 -20.92 -10.96
CA THR C 336 43.30 -21.42 -9.95
C THR C 336 44.62 -20.64 -9.95
N GLU C 337 44.60 -19.39 -10.41
CA GLU C 337 45.84 -18.65 -10.63
C GLU C 337 46.62 -18.50 -9.34
N THR C 338 47.95 -18.47 -9.48
CA THR C 338 48.84 -18.62 -8.33
C THR C 338 48.65 -17.48 -7.32
N ALA C 339 49.06 -16.27 -7.70
CA ALA C 339 49.03 -15.11 -6.82
C ALA C 339 49.50 -13.86 -7.55
N VAL C 340 49.43 -12.71 -6.89
CA VAL C 340 49.94 -11.45 -7.44
C VAL C 340 50.58 -10.65 -6.31
N PRO C 341 51.90 -10.47 -6.31
CA PRO C 341 52.54 -9.71 -5.23
C PRO C 341 52.23 -8.23 -5.33
N SER C 342 52.39 -7.55 -4.19
CA SER C 342 52.16 -6.11 -4.09
C SER C 342 53.49 -5.39 -4.32
N VAL C 343 53.57 -4.63 -5.41
CA VAL C 343 54.79 -3.88 -5.71
C VAL C 343 54.68 -2.47 -5.14
N ALA C 344 55.80 -2.00 -4.59
CA ALA C 344 55.88 -0.65 -4.04
C ALA C 344 55.68 0.40 -5.14
N THR D 3 81.19 11.81 -12.96
CA THR D 3 79.84 12.27 -12.68
C THR D 3 79.30 13.02 -13.91
N LEU D 4 77.98 13.14 -13.99
CA LEU D 4 77.29 13.89 -15.04
C LEU D 4 77.39 13.17 -16.38
N GLY D 5 76.58 13.59 -17.35
CA GLY D 5 76.52 12.94 -18.64
C GLY D 5 75.13 12.98 -19.26
N ASN D 6 74.15 13.46 -18.50
CA ASN D 6 72.78 13.62 -18.99
C ASN D 6 72.59 15.08 -19.41
N THR D 7 73.27 15.47 -20.48
CA THR D 7 73.11 16.82 -21.01
C THR D 7 72.96 16.88 -22.52
N TYR D 8 73.45 15.90 -23.28
CA TYR D 8 73.25 15.86 -24.72
C TYR D 8 72.89 14.44 -25.11
N LEU D 9 72.39 14.29 -26.34
CA LEU D 9 72.07 12.98 -26.85
C LEU D 9 73.34 12.16 -27.04
N THR D 10 73.62 11.25 -26.11
CA THR D 10 74.84 10.46 -26.18
C THR D 10 74.67 9.35 -27.21
N LEU D 11 75.70 8.50 -27.34
CA LEU D 11 75.62 7.38 -28.25
C LEU D 11 74.64 6.32 -27.74
N ALA D 12 74.41 6.27 -26.43
CA ALA D 12 73.48 5.30 -25.88
C ALA D 12 72.06 5.55 -26.40
N ASP D 13 71.66 6.81 -26.52
CA ASP D 13 70.35 7.11 -27.06
C ASP D 13 70.25 6.71 -28.53
N VAL D 14 71.30 6.99 -29.30
CA VAL D 14 71.31 6.59 -30.71
C VAL D 14 71.16 5.09 -30.82
N GLN D 15 71.84 4.33 -29.97
CA GLN D 15 71.67 2.89 -29.97
C GLN D 15 70.25 2.50 -29.58
N LYS D 16 69.76 3.01 -28.44
CA LYS D 16 68.41 2.71 -28.01
C LYS D 16 67.40 3.67 -28.60
N GLN D 17 67.54 3.90 -29.90
CA GLN D 17 66.46 4.45 -30.70
C GLN D 17 66.42 3.78 -32.08
N LYS D 18 66.95 2.56 -32.18
CA LYS D 18 67.12 1.87 -33.45
C LYS D 18 66.33 0.58 -33.48
N ASP D 19 65.67 0.34 -34.61
CA ASP D 19 64.96 -0.91 -34.83
C ASP D 19 65.90 -1.94 -35.45
N GLY D 20 65.35 -3.06 -35.91
CA GLY D 20 66.15 -3.99 -36.67
C GLY D 20 66.57 -3.41 -38.01
N LYS D 21 67.64 -3.97 -38.57
CA LYS D 21 68.29 -3.52 -39.80
C LYS D 21 69.01 -2.19 -39.60
N GLY D 22 69.02 -1.65 -38.38
CA GLY D 22 69.84 -0.50 -38.06
C GLY D 22 69.25 0.85 -38.38
N ASN D 23 68.10 0.91 -39.05
CA ASN D 23 67.48 2.19 -39.34
C ASN D 23 66.97 2.82 -38.05
N VAL D 24 66.95 4.15 -38.02
CA VAL D 24 66.42 4.85 -36.84
C VAL D 24 64.90 4.70 -36.84
N THR D 25 64.34 4.40 -35.67
CA THR D 25 62.91 4.15 -35.55
C THR D 25 62.12 5.39 -35.91
N SER D 26 61.13 5.22 -36.80
CA SER D 26 60.20 6.28 -37.16
C SER D 26 58.87 6.14 -36.45
N GLU D 27 58.72 5.13 -35.59
CA GLU D 27 57.45 4.88 -34.91
C GLU D 27 57.78 4.35 -33.52
N ILE D 28 57.82 5.25 -32.54
CA ILE D 28 58.11 4.91 -31.16
C ILE D 28 56.91 5.32 -30.31
N ILE D 29 56.58 4.50 -29.32
CA ILE D 29 55.37 4.69 -28.54
C ILE D 29 55.64 5.65 -27.39
N GLU D 30 54.78 6.66 -27.27
CA GLU D 30 54.93 7.71 -26.26
C GLU D 30 54.35 7.21 -24.95
N MET D 31 55.20 6.58 -24.13
CA MET D 31 54.79 6.11 -22.83
C MET D 31 54.57 7.24 -21.84
N LEU D 32 54.94 8.47 -22.18
CA LEU D 32 54.75 9.62 -21.31
C LEU D 32 53.93 10.73 -21.96
N ALA D 33 53.18 10.42 -23.01
CA ALA D 33 52.30 11.41 -23.60
C ALA D 33 51.15 11.72 -22.66
N GLU D 34 50.57 12.91 -22.83
CA GLU D 34 49.48 13.37 -21.99
C GLU D 34 48.51 14.18 -22.83
N THR D 35 47.32 14.39 -22.30
CA THR D 35 46.28 15.18 -22.96
C THR D 35 46.02 16.44 -22.16
N ASN D 36 45.93 17.57 -22.87
CA ASN D 36 45.68 18.86 -22.24
C ASN D 36 44.76 19.67 -23.14
N PRO D 37 43.46 19.40 -23.10
CA PRO D 37 42.54 20.12 -23.99
C PRO D 37 42.43 21.60 -23.68
N ILE D 38 42.91 22.03 -22.51
CA ILE D 38 42.85 23.45 -22.16
C ILE D 38 43.61 24.28 -23.18
N LEU D 39 44.73 23.74 -23.68
CA LEU D 39 45.51 24.45 -24.69
C LEU D 39 44.71 24.65 -25.97
N GLU D 40 43.97 23.64 -26.39
CA GLU D 40 43.16 23.77 -27.61
C GLU D 40 41.98 24.72 -27.39
N ASP D 41 41.30 24.57 -26.25
CA ASP D 41 40.10 25.37 -26.01
C ASP D 41 40.45 26.84 -25.73
N MET D 42 41.66 27.09 -25.25
CA MET D 42 42.03 28.43 -24.84
C MET D 42 42.10 29.38 -26.04
N VAL D 43 41.72 30.63 -25.79
CA VAL D 43 41.83 31.69 -26.77
C VAL D 43 43.08 32.51 -26.46
N VAL D 44 43.88 32.78 -27.48
CA VAL D 44 45.11 33.55 -27.35
C VAL D 44 44.99 34.82 -28.18
N MET D 45 45.32 35.95 -27.57
CA MET D 45 45.24 37.24 -28.24
C MET D 45 46.54 38.01 -28.02
N GLU D 46 46.87 38.86 -28.99
CA GLU D 46 48.08 39.67 -28.88
C GLU D 46 47.93 40.68 -27.75
N CYS D 47 48.90 40.70 -26.84
CA CYS D 47 48.77 41.55 -25.66
C CYS D 47 48.64 43.02 -26.03
N ASN D 48 49.29 43.43 -27.12
CA ASN D 48 49.11 44.76 -27.71
C ASN D 48 49.39 45.88 -26.71
N ASP D 49 50.08 45.56 -25.61
CA ASP D 49 50.38 46.55 -24.57
C ASP D 49 51.60 46.05 -23.81
N GLY D 50 52.72 46.75 -23.96
CA GLY D 50 53.94 46.33 -23.29
C GLY D 50 53.85 46.41 -21.79
N THR D 51 53.11 47.40 -21.27
CA THR D 51 52.95 47.52 -19.82
C THR D 51 52.22 46.33 -19.23
N GLY D 52 51.44 45.61 -20.03
CA GLY D 52 50.68 44.48 -19.53
C GLY D 52 49.21 44.61 -19.84
N HIS D 53 48.53 43.47 -20.00
CA HIS D 53 47.11 43.49 -20.31
C HIS D 53 46.32 44.09 -19.14
N LEU D 54 45.31 44.88 -19.46
CA LEU D 54 44.54 45.61 -18.48
C LEU D 54 43.09 45.14 -18.47
N THR D 55 42.41 45.40 -17.36
CA THR D 55 40.99 45.13 -17.20
C THR D 55 40.46 46.08 -16.15
N THR D 56 39.27 46.61 -16.38
CA THR D 56 38.66 47.61 -15.49
C THR D 56 37.49 46.96 -14.75
N ILE D 57 37.72 46.60 -13.50
CA ILE D 57 36.65 46.04 -12.67
C ILE D 57 35.92 47.18 -11.98
N ARG D 58 34.60 47.15 -12.01
CA ARG D 58 33.81 48.07 -11.21
C ARG D 58 33.82 47.61 -9.76
N THR D 59 34.06 48.55 -8.86
CA THR D 59 34.11 48.26 -7.43
C THR D 59 33.33 49.32 -6.67
N GLY D 60 32.10 49.58 -7.12
CA GLY D 60 31.26 50.52 -6.42
C GLY D 60 30.16 51.09 -7.28
N LEU D 61 28.97 51.20 -6.73
CA LEU D 61 27.83 51.70 -7.49
C LEU D 61 27.35 53.02 -6.91
N PRO D 62 26.79 53.89 -7.73
CA PRO D 62 26.31 55.17 -7.21
C PRO D 62 25.06 55.02 -6.38
N GLN D 63 25.18 55.16 -5.06
CA GLN D 63 24.03 54.99 -4.17
C GLN D 63 23.21 56.28 -4.15
N ALA D 64 21.98 56.20 -4.62
CA ALA D 64 21.12 57.37 -4.73
C ALA D 64 20.53 57.72 -3.36
N THR D 65 19.70 58.76 -3.33
CA THR D 65 19.03 59.18 -2.10
C THR D 65 17.56 59.39 -2.36
N TRP D 66 16.76 59.18 -1.32
CA TRP D 66 15.33 59.47 -1.38
C TRP D 66 15.15 60.97 -1.31
N ARG D 67 14.81 61.58 -2.45
CA ARG D 67 14.82 63.02 -2.56
C ARG D 67 13.63 63.62 -1.82
N ARG D 68 13.92 64.39 -0.76
CA ARG D 68 12.90 65.27 -0.21
C ARG D 68 12.54 66.33 -1.22
N LEU D 69 11.30 66.81 -1.15
CA LEU D 69 10.77 67.64 -2.24
C LEU D 69 11.59 68.89 -2.49
N TYR D 70 12.38 69.34 -1.52
CA TYR D 70 13.22 70.51 -1.71
C TYR D 70 14.63 70.29 -1.17
N GLU D 71 15.14 69.07 -1.29
CA GLU D 71 16.50 68.77 -0.88
C GLU D 71 17.26 68.25 -2.08
N GLY D 72 18.39 68.89 -2.37
CA GLY D 72 19.23 68.47 -3.47
C GLY D 72 20.06 67.26 -3.12
N VAL D 73 20.29 66.41 -4.10
CA VAL D 73 21.07 65.19 -3.94
C VAL D 73 22.52 65.51 -4.30
N GLN D 74 23.43 65.07 -3.45
CA GLN D 74 24.85 65.18 -3.78
C GLN D 74 25.13 64.27 -4.97
N PRO D 75 25.77 64.77 -6.02
CA PRO D 75 25.98 63.94 -7.21
C PRO D 75 26.76 62.68 -6.88
N ALA D 76 26.47 61.62 -7.62
CA ALA D 76 27.04 60.32 -7.35
C ALA D 76 28.19 60.03 -8.30
N LYS D 77 28.89 58.92 -8.05
CA LYS D 77 30.04 58.54 -8.85
C LYS D 77 30.38 57.06 -8.67
N SER D 78 30.60 56.36 -9.76
CA SER D 78 31.03 54.97 -9.69
C SER D 78 32.54 54.88 -9.48
N THR D 79 32.98 53.74 -8.96
CA THR D 79 34.39 53.49 -8.72
C THR D 79 34.81 52.20 -9.42
N THR D 80 36.04 52.20 -9.93
CA THR D 80 36.55 51.05 -10.67
C THR D 80 37.91 50.64 -10.14
N ARG D 81 38.28 49.41 -10.45
CA ARG D 81 39.57 48.82 -10.10
C ARG D 81 40.26 48.42 -11.39
N GLN D 82 41.47 47.87 -11.28
CA GLN D 82 42.19 47.43 -12.47
C GLN D 82 43.00 46.18 -12.18
N ILE D 83 42.91 45.21 -13.09
CA ILE D 83 43.87 44.12 -13.15
C ILE D 83 44.93 44.44 -14.19
N LYS D 84 46.17 44.02 -13.90
CA LYS D 84 47.28 44.24 -14.82
C LYS D 84 48.04 42.92 -14.91
N ASP D 85 47.67 42.09 -15.89
CA ASP D 85 48.28 40.78 -16.01
C ASP D 85 49.63 40.86 -16.73
N SER D 86 50.36 39.75 -16.67
CA SER D 86 51.70 39.65 -17.24
C SER D 86 51.82 38.44 -18.14
N THR D 87 53.01 38.22 -18.68
CA THR D 87 53.28 37.04 -19.50
C THR D 87 54.51 36.34 -18.93
N GLY D 88 54.97 35.33 -19.63
CA GLY D 88 56.19 34.62 -19.28
C GLY D 88 56.91 34.22 -20.54
N THR D 89 57.85 33.29 -20.43
CA THR D 89 58.55 32.78 -21.61
C THR D 89 59.17 31.41 -21.33
N LEU D 90 58.91 30.45 -22.21
CA LEU D 90 59.45 29.11 -22.10
C LEU D 90 60.31 28.80 -23.31
N GLU D 91 61.53 28.30 -23.06
CA GLU D 91 62.50 28.08 -24.11
C GLU D 91 63.17 26.73 -23.92
N ALA D 92 63.47 26.06 -25.03
CA ALA D 92 64.20 24.81 -25.00
C ALA D 92 65.28 24.83 -26.07
N TRP D 93 66.29 23.98 -25.89
CA TRP D 93 67.41 23.95 -26.81
C TRP D 93 67.88 22.53 -27.04
N SER D 94 68.37 22.26 -28.24
CA SER D 94 68.96 20.98 -28.59
C SER D 94 70.42 21.18 -29.00
N GLU D 95 71.31 20.38 -28.44
CA GLU D 95 72.74 20.45 -28.77
C GLU D 95 73.25 19.02 -28.94
N VAL D 96 73.34 18.58 -30.19
CA VAL D 96 73.87 17.25 -30.51
C VAL D 96 75.11 17.43 -31.37
N ASP D 97 76.18 16.73 -31.01
CA ASP D 97 77.42 16.80 -31.77
C ASP D 97 77.18 16.30 -33.19
N GLU D 98 77.68 17.06 -34.17
CA GLU D 98 77.35 16.79 -35.56
C GLU D 98 77.89 15.44 -36.02
N LYS D 99 79.04 15.04 -35.51
CA LYS D 99 79.60 13.75 -35.90
C LYS D 99 78.67 12.61 -35.51
N LEU D 100 78.03 12.72 -34.35
CA LEU D 100 77.05 11.72 -33.95
C LEU D 100 75.87 11.70 -34.90
N VAL D 101 75.39 12.86 -35.33
CA VAL D 101 74.28 12.92 -36.27
C VAL D 101 74.66 12.22 -37.57
N LYS D 102 75.86 12.48 -38.07
CA LYS D 102 76.30 11.83 -39.30
C LYS D 102 76.51 10.33 -39.11
N LEU D 103 76.90 9.91 -37.90
CA LEU D 103 77.03 8.48 -37.62
C LEU D 103 75.68 7.77 -37.74
N SER D 104 74.63 8.39 -37.23
CA SER D 104 73.28 7.90 -37.49
C SER D 104 73.01 7.98 -38.98
N LYS D 105 72.74 6.85 -39.61
CA LYS D 105 72.62 6.78 -41.06
C LYS D 105 71.53 7.73 -41.54
N ASP D 106 70.46 7.85 -40.77
CA ASP D 106 69.39 8.80 -41.04
C ASP D 106 69.46 9.92 -40.02
N LYS D 107 69.56 11.16 -40.52
CA LYS D 107 69.66 12.32 -39.65
C LYS D 107 68.32 13.01 -39.46
N GLN D 108 67.41 12.89 -40.43
CA GLN D 108 66.09 13.50 -40.30
C GLN D 108 65.28 12.82 -39.20
N GLN D 109 65.43 11.50 -39.07
CA GLN D 109 64.62 10.76 -38.12
C GLN D 109 64.94 11.15 -36.69
N LEU D 110 66.23 11.29 -36.35
CA LEU D 110 66.60 11.69 -35.00
C LEU D 110 66.08 13.09 -34.70
N MET D 111 66.19 14.00 -35.67
CA MET D 111 65.67 15.35 -35.49
C MET D 111 64.17 15.34 -35.25
N LEU D 112 63.44 14.51 -36.00
CA LEU D 112 61.99 14.43 -35.82
C LEU D 112 61.64 13.87 -34.44
N ASN D 113 62.37 12.83 -34.00
CA ASN D 113 62.10 12.26 -32.68
C ASN D 113 62.33 13.28 -31.59
N GLU D 114 63.45 14.00 -31.65
CA GLU D 114 63.73 15.01 -30.64
C GLU D 114 62.74 16.15 -30.69
N ALA D 115 62.35 16.59 -31.89
CA ALA D 115 61.37 17.67 -32.00
C ALA D 115 60.04 17.26 -31.41
N ALA D 116 59.59 16.03 -31.68
CA ALA D 116 58.32 15.55 -31.13
C ALA D 116 58.38 15.51 -29.61
N ALA D 117 59.46 14.93 -29.07
CA ALA D 117 59.57 14.84 -27.62
C ALA D 117 59.61 16.22 -26.98
N PHE D 118 60.32 17.16 -27.60
CA PHE D 118 60.37 18.52 -27.08
C PHE D 118 59.01 19.19 -27.14
N LEU D 119 58.25 18.95 -28.22
CA LEU D 119 56.90 19.51 -28.30
C LEU D 119 56.03 18.98 -27.16
N GLU D 120 56.05 17.67 -26.91
CA GLU D 120 55.22 17.11 -25.84
C GLU D 120 55.65 17.64 -24.47
N GLY D 121 56.97 17.68 -24.21
CA GLY D 121 57.42 18.20 -22.93
C GLY D 121 57.05 19.66 -22.74
N MET D 122 57.17 20.45 -23.82
CA MET D 122 56.83 21.87 -23.74
C MET D 122 55.35 22.07 -23.48
N ASN D 123 54.49 21.31 -24.16
CA ASN D 123 53.06 21.42 -23.91
C ASN D 123 52.73 21.02 -22.48
N GLN D 124 53.34 19.93 -21.99
CA GLN D 124 53.05 19.49 -20.63
C GLN D 124 53.45 20.55 -19.62
N THR D 125 54.64 21.14 -19.79
CA THR D 125 55.10 22.14 -18.85
C THR D 125 54.23 23.39 -18.92
N MET D 126 53.84 23.82 -20.12
CA MET D 126 53.00 25.01 -20.24
C MET D 126 51.63 24.80 -19.62
N ALA D 127 51.05 23.61 -19.80
CA ALA D 127 49.73 23.35 -19.21
C ALA D 127 49.81 23.27 -17.69
N SER D 128 50.80 22.53 -17.18
CA SER D 128 50.98 22.49 -15.73
C SER D 128 51.31 23.87 -15.18
N THR D 129 51.86 24.76 -16.00
CA THR D 129 52.05 26.14 -15.57
C THR D 129 50.73 26.91 -15.54
N LEU D 130 49.90 26.73 -16.57
CA LEU D 130 48.57 27.32 -16.55
C LEU D 130 47.85 26.97 -15.26
N PHE D 131 47.98 25.72 -14.85
CA PHE D 131 47.35 25.29 -13.60
C PHE D 131 48.19 25.57 -12.37
N TYR D 132 49.45 25.96 -12.52
CA TYR D 132 50.30 26.17 -11.35
C TYR D 132 51.24 27.36 -11.57
N GLY D 133 50.74 28.44 -12.16
CA GLY D 133 51.62 29.56 -12.39
C GLY D 133 51.67 30.46 -11.17
N ASN D 134 52.67 30.26 -10.32
CA ASN D 134 52.68 30.93 -9.03
C ASN D 134 53.05 32.39 -9.16
N THR D 135 54.16 32.68 -9.86
CA THR D 135 54.64 34.05 -10.07
C THR D 135 54.81 34.79 -8.75
N ALA D 136 54.84 34.06 -7.65
CA ALA D 136 55.06 34.64 -6.33
C ALA D 136 56.20 33.89 -5.68
N THR D 137 56.37 32.63 -6.06
CA THR D 137 57.53 31.84 -5.71
C THR D 137 58.47 31.65 -6.90
N ASP D 138 58.07 32.10 -8.09
CA ASP D 138 58.87 31.94 -9.30
C ASP D 138 59.25 33.28 -9.91
N ALA D 139 58.28 34.17 -10.14
CA ALA D 139 58.43 35.53 -10.68
C ALA D 139 58.78 35.56 -12.16
N VAL D 140 58.71 34.44 -12.87
CA VAL D 140 58.96 34.39 -14.30
C VAL D 140 57.75 33.85 -15.05
N LYS D 141 57.23 32.71 -14.62
CA LYS D 141 56.06 32.12 -15.25
C LYS D 141 54.83 33.00 -14.99
N PHE D 142 53.91 32.99 -15.94
CA PHE D 142 52.69 33.77 -15.80
C PHE D 142 51.84 33.24 -14.65
N MET D 143 51.07 34.14 -14.04
CA MET D 143 50.18 33.78 -12.95
C MET D 143 48.77 33.53 -13.46
N GLY D 144 48.10 32.59 -12.83
CA GLY D 144 46.72 32.29 -13.17
C GLY D 144 46.22 30.98 -12.58
N LEU D 145 44.91 30.91 -12.36
CA LEU D 145 44.24 29.73 -11.83
C LEU D 145 44.67 29.45 -10.40
N ALA D 146 45.33 28.32 -10.14
CA ALA D 146 45.48 27.76 -8.80
C ALA D 146 45.95 28.76 -7.74
N PRO D 147 47.02 29.53 -7.95
CA PRO D 147 47.42 30.48 -6.91
C PRO D 147 46.58 31.74 -6.90
N ARG D 148 45.88 32.06 -7.99
CA ARG D 148 44.96 33.19 -7.97
C ARG D 148 43.82 32.94 -7.00
N PHE D 149 43.25 31.74 -7.01
CA PHE D 149 42.24 31.30 -6.05
C PHE D 149 42.93 30.35 -5.08
N ASN D 150 43.58 30.92 -4.07
CA ASN D 150 44.38 30.14 -3.12
C ASN D 150 43.86 30.29 -1.71
N ALA D 151 42.56 30.57 -1.56
CA ALA D 151 41.97 30.73 -0.25
C ALA D 151 40.45 30.60 -0.33
N TYR D 152 39.88 29.70 0.47
CA TYR D 152 38.45 29.50 0.49
C TYR D 152 37.83 30.29 1.64
N ARG D 153 36.75 31.02 1.35
CA ARG D 153 36.03 31.71 2.40
C ARG D 153 35.34 30.69 3.30
N ALA D 154 35.36 30.96 4.61
CA ALA D 154 34.75 30.05 5.56
C ALA D 154 33.26 29.90 5.29
N ALA D 155 32.56 31.01 5.06
CA ALA D 155 31.15 31.02 4.72
C ALA D 155 30.95 31.99 3.58
N ARG D 156 30.43 31.49 2.45
CA ARG D 156 30.32 32.29 1.23
C ARG D 156 29.51 33.55 1.45
N ASN D 157 29.89 34.63 0.78
CA ASN D 157 29.18 35.90 0.87
C ASN D 157 28.30 36.11 -0.36
N LEU D 158 27.75 35.03 -0.90
CA LEU D 158 26.78 35.07 -1.99
C LEU D 158 27.19 35.99 -3.13
N LYS D 159 26.33 36.95 -3.48
CA LYS D 159 26.65 37.85 -4.58
C LYS D 159 27.85 38.74 -4.29
N PRO D 160 27.95 39.44 -3.14
CA PRO D 160 29.19 40.17 -2.86
C PRO D 160 30.36 39.22 -2.75
N VAL D 161 31.29 39.28 -3.69
CA VAL D 161 32.31 38.25 -3.84
C VAL D 161 33.70 38.88 -3.84
N ASP D 162 34.67 38.08 -3.40
CA ASP D 162 36.08 38.37 -3.58
C ASP D 162 36.68 37.24 -4.40
N THR D 163 38.00 37.21 -4.57
CA THR D 163 38.59 36.06 -5.23
C THR D 163 38.45 34.79 -4.38
N ALA D 164 38.24 34.94 -3.08
CA ALA D 164 38.13 33.78 -2.21
C ALA D 164 36.79 33.06 -2.34
N ASP D 165 35.74 33.79 -2.74
CA ASP D 165 34.40 33.20 -2.74
C ASP D 165 34.30 32.05 -3.73
N GLN D 166 34.79 32.26 -4.94
CA GLN D 166 34.57 31.31 -6.04
C GLN D 166 35.21 29.98 -5.82
N VAL D 167 35.86 29.68 -4.71
CA VAL D 167 36.45 28.37 -4.49
C VAL D 167 35.72 27.71 -3.31
N ILE D 168 35.38 26.44 -3.47
CA ILE D 168 34.58 25.71 -2.50
C ILE D 168 35.47 24.71 -1.79
N ASP D 169 35.53 24.79 -0.47
CA ASP D 169 36.25 23.80 0.32
C ASP D 169 35.56 22.46 0.21
N ALA D 170 36.29 21.37 0.44
CA ALA D 170 35.68 20.05 0.44
C ALA D 170 36.19 19.20 1.60
N GLY D 171 36.64 19.84 2.68
CA GLY D 171 37.09 19.12 3.85
C GLY D 171 38.33 18.29 3.62
N GLY D 172 39.08 18.56 2.56
CA GLY D 172 40.28 17.80 2.26
C GLY D 172 41.47 18.24 3.06
N THR D 173 41.49 17.90 4.34
CA THR D 173 42.63 18.21 5.21
C THR D 173 43.64 17.07 5.21
N GLY D 174 44.01 16.62 4.02
CA GLY D 174 44.98 15.56 3.87
C GLY D 174 46.09 15.93 2.91
N SER D 175 46.81 14.94 2.41
CA SER D 175 47.92 15.16 1.50
C SER D 175 47.69 14.56 0.12
N ASP D 176 46.47 14.13 -0.18
CA ASP D 176 46.14 13.45 -1.42
C ASP D 176 45.10 14.21 -2.22
N LEU D 177 45.16 15.54 -2.18
CA LEU D 177 44.07 16.36 -2.66
C LEU D 177 44.11 16.50 -4.18
N THR D 178 43.14 17.24 -4.71
CA THR D 178 42.95 17.55 -6.12
C THR D 178 41.82 18.57 -6.18
N SER D 179 41.55 19.08 -7.38
CA SER D 179 40.53 20.12 -7.51
C SER D 179 39.92 20.13 -8.90
N ILE D 180 38.59 20.14 -8.96
CA ILE D 180 37.91 20.37 -10.23
C ILE D 180 38.03 21.85 -10.59
N TRP D 181 38.04 22.13 -11.88
CA TRP D 181 38.06 23.51 -12.35
C TRP D 181 36.93 23.72 -13.35
N MET D 182 36.25 24.85 -13.19
CA MET D 182 35.26 25.33 -14.16
C MET D 182 35.67 26.72 -14.62
N VAL D 183 35.81 26.90 -15.93
CA VAL D 183 36.26 28.17 -16.48
C VAL D 183 35.43 28.48 -17.71
N VAL D 184 35.42 29.76 -18.07
CA VAL D 184 34.84 30.23 -19.33
C VAL D 184 35.94 30.94 -20.11
N TRP D 185 36.22 30.45 -21.31
CA TRP D 185 37.30 30.98 -22.13
C TRP D 185 36.71 31.95 -23.15
N GLY D 186 36.53 33.21 -22.70
CA GLY D 186 35.92 34.22 -23.51
C GLY D 186 36.74 35.49 -23.53
N ASP D 187 36.33 36.41 -24.40
CA ASP D 187 37.05 37.67 -24.56
C ASP D 187 37.05 38.48 -23.27
N ARG D 188 35.91 38.52 -22.58
CA ARG D 188 35.78 39.30 -21.35
C ARG D 188 35.84 38.43 -20.10
N THR D 189 36.20 37.16 -20.23
CA THR D 189 36.32 36.28 -19.08
C THR D 189 37.77 35.85 -18.85
N ALA D 190 38.38 35.19 -19.83
CA ALA D 190 39.74 34.69 -19.70
C ALA D 190 40.22 34.23 -21.07
N HIS D 191 41.49 34.49 -21.35
CA HIS D 191 42.09 34.14 -22.63
C HIS D 191 43.60 34.08 -22.44
N GLY D 192 44.32 34.01 -23.56
CA GLY D 192 45.78 33.94 -23.55
C GLY D 192 46.38 35.20 -24.15
N LEU D 193 47.50 35.64 -23.60
CA LEU D 193 48.16 36.88 -24.01
C LEU D 193 49.58 36.56 -24.46
N TYR D 194 49.84 36.72 -25.76
CA TYR D 194 51.20 36.72 -26.25
C TYR D 194 51.58 38.15 -26.65
N PRO D 195 52.66 38.70 -26.12
CA PRO D 195 52.93 40.12 -26.29
C PRO D 195 53.28 40.46 -27.73
N GLU D 196 53.59 41.74 -27.94
CA GLU D 196 53.94 42.22 -29.28
C GLU D 196 55.16 41.46 -29.79
N GLY D 197 55.17 41.20 -31.09
CA GLY D 197 56.10 40.22 -31.60
C GLY D 197 55.73 38.87 -31.05
N THR D 198 56.74 38.03 -30.82
CA THR D 198 56.58 36.73 -30.15
C THR D 198 55.35 35.99 -30.68
N SER D 199 55.38 35.69 -31.97
CA SER D 199 54.26 35.10 -32.69
C SER D 199 53.61 33.97 -31.89
N ALA D 200 52.27 33.97 -31.86
CA ALA D 200 51.54 33.02 -31.06
C ALA D 200 51.79 31.59 -31.52
N GLY D 201 51.85 30.67 -30.57
CA GLY D 201 52.12 29.28 -30.85
C GLY D 201 53.55 28.91 -30.48
N LEU D 202 53.83 27.61 -30.58
CA LEU D 202 55.14 27.08 -30.23
C LEU D 202 56.12 27.43 -31.34
N GLN D 203 56.81 28.56 -31.16
CA GLN D 203 57.78 29.02 -32.16
C GLN D 203 58.97 28.07 -32.22
N ARG D 204 59.49 27.89 -33.44
CA ARG D 204 60.57 26.95 -33.70
C ARG D 204 61.66 27.66 -34.48
N GLU D 205 62.88 27.11 -34.40
CA GLU D 205 64.00 27.65 -35.15
C GLU D 205 65.08 26.59 -35.25
N TYR D 206 65.48 26.27 -36.48
CA TYR D 206 66.54 25.30 -36.73
C TYR D 206 67.82 26.06 -37.06
N LEU D 207 68.76 26.05 -36.13
CA LEU D 207 69.98 26.86 -36.23
C LEU D 207 71.13 26.11 -36.87
N GLY D 208 70.88 25.49 -38.03
CA GLY D 208 71.90 24.80 -38.80
C GLY D 208 72.89 24.00 -37.98
N ALA D 209 74.17 24.16 -38.27
CA ALA D 209 75.25 23.54 -37.51
C ALA D 209 76.20 24.62 -37.02
N GLU D 210 76.55 24.56 -35.73
CA GLU D 210 77.41 25.55 -35.12
C GLU D 210 78.55 24.86 -34.38
N THR D 211 79.41 25.65 -33.74
CA THR D 211 80.62 25.13 -33.11
C THR D 211 80.64 25.56 -31.66
N LYS D 212 80.69 24.59 -30.75
CA LYS D 212 80.78 24.88 -29.33
C LYS D 212 82.25 25.04 -28.92
N GLU D 213 82.46 25.72 -27.79
CA GLU D 213 83.80 25.89 -27.24
C GLU D 213 83.74 25.50 -25.77
N LEU D 214 84.59 24.57 -25.36
CA LEU D 214 84.61 24.12 -23.98
C LEU D 214 85.45 25.08 -23.13
N GLY D 215 85.60 24.76 -21.85
CA GLY D 215 86.29 25.63 -20.91
C GLY D 215 87.80 25.63 -21.06
N ASP D 216 88.44 24.49 -20.79
CA ASP D 216 89.89 24.41 -20.90
C ASP D 216 90.37 24.68 -22.31
N GLY D 217 89.54 24.41 -23.32
CA GLY D 217 89.92 24.61 -24.70
C GLY D 217 89.42 23.43 -25.52
N GLY D 218 89.05 23.73 -26.76
CA GLY D 218 88.54 22.70 -27.64
C GLY D 218 87.33 23.19 -28.40
N VAL D 219 87.03 22.54 -29.53
CA VAL D 219 85.90 22.92 -30.36
C VAL D 219 85.36 21.65 -30.99
N TYR D 220 84.04 21.60 -31.17
CA TYR D 220 83.42 20.52 -31.91
C TYR D 220 82.14 21.03 -32.53
N ARG D 221 81.92 20.71 -33.81
CA ARG D 221 80.75 21.19 -34.52
C ARG D 221 79.49 20.58 -33.91
N VAL D 222 78.51 21.43 -33.60
CA VAL D 222 77.27 20.99 -32.98
C VAL D 222 76.09 21.47 -33.83
N VAL D 223 75.10 20.60 -33.98
CA VAL D 223 73.84 20.95 -34.62
C VAL D 223 72.87 21.36 -33.53
N ARG D 224 72.20 22.48 -33.73
CA ARG D 224 71.34 23.05 -32.70
C ARG D 224 69.94 23.29 -33.24
N GLU D 225 68.98 23.33 -32.32
CA GLU D 225 67.59 23.60 -32.63
C GLU D 225 66.86 24.03 -31.37
N LYS D 226 66.13 25.13 -31.44
CA LYS D 226 65.51 25.72 -30.26
C LYS D 226 64.01 25.84 -30.48
N PHE D 227 63.25 25.73 -29.39
CA PHE D 227 61.80 25.85 -29.39
C PHE D 227 61.41 26.96 -28.44
N GLU D 228 60.49 27.81 -28.89
CA GLU D 228 60.14 29.03 -28.19
C GLU D 228 58.63 29.12 -28.03
N TRP D 229 58.19 29.55 -26.85
CA TRP D 229 56.75 29.71 -26.61
C TRP D 229 56.52 30.77 -25.54
N ASP D 230 55.73 31.79 -25.89
CA ASP D 230 55.39 32.88 -25.00
C ASP D 230 53.87 33.03 -24.95
N LEU D 231 53.34 33.10 -23.74
CA LEU D 231 51.92 33.31 -23.51
C LEU D 231 51.73 33.66 -22.04
N GLY D 232 50.50 34.04 -21.70
CA GLY D 232 50.13 34.33 -20.32
C GLY D 232 48.65 34.60 -20.22
N LEU D 233 47.96 33.99 -19.25
CA LEU D 233 46.51 34.09 -19.17
C LEU D 233 46.09 35.22 -18.23
N THR D 234 44.99 35.86 -18.59
CA THR D 234 44.39 36.89 -17.75
C THR D 234 42.98 36.44 -17.38
N VAL D 235 42.63 36.53 -16.10
CA VAL D 235 41.24 36.22 -15.68
C VAL D 235 40.49 37.54 -15.50
N ARG D 236 39.88 38.04 -16.58
CA ARG D 236 39.16 39.34 -16.53
C ARG D 236 38.02 39.26 -15.52
N ASP D 237 37.28 38.14 -15.52
CA ASP D 237 36.16 37.96 -14.57
C ASP D 237 36.39 36.71 -13.73
N PHE D 238 36.73 36.89 -12.44
CA PHE D 238 36.95 35.74 -11.54
C PHE D 238 35.63 34.96 -11.37
N ARG D 239 34.52 35.68 -11.27
CA ARG D 239 33.22 35.04 -11.10
C ARG D 239 33.01 33.93 -12.12
N TYR D 240 33.42 34.17 -13.37
CA TYR D 240 33.24 33.18 -14.43
C TYR D 240 34.09 31.94 -14.24
N VAL D 241 34.88 31.86 -13.18
CA VAL D 241 35.74 30.72 -12.92
C VAL D 241 35.58 30.29 -11.47
N VAL D 242 35.36 29.00 -11.26
CA VAL D 242 35.20 28.46 -9.91
C VAL D 242 36.03 27.20 -9.78
N ARG D 243 36.61 27.01 -8.59
CA ARG D 243 37.43 25.84 -8.30
C ARG D 243 36.86 25.14 -7.09
N ILE D 244 36.93 23.81 -7.08
CA ILE D 244 36.52 23.02 -5.92
C ILE D 244 37.80 22.50 -5.27
N ALA D 245 38.26 23.21 -4.24
CA ALA D 245 39.53 22.91 -3.62
C ALA D 245 39.41 21.80 -2.59
N ASN D 246 40.53 21.12 -2.34
CA ASN D 246 40.66 20.09 -1.31
C ASN D 246 39.75 18.89 -1.59
N ILE D 247 39.76 18.39 -2.82
CA ILE D 247 39.05 17.15 -3.10
C ILE D 247 39.97 15.99 -2.77
N ASP D 248 39.77 15.39 -1.59
CA ASP D 248 40.68 14.34 -1.13
C ASP D 248 40.46 13.07 -1.91
N VAL D 249 41.44 12.70 -2.74
CA VAL D 249 41.31 11.53 -3.60
C VAL D 249 41.25 10.26 -2.77
N SER D 250 41.99 10.21 -1.66
CA SER D 250 42.01 9.00 -0.84
C SER D 250 40.62 8.63 -0.34
N ASP D 251 39.72 9.62 -0.23
CA ASP D 251 38.33 9.36 0.10
C ASP D 251 37.39 9.65 -1.05
N LEU D 252 37.84 10.41 -2.06
CA LEU D 252 37.00 10.67 -3.23
C LEU D 252 36.63 9.39 -3.95
N GLN D 253 37.60 8.48 -4.11
CA GLN D 253 37.33 7.23 -4.78
C GLN D 253 36.32 6.40 -4.00
N ALA D 254 36.47 6.37 -2.67
CA ALA D 254 35.58 5.59 -1.83
C ALA D 254 34.16 6.14 -1.79
N GLY D 255 33.93 7.35 -2.29
CA GLY D 255 32.62 7.94 -2.29
C GLY D 255 32.24 8.61 -0.99
N THR D 256 33.08 8.52 0.05
CA THR D 256 32.79 9.15 1.33
C THR D 256 32.70 10.66 1.21
N ILE D 257 33.26 11.24 0.15
CA ILE D 257 33.11 12.66 -0.15
C ILE D 257 32.26 12.78 -1.40
N ASP D 258 31.20 13.57 -1.31
CA ASP D 258 30.32 13.77 -2.45
C ASP D 258 31.03 14.57 -3.53
N ILE D 259 30.55 14.43 -4.76
CA ILE D 259 31.08 15.14 -5.91
C ILE D 259 30.02 16.00 -6.57
N TYR D 260 28.85 15.41 -6.87
CA TYR D 260 27.82 16.15 -7.56
C TYR D 260 27.28 17.29 -6.72
N ALA D 261 27.30 17.14 -5.39
CA ALA D 261 26.95 18.26 -4.53
C ALA D 261 27.93 19.41 -4.71
N LEU D 262 29.23 19.09 -4.73
CA LEU D 262 30.23 20.13 -4.95
C LEU D 262 30.10 20.72 -6.34
N LEU D 263 29.77 19.89 -7.33
CA LEU D 263 29.55 20.40 -8.68
C LEU D 263 28.38 21.38 -8.71
N ARG D 264 27.29 21.05 -8.02
CA ARG D 264 26.13 21.94 -8.00
C ARG D 264 26.45 23.24 -7.27
N LYS D 265 27.19 23.14 -6.16
CA LYS D 265 27.62 24.36 -5.46
C LYS D 265 28.48 25.22 -6.36
N ALA D 266 29.40 24.62 -7.10
CA ALA D 266 30.24 25.36 -8.01
C ALA D 266 29.43 26.00 -9.13
N TYR D 267 28.43 25.27 -9.64
CA TYR D 267 27.59 25.82 -10.70
C TYR D 267 26.83 27.04 -10.20
N TYR D 268 26.32 26.97 -8.97
CA TYR D 268 25.57 28.11 -8.44
C TYR D 268 26.49 29.24 -7.98
N ARG D 269 27.78 28.96 -7.75
CA ARG D 269 28.75 30.02 -7.49
C ARG D 269 29.38 30.57 -8.76
N LEU D 270 29.17 29.91 -9.90
CA LEU D 270 29.64 30.46 -11.17
C LEU D 270 29.01 31.81 -11.41
N GLU D 271 27.69 31.90 -11.23
CA GLU D 271 26.97 33.15 -11.02
C GLU D 271 26.92 34.01 -12.27
N ASN D 272 27.68 33.66 -13.31
CA ASN D 272 27.60 34.41 -14.55
C ASN D 272 27.70 33.57 -15.82
N ARG D 273 27.80 32.24 -15.73
CA ARG D 273 27.59 31.48 -16.95
C ARG D 273 26.13 31.47 -17.35
N VAL D 274 25.22 31.79 -16.42
CA VAL D 274 23.79 31.89 -16.73
C VAL D 274 23.49 33.08 -17.63
N ILE D 275 24.48 33.90 -17.96
CA ILE D 275 24.33 34.97 -18.93
C ILE D 275 25.25 34.82 -20.13
N THR D 276 25.96 33.69 -20.21
CA THR D 276 26.70 33.27 -21.41
C THR D 276 27.75 34.32 -21.81
N GLY D 277 28.74 34.45 -20.94
CA GLY D 277 29.86 35.33 -21.21
C GLY D 277 30.95 34.78 -22.09
N GLY D 278 30.82 33.53 -22.55
CA GLY D 278 31.82 32.93 -23.41
C GLY D 278 31.53 31.47 -23.70
N ARG D 279 32.54 30.62 -23.59
CA ARG D 279 32.39 29.18 -23.73
C ARG D 279 32.92 28.52 -22.47
N ALA D 280 32.04 27.85 -21.73
CA ALA D 280 32.45 27.20 -20.50
C ALA D 280 33.15 25.88 -20.78
N ALA D 281 33.82 25.36 -19.75
CA ALA D 281 34.50 24.08 -19.82
C ALA D 281 34.88 23.65 -18.42
N LEU D 282 34.87 22.34 -18.19
CA LEU D 282 35.22 21.77 -16.90
C LEU D 282 36.39 20.83 -17.07
N TYR D 283 37.44 21.02 -16.28
CA TYR D 283 38.59 20.13 -16.26
C TYR D 283 38.66 19.40 -14.93
N CYS D 284 39.27 18.22 -14.96
CA CYS D 284 39.47 17.42 -13.76
C CYS D 284 40.44 16.31 -14.10
N ASN D 285 41.00 15.69 -13.08
CA ASN D 285 41.91 14.58 -13.28
C ASN D 285 41.13 13.28 -13.45
N ALA D 286 41.84 12.17 -13.61
CA ALA D 286 41.18 10.90 -13.87
C ALA D 286 40.42 10.40 -12.63
N ASP D 287 40.97 10.64 -11.44
CA ASP D 287 40.32 10.16 -10.22
C ASP D 287 38.95 10.80 -10.06
N VAL D 288 38.84 12.09 -10.36
CA VAL D 288 37.56 12.78 -10.22
C VAL D 288 36.55 12.18 -11.17
N THR D 289 36.94 11.95 -12.43
CA THR D 289 36.00 11.38 -13.39
C THR D 289 35.59 9.96 -13.01
N GLU D 290 36.54 9.17 -12.50
CA GLU D 290 36.22 7.82 -12.06
C GLU D 290 35.22 7.83 -10.92
N ALA D 291 35.50 8.68 -9.91
CA ALA D 291 34.57 8.80 -8.76
C ALA D 291 33.22 9.31 -9.27
N MET D 292 33.25 10.16 -10.30
CA MET D 292 31.99 10.74 -10.87
C MET D 292 31.07 9.60 -11.32
N ASP D 293 31.53 8.79 -12.29
CA ASP D 293 30.67 7.69 -12.82
C ASP D 293 30.32 6.76 -11.65
N ALA D 294 31.28 6.48 -10.76
CA ALA D 294 30.99 5.67 -9.57
C ALA D 294 29.72 6.21 -8.91
N ALA D 295 29.65 7.53 -8.70
CA ALA D 295 28.44 8.17 -8.14
C ALA D 295 27.26 7.97 -9.09
N ALA D 296 27.45 8.26 -10.37
CA ALA D 296 26.36 8.16 -11.34
C ALA D 296 25.94 6.71 -11.60
N THR D 297 26.65 5.74 -11.02
CA THR D 297 26.28 4.33 -11.15
C THR D 297 26.90 3.53 -10.01
N PRO D 298 26.24 3.45 -8.87
CA PRO D 298 26.81 2.75 -7.72
C PRO D 298 26.60 1.24 -7.79
N THR D 299 27.53 0.52 -7.21
CA THR D 299 27.38 -0.93 -7.11
C THR D 299 27.55 -1.44 -5.68
N SER D 300 28.50 -0.89 -4.93
CA SER D 300 28.66 -1.19 -3.51
C SER D 300 28.97 0.09 -2.75
N SER D 301 28.28 1.17 -3.12
CA SER D 301 28.55 2.48 -2.51
C SER D 301 28.31 2.47 -1.01
N THR D 302 27.39 1.61 -0.55
CA THR D 302 27.12 1.39 0.87
C THR D 302 26.41 2.59 1.49
N THR D 303 26.32 3.68 0.74
CA THR D 303 25.62 4.89 1.16
C THR D 303 24.88 5.46 -0.05
N ALA D 304 24.45 6.72 0.08
CA ALA D 304 23.87 7.53 -0.98
C ALA D 304 23.05 6.72 -1.98
N SER D 305 23.37 6.87 -3.27
CA SER D 305 22.85 5.98 -4.31
C SER D 305 21.34 6.14 -4.49
N TYR D 306 20.92 7.38 -4.70
CA TYR D 306 19.53 7.61 -5.09
C TYR D 306 19.33 7.31 -6.57
N VAL D 307 20.40 6.98 -7.29
CA VAL D 307 20.27 6.57 -8.67
C VAL D 307 19.65 5.17 -8.71
N ARG D 308 18.79 4.94 -9.70
CA ARG D 308 18.18 3.64 -9.91
C ARG D 308 18.48 3.18 -11.32
N LEU D 309 18.79 1.89 -11.47
CA LEU D 309 19.28 1.34 -12.73
C LEU D 309 18.35 0.28 -13.27
N THR D 310 18.13 0.31 -14.58
CA THR D 310 17.54 -0.79 -15.32
C THR D 310 18.62 -1.85 -15.46
N PRO D 311 18.27 -3.11 -15.76
CA PRO D 311 19.32 -4.14 -15.81
C PRO D 311 20.20 -4.12 -17.04
N MET D 312 19.93 -3.26 -18.01
CA MET D 312 20.74 -3.17 -19.21
C MET D 312 21.75 -2.03 -19.16
N GLN D 313 21.75 -1.23 -18.10
CA GLN D 313 22.63 -0.09 -17.99
C GLN D 313 23.42 -0.12 -16.69
N VAL D 314 23.58 -1.30 -16.09
CA VAL D 314 24.32 -1.44 -14.84
C VAL D 314 25.79 -1.11 -14.98
N ASP D 315 26.36 -1.22 -16.19
CA ASP D 315 27.80 -1.01 -16.36
C ASP D 315 28.20 0.44 -16.19
N GLY D 316 27.62 1.33 -17.00
CA GLY D 316 27.91 2.76 -16.87
C GLY D 316 28.31 3.41 -18.18
N LYS D 317 28.41 4.73 -18.16
CA LYS D 317 28.86 5.50 -19.32
C LYS D 317 29.67 6.67 -18.81
N GLU D 318 30.82 6.93 -19.44
CA GLU D 318 31.69 8.01 -18.99
C GLU D 318 31.02 9.36 -19.23
N VAL D 319 31.26 10.31 -18.33
CA VAL D 319 30.54 11.58 -18.38
C VAL D 319 31.09 12.43 -19.51
N MET D 320 30.22 12.74 -20.47
CA MET D 320 30.59 13.57 -21.60
C MET D 320 30.33 15.05 -21.33
N MET D 321 29.22 15.35 -20.66
CA MET D 321 28.90 16.72 -20.30
C MET D 321 28.24 16.72 -18.92
N TYR D 322 28.31 17.87 -18.26
CA TYR D 322 27.65 18.08 -16.98
C TYR D 322 26.87 19.37 -17.04
N ARG D 323 25.55 19.29 -16.87
CA ARG D 323 24.67 20.46 -16.85
C ARG D 323 24.84 21.29 -18.11
N GLY D 324 25.07 20.62 -19.24
CA GLY D 324 25.31 21.30 -20.49
C GLY D 324 26.72 21.85 -20.65
N ILE D 325 27.57 21.66 -19.66
CA ILE D 325 28.95 22.13 -19.70
C ILE D 325 29.84 20.96 -20.11
N PRO D 326 30.61 21.06 -21.18
CA PRO D 326 31.47 19.94 -21.58
C PRO D 326 32.53 19.64 -20.54
N VAL D 327 32.86 18.36 -20.42
CA VAL D 327 33.86 17.88 -19.48
C VAL D 327 35.01 17.28 -20.27
N ARG D 328 36.22 17.81 -20.07
CA ARG D 328 37.40 17.36 -20.78
C ARG D 328 38.52 17.15 -19.76
N GLU D 329 38.96 15.90 -19.63
CA GLU D 329 39.97 15.56 -18.63
C GLU D 329 41.33 16.10 -19.03
N CYS D 330 42.00 16.76 -18.09
CA CYS D 330 43.32 17.34 -18.31
C CYS D 330 44.32 16.62 -17.43
N ASP D 331 45.38 16.08 -18.04
CA ASP D 331 46.34 15.27 -17.29
C ASP D 331 47.23 16.13 -16.39
N ALA D 332 47.35 17.42 -16.70
CA ALA D 332 48.25 18.29 -15.94
C ALA D 332 47.80 18.50 -14.51
N ILE D 333 46.54 18.21 -14.20
CA ILE D 333 46.03 18.42 -12.85
C ILE D 333 46.59 17.34 -11.93
N LEU D 334 47.58 17.72 -11.12
CA LEU D 334 48.20 16.77 -10.22
C LEU D 334 47.24 16.37 -9.11
N SER D 335 47.30 15.09 -8.73
CA SER D 335 46.52 14.57 -7.62
C SER D 335 47.31 14.57 -6.32
N THR D 336 48.19 15.55 -6.13
CA THR D 336 48.89 15.74 -4.88
C THR D 336 48.92 17.21 -4.45
N GLU D 337 47.97 18.01 -4.92
CA GLU D 337 47.92 19.43 -4.58
C GLU D 337 47.86 19.62 -3.07
N THR D 338 48.63 20.60 -2.59
CA THR D 338 48.68 20.92 -1.17
C THR D 338 47.36 21.56 -0.72
N ALA D 339 47.23 21.76 0.58
CA ALA D 339 45.99 22.25 1.16
C ALA D 339 45.76 23.71 0.79
N VAL D 340 44.54 24.18 1.06
CA VAL D 340 44.14 25.54 0.76
C VAL D 340 43.82 26.26 2.07
N PRO D 341 44.40 27.42 2.33
CA PRO D 341 44.14 28.12 3.59
C PRO D 341 42.74 28.71 3.64
N SER D 342 42.30 28.98 4.87
CA SER D 342 40.97 29.48 5.16
C SER D 342 41.04 30.97 5.48
N VAL D 343 40.24 31.77 4.78
CA VAL D 343 40.21 33.20 5.00
C VAL D 343 38.89 33.58 5.65
N ALA D 344 38.78 34.84 6.05
CA ALA D 344 37.57 35.35 6.67
C ALA D 344 36.56 35.79 5.63
N THR E 3 37.11 68.69 1.89
CA THR E 3 37.90 67.66 2.54
C THR E 3 37.94 66.38 1.74
N LEU E 4 36.78 65.77 1.54
CA LEU E 4 36.70 64.50 0.82
C LEU E 4 36.81 64.73 -0.68
N GLY E 5 37.30 63.73 -1.39
CA GLY E 5 37.34 63.76 -2.85
C GLY E 5 36.20 63.00 -3.48
N ASN E 6 35.12 62.81 -2.72
CA ASN E 6 33.99 62.03 -3.20
C ASN E 6 33.33 62.72 -4.40
N THR E 7 32.44 61.96 -5.06
CA THR E 7 31.61 62.49 -6.14
C THR E 7 32.46 63.03 -7.29
N TYR E 8 31.81 63.63 -8.28
CA TYR E 8 32.41 64.42 -9.35
C TYR E 8 33.28 63.60 -10.31
N LEU E 9 33.40 62.29 -10.13
CA LEU E 9 34.19 61.44 -11.02
C LEU E 9 35.62 61.96 -11.16
N THR E 10 36.35 61.85 -10.05
CA THR E 10 37.71 62.37 -9.98
C THR E 10 38.60 61.71 -11.05
N LEU E 11 39.79 62.30 -11.21
CA LEU E 11 40.68 61.91 -12.30
C LEU E 11 41.21 60.50 -12.14
N ALA E 12 41.29 59.97 -10.92
CA ALA E 12 41.86 58.65 -10.72
C ALA E 12 41.05 57.58 -11.45
N ASP E 13 39.73 57.64 -11.33
CA ASP E 13 38.90 56.65 -12.03
C ASP E 13 39.03 56.79 -13.54
N VAL E 14 39.07 58.04 -14.04
CA VAL E 14 39.28 58.26 -15.47
C VAL E 14 40.58 57.61 -15.91
N GLN E 15 41.62 57.73 -15.08
CA GLN E 15 42.89 57.09 -15.38
C GLN E 15 42.73 55.58 -15.43
N LYS E 16 41.94 55.02 -14.52
CA LYS E 16 41.69 53.58 -14.54
C LYS E 16 40.61 53.17 -15.53
N GLN E 17 39.83 54.12 -16.02
CA GLN E 17 38.95 53.84 -17.15
C GLN E 17 39.66 53.98 -18.48
N LYS E 18 40.95 54.27 -18.46
CA LYS E 18 41.76 54.40 -19.67
C LYS E 18 42.39 53.06 -20.02
N ASP E 19 42.42 52.76 -21.31
CA ASP E 19 42.98 51.53 -21.83
C ASP E 19 44.50 51.62 -21.91
N GLY E 20 45.13 50.50 -22.29
CA GLY E 20 46.57 50.51 -22.52
C GLY E 20 46.96 51.46 -23.64
N LYS E 21 46.15 51.52 -24.69
CA LYS E 21 46.39 52.49 -25.77
C LYS E 21 46.11 53.92 -25.34
N GLY E 22 45.51 54.12 -24.16
CA GLY E 22 45.18 55.44 -23.68
C GLY E 22 43.75 55.87 -23.92
N ASN E 23 43.03 55.16 -24.79
CA ASN E 23 41.62 55.45 -25.00
C ASN E 23 40.79 54.98 -23.82
N VAL E 24 39.60 55.55 -23.69
CA VAL E 24 38.70 55.17 -22.60
C VAL E 24 38.12 53.79 -22.90
N THR E 25 38.22 52.88 -21.92
CA THR E 25 37.79 51.52 -22.14
C THR E 25 36.27 51.42 -22.23
N SER E 26 35.81 50.44 -23.01
CA SER E 26 34.40 50.09 -23.08
C SER E 26 34.15 48.69 -22.56
N GLU E 27 35.14 48.09 -21.91
CA GLU E 27 35.08 46.73 -21.41
C GLU E 27 35.15 46.72 -19.89
N ILE E 28 34.45 47.65 -19.25
CA ILE E 28 34.47 47.72 -17.78
C ILE E 28 33.81 46.46 -17.25
N ILE E 29 34.58 45.61 -16.58
CA ILE E 29 34.03 44.40 -15.98
C ILE E 29 33.10 44.80 -14.84
N GLU E 30 31.90 44.23 -14.83
CA GLU E 30 30.87 44.54 -13.84
C GLU E 30 30.82 43.39 -12.83
N MET E 31 31.69 43.44 -11.83
CA MET E 31 31.68 42.38 -10.83
C MET E 31 30.55 42.58 -9.82
N LEU E 32 30.18 43.81 -9.53
CA LEU E 32 29.09 44.10 -8.59
C LEU E 32 27.81 44.42 -9.35
N ALA E 33 27.29 43.40 -10.02
CA ALA E 33 26.04 43.50 -10.77
C ALA E 33 25.06 42.46 -10.24
N GLU E 34 23.80 42.87 -10.13
CA GLU E 34 22.74 42.05 -9.55
C GLU E 34 21.62 41.86 -10.55
N THR E 35 20.89 40.75 -10.40
CA THR E 35 19.70 40.47 -11.17
C THR E 35 18.49 40.53 -10.25
N ASN E 36 17.50 41.34 -10.63
CA ASN E 36 16.32 41.57 -9.80
C ASN E 36 15.07 41.51 -10.69
N PRO E 37 14.53 40.32 -10.92
CA PRO E 37 13.30 40.20 -11.72
C PRO E 37 12.08 40.78 -11.05
N ILE E 38 12.18 41.10 -9.76
CA ILE E 38 11.04 41.68 -9.05
C ILE E 38 10.62 42.99 -9.68
N LEU E 39 11.59 43.84 -10.04
CA LEU E 39 11.26 45.12 -10.65
C LEU E 39 10.54 44.94 -11.98
N GLU E 40 10.76 43.82 -12.65
CA GLU E 40 10.20 43.62 -13.98
C GLU E 40 8.83 42.97 -13.93
N ASP E 41 8.66 41.90 -13.17
CA ASP E 41 7.38 41.20 -13.18
C ASP E 41 6.34 41.87 -12.29
N MET E 42 6.73 42.81 -11.42
CA MET E 42 5.77 43.47 -10.56
C MET E 42 4.80 44.32 -11.38
N VAL E 43 3.54 44.30 -10.97
CA VAL E 43 2.49 45.06 -11.65
C VAL E 43 2.29 46.38 -10.93
N VAL E 44 2.19 47.46 -11.70
CA VAL E 44 2.05 48.80 -11.15
C VAL E 44 0.90 49.52 -11.84
N MET E 45 0.42 50.57 -11.17
CA MET E 45 -0.53 51.51 -11.73
C MET E 45 -0.49 52.79 -10.90
N GLU E 46 -1.32 53.75 -11.26
CA GLU E 46 -1.27 55.07 -10.67
C GLU E 46 -2.13 55.14 -9.42
N CYS E 47 -1.78 56.07 -8.52
CA CYS E 47 -2.60 56.32 -7.34
C CYS E 47 -4.00 56.78 -7.75
N ASN E 48 -4.06 57.76 -8.65
CA ASN E 48 -5.33 58.25 -9.19
C ASN E 48 -6.28 58.70 -8.08
N ASP E 49 -5.72 59.34 -7.05
CA ASP E 49 -6.52 59.86 -5.96
C ASP E 49 -5.72 60.93 -5.24
N GLY E 50 -6.42 61.84 -4.55
CA GLY E 50 -5.77 62.90 -3.82
C GLY E 50 -4.85 62.40 -2.72
N THR E 51 -5.42 61.67 -1.76
CA THR E 51 -4.63 61.09 -0.69
C THR E 51 -3.98 59.79 -1.19
N GLY E 52 -3.44 59.00 -0.27
CA GLY E 52 -2.77 57.77 -0.64
C GLY E 52 -3.72 56.69 -1.09
N HIS E 53 -3.18 55.52 -1.40
CA HIS E 53 -4.00 54.39 -1.84
C HIS E 53 -4.78 53.87 -0.64
N LEU E 54 -6.12 53.84 -0.76
CA LEU E 54 -6.99 53.46 0.35
C LEU E 54 -7.62 52.10 0.08
N THR E 55 -7.61 51.24 1.11
CA THR E 55 -8.20 49.92 1.03
C THR E 55 -9.10 49.70 2.23
N THR E 56 -10.24 49.05 2.00
CA THR E 56 -11.29 48.89 3.00
C THR E 56 -11.41 47.43 3.40
N ILE E 57 -11.45 47.18 4.71
CA ILE E 57 -11.40 45.83 5.26
C ILE E 57 -12.62 45.61 6.13
N ARG E 58 -13.04 44.35 6.23
CA ARG E 58 -14.04 43.93 7.20
C ARG E 58 -13.31 43.40 8.42
N THR E 59 -13.41 44.15 9.53
CA THR E 59 -12.73 43.78 10.78
C THR E 59 -13.69 43.15 11.77
N GLY E 60 -14.89 42.79 11.33
CA GLY E 60 -15.85 42.15 12.19
C GLY E 60 -17.17 41.85 11.51
N LEU E 61 -17.71 40.66 11.76
CA LEU E 61 -18.99 40.30 11.20
C LEU E 61 -20.07 40.34 12.27
N PRO E 62 -21.30 40.71 11.90
CA PRO E 62 -22.39 40.70 12.86
C PRO E 62 -22.67 39.29 13.36
N GLN E 63 -23.05 39.19 14.63
CA GLN E 63 -23.34 37.90 15.24
C GLN E 63 -24.79 37.52 15.01
N ALA E 64 -25.01 36.24 14.72
CA ALA E 64 -26.35 35.71 14.56
C ALA E 64 -26.85 35.11 15.87
N THR E 65 -28.17 35.01 15.98
CA THR E 65 -28.80 34.48 17.18
C THR E 65 -29.72 33.33 16.80
N TRP E 66 -30.04 32.49 17.77
CA TRP E 66 -30.88 31.32 17.55
C TRP E 66 -32.37 31.58 17.71
N ARG E 67 -32.83 32.72 18.02
CA ARG E 67 -34.28 33.08 17.93
C ARG E 67 -35.25 32.28 18.81
N ARG E 68 -34.96 32.19 20.18
CA ARG E 68 -36.02 31.59 20.99
C ARG E 68 -37.34 32.25 20.62
N LEU E 69 -38.36 31.46 20.36
CA LEU E 69 -39.61 32.02 19.87
C LEU E 69 -40.20 32.93 20.94
N TYR E 70 -40.67 34.10 20.52
CA TYR E 70 -41.08 35.18 21.41
C TYR E 70 -39.91 35.61 22.30
N GLU E 71 -38.75 35.76 21.66
CA GLU E 71 -37.59 36.37 22.31
C GLU E 71 -36.96 37.31 21.31
N GLY E 72 -36.73 38.55 21.72
CA GLY E 72 -36.28 39.57 20.79
C GLY E 72 -34.86 39.30 20.30
N VAL E 73 -34.58 39.78 19.10
CA VAL E 73 -33.27 39.64 18.47
C VAL E 73 -32.62 41.01 18.38
N GLN E 74 -31.37 41.10 18.82
CA GLN E 74 -30.66 42.36 18.77
C GLN E 74 -30.15 42.62 17.36
N PRO E 75 -30.38 43.80 16.81
CA PRO E 75 -29.91 44.11 15.46
C PRO E 75 -28.42 44.44 15.45
N ALA E 76 -27.64 43.68 14.70
CA ALA E 76 -26.19 43.77 14.76
C ALA E 76 -25.67 44.77 13.73
N LYS E 77 -24.35 44.75 13.50
CA LYS E 77 -23.69 45.75 12.67
C LYS E 77 -22.51 45.10 11.97
N SER E 78 -21.95 45.84 11.00
CA SER E 78 -20.75 45.44 10.29
C SER E 78 -19.67 46.48 10.52
N THR E 79 -18.49 46.03 10.96
CA THR E 79 -17.41 46.91 11.36
C THR E 79 -16.29 46.84 10.32
N THR E 80 -15.79 48.01 9.92
CA THR E 80 -14.81 48.11 8.85
C THR E 80 -13.58 48.89 9.30
N ARG E 81 -12.44 48.47 8.78
CA ARG E 81 -11.15 49.09 9.06
C ARG E 81 -10.41 49.30 7.74
N GLN E 82 -9.51 50.28 7.70
CA GLN E 82 -8.85 50.67 6.46
C GLN E 82 -7.34 50.73 6.64
N ILE E 83 -6.65 50.96 5.52
CA ILE E 83 -5.20 51.14 5.48
C ILE E 83 -4.87 52.06 4.31
N LYS E 84 -3.84 52.88 4.49
CA LYS E 84 -3.37 53.80 3.46
C LYS E 84 -2.02 53.35 2.92
N ASP E 85 -1.51 54.08 1.92
CA ASP E 85 -0.24 53.75 1.29
C ASP E 85 0.27 54.96 0.54
N SER E 86 1.49 54.85 0.01
CA SER E 86 2.15 55.96 -0.65
C SER E 86 3.23 55.46 -1.61
N THR E 87 3.77 56.39 -2.39
CA THR E 87 4.80 56.10 -3.38
C THR E 87 6.09 56.81 -3.00
N GLY E 88 7.18 56.04 -2.95
CA GLY E 88 8.49 56.62 -2.75
C GLY E 88 9.05 57.20 -4.02
N THR E 89 10.13 57.96 -3.87
CA THR E 89 10.77 58.64 -4.98
C THR E 89 12.28 58.62 -4.80
N LEU E 90 12.98 57.91 -5.68
CA LEU E 90 14.42 57.87 -5.70
C LEU E 90 14.95 58.75 -6.82
N GLU E 91 16.18 59.24 -6.64
CA GLU E 91 16.78 60.11 -7.65
C GLU E 91 18.29 60.01 -7.58
N ALA E 92 18.92 59.86 -8.74
CA ALA E 92 20.36 59.85 -8.85
C ALA E 92 20.79 60.90 -9.87
N TRP E 93 21.82 61.66 -9.54
CA TRP E 93 22.25 62.82 -10.34
C TRP E 93 23.72 62.69 -10.68
N SER E 94 24.02 62.54 -11.97
CA SER E 94 25.41 62.53 -12.41
C SER E 94 25.89 63.95 -12.68
N GLU E 95 27.17 64.17 -12.46
CA GLU E 95 27.78 65.47 -12.72
C GLU E 95 29.27 65.28 -12.97
N VAL E 96 29.76 65.89 -14.04
CA VAL E 96 31.19 65.85 -14.39
C VAL E 96 31.62 67.25 -14.79
N ASP E 97 32.92 67.40 -15.01
CA ASP E 97 33.51 68.64 -15.46
C ASP E 97 33.85 68.50 -16.94
N GLU E 98 33.40 69.47 -17.75
CA GLU E 98 33.65 69.39 -19.19
C GLU E 98 35.13 69.27 -19.50
N LYS E 99 35.98 69.89 -18.68
CA LYS E 99 37.41 69.75 -18.85
C LYS E 99 37.83 68.30 -18.71
N LEU E 100 37.27 67.61 -17.72
CA LEU E 100 37.66 66.22 -17.47
C LEU E 100 37.26 65.31 -18.63
N VAL E 101 36.05 65.49 -19.16
CA VAL E 101 35.62 64.63 -20.26
C VAL E 101 36.38 64.96 -21.54
N LYS E 102 36.64 66.25 -21.78
CA LYS E 102 37.42 66.62 -22.95
C LYS E 102 38.84 66.08 -22.87
N LEU E 103 39.41 66.04 -21.66
CA LEU E 103 40.75 65.49 -21.50
C LEU E 103 40.77 64.01 -21.87
N SER E 104 39.73 63.27 -21.50
CA SER E 104 39.59 61.91 -21.97
C SER E 104 39.44 61.90 -23.49
N LYS E 105 39.99 60.87 -24.13
CA LYS E 105 40.04 60.84 -25.59
C LYS E 105 38.64 60.81 -26.20
N ASP E 106 37.67 60.22 -25.50
CA ASP E 106 36.30 60.15 -25.98
C ASP E 106 35.37 60.75 -24.94
N LYS E 107 34.26 61.31 -25.41
CA LYS E 107 33.22 61.81 -24.53
C LYS E 107 32.01 60.90 -24.43
N GLN E 108 31.75 60.08 -25.45
CA GLN E 108 30.63 59.16 -25.39
C GLN E 108 30.92 58.00 -24.45
N GLN E 109 32.15 57.51 -24.45
CA GLN E 109 32.45 56.30 -23.69
C GLN E 109 32.37 56.53 -22.19
N LEU E 110 32.93 57.64 -21.71
CA LEU E 110 32.89 57.94 -20.28
C LEU E 110 31.46 58.07 -19.79
N MET E 111 30.63 58.82 -20.53
CA MET E 111 29.24 58.99 -20.14
C MET E 111 28.48 57.69 -20.21
N LEU E 112 28.77 56.86 -21.22
CA LEU E 112 28.10 55.57 -21.33
C LEU E 112 28.40 54.69 -20.12
N ASN E 113 29.67 54.64 -19.72
CA ASN E 113 30.04 53.83 -18.55
C ASN E 113 29.37 54.35 -17.29
N GLU E 114 29.40 55.68 -17.10
CA GLU E 114 28.79 56.24 -15.89
C GLU E 114 27.28 56.02 -15.88
N ALA E 115 26.63 56.14 -17.04
CA ALA E 115 25.19 55.91 -17.12
C ALA E 115 24.83 54.46 -16.83
N ALA E 116 25.63 53.51 -17.33
CA ALA E 116 25.38 52.12 -17.01
C ALA E 116 25.52 51.88 -15.51
N ALA E 117 26.53 52.48 -14.89
CA ALA E 117 26.69 52.37 -13.45
C ALA E 117 25.48 52.94 -12.72
N PHE E 118 24.98 54.09 -13.18
CA PHE E 118 23.82 54.70 -12.55
C PHE E 118 22.59 53.81 -12.66
N LEU E 119 22.36 53.24 -13.85
CA LEU E 119 21.21 52.35 -14.03
C LEU E 119 21.29 51.17 -13.08
N GLU E 120 22.44 50.51 -13.03
CA GLU E 120 22.54 49.34 -12.16
C GLU E 120 22.38 49.73 -10.69
N GLY E 121 22.98 50.85 -10.28
CA GLY E 121 22.86 51.26 -8.89
C GLY E 121 21.43 51.60 -8.51
N MET E 122 20.71 52.30 -9.38
CA MET E 122 19.31 52.61 -9.11
C MET E 122 18.47 51.35 -9.02
N ASN E 123 18.70 50.40 -9.93
CA ASN E 123 17.94 49.15 -9.88
C ASN E 123 18.20 48.41 -8.58
N GLN E 124 19.47 48.34 -8.16
CA GLN E 124 19.79 47.65 -6.91
C GLN E 124 19.17 48.35 -5.71
N THR E 125 19.21 49.68 -5.70
CA THR E 125 18.61 50.43 -4.59
C THR E 125 17.11 50.18 -4.52
N MET E 126 16.44 50.21 -5.67
CA MET E 126 14.99 50.00 -5.70
C MET E 126 14.63 48.60 -5.24
N ALA E 127 15.38 47.59 -5.67
CA ALA E 127 15.11 46.24 -5.20
C ALA E 127 15.34 46.14 -3.69
N SER E 128 16.40 46.77 -3.19
CA SER E 128 16.70 46.70 -1.76
C SER E 128 15.58 47.33 -0.94
N THR E 129 15.08 48.50 -1.38
CA THR E 129 14.04 49.16 -0.62
C THR E 129 12.70 48.43 -0.76
N LEU E 130 12.45 47.82 -1.91
CA LEU E 130 11.23 47.05 -2.07
C LEU E 130 11.22 45.85 -1.14
N PHE E 131 12.36 45.16 -1.00
CA PHE E 131 12.37 43.99 -0.14
C PHE E 131 12.63 44.32 1.33
N TYR E 132 13.47 45.31 1.62
CA TYR E 132 13.65 45.80 2.99
C TYR E 132 13.62 47.32 2.95
N GLY E 133 12.43 47.89 2.97
CA GLY E 133 12.32 49.31 3.15
C GLY E 133 11.34 49.65 4.25
N ASN E 134 11.84 50.18 5.35
CA ASN E 134 11.00 50.48 6.50
C ASN E 134 10.70 51.98 6.52
N THR E 135 9.42 52.31 6.56
CA THR E 135 8.99 53.70 6.64
C THR E 135 8.92 54.19 8.08
N ALA E 136 9.00 53.31 9.06
CA ALA E 136 8.99 53.75 10.45
C ALA E 136 10.29 54.48 10.80
N THR E 137 11.41 54.02 10.24
CA THR E 137 12.72 54.58 10.55
C THR E 137 13.27 55.49 9.48
N ASP E 138 12.54 55.72 8.39
CA ASP E 138 13.02 56.57 7.30
C ASP E 138 12.14 57.77 7.03
N ALA E 139 10.83 57.58 6.94
CA ALA E 139 9.83 58.62 6.72
C ALA E 139 9.99 59.32 5.38
N VAL E 140 10.84 58.82 4.47
CA VAL E 140 10.94 59.36 3.12
C VAL E 140 10.93 58.19 2.15
N LYS E 141 11.12 56.99 2.67
CA LYS E 141 11.09 55.77 1.87
C LYS E 141 9.62 55.40 1.61
N PHE E 142 9.38 54.17 1.16
CA PHE E 142 8.03 53.66 1.02
C PHE E 142 7.93 52.30 1.70
N MET E 143 6.70 51.96 2.10
CA MET E 143 6.42 50.80 2.93
C MET E 143 6.81 49.52 2.21
N GLY E 144 7.88 48.88 2.65
CA GLY E 144 8.37 47.71 1.96
C GLY E 144 7.63 46.45 2.37
N LEU E 145 8.29 45.30 2.25
CA LEU E 145 7.71 44.03 2.64
C LEU E 145 8.28 43.47 3.94
N ALA E 146 9.57 43.67 4.19
CA ALA E 146 10.15 43.25 5.47
C ALA E 146 9.57 43.99 6.67
N PRO E 147 9.34 45.31 6.63
CA PRO E 147 8.73 45.94 7.81
C PRO E 147 7.34 45.41 8.12
N ARG E 148 6.56 45.07 7.11
CA ARG E 148 5.41 44.19 7.32
C ARG E 148 5.91 42.78 7.59
N PHE E 149 5.08 41.97 8.23
CA PHE E 149 5.48 40.64 8.67
C PHE E 149 6.67 40.69 9.63
N ASN E 150 6.91 41.85 10.24
CA ASN E 150 8.12 42.03 11.05
C ASN E 150 8.18 41.10 12.24
N ALA E 151 7.03 40.63 12.72
CA ALA E 151 6.98 39.69 13.83
C ALA E 151 6.01 38.57 13.47
N TYR E 152 6.43 37.33 13.66
CA TYR E 152 5.64 36.18 13.28
C TYR E 152 4.89 35.61 14.48
N ARG E 153 3.92 34.76 14.20
CA ARG E 153 3.14 34.08 15.21
C ARG E 153 3.51 32.60 15.26
N ALA E 154 3.78 32.10 16.46
CA ALA E 154 4.17 30.70 16.62
C ALA E 154 2.95 29.79 16.56
N ALA E 155 2.04 29.92 17.51
CA ALA E 155 0.80 29.15 17.53
C ALA E 155 -0.13 29.75 16.49
N ARG E 156 0.03 29.28 15.25
CA ARG E 156 -0.70 29.85 14.14
C ARG E 156 -2.20 29.67 14.30
N ASN E 157 -2.93 30.78 14.22
CA ASN E 157 -4.37 30.72 14.12
C ASN E 157 -4.77 30.65 12.65
N LEU E 158 -6.07 30.53 12.41
CA LEU E 158 -6.54 30.34 11.03
C LEU E 158 -6.08 31.49 10.13
N LYS E 159 -6.58 32.69 10.37
CA LYS E 159 -6.08 33.85 9.64
C LYS E 159 -6.45 35.17 10.30
N PRO E 160 -5.94 35.47 11.50
CA PRO E 160 -6.27 36.75 12.14
C PRO E 160 -5.74 37.94 11.36
N VAL E 161 -6.17 39.13 11.77
CA VAL E 161 -5.89 40.35 11.01
C VAL E 161 -4.42 40.76 11.13
N ASP E 162 -3.72 40.29 12.16
CA ASP E 162 -2.30 40.59 12.23
C ASP E 162 -1.55 39.79 11.18
N THR E 163 -0.50 40.40 10.62
CA THR E 163 0.27 39.72 9.58
C THR E 163 1.10 38.59 10.15
N ALA E 164 1.23 38.52 11.48
CA ALA E 164 2.10 37.54 12.12
C ALA E 164 1.71 36.11 11.79
N ASP E 165 0.47 35.89 11.38
CA ASP E 165 0.03 34.54 11.06
C ASP E 165 0.51 34.07 9.70
N GLN E 166 0.91 34.99 8.81
CA GLN E 166 1.37 34.60 7.49
C GLN E 166 2.72 33.89 7.54
N VAL E 167 3.57 34.28 8.49
CA VAL E 167 4.98 33.88 8.44
C VAL E 167 5.18 32.49 9.03
N ILE E 168 6.15 31.77 8.48
CA ILE E 168 6.59 30.48 9.01
C ILE E 168 7.98 30.66 9.59
N ASP E 169 8.18 30.20 10.82
CA ASP E 169 9.48 30.25 11.45
C ASP E 169 10.20 28.91 11.22
N ALA E 170 11.40 28.98 10.66
CA ALA E 170 12.19 27.78 10.38
C ALA E 170 13.17 27.44 11.49
N GLY E 171 13.20 28.21 12.58
CA GLY E 171 14.08 27.95 13.68
C GLY E 171 15.39 28.71 13.66
N GLY E 172 15.67 29.45 12.59
CA GLY E 172 16.90 30.21 12.51
C GLY E 172 17.06 31.21 13.64
N THR E 173 18.23 31.24 14.26
CA THR E 173 18.48 32.04 15.44
C THR E 173 19.60 33.06 15.25
N GLY E 174 20.69 32.67 14.58
CA GLY E 174 21.88 33.50 14.52
C GLY E 174 21.83 34.59 13.47
N SER E 175 22.90 34.69 12.67
CA SER E 175 23.04 35.77 11.70
C SER E 175 22.99 35.29 10.26
N ASP E 176 22.78 34.00 10.02
CA ASP E 176 22.70 33.45 8.66
C ASP E 176 21.27 33.40 8.14
N LEU E 177 20.40 34.28 8.62
CA LEU E 177 18.97 34.13 8.43
C LEU E 177 18.53 34.79 7.13
N THR E 178 17.93 34.00 6.24
CA THR E 178 17.32 34.50 5.02
C THR E 178 15.81 34.28 5.08
N SER E 179 15.12 34.75 4.04
CA SER E 179 13.66 34.72 4.03
C SER E 179 13.17 34.58 2.60
N ILE E 180 12.35 33.57 2.34
CA ILE E 180 11.71 33.37 1.05
C ILE E 180 10.52 34.31 0.99
N TRP E 181 10.00 34.57 -0.21
CA TRP E 181 8.82 35.43 -0.35
C TRP E 181 7.93 34.89 -1.46
N MET E 182 6.65 34.71 -1.14
CA MET E 182 5.62 34.47 -2.14
C MET E 182 4.67 35.65 -2.14
N VAL E 183 4.51 36.28 -3.31
CA VAL E 183 3.62 37.43 -3.45
C VAL E 183 2.73 37.18 -4.66
N VAL E 184 1.45 37.53 -4.53
CA VAL E 184 0.51 37.47 -5.63
C VAL E 184 0.26 38.88 -6.11
N TRP E 185 0.54 39.13 -7.37
CA TRP E 185 0.42 40.47 -7.95
C TRP E 185 -0.88 40.58 -8.73
N GLY E 186 -1.69 41.56 -8.39
CA GLY E 186 -2.97 41.76 -9.05
C GLY E 186 -3.58 43.07 -8.60
N ASP E 187 -4.71 43.40 -9.22
CA ASP E 187 -5.34 44.70 -8.97
C ASP E 187 -5.84 44.81 -7.53
N ARG E 188 -6.45 43.74 -7.00
CA ARG E 188 -7.09 43.78 -5.70
C ARG E 188 -6.19 43.32 -4.57
N THR E 189 -5.12 42.61 -4.88
CA THR E 189 -4.33 41.94 -3.86
C THR E 189 -3.07 42.72 -3.48
N ALA E 190 -2.17 42.90 -4.45
CA ALA E 190 -0.90 43.54 -4.18
C ALA E 190 -0.29 43.98 -5.49
N HIS E 191 0.29 45.17 -5.50
CA HIS E 191 0.86 45.71 -6.72
C HIS E 191 1.71 46.94 -6.43
N GLY E 192 2.43 47.42 -7.43
CA GLY E 192 3.18 48.65 -7.28
C GLY E 192 2.34 49.88 -7.57
N LEU E 193 2.88 51.04 -7.19
CA LEU E 193 2.21 52.30 -7.40
C LEU E 193 3.22 53.35 -7.83
N TYR E 194 2.72 54.38 -8.48
CA TYR E 194 3.47 55.58 -8.82
C TYR E 194 2.46 56.70 -9.04
N PRO E 195 2.68 57.88 -8.47
CA PRO E 195 1.66 58.93 -8.55
C PRO E 195 1.41 59.34 -9.98
N GLU E 196 0.15 59.70 -10.27
CA GLU E 196 -0.21 60.16 -11.60
C GLU E 196 0.53 61.45 -11.92
N GLY E 197 0.95 61.58 -13.17
CA GLY E 197 1.80 62.68 -13.58
C GLY E 197 3.25 62.31 -13.77
N THR E 198 3.66 61.14 -13.30
CA THR E 198 4.99 60.59 -13.52
C THR E 198 4.87 59.42 -14.49
N SER E 199 5.98 58.71 -14.69
CA SER E 199 5.99 57.56 -15.59
C SER E 199 6.69 56.39 -14.92
N ALA E 200 6.27 55.18 -15.28
CA ALA E 200 6.82 53.97 -14.68
C ALA E 200 8.24 53.73 -15.19
N GLY E 201 9.02 53.01 -14.38
CA GLY E 201 10.39 52.71 -14.73
C GLY E 201 11.30 53.90 -14.50
N LEU E 202 12.56 53.72 -14.87
CA LEU E 202 13.56 54.76 -14.68
C LEU E 202 13.37 55.85 -15.71
N GLN E 203 13.20 57.09 -15.25
CA GLN E 203 13.03 58.22 -16.15
C GLN E 203 14.37 58.95 -16.31
N ARG E 204 15.21 58.36 -17.16
CA ARG E 204 16.53 58.93 -17.42
C ARG E 204 16.40 60.27 -18.16
N GLU E 205 17.21 61.23 -17.75
CA GLU E 205 17.23 62.54 -18.38
C GLU E 205 18.68 62.95 -18.64
N TYR E 206 18.87 63.72 -19.72
CA TYR E 206 20.20 64.19 -20.11
C TYR E 206 20.10 65.70 -20.33
N LEU E 207 20.55 66.48 -19.35
CA LEU E 207 20.43 67.93 -19.45
C LEU E 207 21.48 68.51 -20.38
N GLY E 208 22.71 67.97 -20.35
CA GLY E 208 23.78 68.52 -21.15
C GLY E 208 24.74 69.37 -20.34
N ALA E 209 25.37 70.34 -20.99
CA ALA E 209 26.33 71.19 -20.29
C ALA E 209 25.62 72.22 -19.43
N GLU E 210 26.19 72.49 -18.25
CA GLU E 210 25.64 73.47 -17.32
C GLU E 210 26.75 74.43 -16.93
N THR E 211 26.48 75.27 -15.92
CA THR E 211 27.39 76.36 -15.54
C THR E 211 27.54 76.42 -14.02
N LYS E 212 27.86 75.28 -13.40
CA LYS E 212 27.88 75.17 -11.94
C LYS E 212 28.66 76.30 -11.30
N GLU E 213 28.00 77.04 -10.42
CA GLU E 213 28.64 78.11 -9.67
C GLU E 213 29.12 77.57 -8.32
N LEU E 214 29.62 78.47 -7.48
CA LEU E 214 30.00 78.14 -6.12
C LEU E 214 29.66 79.32 -5.25
N GLY E 215 29.55 79.06 -3.95
CA GLY E 215 29.32 80.15 -3.01
C GLY E 215 30.43 81.17 -2.99
N ASP E 216 31.65 80.77 -3.37
CA ASP E 216 32.77 81.70 -3.39
C ASP E 216 32.57 82.75 -4.46
N GLY E 217 32.15 82.35 -5.65
CA GLY E 217 31.95 83.28 -6.74
C GLY E 217 32.39 82.74 -8.09
N GLY E 218 33.34 81.80 -8.08
CA GLY E 218 33.81 81.22 -9.31
C GLY E 218 32.76 80.32 -9.94
N VAL E 219 32.88 80.13 -11.24
CA VAL E 219 31.98 79.29 -12.02
C VAL E 219 32.81 78.46 -13.00
N TYR E 220 32.19 77.43 -13.56
CA TYR E 220 32.81 76.59 -14.57
C TYR E 220 31.75 75.66 -15.15
N ARG E 221 32.05 75.11 -16.32
CA ARG E 221 31.09 74.25 -17.01
C ARG E 221 31.02 72.88 -16.36
N VAL E 222 29.82 72.27 -16.43
CA VAL E 222 29.59 70.92 -15.95
C VAL E 222 28.60 70.24 -16.87
N VAL E 223 28.73 68.93 -17.00
CA VAL E 223 27.79 68.08 -17.73
C VAL E 223 27.06 67.21 -16.71
N ARG E 224 25.72 67.23 -16.75
CA ARG E 224 24.91 66.60 -15.72
C ARG E 224 23.86 65.69 -16.34
N GLU E 225 23.44 64.70 -15.56
CA GLU E 225 22.41 63.77 -15.95
C GLU E 225 21.48 63.53 -14.76
N LYS E 226 20.25 63.15 -15.06
CA LYS E 226 19.23 62.89 -14.05
C LYS E 226 18.74 61.46 -14.18
N PHE E 227 18.72 60.74 -13.07
CA PHE E 227 18.23 59.37 -13.01
C PHE E 227 17.18 59.31 -11.90
N GLU E 228 15.90 59.31 -12.27
CA GLU E 228 14.83 59.38 -11.31
C GLU E 228 13.87 58.20 -11.49
N TRP E 229 13.34 57.72 -10.36
CA TRP E 229 12.40 56.61 -10.34
C TRP E 229 11.46 56.77 -9.16
N ASP E 230 10.16 56.73 -9.43
CA ASP E 230 9.13 56.86 -8.40
C ASP E 230 8.37 55.55 -8.29
N LEU E 231 8.21 55.06 -7.07
CA LEU E 231 7.60 53.75 -6.88
C LEU E 231 6.89 53.71 -5.53
N GLY E 232 5.81 52.94 -5.47
CA GLY E 232 5.13 52.66 -4.23
C GLY E 232 4.58 51.25 -4.20
N LEU E 233 4.82 50.53 -3.10
CA LEU E 233 4.37 49.16 -2.97
C LEU E 233 3.15 49.09 -2.05
N THR E 234 2.16 48.31 -2.46
CA THR E 234 0.91 48.22 -1.74
C THR E 234 0.46 46.77 -1.64
N VAL E 235 0.18 46.32 -0.42
CA VAL E 235 -0.45 45.03 -0.19
C VAL E 235 -1.84 45.26 0.36
N ARG E 236 -2.84 45.26 -0.53
CA ARG E 236 -4.21 45.48 -0.09
C ARG E 236 -4.66 44.37 0.84
N ASP E 237 -4.50 43.13 0.42
CA ASP E 237 -4.91 41.97 1.20
C ASP E 237 -3.63 41.30 1.70
N PHE E 238 -3.38 41.39 3.01
CA PHE E 238 -2.12 40.86 3.52
C PHE E 238 -2.09 39.34 3.40
N ARG E 239 -3.23 38.69 3.32
CA ARG E 239 -3.23 37.24 3.16
C ARG E 239 -2.66 36.81 1.83
N TYR E 240 -2.45 37.75 0.92
CA TYR E 240 -1.92 37.47 -0.41
C TYR E 240 -0.40 37.38 -0.44
N VAL E 241 0.26 37.63 0.69
CA VAL E 241 1.70 37.53 0.83
C VAL E 241 2.06 36.64 2.00
N VAL E 242 2.97 35.70 1.77
CA VAL E 242 3.50 34.82 2.79
C VAL E 242 5.01 34.98 2.82
N ARG E 243 5.57 35.17 4.01
CA ARG E 243 7.01 35.34 4.18
C ARG E 243 7.54 34.25 5.11
N ILE E 244 8.20 33.25 4.53
CA ILE E 244 9.03 32.39 5.36
C ILE E 244 10.16 33.23 5.91
N ALA E 245 10.59 32.91 7.13
CA ALA E 245 11.60 33.74 7.78
C ALA E 245 12.44 32.86 8.70
N ASN E 246 13.60 33.40 9.08
CA ASN E 246 14.53 32.72 10.00
C ASN E 246 15.00 31.38 9.42
N ILE E 247 15.62 31.44 8.26
CA ILE E 247 16.23 30.26 7.63
C ILE E 247 17.73 30.38 7.80
N ASP E 248 18.33 29.49 8.59
CA ASP E 248 19.77 29.51 8.82
C ASP E 248 20.46 28.90 7.59
N VAL E 249 21.18 29.74 6.85
CA VAL E 249 21.75 29.31 5.58
C VAL E 249 22.78 28.21 5.79
N SER E 250 23.54 28.27 6.90
CA SER E 250 24.49 27.22 7.19
C SER E 250 23.81 25.87 7.29
N ASP E 251 22.77 25.77 8.11
CA ASP E 251 22.04 24.52 8.23
C ASP E 251 21.20 24.25 6.99
N LEU E 252 20.82 25.30 6.26
CA LEU E 252 20.08 25.11 5.02
C LEU E 252 20.92 24.36 3.99
N GLN E 253 22.20 24.73 3.87
CA GLN E 253 23.10 24.04 2.96
C GLN E 253 23.54 22.70 3.52
N ALA E 254 23.68 22.61 4.86
CA ALA E 254 24.11 21.36 5.47
C ALA E 254 23.10 20.25 5.24
N GLY E 255 21.83 20.59 5.01
CA GLY E 255 20.82 19.59 4.77
C GLY E 255 19.92 19.35 5.97
N THR E 256 19.61 20.41 6.71
CA THR E 256 18.74 20.33 7.87
C THR E 256 17.40 21.00 7.68
N ILE E 257 17.35 22.17 7.05
CA ILE E 257 16.12 22.89 6.80
C ILE E 257 15.61 22.41 5.44
N ASP E 258 14.74 21.41 5.45
CA ASP E 258 14.18 20.89 4.21
C ASP E 258 13.25 21.94 3.62
N ILE E 259 13.65 22.51 2.48
CA ILE E 259 12.96 23.69 1.97
C ILE E 259 11.59 23.37 1.42
N TYR E 260 11.32 22.11 1.07
CA TYR E 260 10.04 21.80 0.47
C TYR E 260 8.91 21.78 1.50
N ALA E 261 9.18 21.34 2.73
CA ALA E 261 8.16 21.41 3.77
C ALA E 261 7.78 22.85 4.06
N LEU E 262 8.78 23.73 4.18
CA LEU E 262 8.47 25.14 4.38
C LEU E 262 7.77 25.74 3.17
N LEU E 263 8.11 25.28 1.97
CA LEU E 263 7.41 25.76 0.79
C LEU E 263 5.95 25.35 0.83
N ARG E 264 5.66 24.11 1.25
CA ARG E 264 4.28 23.67 1.41
C ARG E 264 3.56 24.52 2.45
N LYS E 265 4.22 24.76 3.59
CA LYS E 265 3.60 25.55 4.65
C LYS E 265 3.28 26.96 4.17
N ALA E 266 4.21 27.56 3.42
CA ALA E 266 3.96 28.89 2.89
C ALA E 266 2.89 28.88 1.82
N TYR E 267 2.77 27.80 1.06
CA TYR E 267 1.68 27.68 0.10
C TYR E 267 0.33 27.61 0.81
N TYR E 268 0.25 26.86 1.90
CA TYR E 268 -1.03 26.68 2.57
C TYR E 268 -1.41 27.91 3.39
N ARG E 269 -0.46 28.54 4.06
CA ARG E 269 -0.75 29.81 4.70
C ARG E 269 -1.06 30.87 3.66
N LEU E 270 -0.77 30.61 2.40
CA LEU E 270 -1.29 31.35 1.27
C LEU E 270 -2.68 30.82 0.94
N GLU E 271 -3.57 30.82 1.95
CA GLU E 271 -4.97 30.36 1.73
C GLU E 271 -5.49 30.92 0.39
N ASN E 272 -5.36 32.23 0.19
CA ASN E 272 -5.89 32.87 -1.05
C ASN E 272 -4.95 32.55 -2.22
N ARG E 273 -5.07 33.28 -3.33
CA ARG E 273 -4.26 32.99 -4.54
C ARG E 273 -4.64 31.60 -5.05
N VAL E 274 -4.45 30.57 -4.20
CA VAL E 274 -4.86 29.19 -4.59
C VAL E 274 -6.30 29.28 -5.12
N ILE E 275 -7.15 30.06 -4.45
CA ILE E 275 -8.54 30.27 -4.95
C ILE E 275 -8.46 31.15 -6.19
N THR E 276 -7.78 32.30 -6.10
CA THR E 276 -7.64 33.24 -7.25
C THR E 276 -6.99 34.54 -6.75
N GLY E 277 -6.96 35.57 -7.59
CA GLY E 277 -6.40 36.87 -7.17
C GLY E 277 -5.53 37.52 -8.23
N GLY E 278 -4.72 36.72 -8.93
CA GLY E 278 -3.83 37.26 -9.96
C GLY E 278 -2.53 36.49 -10.06
N ARG E 279 -1.56 37.00 -10.81
CA ARG E 279 -0.25 36.31 -10.97
C ARG E 279 0.47 36.26 -9.62
N ALA E 280 1.30 35.24 -9.41
CA ALA E 280 2.05 35.12 -8.17
C ALA E 280 3.50 34.76 -8.46
N ALA E 281 4.33 34.83 -7.42
CA ALA E 281 5.77 34.66 -7.58
C ALA E 281 6.38 34.07 -6.31
N LEU E 282 7.65 33.69 -6.41
CA LEU E 282 8.38 33.00 -5.35
C LEU E 282 9.75 33.61 -5.15
N TYR E 283 9.80 34.93 -4.95
CA TYR E 283 11.08 35.64 -4.88
C TYR E 283 11.98 35.08 -3.79
N CYS E 284 13.26 34.89 -4.14
CA CYS E 284 14.23 34.28 -3.25
C CYS E 284 15.64 34.58 -3.76
N ASN E 285 16.62 34.32 -2.91
CA ASN E 285 18.02 34.54 -3.26
C ASN E 285 18.62 33.26 -3.84
N ALA E 286 19.94 33.24 -4.02
CA ALA E 286 20.59 32.12 -4.69
C ALA E 286 20.64 30.89 -3.80
N ASP E 287 20.86 31.06 -2.50
CA ASP E 287 20.93 29.91 -1.61
C ASP E 287 19.65 29.09 -1.67
N VAL E 288 18.51 29.76 -1.80
CA VAL E 288 17.22 29.06 -1.75
C VAL E 288 17.06 28.19 -2.98
N THR E 289 17.34 28.74 -4.16
CA THR E 289 17.24 27.93 -5.38
C THR E 289 18.26 26.81 -5.36
N GLU E 290 19.43 27.06 -4.80
CA GLU E 290 20.41 25.99 -4.68
C GLU E 290 19.89 24.88 -3.80
N ALA E 291 19.25 25.22 -2.69
CA ALA E 291 18.70 24.20 -1.80
C ALA E 291 17.54 23.46 -2.44
N MET E 292 16.71 24.17 -3.22
CA MET E 292 15.64 23.51 -3.94
C MET E 292 16.19 22.52 -4.95
N ASP E 293 17.27 22.90 -5.64
CA ASP E 293 17.95 21.96 -6.52
C ASP E 293 18.53 20.79 -5.73
N ALA E 294 19.07 21.06 -4.55
CA ALA E 294 19.65 19.99 -3.73
C ALA E 294 18.60 18.97 -3.34
N ALA E 295 17.42 19.44 -2.93
CA ALA E 295 16.37 18.53 -2.52
C ALA E 295 15.74 17.83 -3.73
N ALA E 296 15.68 18.51 -4.88
CA ALA E 296 15.05 17.92 -6.05
C ALA E 296 15.90 16.82 -6.66
N THR E 297 17.22 16.90 -6.51
CA THR E 297 18.14 15.93 -7.12
C THR E 297 19.04 15.38 -6.03
N PRO E 298 18.55 14.41 -5.27
CA PRO E 298 19.27 13.96 -4.09
C PRO E 298 20.54 13.19 -4.44
N THR E 299 21.47 13.22 -3.50
CA THR E 299 22.82 12.66 -3.62
C THR E 299 23.21 12.17 -2.23
N SER E 300 24.50 12.01 -1.97
CA SER E 300 24.90 11.67 -0.61
C SER E 300 24.65 12.86 0.29
N SER E 301 23.37 13.20 0.46
CA SER E 301 22.94 14.41 1.12
C SER E 301 21.78 14.06 2.05
N THR E 302 21.56 14.91 3.03
CA THR E 302 20.57 14.69 4.08
C THR E 302 20.84 13.33 4.71
N THR E 303 19.79 12.65 5.15
CA THR E 303 19.90 11.28 5.63
C THR E 303 18.88 10.38 4.94
N ALA E 304 17.82 10.95 4.36
CA ALA E 304 16.84 10.17 3.63
C ALA E 304 16.08 11.07 2.67
N SER E 305 15.73 10.54 1.50
CA SER E 305 14.94 11.28 0.54
C SER E 305 14.13 10.30 -0.30
N TYR E 306 13.10 10.81 -0.95
CA TYR E 306 12.22 9.94 -1.78
C TYR E 306 12.19 10.47 -3.21
N VAL E 307 13.37 10.64 -3.83
CA VAL E 307 13.43 11.10 -5.25
C VAL E 307 14.55 10.33 -5.96
N ARG E 308 14.14 9.15 -6.55
CA ARG E 308 15.11 8.32 -7.32
C ARG E 308 15.54 9.07 -8.59
N LEU E 309 16.83 8.88 -9.00
CA LEU E 309 17.28 9.65 -10.20
C LEU E 309 17.81 8.70 -11.28
N THR E 310 17.25 8.76 -12.49
CA THR E 310 17.74 7.97 -13.60
C THR E 310 19.23 8.30 -13.76
N PRO E 311 20.06 7.36 -14.25
CA PRO E 311 21.50 7.66 -14.30
C PRO E 311 21.84 8.83 -15.21
N MET E 312 20.99 9.13 -16.19
CA MET E 312 21.29 10.24 -17.08
C MET E 312 20.97 11.61 -16.49
N GLN E 313 20.34 11.65 -15.31
CA GLN E 313 19.99 12.93 -14.69
C GLN E 313 20.48 13.03 -13.26
N VAL E 314 21.63 12.44 -12.95
CA VAL E 314 22.13 12.44 -11.58
C VAL E 314 22.76 13.79 -11.26
N ASP E 315 22.89 14.64 -12.27
CA ASP E 315 23.49 15.96 -12.09
C ASP E 315 22.48 16.97 -11.56
N GLY E 316 21.38 17.17 -12.28
CA GLY E 316 20.31 18.03 -11.85
C GLY E 316 19.89 19.01 -12.92
N LYS E 317 18.90 19.82 -12.59
CA LYS E 317 18.40 20.86 -13.47
C LYS E 317 18.20 22.12 -12.64
N GLU E 318 17.88 23.22 -13.31
CA GLU E 318 17.62 24.49 -12.65
C GLU E 318 16.11 24.62 -12.48
N VAL E 319 15.66 24.66 -11.21
CA VAL E 319 14.24 24.77 -10.94
C VAL E 319 13.74 26.13 -11.38
N MET E 320 12.66 26.14 -12.15
CA MET E 320 12.13 27.37 -12.71
C MET E 320 10.81 27.80 -12.07
N MET E 321 9.88 26.87 -11.92
CA MET E 321 8.56 27.18 -11.38
C MET E 321 8.21 26.21 -10.26
N TYR E 322 7.40 26.69 -9.32
CA TYR E 322 6.98 25.91 -8.16
C TYR E 322 5.46 25.76 -8.19
N ARG E 323 4.99 24.57 -8.55
CA ARG E 323 3.56 24.28 -8.65
C ARG E 323 2.87 25.30 -9.56
N GLY E 324 3.59 25.70 -10.60
CA GLY E 324 3.12 26.72 -11.51
C GLY E 324 3.53 28.13 -11.14
N ILE E 325 3.89 28.36 -9.88
CA ILE E 325 4.37 29.68 -9.45
C ILE E 325 5.79 29.79 -9.97
N PRO E 326 6.14 30.86 -10.68
CA PRO E 326 7.52 30.99 -11.18
C PRO E 326 8.46 31.37 -10.05
N VAL E 327 9.61 30.69 -10.01
CA VAL E 327 10.62 30.94 -8.97
C VAL E 327 11.54 32.02 -9.52
N ARG E 328 11.11 33.27 -9.33
CA ARG E 328 11.90 34.42 -9.80
C ARG E 328 12.96 34.72 -8.75
N GLU E 329 14.10 34.05 -8.87
CA GLU E 329 15.21 34.30 -7.96
C GLU E 329 15.70 35.74 -8.10
N CYS E 330 15.84 36.41 -6.96
CA CYS E 330 16.22 37.81 -6.94
C CYS E 330 17.42 38.01 -6.03
N ASP E 331 18.19 39.07 -6.30
CA ASP E 331 19.40 39.34 -5.55
C ASP E 331 19.20 40.32 -4.41
N ALA E 332 18.07 41.03 -4.39
CA ALA E 332 17.84 42.01 -3.34
C ALA E 332 17.81 41.37 -1.96
N ILE E 333 17.30 40.14 -1.87
CA ILE E 333 17.24 39.45 -0.59
C ILE E 333 18.64 39.13 -0.13
N LEU E 334 18.93 39.47 1.13
CA LEU E 334 20.23 39.21 1.74
C LEU E 334 20.17 37.96 2.60
N SER E 335 21.35 37.50 2.99
CA SER E 335 21.51 36.43 3.96
C SER E 335 21.84 36.97 5.35
N THR E 336 21.65 38.28 5.55
CA THR E 336 21.97 38.93 6.81
C THR E 336 20.75 39.61 7.41
N GLU E 337 19.56 39.08 7.15
CA GLU E 337 18.35 39.69 7.69
C GLU E 337 18.31 39.55 9.21
N THR E 338 17.67 40.52 9.86
CA THR E 338 17.52 40.49 11.29
C THR E 338 16.55 39.38 11.70
N ALA E 339 16.50 39.12 13.00
CA ALA E 339 15.62 38.08 13.53
C ALA E 339 14.16 38.52 13.39
N VAL E 340 13.27 37.54 13.47
CA VAL E 340 11.83 37.83 13.46
C VAL E 340 11.25 37.31 14.77
N PRO E 341 11.00 38.18 15.75
CA PRO E 341 10.57 37.71 17.07
C PRO E 341 9.24 36.99 17.02
N SER E 342 9.12 35.96 17.85
CA SER E 342 7.88 35.20 17.93
C SER E 342 6.83 35.94 18.75
N VAL E 343 5.58 35.88 18.28
CA VAL E 343 4.47 36.52 18.95
C VAL E 343 3.38 35.48 19.18
N ALA E 344 2.82 35.49 20.38
CA ALA E 344 1.72 34.60 20.70
C ALA E 344 0.51 34.94 19.85
N THR F 3 -23.76 56.20 26.13
CA THR F 3 -22.97 55.20 26.83
C THR F 3 -22.61 54.06 25.89
N LEU F 4 -23.04 54.21 24.64
CA LEU F 4 -22.82 53.18 23.64
C LEU F 4 -23.17 53.73 22.25
N GLY F 5 -22.52 53.19 21.21
CA GLY F 5 -22.79 53.66 19.87
C GLY F 5 -22.70 52.56 18.81
N ASN F 6 -22.65 51.31 19.24
CA ASN F 6 -22.52 50.19 18.32
C ASN F 6 -23.86 49.54 17.99
N THR F 7 -24.96 50.25 18.22
CA THR F 7 -26.27 49.69 17.93
C THR F 7 -26.46 49.47 16.43
N TYR F 8 -26.18 50.50 15.62
CA TYR F 8 -26.46 50.42 14.20
C TYR F 8 -25.33 51.04 13.40
N LEU F 9 -25.44 51.04 12.07
CA LEU F 9 -24.46 51.71 11.23
C LEU F 9 -24.52 53.21 11.49
N THR F 10 -23.36 53.84 11.53
CA THR F 10 -23.21 55.24 11.87
C THR F 10 -22.36 55.93 10.82
N LEU F 11 -22.05 57.20 11.08
CA LEU F 11 -21.20 57.96 10.17
C LEU F 11 -19.82 57.33 10.03
N ALA F 12 -19.24 56.93 11.16
CA ALA F 12 -17.88 56.40 11.12
C ALA F 12 -17.81 55.15 10.26
N ASP F 13 -18.77 54.25 10.41
CA ASP F 13 -18.70 52.97 9.70
C ASP F 13 -18.82 53.16 8.20
N VAL F 14 -19.78 53.99 7.75
CA VAL F 14 -19.91 54.23 6.32
C VAL F 14 -18.68 54.97 5.80
N GLN F 15 -18.16 55.92 6.58
CA GLN F 15 -16.97 56.65 6.15
C GLN F 15 -15.81 55.70 5.91
N LYS F 16 -15.51 54.85 6.89
CA LYS F 16 -14.47 53.84 6.71
C LYS F 16 -14.85 52.82 5.65
N GLN F 17 -16.11 52.75 5.26
CA GLN F 17 -16.51 51.93 4.12
C GLN F 17 -16.37 52.65 2.79
N LYS F 18 -16.02 53.94 2.81
CA LYS F 18 -15.84 54.72 1.60
C LYS F 18 -14.39 54.56 1.11
N ASP F 19 -14.04 55.30 0.06
CA ASP F 19 -12.68 55.30 -0.46
C ASP F 19 -12.23 56.74 -0.66
N GLY F 20 -11.01 56.90 -1.18
CA GLY F 20 -10.48 58.23 -1.42
C GLY F 20 -11.24 58.99 -2.49
N LYS F 21 -11.83 58.27 -3.45
CA LYS F 21 -12.58 58.92 -4.52
C LYS F 21 -13.78 59.67 -3.96
N GLY F 22 -14.47 59.09 -2.98
CA GLY F 22 -15.62 59.72 -2.39
C GLY F 22 -16.91 58.94 -2.61
N ASN F 23 -16.77 57.64 -2.85
CA ASN F 23 -17.89 56.76 -3.11
C ASN F 23 -17.72 55.48 -2.30
N VAL F 24 -18.85 54.83 -2.01
CA VAL F 24 -18.80 53.57 -1.29
C VAL F 24 -18.11 52.53 -2.14
N THR F 25 -17.13 51.85 -1.56
CA THR F 25 -16.31 50.90 -2.30
C THR F 25 -17.12 49.68 -2.73
N SER F 26 -16.79 49.17 -3.90
CA SER F 26 -17.30 47.89 -4.37
C SER F 26 -16.34 46.74 -4.05
N GLU F 27 -15.28 47.01 -3.29
CA GLU F 27 -14.27 46.00 -2.99
C GLU F 27 -13.83 46.17 -1.54
N ILE F 28 -14.36 45.33 -0.67
CA ILE F 28 -13.92 45.24 0.72
C ILE F 28 -13.23 43.89 0.89
N ILE F 29 -11.97 43.92 1.31
CA ILE F 29 -11.22 42.68 1.51
C ILE F 29 -11.74 42.02 2.78
N GLU F 30 -12.35 40.84 2.62
CA GLU F 30 -12.95 40.12 3.74
C GLU F 30 -11.93 39.15 4.30
N MET F 31 -11.07 39.67 5.19
CA MET F 31 -10.12 38.79 5.87
C MET F 31 -10.80 37.94 6.94
N LEU F 32 -12.07 38.16 7.21
CA LEU F 32 -12.84 37.24 8.06
C LEU F 32 -13.74 36.32 7.26
N ALA F 33 -13.68 36.37 5.93
CA ALA F 33 -14.46 35.46 5.12
C ALA F 33 -13.91 34.04 5.28
N GLU F 34 -14.75 33.07 4.91
CA GLU F 34 -14.39 31.67 5.08
C GLU F 34 -14.93 30.89 3.89
N THR F 35 -14.29 29.76 3.61
CA THR F 35 -14.80 28.80 2.65
C THR F 35 -15.58 27.75 3.42
N ASN F 36 -16.85 27.57 3.04
CA ASN F 36 -17.78 26.74 3.81
C ASN F 36 -18.54 25.86 2.82
N PRO F 37 -17.85 24.90 2.20
CA PRO F 37 -18.46 24.15 1.09
C PRO F 37 -19.69 23.37 1.47
N ILE F 38 -19.79 22.90 2.72
CA ILE F 38 -20.92 22.05 3.09
C ILE F 38 -22.24 22.78 2.94
N LEU F 39 -22.22 24.11 3.04
CA LEU F 39 -23.44 24.88 2.81
C LEU F 39 -23.84 24.89 1.35
N GLU F 40 -23.00 24.40 0.45
CA GLU F 40 -23.32 24.35 -0.97
C GLU F 40 -23.58 22.93 -1.47
N ASP F 41 -23.04 21.91 -0.81
CA ASP F 41 -23.18 20.53 -1.25
C ASP F 41 -24.30 19.79 -0.52
N MET F 42 -25.03 20.46 0.36
CA MET F 42 -26.09 19.82 1.12
C MET F 42 -27.41 19.86 0.34
N VAL F 43 -28.29 18.94 0.70
CA VAL F 43 -29.62 18.82 0.10
C VAL F 43 -30.63 19.33 1.11
N VAL F 44 -31.58 20.15 0.64
CA VAL F 44 -32.62 20.71 1.49
C VAL F 44 -33.97 20.28 0.95
N MET F 45 -34.74 19.64 1.83
CA MET F 45 -36.11 19.16 1.45
C MET F 45 -37.06 19.55 2.58
N GLU F 46 -38.33 19.80 2.25
CA GLU F 46 -39.31 20.23 3.23
C GLU F 46 -39.54 19.15 4.29
N CYS F 47 -39.94 19.59 5.48
CA CYS F 47 -40.16 18.70 6.62
C CYS F 47 -41.59 18.20 6.69
N ASN F 48 -42.27 18.06 5.54
CA ASN F 48 -43.71 17.81 5.55
C ASN F 48 -44.01 16.42 6.07
N ASP F 49 -43.71 16.20 7.34
CA ASP F 49 -44.11 15.00 8.06
C ASP F 49 -44.73 15.32 9.41
N GLY F 50 -44.83 16.59 9.78
CA GLY F 50 -45.40 16.97 11.06
C GLY F 50 -44.45 16.72 12.22
N THR F 51 -44.55 17.57 13.24
CA THR F 51 -43.77 17.46 14.48
C THR F 51 -42.32 17.04 14.22
N GLY F 52 -41.72 17.62 13.19
CA GLY F 52 -40.36 17.30 12.84
C GLY F 52 -40.25 16.02 12.04
N HIS F 53 -39.25 15.98 11.17
CA HIS F 53 -39.09 14.88 10.24
C HIS F 53 -38.74 13.59 11.00
N LEU F 54 -39.35 12.49 10.58
CA LEU F 54 -39.20 11.20 11.23
C LEU F 54 -38.55 10.21 10.28
N THR F 55 -37.77 9.29 10.84
CA THR F 55 -37.08 8.27 10.07
C THR F 55 -37.35 6.91 10.70
N THR F 56 -37.37 5.88 9.85
CA THR F 56 -37.82 4.54 10.25
C THR F 56 -36.69 3.53 10.02
N ILE F 57 -35.85 3.34 11.04
CA ILE F 57 -34.83 2.31 10.95
C ILE F 57 -35.48 0.94 11.00
N ARG F 58 -34.82 -0.03 10.37
CA ARG F 58 -35.17 -1.45 10.53
C ARG F 58 -34.12 -2.11 11.40
N THR F 59 -34.58 -2.78 12.46
CA THR F 59 -33.69 -3.29 13.50
C THR F 59 -33.94 -4.77 13.75
N GLY F 60 -34.03 -5.53 12.67
CA GLY F 60 -34.23 -6.97 12.77
C GLY F 60 -35.02 -7.48 11.59
N LEU F 61 -34.77 -8.74 11.24
CA LEU F 61 -35.39 -9.38 10.10
C LEU F 61 -35.78 -10.79 10.47
N PRO F 62 -36.75 -11.39 9.75
CA PRO F 62 -37.22 -12.72 10.12
C PRO F 62 -36.11 -13.77 10.08
N GLN F 63 -36.37 -14.94 10.66
CA GLN F 63 -35.45 -16.07 10.58
C GLN F 63 -36.23 -17.24 10.00
N ALA F 64 -36.18 -17.37 8.67
CA ALA F 64 -36.96 -18.37 7.97
C ALA F 64 -36.50 -19.78 8.36
N THR F 65 -37.36 -20.75 8.09
CA THR F 65 -37.13 -22.15 8.45
C THR F 65 -37.25 -23.05 7.24
N TRP F 66 -36.41 -24.07 7.19
CA TRP F 66 -36.47 -25.08 6.14
C TRP F 66 -37.67 -25.97 6.41
N ARG F 67 -38.73 -25.78 5.63
CA ARG F 67 -39.98 -26.51 5.87
C ARG F 67 -39.89 -27.88 5.22
N ARG F 68 -39.64 -28.90 6.04
CA ARG F 68 -39.87 -30.26 5.61
C ARG F 68 -41.35 -30.44 5.31
N LEU F 69 -41.65 -31.26 4.31
CA LEU F 69 -43.02 -31.33 3.80
C LEU F 69 -44.00 -31.64 4.92
N TYR F 70 -45.22 -31.10 4.78
CA TYR F 70 -46.33 -31.35 5.69
C TYR F 70 -46.08 -30.81 7.09
N GLU F 71 -45.10 -29.92 7.23
CA GLU F 71 -44.77 -29.29 8.50
C GLU F 71 -45.10 -27.80 8.45
N GLY F 72 -45.54 -27.27 9.59
CA GLY F 72 -45.94 -25.89 9.66
C GLY F 72 -44.79 -24.94 9.92
N VAL F 73 -44.94 -23.71 9.41
CA VAL F 73 -43.96 -22.65 9.57
C VAL F 73 -44.60 -21.53 10.38
N GLN F 74 -43.92 -21.11 11.45
CA GLN F 74 -44.44 -20.05 12.31
C GLN F 74 -44.05 -18.69 11.75
N PRO F 75 -45.00 -17.86 11.36
CA PRO F 75 -44.65 -16.59 10.71
C PRO F 75 -43.96 -15.64 11.66
N ALA F 76 -43.11 -14.78 11.10
CA ALA F 76 -42.42 -13.74 11.84
C ALA F 76 -42.72 -12.39 11.19
N LYS F 77 -42.15 -11.33 11.75
CA LYS F 77 -42.49 -9.97 11.36
C LYS F 77 -41.23 -9.14 11.19
N SER F 78 -41.37 -8.03 10.46
CA SER F 78 -40.29 -7.08 10.27
C SER F 78 -40.26 -6.13 11.46
N THR F 79 -39.20 -6.21 12.26
CA THR F 79 -39.11 -5.43 13.50
C THR F 79 -38.41 -4.12 13.19
N THR F 80 -39.18 -3.05 13.00
CA THR F 80 -38.63 -1.75 12.68
C THR F 80 -38.37 -0.96 13.94
N ARG F 81 -38.07 0.34 13.77
CA ARG F 81 -37.78 1.27 14.85
C ARG F 81 -37.74 2.66 14.24
N GLN F 82 -38.00 3.66 15.05
CA GLN F 82 -38.10 5.02 14.56
C GLN F 82 -37.16 5.94 15.31
N ILE F 83 -36.73 6.99 14.63
CA ILE F 83 -35.92 8.04 15.22
C ILE F 83 -36.22 9.34 14.50
N LYS F 84 -36.53 10.39 15.25
CA LYS F 84 -37.01 11.63 14.69
C LYS F 84 -35.98 12.74 14.89
N ASP F 85 -36.11 13.79 14.08
CA ASP F 85 -35.18 14.90 14.11
C ASP F 85 -35.96 16.21 14.10
N SER F 86 -35.27 17.30 14.42
CA SER F 86 -35.92 18.60 14.55
C SER F 86 -35.08 19.66 13.86
N THR F 87 -35.70 20.81 13.65
CA THR F 87 -35.04 21.94 13.03
C THR F 87 -34.44 22.84 14.11
N GLY F 88 -34.02 24.04 13.71
CA GLY F 88 -33.47 25.05 14.58
C GLY F 88 -33.19 26.28 13.75
N THR F 89 -33.57 27.46 14.23
CA THR F 89 -33.59 28.65 13.40
C THR F 89 -32.46 29.61 13.76
N LEU F 90 -31.95 30.30 12.74
CA LEU F 90 -31.05 31.44 12.89
C LEU F 90 -31.70 32.67 12.28
N GLU F 91 -31.46 33.82 12.89
CA GLU F 91 -32.07 35.03 12.39
C GLU F 91 -31.27 36.23 12.86
N ALA F 92 -31.07 37.18 11.94
CA ALA F 92 -30.36 38.41 12.24
C ALA F 92 -31.11 39.58 11.63
N TRP F 93 -30.90 40.76 12.21
CA TRP F 93 -31.63 41.95 11.80
C TRP F 93 -30.66 43.11 11.69
N SER F 94 -31.07 44.16 10.99
CA SER F 94 -30.22 45.33 10.83
C SER F 94 -31.07 46.55 10.51
N GLU F 95 -31.06 47.53 11.42
CA GLU F 95 -31.68 48.83 11.19
C GLU F 95 -30.56 49.83 10.90
N VAL F 96 -30.69 50.57 9.81
CA VAL F 96 -29.57 51.43 9.40
C VAL F 96 -29.97 52.88 9.16
N ASP F 97 -30.99 53.37 9.86
CA ASP F 97 -31.27 54.81 9.93
C ASP F 97 -31.46 55.41 8.54
N GLU F 98 -32.59 55.04 7.92
CA GLU F 98 -32.88 55.28 6.50
C GLU F 98 -32.35 56.59 5.95
N LYS F 99 -32.39 57.66 6.74
CA LYS F 99 -31.76 58.91 6.32
C LYS F 99 -30.29 58.70 6.03
N LEU F 100 -29.60 57.91 6.85
CA LEU F 100 -28.16 57.72 6.66
C LEU F 100 -27.87 57.04 5.33
N VAL F 101 -28.57 55.94 5.01
CA VAL F 101 -28.32 55.28 3.74
C VAL F 101 -28.75 56.16 2.59
N LYS F 102 -29.76 57.01 2.80
CA LYS F 102 -30.10 58.00 1.78
C LYS F 102 -28.95 58.95 1.52
N LEU F 103 -28.26 59.38 2.58
CA LEU F 103 -27.23 60.39 2.42
C LEU F 103 -26.03 59.83 1.67
N SER F 104 -25.56 58.65 2.05
CA SER F 104 -24.51 57.99 1.30
C SER F 104 -24.97 57.76 -0.13
N LYS F 105 -24.12 58.14 -1.09
CA LYS F 105 -24.55 58.17 -2.49
C LYS F 105 -24.95 56.78 -2.97
N ASP F 106 -24.11 55.78 -2.71
CA ASP F 106 -24.34 54.43 -3.21
C ASP F 106 -25.25 53.69 -2.25
N LYS F 107 -26.55 53.71 -2.52
CA LYS F 107 -27.51 52.99 -1.70
C LYS F 107 -27.29 51.48 -1.84
N GLN F 108 -27.36 51.01 -3.09
CA GLN F 108 -27.29 49.58 -3.35
C GLN F 108 -25.94 49.01 -2.91
N GLN F 109 -24.85 49.73 -3.17
CA GLN F 109 -23.53 49.24 -2.80
C GLN F 109 -23.39 49.12 -1.29
N LEU F 110 -23.86 50.12 -0.55
CA LEU F 110 -23.77 50.09 0.91
C LEU F 110 -24.60 48.94 1.47
N MET F 111 -25.87 48.85 1.04
CA MET F 111 -26.71 47.77 1.53
C MET F 111 -26.16 46.41 1.14
N LEU F 112 -25.55 46.30 -0.03
CA LEU F 112 -24.96 45.04 -0.46
C LEU F 112 -23.76 44.68 0.40
N ASN F 113 -22.94 45.67 0.78
CA ASN F 113 -21.84 45.41 1.69
C ASN F 113 -22.35 44.84 3.00
N GLU F 114 -23.34 45.49 3.59
CA GLU F 114 -23.86 44.98 4.87
C GLU F 114 -24.52 43.62 4.70
N ALA F 115 -25.24 43.40 3.61
CA ALA F 115 -25.87 42.11 3.38
C ALA F 115 -24.84 41.01 3.23
N ALA F 116 -23.75 41.28 2.53
CA ALA F 116 -22.68 40.29 2.42
C ALA F 116 -22.06 40.01 3.77
N ALA F 117 -21.87 41.05 4.58
CA ALA F 117 -21.33 40.85 5.92
C ALA F 117 -22.21 39.92 6.74
N PHE F 118 -23.51 40.23 6.80
CA PHE F 118 -24.45 39.42 7.57
C PHE F 118 -24.52 38.00 7.02
N LEU F 119 -24.58 37.87 5.70
CA LEU F 119 -24.68 36.56 5.08
C LEU F 119 -23.46 35.72 5.40
N GLU F 120 -22.27 36.30 5.35
CA GLU F 120 -21.06 35.53 5.64
C GLU F 120 -21.00 35.14 7.12
N GLY F 121 -21.34 36.07 8.01
CA GLY F 121 -21.33 35.72 9.43
C GLY F 121 -22.31 34.61 9.76
N MET F 122 -23.51 34.69 9.19
CA MET F 122 -24.51 33.65 9.45
C MET F 122 -24.13 32.33 8.79
N ASN F 123 -23.48 32.39 7.62
CA ASN F 123 -22.97 31.16 7.02
C ASN F 123 -21.94 30.51 7.92
N GLN F 124 -21.06 31.31 8.51
CA GLN F 124 -20.06 30.78 9.43
C GLN F 124 -20.71 30.11 10.62
N THR F 125 -21.72 30.77 11.21
CA THR F 125 -22.41 30.18 12.34
C THR F 125 -23.12 28.89 11.94
N MET F 126 -23.78 28.90 10.78
CA MET F 126 -24.47 27.70 10.30
C MET F 126 -23.51 26.54 10.13
N ALA F 127 -22.35 26.78 9.50
CA ALA F 127 -21.41 25.68 9.31
C ALA F 127 -20.84 25.20 10.64
N SER F 128 -20.50 26.13 11.53
CA SER F 128 -19.91 25.74 12.81
C SER F 128 -20.88 24.89 13.62
N THR F 129 -22.15 25.26 13.63
CA THR F 129 -23.12 24.48 14.39
C THR F 129 -23.60 23.25 13.64
N LEU F 130 -23.49 23.25 12.31
CA LEU F 130 -23.73 22.04 11.54
C LEU F 130 -22.68 21.00 11.84
N PHE F 131 -21.45 21.44 12.10
CA PHE F 131 -20.38 20.50 12.38
C PHE F 131 -20.23 20.19 13.86
N TYR F 132 -20.69 21.05 14.75
CA TYR F 132 -20.48 20.79 16.17
C TYR F 132 -21.65 21.15 17.06
N GLY F 133 -22.76 21.64 16.52
CA GLY F 133 -23.90 21.99 17.35
C GLY F 133 -24.46 20.79 18.08
N ASN F 134 -24.48 20.86 19.41
CA ASN F 134 -24.96 19.77 20.25
C ASN F 134 -26.05 20.31 21.15
N THR F 135 -27.30 19.99 20.81
CA THR F 135 -28.43 20.48 21.59
C THR F 135 -28.32 20.07 23.05
N ALA F 136 -27.73 18.90 23.32
CA ALA F 136 -27.52 18.45 24.68
C ALA F 136 -26.71 19.43 25.52
N THR F 137 -26.20 20.50 24.92
CA THR F 137 -25.50 21.54 25.67
C THR F 137 -25.95 22.95 25.30
N ASP F 138 -26.83 23.11 24.32
CA ASP F 138 -27.24 24.44 23.89
C ASP F 138 -28.74 24.56 23.64
N ALA F 139 -29.52 23.51 23.89
CA ALA F 139 -30.98 23.58 23.92
C ALA F 139 -31.61 23.91 22.58
N VAL F 140 -31.52 25.18 22.17
CA VAL F 140 -32.29 25.65 21.02
C VAL F 140 -31.77 25.09 19.69
N LYS F 141 -30.46 24.98 19.52
CA LYS F 141 -29.87 24.61 18.24
C LYS F 141 -30.26 23.21 17.79
N PHE F 142 -29.93 22.86 16.55
CA PHE F 142 -30.17 21.53 16.02
C PHE F 142 -28.95 20.66 16.28
N MET F 143 -28.95 19.46 15.71
CA MET F 143 -27.93 18.45 15.99
C MET F 143 -26.97 18.35 14.83
N GLY F 144 -25.68 18.54 15.11
CA GLY F 144 -24.66 18.39 14.09
C GLY F 144 -24.15 16.96 14.00
N LEU F 145 -23.27 16.74 13.03
CA LEU F 145 -22.73 15.39 12.84
C LEU F 145 -21.79 14.99 13.96
N ALA F 146 -21.18 15.95 14.66
CA ALA F 146 -20.21 15.59 15.70
C ALA F 146 -20.87 14.96 16.91
N PRO F 147 -21.84 15.60 17.58
CA PRO F 147 -22.37 15.00 18.81
C PRO F 147 -23.02 13.65 18.61
N ARG F 148 -23.58 13.39 17.43
CA ARG F 148 -24.20 12.09 17.18
C ARG F 148 -23.20 10.95 17.12
N PHE F 149 -21.90 11.25 16.99
CA PHE F 149 -20.89 10.22 16.83
C PHE F 149 -19.82 10.26 17.92
N ASN F 150 -20.03 11.01 18.99
CA ASN F 150 -18.94 11.21 19.94
C ASN F 150 -18.74 9.98 20.82
N ALA F 151 -18.55 8.83 20.19
CA ALA F 151 -18.20 7.59 20.87
C ALA F 151 -17.77 6.56 19.84
N TYR F 152 -16.62 5.92 20.04
CA TYR F 152 -16.10 4.96 19.08
C TYR F 152 -16.08 3.56 19.70
N ARG F 153 -16.32 2.56 18.86
CA ARG F 153 -16.19 1.17 19.29
C ARG F 153 -14.71 0.82 19.37
N ALA F 154 -14.23 0.54 20.58
CA ALA F 154 -12.82 0.25 20.80
C ALA F 154 -12.38 -0.97 19.99
N ALA F 155 -12.94 -2.13 20.30
CA ALA F 155 -12.70 -3.36 19.54
C ALA F 155 -13.86 -3.50 18.57
N ARG F 156 -13.68 -2.96 17.36
CA ARG F 156 -14.73 -2.92 16.37
C ARG F 156 -15.25 -4.31 16.03
N ASN F 157 -16.58 -4.44 15.98
CA ASN F 157 -17.23 -5.61 15.45
C ASN F 157 -17.58 -5.36 13.98
N LEU F 158 -17.61 -6.43 13.20
CA LEU F 158 -17.56 -6.31 11.75
C LEU F 158 -18.73 -5.52 11.17
N LYS F 159 -19.94 -6.07 11.22
CA LYS F 159 -21.07 -5.31 10.70
C LYS F 159 -22.28 -5.28 11.62
N PRO F 160 -22.12 -5.00 12.92
CA PRO F 160 -23.32 -4.61 13.69
C PRO F 160 -23.36 -3.08 13.75
N VAL F 161 -23.73 -2.48 12.63
CA VAL F 161 -23.52 -1.05 12.43
C VAL F 161 -24.32 -0.27 13.47
N ASP F 162 -23.60 0.37 14.38
CA ASP F 162 -24.12 1.26 15.41
C ASP F 162 -23.41 2.60 15.27
N THR F 163 -23.94 3.64 15.91
CA THR F 163 -23.32 4.95 15.79
C THR F 163 -21.89 4.92 16.31
N ALA F 164 -21.61 4.06 17.28
CA ALA F 164 -20.25 3.90 17.80
C ALA F 164 -19.39 3.00 16.93
N ASP F 165 -20.06 2.43 15.85
CA ASP F 165 -19.34 1.48 14.94
C ASP F 165 -18.89 2.21 13.67
N GLN F 166 -18.98 3.54 13.64
CA GLN F 166 -18.62 4.33 12.48
C GLN F 166 -17.62 5.42 12.84
N VAL F 167 -16.85 5.21 13.90
CA VAL F 167 -15.87 6.18 14.36
C VAL F 167 -14.55 5.45 14.58
N ILE F 168 -13.51 5.85 13.85
CA ILE F 168 -12.19 5.25 13.96
C ILE F 168 -11.31 6.21 14.75
N ASP F 169 -10.64 5.70 15.78
CA ASP F 169 -9.82 6.52 16.64
C ASP F 169 -8.35 6.13 16.49
N ALA F 170 -7.47 7.13 16.58
CA ALA F 170 -6.04 6.88 16.52
C ALA F 170 -5.34 8.04 17.23
N GLY F 171 -4.91 7.78 18.46
CA GLY F 171 -4.12 8.77 19.17
C GLY F 171 -5.00 9.79 19.85
N GLY F 172 -4.83 11.06 19.47
CA GLY F 172 -5.52 12.14 20.14
C GLY F 172 -5.09 12.28 21.58
N THR F 173 -6.05 12.35 22.51
CA THR F 173 -5.78 12.43 23.94
C THR F 173 -4.84 13.59 24.28
N GLY F 174 -5.06 14.74 23.64
CA GLY F 174 -4.26 15.91 23.93
C GLY F 174 -5.07 17.18 23.84
N SER F 175 -4.54 18.18 23.14
CA SER F 175 -5.29 19.38 22.80
C SER F 175 -5.15 19.73 21.32
N ASP F 176 -4.61 18.82 20.52
CA ASP F 176 -4.44 19.01 19.09
C ASP F 176 -5.43 18.20 18.27
N LEU F 177 -6.48 17.71 18.90
CA LEU F 177 -7.38 16.75 18.26
C LEU F 177 -8.25 17.44 17.20
N THR F 178 -8.59 16.67 16.18
CA THR F 178 -9.53 17.10 15.15
C THR F 178 -10.09 15.84 14.50
N SER F 179 -11.02 16.03 13.57
CA SER F 179 -11.72 14.90 12.96
C SER F 179 -11.88 15.15 11.47
N ILE F 180 -12.21 14.08 10.75
CA ILE F 180 -12.52 14.14 9.33
C ILE F 180 -13.88 13.50 9.10
N TRP F 181 -14.57 13.95 8.06
CA TRP F 181 -15.97 13.66 7.87
C TRP F 181 -16.20 12.97 6.52
N MET F 182 -17.32 12.23 6.46
CA MET F 182 -17.75 11.59 5.22
C MET F 182 -19.27 11.55 5.25
N VAL F 183 -19.91 12.53 4.65
CA VAL F 183 -21.37 12.65 4.64
C VAL F 183 -21.87 12.44 3.24
N VAL F 184 -22.87 11.58 3.09
CA VAL F 184 -23.49 11.33 1.79
C VAL F 184 -24.67 12.30 1.70
N TRP F 185 -24.56 13.26 0.79
CA TRP F 185 -25.62 14.25 0.60
C TRP F 185 -26.67 13.78 -0.39
N GLY F 186 -27.67 13.05 0.10
CA GLY F 186 -28.74 12.58 -0.76
C GLY F 186 -30.03 12.51 0.02
N ASP F 187 -31.12 12.24 -0.72
CA ASP F 187 -32.45 12.26 -0.12
C ASP F 187 -32.55 11.27 1.04
N ARG F 188 -32.41 9.98 0.75
CA ARG F 188 -32.44 9.00 1.83
C ARG F 188 -31.02 8.70 2.33
N THR F 189 -30.25 9.78 2.48
CA THR F 189 -28.94 9.68 3.11
C THR F 189 -28.80 10.64 4.28
N ALA F 190 -28.98 11.92 3.99
CA ALA F 190 -28.95 13.01 4.95
C ALA F 190 -29.29 14.29 4.20
N HIS F 191 -29.99 15.22 4.83
CA HIS F 191 -30.40 16.42 4.09
C HIS F 191 -30.79 17.50 5.09
N GLY F 192 -31.11 18.68 4.56
CA GLY F 192 -31.52 19.80 5.39
C GLY F 192 -33.02 19.96 5.48
N LEU F 193 -33.57 19.78 6.68
CA LEU F 193 -35.00 19.98 6.88
C LEU F 193 -35.31 21.44 7.15
N TYR F 194 -36.02 22.05 6.25
CA TYR F 194 -36.59 23.30 6.71
C TYR F 194 -38.00 23.02 7.21
N PRO F 195 -38.39 23.59 8.35
CA PRO F 195 -39.69 23.24 8.94
C PRO F 195 -40.83 23.58 8.01
N GLU F 196 -41.92 22.81 8.13
CA GLU F 196 -43.04 22.91 7.20
C GLU F 196 -43.54 24.35 7.12
N GLY F 197 -43.72 24.83 5.89
CA GLY F 197 -44.15 26.23 5.70
C GLY F 197 -42.96 27.16 5.57
N THR F 198 -41.92 26.94 6.39
CA THR F 198 -40.69 27.77 6.31
C THR F 198 -40.09 27.63 4.91
N SER F 199 -39.64 28.75 4.32
CA SER F 199 -39.02 28.73 2.97
C SER F 199 -37.67 28.00 3.04
N ALA F 200 -37.17 27.51 1.90
CA ALA F 200 -35.94 26.74 1.93
C ALA F 200 -34.71 27.64 1.87
N GLY F 201 -33.68 27.24 2.62
CA GLY F 201 -32.38 27.90 2.56
C GLY F 201 -32.33 29.25 3.24
N LEU F 202 -31.15 29.86 3.24
CA LEU F 202 -30.97 31.19 3.84
C LEU F 202 -31.91 32.18 3.19
N GLN F 203 -32.81 32.74 3.99
CA GLN F 203 -33.83 33.65 3.48
C GLN F 203 -33.35 35.09 3.65
N ARG F 204 -34.09 36.03 3.05
CA ARG F 204 -33.78 37.44 3.14
C ARG F 204 -35.04 38.22 2.88
N GLU F 205 -35.34 39.18 3.75
CA GLU F 205 -36.56 39.98 3.64
C GLU F 205 -36.20 41.44 3.79
N TYR F 206 -36.17 42.16 2.68
CA TYR F 206 -36.00 43.60 2.71
C TYR F 206 -37.33 44.21 3.12
N LEU F 207 -37.49 44.43 4.43
CA LEU F 207 -38.76 44.92 4.95
C LEU F 207 -39.05 46.33 4.47
N GLY F 208 -38.02 47.11 4.18
CA GLY F 208 -38.22 48.48 3.76
C GLY F 208 -38.29 49.43 4.93
N ALA F 209 -38.86 50.60 4.67
CA ALA F 209 -38.92 51.65 5.67
C ALA F 209 -39.84 51.27 6.82
N GLU F 210 -39.51 51.75 8.01
CA GLU F 210 -40.25 51.46 9.23
C GLU F 210 -40.42 52.77 9.99
N THR F 211 -40.82 52.70 11.25
CA THR F 211 -41.03 53.91 12.05
C THR F 211 -40.19 54.00 13.30
N LYS F 212 -39.90 52.91 14.00
CA LYS F 212 -39.01 52.91 15.17
C LYS F 212 -39.42 53.99 16.18
N GLU F 213 -40.58 53.76 16.79
CA GLU F 213 -41.04 54.66 17.84
C GLU F 213 -40.21 54.42 19.11
N LEU F 214 -39.66 55.51 19.65
CA LEU F 214 -38.85 55.42 20.85
C LEU F 214 -39.73 55.27 22.08
N GLY F 215 -39.10 55.25 23.25
CA GLY F 215 -39.80 55.22 24.51
C GLY F 215 -39.99 56.57 25.17
N ASP F 216 -39.66 57.66 24.48
CA ASP F 216 -39.83 59.01 25.01
C ASP F 216 -40.54 59.89 23.99
N GLY F 217 -41.31 59.28 23.09
CA GLY F 217 -41.99 60.00 22.04
C GLY F 217 -41.16 60.22 20.81
N GLY F 218 -39.87 59.87 20.83
CA GLY F 218 -39.04 60.05 19.66
C GLY F 218 -39.50 59.17 18.51
N VAL F 219 -39.30 59.66 17.30
CA VAL F 219 -39.75 58.96 16.10
C VAL F 219 -38.89 59.39 14.92
N TYR F 220 -38.35 58.40 14.21
CA TYR F 220 -37.55 58.64 13.02
C TYR F 220 -37.54 57.38 12.19
N ARG F 221 -37.48 57.55 10.87
CA ARG F 221 -37.55 56.40 9.98
C ARG F 221 -36.30 55.54 10.12
N VAL F 222 -36.51 54.24 9.94
CA VAL F 222 -35.43 53.26 9.84
C VAL F 222 -35.81 52.31 8.72
N VAL F 223 -34.81 51.61 8.20
CA VAL F 223 -35.04 50.55 7.23
C VAL F 223 -34.40 49.27 7.78
N ARG F 224 -35.15 48.17 7.71
CA ARG F 224 -34.77 46.92 8.35
C ARG F 224 -34.67 45.83 7.31
N GLU F 225 -33.55 45.13 7.31
CA GLU F 225 -33.36 43.95 6.48
C GLU F 225 -33.17 42.76 7.40
N LYS F 226 -33.96 41.71 7.18
CA LYS F 226 -34.00 40.56 8.07
C LYS F 226 -33.49 39.33 7.34
N PHE F 227 -32.58 38.61 7.97
CA PHE F 227 -32.01 37.38 7.41
C PHE F 227 -32.40 36.22 8.32
N GLU F 228 -32.94 35.16 7.73
CA GLU F 228 -33.43 34.03 8.49
C GLU F 228 -33.00 32.74 7.81
N TRP F 229 -32.72 31.73 8.63
CA TRP F 229 -32.35 30.42 8.13
C TRP F 229 -32.54 29.34 9.19
N ASP F 230 -33.22 28.33 8.96
CA ASP F 230 -33.36 27.21 9.92
C ASP F 230 -33.23 25.91 9.14
N LEU F 231 -32.63 24.94 9.63
CA LEU F 231 -32.35 23.66 8.99
C LEU F 231 -31.93 22.65 10.05
N GLY F 232 -32.02 21.38 9.68
CA GLY F 232 -31.50 20.30 10.49
C GLY F 232 -30.97 19.22 9.56
N LEU F 233 -29.91 18.55 10.00
CA LEU F 233 -29.17 17.71 9.07
C LEU F 233 -29.69 16.29 8.98
N THR F 234 -30.31 15.79 10.05
CA THR F 234 -31.08 14.54 10.08
C THR F 234 -30.39 13.40 9.32
N VAL F 235 -29.27 12.95 9.87
CA VAL F 235 -28.61 11.80 9.25
C VAL F 235 -29.51 10.60 9.42
N ARG F 236 -30.23 10.25 8.36
CA ARG F 236 -31.24 9.20 8.41
C ARG F 236 -30.63 7.82 8.47
N ASP F 237 -29.46 7.61 7.89
CA ASP F 237 -28.79 6.33 7.98
C ASP F 237 -27.31 6.59 8.21
N PHE F 238 -26.88 6.49 9.46
CA PHE F 238 -25.48 6.62 9.81
C PHE F 238 -24.60 5.58 9.13
N ARG F 239 -25.18 4.61 8.43
CA ARG F 239 -24.37 3.74 7.57
C ARG F 239 -23.66 4.54 6.50
N TYR F 240 -24.26 5.65 6.07
CA TYR F 240 -23.70 6.46 5.00
C TYR F 240 -22.69 7.49 5.50
N VAL F 241 -22.37 7.47 6.80
CA VAL F 241 -21.45 8.44 7.38
C VAL F 241 -20.48 7.71 8.29
N VAL F 242 -19.21 8.12 8.23
CA VAL F 242 -18.18 7.56 9.09
C VAL F 242 -17.24 8.70 9.49
N ARG F 243 -16.72 8.62 10.71
CA ARG F 243 -15.88 9.67 11.25
C ARG F 243 -14.57 9.10 11.77
N ILE F 244 -13.49 9.85 11.59
CA ILE F 244 -12.20 9.55 12.19
C ILE F 244 -11.84 10.69 13.14
N ALA F 245 -11.68 10.38 14.42
CA ALA F 245 -11.50 11.40 15.43
C ALA F 245 -10.18 11.19 16.16
N ASN F 246 -9.89 12.13 17.08
CA ASN F 246 -8.65 12.14 17.85
C ASN F 246 -7.42 12.24 16.96
N ILE F 247 -7.49 13.11 15.95
CA ILE F 247 -6.35 13.35 15.05
C ILE F 247 -5.44 14.36 15.74
N ASP F 248 -4.29 13.90 16.24
CA ASP F 248 -3.36 14.79 16.94
C ASP F 248 -2.65 15.65 15.90
N VAL F 249 -2.97 16.95 15.89
CA VAL F 249 -2.40 17.86 14.90
C VAL F 249 -0.88 17.87 15.00
N SER F 250 -0.34 17.85 16.22
CA SER F 250 1.11 17.78 16.38
C SER F 250 1.68 16.55 15.68
N ASP F 251 1.11 15.39 15.98
CA ASP F 251 1.56 14.16 15.31
C ASP F 251 1.20 14.18 13.84
N LEU F 252 0.06 14.80 13.49
CA LEU F 252 -0.37 14.84 12.11
C LEU F 252 0.65 15.56 11.23
N GLN F 253 1.14 16.71 11.70
CA GLN F 253 2.18 17.41 10.96
C GLN F 253 3.52 16.68 11.08
N ALA F 254 3.83 16.16 12.27
CA ALA F 254 5.03 15.35 12.43
C ALA F 254 4.94 14.02 11.71
N GLY F 255 3.75 13.63 11.24
CA GLY F 255 3.61 12.41 10.47
C GLY F 255 3.69 11.14 11.27
N THR F 256 3.70 11.22 12.61
CA THR F 256 3.75 10.01 13.41
C THR F 256 2.54 9.12 13.16
N ILE F 257 1.36 9.71 13.09
CA ILE F 257 0.14 8.98 12.78
C ILE F 257 0.00 8.88 11.27
N ASP F 258 -0.49 7.74 10.81
CA ASP F 258 -0.68 7.50 9.39
C ASP F 258 -2.07 7.98 9.01
N ILE F 259 -2.14 9.11 8.30
CA ILE F 259 -3.45 9.64 7.92
C ILE F 259 -4.11 8.73 6.90
N TYR F 260 -3.34 8.16 5.98
CA TYR F 260 -3.95 7.38 4.91
C TYR F 260 -4.42 6.02 5.37
N ALA F 261 -3.77 5.45 6.39
CA ALA F 261 -4.29 4.21 6.97
C ALA F 261 -5.67 4.45 7.58
N LEU F 262 -5.83 5.57 8.29
CA LEU F 262 -7.14 5.91 8.84
C LEU F 262 -8.15 6.12 7.72
N LEU F 263 -7.75 6.87 6.68
CA LEU F 263 -8.67 7.13 5.57
C LEU F 263 -9.09 5.84 4.88
N ARG F 264 -8.19 4.86 4.83
CA ARG F 264 -8.55 3.57 4.26
C ARG F 264 -9.39 2.73 5.22
N LYS F 265 -9.24 2.95 6.52
CA LYS F 265 -10.17 2.34 7.46
C LYS F 265 -11.56 2.93 7.30
N ALA F 266 -11.64 4.19 6.94
CA ALA F 266 -12.85 4.74 6.37
C ALA F 266 -13.00 4.27 4.93
N TYR F 267 -14.11 4.64 4.31
CA TYR F 267 -14.45 4.22 2.94
C TYR F 267 -14.70 2.71 2.92
N TYR F 268 -14.48 2.06 4.06
CA TYR F 268 -14.81 0.66 4.26
C TYR F 268 -15.68 0.44 5.49
N ARG F 269 -15.44 1.18 6.58
CA ARG F 269 -16.49 1.35 7.58
C ARG F 269 -17.66 2.11 7.00
N LEU F 270 -17.38 3.07 6.10
CA LEU F 270 -18.42 3.73 5.34
C LEU F 270 -19.29 2.70 4.64
N GLU F 271 -18.66 1.72 3.99
CA GLU F 271 -19.35 0.54 3.45
C GLU F 271 -20.46 0.92 2.48
N ASN F 272 -20.45 2.16 2.01
CA ASN F 272 -21.52 2.66 1.16
C ASN F 272 -20.94 3.70 0.22
N ARG F 273 -21.52 3.81 -0.97
CA ARG F 273 -20.94 4.37 -2.18
C ARG F 273 -19.86 3.44 -2.71
N VAL F 274 -19.49 2.40 -1.97
CA VAL F 274 -18.81 1.24 -2.53
C VAL F 274 -19.83 0.23 -3.04
N ILE F 275 -21.10 0.40 -2.67
CA ILE F 275 -22.18 -0.43 -3.19
C ILE F 275 -23.23 0.45 -3.85
N THR F 276 -23.89 1.28 -3.05
CA THR F 276 -25.00 2.10 -3.53
C THR F 276 -25.09 3.36 -2.69
N GLY F 277 -25.79 4.36 -3.22
CA GLY F 277 -26.01 5.60 -2.53
C GLY F 277 -26.04 6.76 -3.49
N GLY F 278 -25.89 7.97 -2.94
CA GLY F 278 -25.93 9.19 -3.72
C GLY F 278 -24.67 10.03 -3.64
N ARG F 279 -24.83 11.35 -3.70
CA ARG F 279 -23.69 12.26 -3.70
C ARG F 279 -22.87 12.13 -2.41
N ALA F 280 -21.55 12.09 -2.55
CA ALA F 280 -20.65 11.92 -1.43
C ALA F 280 -19.77 13.15 -1.29
N ALA F 281 -19.15 13.29 -0.11
CA ALA F 281 -18.25 14.40 0.16
C ALA F 281 -17.31 14.00 1.28
N LEU F 282 -16.33 14.86 1.55
CA LEU F 282 -15.30 14.58 2.55
C LEU F 282 -14.80 15.93 3.04
N TYR F 283 -15.10 16.27 4.29
CA TYR F 283 -14.80 17.59 4.83
C TYR F 283 -13.67 17.52 5.85
N CYS F 284 -12.72 18.43 5.71
CA CYS F 284 -11.60 18.55 6.64
C CYS F 284 -10.97 19.91 6.47
N ASN F 285 -10.37 20.41 7.54
CA ASN F 285 -9.81 21.76 7.56
C ASN F 285 -8.55 21.81 6.69
N ALA F 286 -7.89 22.97 6.69
CA ALA F 286 -6.69 23.13 5.87
C ALA F 286 -5.54 22.27 6.39
N ASP F 287 -5.44 22.12 7.72
CA ASP F 287 -4.33 21.37 8.31
C ASP F 287 -4.34 19.91 7.86
N VAL F 288 -5.51 19.28 7.88
CA VAL F 288 -5.58 17.88 7.48
C VAL F 288 -5.20 17.72 6.03
N THR F 289 -5.72 18.58 5.15
CA THR F 289 -5.38 18.47 3.73
C THR F 289 -3.90 18.73 3.50
N GLU F 290 -3.31 19.60 4.32
CA GLU F 290 -1.87 19.82 4.25
C GLU F 290 -1.13 18.53 4.56
N ALA F 291 -1.58 17.80 5.58
CA ALA F 291 -0.97 16.52 5.90
C ALA F 291 -1.14 15.52 4.77
N MET F 292 -2.32 15.48 4.15
CA MET F 292 -2.53 14.55 3.03
C MET F 292 -1.62 14.89 1.87
N ASP F 293 -1.48 16.18 1.55
CA ASP F 293 -0.58 16.55 0.46
C ASP F 293 0.87 16.25 0.81
N ALA F 294 1.23 16.37 2.09
CA ALA F 294 2.56 15.96 2.53
C ALA F 294 2.78 14.47 2.30
N ALA F 295 1.78 13.65 2.63
CA ALA F 295 1.89 12.22 2.41
C ALA F 295 1.89 11.86 0.94
N ALA F 296 1.28 12.70 0.09
CA ALA F 296 1.31 12.45 -1.34
C ALA F 296 2.67 12.73 -1.94
N THR F 297 3.28 13.86 -1.59
CA THR F 297 4.60 14.26 -2.08
C THR F 297 5.47 14.54 -0.87
N PRO F 298 6.24 13.54 -0.41
CA PRO F 298 6.91 13.67 0.89
C PRO F 298 8.26 14.36 0.78
N THR F 299 8.52 15.25 1.73
CA THR F 299 9.87 15.73 2.01
C THR F 299 10.55 14.68 2.87
N SER F 300 11.61 15.04 3.59
CA SER F 300 12.26 14.08 4.48
C SER F 300 11.27 13.80 5.60
N SER F 301 10.29 12.95 5.28
CA SER F 301 9.07 12.78 6.05
C SER F 301 9.25 11.61 7.02
N THR F 302 9.65 11.94 8.25
CA THR F 302 9.73 10.98 9.34
C THR F 302 10.56 9.76 8.97
N THR F 303 9.91 8.64 8.70
CA THR F 303 10.60 7.39 8.46
C THR F 303 10.36 6.81 7.09
N ALA F 304 9.11 6.59 6.69
CA ALA F 304 8.83 5.87 5.46
C ALA F 304 7.58 6.43 4.80
N SER F 305 7.59 6.43 3.46
CA SER F 305 6.46 6.90 2.68
C SER F 305 6.06 5.98 1.53
N TYR F 306 6.92 5.07 1.08
CA TYR F 306 6.62 4.08 0.05
C TYR F 306 6.20 4.70 -1.28
N VAL F 307 6.60 5.95 -1.54
CA VAL F 307 6.35 6.60 -2.82
C VAL F 307 7.68 7.22 -3.28
N ARG F 308 7.92 7.16 -4.58
CA ARG F 308 9.26 7.39 -5.10
C ARG F 308 9.44 8.72 -5.83
N LEU F 309 8.42 9.21 -6.52
CA LEU F 309 8.48 10.50 -7.23
C LEU F 309 9.51 10.52 -8.36
N THR F 310 9.40 11.52 -9.23
CA THR F 310 10.43 11.86 -10.21
C THR F 310 11.02 13.19 -9.77
N PRO F 311 12.16 13.62 -10.33
CA PRO F 311 12.69 14.94 -9.92
C PRO F 311 11.71 16.07 -10.15
N MET F 312 10.95 16.02 -11.25
CA MET F 312 9.92 17.02 -11.46
C MET F 312 8.70 16.78 -10.57
N GLN F 313 8.51 15.56 -10.09
CA GLN F 313 7.39 15.22 -9.22
C GLN F 313 7.79 15.37 -7.75
N VAL F 314 8.32 16.55 -7.42
CA VAL F 314 8.66 16.89 -6.05
C VAL F 314 7.90 18.10 -5.55
N ASP F 315 7.13 18.76 -6.41
CA ASP F 315 6.29 19.87 -5.98
C ASP F 315 5.03 19.35 -5.29
N GLY F 316 4.20 18.61 -6.03
CA GLY F 316 2.98 18.05 -5.47
C GLY F 316 1.77 18.90 -5.74
N LYS F 317 0.70 18.29 -6.25
CA LYS F 317 -0.55 19.00 -6.47
C LYS F 317 -1.34 19.05 -5.17
N GLU F 318 -2.51 19.70 -5.19
CA GLU F 318 -3.42 19.65 -4.07
C GLU F 318 -4.12 18.30 -4.05
N VAL F 319 -4.52 17.87 -2.85
CA VAL F 319 -4.94 16.47 -2.68
C VAL F 319 -6.16 16.19 -3.53
N MET F 320 -7.15 17.08 -3.52
CA MET F 320 -8.33 16.97 -4.37
C MET F 320 -9.05 15.64 -4.17
N MET F 321 -9.74 15.17 -5.21
CA MET F 321 -10.57 13.98 -5.14
C MET F 321 -9.81 12.79 -4.60
N TYR F 322 -10.23 12.29 -3.44
CA TYR F 322 -9.67 11.09 -2.83
C TYR F 322 -10.63 9.94 -3.12
N ARG F 323 -10.15 8.94 -3.85
CA ARG F 323 -10.95 7.78 -4.25
C ARG F 323 -12.21 8.17 -5.00
N GLY F 324 -12.20 9.32 -5.66
CA GLY F 324 -13.38 9.82 -6.34
C GLY F 324 -14.29 10.67 -5.49
N ILE F 325 -13.98 10.87 -4.22
CA ILE F 325 -14.77 11.72 -3.33
C ILE F 325 -14.12 13.08 -3.30
N PRO F 326 -14.79 14.14 -3.77
CA PRO F 326 -14.16 15.47 -3.75
C PRO F 326 -13.91 15.96 -2.34
N VAL F 327 -12.64 16.06 -1.97
CA VAL F 327 -12.26 16.49 -0.63
C VAL F 327 -12.41 18.01 -0.58
N ARG F 328 -13.41 18.49 0.16
CA ARG F 328 -13.67 19.91 0.29
C ARG F 328 -13.13 20.43 1.62
N GLU F 329 -12.46 21.57 1.56
CA GLU F 329 -11.89 22.20 2.75
C GLU F 329 -12.91 23.19 3.31
N CYS F 330 -13.23 23.04 4.59
CA CYS F 330 -14.26 23.81 5.26
C CYS F 330 -13.68 24.50 6.50
N ASP F 331 -13.93 25.79 6.61
CA ASP F 331 -13.45 26.55 7.76
C ASP F 331 -14.38 26.42 8.95
N ALA F 332 -14.70 25.19 9.33
CA ALA F 332 -15.51 24.93 10.51
C ALA F 332 -15.02 23.77 11.35
N ILE F 333 -14.31 22.80 10.78
CA ILE F 333 -13.78 21.70 11.56
C ILE F 333 -12.57 22.20 12.33
N LEU F 334 -12.76 22.53 13.59
CA LEU F 334 -11.69 23.08 14.39
C LEU F 334 -10.64 22.02 14.68
N SER F 335 -9.39 22.46 14.77
CA SER F 335 -8.28 21.61 15.16
C SER F 335 -8.14 21.50 16.67
N THR F 336 -9.13 21.97 17.43
CA THR F 336 -9.11 21.95 18.88
C THR F 336 -10.30 21.17 19.42
N GLU F 337 -10.61 20.04 18.79
CA GLU F 337 -11.78 19.24 19.14
C GLU F 337 -11.69 18.68 20.54
N THR F 338 -12.75 17.99 20.96
CA THR F 338 -12.77 17.29 22.23
C THR F 338 -12.34 15.84 22.04
N ALA F 339 -11.74 15.27 23.08
CA ALA F 339 -11.24 13.91 23.04
C ALA F 339 -12.42 12.95 23.02
N VAL F 340 -12.79 12.52 21.81
CA VAL F 340 -13.89 11.59 21.63
C VAL F 340 -13.54 10.30 22.34
N PRO F 341 -14.39 9.83 23.27
CA PRO F 341 -14.03 8.70 24.10
C PRO F 341 -14.49 7.35 23.54
N SER F 342 -13.87 6.30 24.05
CA SER F 342 -14.25 4.95 23.69
C SER F 342 -15.63 4.63 24.23
N VAL F 343 -16.41 3.88 23.44
CA VAL F 343 -17.72 3.44 23.90
C VAL F 343 -17.63 2.33 24.93
N ALA F 344 -16.45 1.75 25.10
CA ALA F 344 -16.22 0.67 26.07
C ALA F 344 -17.13 -0.51 25.83
N THR G 3 -72.31 -31.97 24.91
CA THR G 3 -73.54 -32.70 24.60
C THR G 3 -74.71 -31.76 24.43
N LEU G 4 -74.62 -30.89 23.43
CA LEU G 4 -75.66 -29.88 23.23
C LEU G 4 -75.85 -29.66 21.73
N GLY G 5 -76.66 -28.68 21.36
CA GLY G 5 -76.92 -28.38 19.96
C GLY G 5 -77.12 -26.91 19.64
N ASN G 6 -76.54 -26.02 20.44
CA ASN G 6 -76.76 -24.59 20.28
C ASN G 6 -75.58 -23.83 19.69
N THR G 7 -74.42 -24.48 19.54
CA THR G 7 -73.22 -23.77 19.13
C THR G 7 -73.35 -23.13 17.74
N TYR G 8 -73.52 -23.96 16.71
CA TYR G 8 -73.70 -23.46 15.36
C TYR G 8 -75.14 -23.65 14.92
N LEU G 9 -75.47 -23.03 13.79
CA LEU G 9 -76.80 -23.20 13.20
C LEU G 9 -77.02 -24.64 12.80
N THR G 10 -78.20 -25.17 13.12
CA THR G 10 -78.50 -26.57 12.85
C THR G 10 -79.68 -26.68 11.88
N LEU G 11 -80.06 -27.93 11.61
CA LEU G 11 -81.17 -28.17 10.68
C LEU G 11 -82.48 -27.69 11.28
N ALA G 12 -82.61 -27.75 12.61
CA ALA G 12 -83.86 -27.35 13.24
C ALA G 12 -84.17 -25.89 12.96
N ASP G 13 -83.17 -25.02 13.06
CA ASP G 13 -83.44 -23.59 12.90
C ASP G 13 -83.89 -23.28 11.47
N VAL G 14 -83.21 -23.83 10.48
CA VAL G 14 -83.60 -23.55 9.10
C VAL G 14 -84.96 -24.15 8.82
N GLN G 15 -85.24 -25.31 9.41
CA GLN G 15 -86.58 -25.88 9.28
C GLN G 15 -87.63 -24.97 9.89
N LYS G 16 -87.26 -24.19 10.91
CA LYS G 16 -88.26 -23.38 11.58
C LYS G 16 -88.39 -21.98 10.97
N GLN G 17 -87.33 -21.49 10.30
CA GLN G 17 -87.42 -20.17 9.69
C GLN G 17 -87.68 -20.26 8.19
N LYS G 18 -86.86 -21.02 7.48
CA LYS G 18 -87.09 -21.26 6.06
C LYS G 18 -88.24 -22.25 5.96
N ASP G 19 -89.44 -21.73 5.71
CA ASP G 19 -90.61 -22.57 5.48
C ASP G 19 -91.73 -21.68 4.95
N GLY G 20 -92.93 -22.24 4.89
CA GLY G 20 -94.03 -21.57 4.23
C GLY G 20 -94.41 -22.34 2.99
N LYS G 21 -94.23 -23.66 3.05
CA LYS G 21 -94.45 -24.55 1.91
C LYS G 21 -93.57 -24.12 0.72
N GLY G 22 -92.27 -24.04 1.00
CA GLY G 22 -91.35 -23.50 0.03
C GLY G 22 -89.97 -23.22 0.61
N ASN G 23 -89.48 -22.00 0.41
CA ASN G 23 -88.13 -21.63 0.74
C ASN G 23 -88.14 -20.55 1.83
N VAL G 24 -86.96 -19.96 2.06
CA VAL G 24 -86.74 -18.95 3.09
C VAL G 24 -87.79 -17.85 2.99
N THR G 25 -88.19 -17.30 4.13
CA THR G 25 -89.09 -16.17 4.18
C THR G 25 -88.29 -14.88 4.29
N SER G 26 -88.79 -13.83 3.65
CA SER G 26 -88.22 -12.50 3.75
C SER G 26 -88.86 -11.69 4.87
N GLU G 27 -89.65 -12.35 5.73
CA GLU G 27 -90.32 -11.70 6.82
C GLU G 27 -90.03 -12.50 8.10
N ILE G 28 -88.97 -12.13 8.79
CA ILE G 28 -88.64 -12.69 10.08
C ILE G 28 -88.91 -11.61 11.12
N ILE G 29 -89.86 -11.87 12.01
CA ILE G 29 -90.30 -10.85 12.95
C ILE G 29 -89.34 -10.77 14.12
N GLU G 30 -88.85 -9.56 14.40
CA GLU G 30 -87.87 -9.34 15.45
C GLU G 30 -88.61 -9.19 16.77
N MET G 31 -88.87 -10.34 17.41
CA MET G 31 -89.55 -10.33 18.70
C MET G 31 -88.74 -9.62 19.77
N LEU G 32 -87.41 -9.72 19.71
CA LEU G 32 -86.53 -9.03 20.64
C LEU G 32 -85.87 -7.87 19.89
N ALA G 33 -86.58 -6.75 19.82
CA ALA G 33 -86.20 -5.61 19.00
C ALA G 33 -86.33 -4.32 19.78
N GLU G 34 -85.72 -4.29 20.96
CA GLU G 34 -85.76 -3.10 21.81
C GLU G 34 -85.43 -1.85 21.01
N THR G 35 -86.40 -0.97 20.87
CA THR G 35 -86.24 0.21 20.02
C THR G 35 -85.37 1.24 20.73
N ASN G 36 -84.31 1.67 20.05
CA ASN G 36 -83.36 2.64 20.60
C ASN G 36 -83.16 3.74 19.59
N PRO G 37 -84.07 4.72 19.54
CA PRO G 37 -83.97 5.79 18.54
C PRO G 37 -82.73 6.67 18.74
N ILE G 38 -81.95 6.37 19.77
CA ILE G 38 -80.65 7.03 19.90
C ILE G 38 -79.77 6.70 18.71
N LEU G 39 -79.86 5.47 18.22
CA LEU G 39 -79.03 5.06 17.08
C LEU G 39 -79.43 5.79 15.81
N GLU G 40 -80.66 6.26 15.70
CA GLU G 40 -81.13 6.98 14.53
C GLU G 40 -80.93 8.49 14.65
N ASP G 41 -81.17 9.07 15.83
CA ASP G 41 -80.99 10.50 15.98
C ASP G 41 -79.52 10.88 15.95
N MET G 42 -78.66 10.03 16.51
CA MET G 42 -77.26 10.37 16.64
C MET G 42 -76.58 10.44 15.27
N VAL G 43 -75.80 11.51 15.06
CA VAL G 43 -75.07 11.70 13.83
C VAL G 43 -73.75 10.95 13.91
N VAL G 44 -73.09 10.77 12.77
CA VAL G 44 -71.79 10.12 12.71
C VAL G 44 -70.82 11.01 11.94
N MET G 45 -69.53 10.77 12.15
CA MET G 45 -68.49 11.60 11.57
C MET G 45 -67.20 10.80 11.48
N GLU G 46 -66.56 10.83 10.32
CA GLU G 46 -65.33 10.09 10.12
C GLU G 46 -64.20 10.65 10.97
N CYS G 47 -63.41 9.76 11.56
CA CYS G 47 -62.31 10.16 12.43
C CYS G 47 -61.16 10.66 11.58
N ASN G 48 -61.25 11.93 11.19
CA ASN G 48 -60.25 12.53 10.32
C ASN G 48 -58.87 12.52 10.97
N ASP G 49 -58.83 12.74 12.29
CA ASP G 49 -57.56 12.85 13.00
C ASP G 49 -56.72 11.58 12.84
N GLY G 50 -57.31 10.43 13.16
CA GLY G 50 -56.65 9.16 12.88
C GLY G 50 -56.49 8.21 14.05
N THR G 51 -56.07 8.71 15.21
CA THR G 51 -55.91 7.89 16.41
C THR G 51 -56.62 8.59 17.57
N GLY G 52 -57.92 8.36 17.67
CA GLY G 52 -58.70 8.91 18.76
C GLY G 52 -59.30 10.24 18.37
N HIS G 53 -60.61 10.28 18.16
CA HIS G 53 -61.28 11.48 17.68
C HIS G 53 -60.94 12.67 18.55
N LEU G 54 -60.37 13.69 17.95
CA LEU G 54 -59.85 14.84 18.67
C LEU G 54 -60.88 15.96 18.69
N THR G 55 -60.70 16.90 19.61
CA THR G 55 -61.64 18.00 19.74
C THR G 55 -61.00 19.22 20.38
N THR G 56 -61.20 20.38 19.78
CA THR G 56 -60.71 21.65 20.32
C THR G 56 -61.86 22.46 20.88
N ILE G 57 -61.78 22.78 22.16
CA ILE G 57 -62.81 23.53 22.86
C ILE G 57 -62.20 24.84 23.34
N ARG G 58 -62.88 25.95 23.09
CA ARG G 58 -62.43 27.22 23.65
C ARG G 58 -62.56 27.18 25.16
N THR G 59 -61.58 27.75 25.85
CA THR G 59 -61.56 27.68 27.30
C THR G 59 -61.36 29.03 27.97
N GLY G 60 -60.61 29.95 27.35
CA GLY G 60 -60.52 31.31 27.83
C GLY G 60 -61.08 32.26 26.80
N LEU G 61 -61.50 33.43 27.28
CA LEU G 61 -62.04 34.42 26.37
C LEU G 61 -61.25 35.72 26.51
N PRO G 62 -60.94 36.36 25.39
CA PRO G 62 -60.23 37.64 25.46
C PRO G 62 -61.09 38.72 26.07
N GLN G 63 -60.44 39.71 26.66
CA GLN G 63 -61.12 40.81 27.33
C GLN G 63 -60.95 42.07 26.48
N ALA G 64 -62.01 42.44 25.77
CA ALA G 64 -61.99 43.65 24.94
C ALA G 64 -61.89 44.88 25.82
N THR G 65 -61.71 46.06 25.22
CA THR G 65 -61.48 47.26 26.00
C THR G 65 -62.09 48.44 25.25
N TRP G 66 -62.32 49.52 25.99
CA TRP G 66 -62.84 50.77 25.45
C TRP G 66 -61.69 51.76 25.33
N ARG G 67 -61.47 52.28 24.12
CA ARG G 67 -60.37 53.20 23.89
C ARG G 67 -60.74 54.61 24.31
N ARG G 68 -59.82 55.25 25.03
CA ARG G 68 -60.03 56.57 25.63
C ARG G 68 -59.08 57.56 24.99
N LEU G 69 -59.54 58.22 23.92
CA LEU G 69 -58.79 59.32 23.32
C LEU G 69 -57.37 58.86 22.97
N TYR G 70 -57.30 57.97 21.99
CA TYR G 70 -56.06 57.33 21.53
C TYR G 70 -55.29 56.71 22.71
N GLU G 71 -55.91 55.68 23.27
CA GLU G 71 -55.30 54.88 24.33
C GLU G 71 -55.08 53.46 23.82
N GLY G 72 -54.01 52.84 24.28
CA GLY G 72 -53.64 51.54 23.77
C GLY G 72 -54.50 50.41 24.31
N VAL G 73 -54.67 49.38 23.49
CA VAL G 73 -55.42 48.18 23.83
C VAL G 73 -54.44 47.03 23.84
N GLN G 74 -54.23 46.43 25.01
CA GLN G 74 -53.27 45.34 25.10
C GLN G 74 -53.75 44.15 24.28
N PRO G 75 -52.83 43.40 23.67
CA PRO G 75 -53.22 42.16 22.98
C PRO G 75 -53.76 41.14 23.98
N ALA G 76 -54.64 40.29 23.48
CA ALA G 76 -55.31 39.32 24.32
C ALA G 76 -55.10 37.91 23.79
N LYS G 77 -54.93 36.97 24.72
CA LYS G 77 -54.84 35.56 24.38
C LYS G 77 -56.23 34.94 24.49
N SER G 78 -56.32 33.68 24.09
CA SER G 78 -57.57 32.93 24.28
C SER G 78 -57.17 31.47 24.47
N THR G 79 -57.06 31.06 25.74
CA THR G 79 -56.53 29.74 26.06
C THR G 79 -57.54 28.66 25.68
N THR G 80 -57.04 27.53 25.17
CA THR G 80 -57.88 26.49 24.58
C THR G 80 -57.54 25.14 25.21
N ARG G 81 -58.57 24.41 25.60
CA ARG G 81 -58.43 23.02 25.99
C ARG G 81 -58.69 22.11 24.80
N GLN G 82 -58.24 20.86 24.93
CA GLN G 82 -58.36 19.88 23.86
C GLN G 82 -58.58 18.51 24.46
N ILE G 83 -59.51 17.75 23.89
CA ILE G 83 -59.91 16.47 24.43
C ILE G 83 -59.88 15.42 23.33
N LYS G 84 -59.53 14.18 23.71
CA LYS G 84 -59.46 13.06 22.78
C LYS G 84 -60.53 12.04 23.13
N ASP G 85 -61.20 11.54 22.11
CA ASP G 85 -62.31 10.60 22.25
C ASP G 85 -61.95 9.32 21.52
N SER G 86 -61.56 8.30 22.27
CA SER G 86 -61.22 7.02 21.69
C SER G 86 -62.48 6.32 21.17
N THR G 87 -62.26 5.28 20.37
CA THR G 87 -63.37 4.56 19.76
C THR G 87 -63.32 3.09 20.11
N GLY G 88 -64.24 2.31 19.55
CA GLY G 88 -64.28 0.88 19.82
C GLY G 88 -65.02 0.15 18.73
N THR G 89 -64.71 -1.14 18.61
CA THR G 89 -65.21 -1.95 17.52
C THR G 89 -65.90 -3.20 18.05
N LEU G 90 -67.02 -3.57 17.42
CA LEU G 90 -67.68 -4.84 17.67
C LEU G 90 -67.81 -5.59 16.36
N GLU G 91 -67.58 -6.91 16.42
CA GLU G 91 -67.76 -7.76 15.26
C GLU G 91 -68.58 -8.98 15.63
N ALA G 92 -68.93 -9.74 14.61
CA ALA G 92 -69.67 -10.98 14.80
C ALA G 92 -69.46 -11.83 13.56
N TRP G 93 -69.71 -13.14 13.71
CA TRP G 93 -69.39 -14.11 12.67
C TRP G 93 -70.51 -15.12 12.58
N SER G 94 -71.04 -15.32 11.37
CA SER G 94 -72.00 -16.37 11.13
C SER G 94 -71.29 -17.62 10.64
N GLU G 95 -71.88 -18.79 10.92
CA GLU G 95 -71.30 -20.06 10.51
C GLU G 95 -72.43 -21.03 10.18
N VAL G 96 -72.55 -21.37 8.90
CA VAL G 96 -73.47 -22.40 8.46
C VAL G 96 -72.71 -23.36 7.55
N ASP G 97 -72.97 -24.65 7.73
CA ASP G 97 -72.37 -25.64 6.84
C ASP G 97 -72.82 -25.39 5.41
N GLU G 98 -71.85 -25.38 4.48
CA GLU G 98 -72.16 -25.04 3.10
C GLU G 98 -73.24 -25.95 2.54
N LYS G 99 -73.16 -27.24 2.85
CA LYS G 99 -74.19 -28.16 2.40
C LYS G 99 -75.54 -27.82 3.00
N LEU G 100 -75.56 -27.28 4.22
CA LEU G 100 -76.83 -26.86 4.80
C LEU G 100 -77.42 -25.67 4.05
N VAL G 101 -76.58 -24.70 3.70
CA VAL G 101 -77.06 -23.54 2.96
C VAL G 101 -77.60 -23.96 1.61
N LYS G 102 -76.83 -24.78 0.88
CA LYS G 102 -77.28 -25.25 -0.42
C LYS G 102 -78.53 -26.11 -0.29
N LEU G 103 -78.66 -26.82 0.83
CA LEU G 103 -79.79 -27.72 1.02
C LEU G 103 -81.10 -26.96 1.05
N SER G 104 -81.11 -25.81 1.74
CA SER G 104 -82.23 -24.89 1.60
C SER G 104 -82.24 -24.34 0.18
N LYS G 105 -83.44 -24.12 -0.36
CA LYS G 105 -83.56 -23.74 -1.77
C LYS G 105 -82.84 -22.42 -2.05
N ASP G 106 -82.83 -21.52 -1.08
CA ASP G 106 -82.22 -20.21 -1.25
C ASP G 106 -81.02 -20.05 -0.31
N LYS G 107 -80.05 -19.26 -0.77
CA LYS G 107 -78.88 -18.91 0.02
C LYS G 107 -78.87 -17.44 0.41
N GLN G 108 -79.26 -16.55 -0.50
CA GLN G 108 -79.22 -15.12 -0.19
C GLN G 108 -80.19 -14.77 0.93
N GLN G 109 -81.40 -15.33 0.90
CA GLN G 109 -82.38 -14.96 1.92
C GLN G 109 -82.04 -15.62 3.26
N LEU G 110 -81.58 -16.87 3.23
CA LEU G 110 -81.24 -17.56 4.47
C LEU G 110 -80.05 -16.91 5.17
N MET G 111 -79.23 -16.18 4.41
CA MET G 111 -78.23 -15.33 5.03
C MET G 111 -78.76 -13.95 5.36
N LEU G 112 -79.74 -13.44 4.61
CA LEU G 112 -80.26 -12.11 4.87
C LEU G 112 -80.98 -12.05 6.20
N ASN G 113 -81.79 -13.06 6.51
CA ASN G 113 -82.46 -13.04 7.81
C ASN G 113 -81.48 -13.26 8.95
N GLU G 114 -80.49 -14.13 8.75
CA GLU G 114 -79.47 -14.32 9.77
C GLU G 114 -78.65 -13.05 9.98
N ALA G 115 -78.54 -12.22 8.93
CA ALA G 115 -77.87 -10.93 9.04
C ALA G 115 -78.74 -9.90 9.76
N ALA G 116 -80.05 -9.95 9.53
CA ALA G 116 -80.95 -9.08 10.28
C ALA G 116 -80.89 -9.40 11.77
N ALA G 117 -80.79 -10.69 12.10
CA ALA G 117 -80.62 -11.09 13.50
C ALA G 117 -79.38 -10.44 14.10
N PHE G 118 -78.24 -10.57 13.41
CA PHE G 118 -77.01 -9.97 13.91
C PHE G 118 -77.12 -8.46 13.99
N LEU G 119 -77.80 -7.84 13.03
CA LEU G 119 -77.98 -6.40 13.05
C LEU G 119 -78.74 -5.96 14.29
N GLU G 120 -79.82 -6.68 14.61
CA GLU G 120 -80.58 -6.35 15.81
C GLU G 120 -79.73 -6.53 17.07
N GLY G 121 -78.96 -7.61 17.12
CA GLY G 121 -78.11 -7.83 18.28
C GLY G 121 -77.08 -6.73 18.45
N MET G 122 -76.45 -6.31 17.35
CA MET G 122 -75.47 -5.24 17.42
C MET G 122 -76.12 -3.93 17.82
N ASN G 123 -77.32 -3.66 17.31
CA ASN G 123 -78.03 -2.44 17.71
C ASN G 123 -78.28 -2.43 19.21
N GLN G 124 -78.76 -3.56 19.75
CA GLN G 124 -79.04 -3.62 21.17
C GLN G 124 -77.78 -3.41 22.00
N THR G 125 -76.72 -4.15 21.67
CA THR G 125 -75.49 -4.05 22.46
C THR G 125 -74.88 -2.66 22.35
N MET G 126 -74.94 -2.06 21.16
CA MET G 126 -74.36 -0.74 20.99
C MET G 126 -75.17 0.34 21.71
N ALA G 127 -76.49 0.22 21.72
CA ALA G 127 -77.27 1.17 22.52
C ALA G 127 -76.96 1.02 24.01
N SER G 128 -76.89 -0.23 24.48
CA SER G 128 -76.57 -0.45 25.88
C SER G 128 -75.23 0.14 26.25
N THR G 129 -74.23 -0.04 25.40
CA THR G 129 -72.91 0.50 25.70
C THR G 129 -72.83 1.99 25.42
N LEU G 130 -73.71 2.50 24.56
CA LEU G 130 -73.76 3.94 24.33
C LEU G 130 -74.23 4.65 25.57
N PHE G 131 -75.18 4.05 26.29
CA PHE G 131 -75.63 4.66 27.53
C PHE G 131 -74.71 4.30 28.69
N TYR G 132 -74.67 3.03 29.07
CA TYR G 132 -73.79 2.57 30.16
C TYR G 132 -72.55 1.88 29.62
N GLY G 133 -71.72 2.62 28.90
CA GLY G 133 -70.47 2.06 28.44
C GLY G 133 -69.29 2.70 29.14
N ASN G 134 -68.51 1.90 29.85
CA ASN G 134 -67.45 2.42 30.71
C ASN G 134 -66.10 1.94 30.21
N THR G 135 -65.19 2.89 29.98
CA THR G 135 -63.79 2.53 29.79
C THR G 135 -63.11 2.20 31.10
N ALA G 136 -63.73 2.54 32.23
CA ALA G 136 -63.09 2.29 33.53
C ALA G 136 -62.93 0.79 33.78
N THR G 137 -63.93 0.00 33.42
CA THR G 137 -63.90 -1.44 33.64
C THR G 137 -63.70 -2.22 32.35
N ASP G 138 -64.34 -1.80 31.27
CA ASP G 138 -64.15 -2.45 29.97
C ASP G 138 -63.31 -1.52 29.11
N ALA G 139 -62.00 -1.72 29.12
CA ALA G 139 -61.08 -0.91 28.35
C ALA G 139 -61.24 -1.17 26.86
N VAL G 140 -62.00 -2.21 26.51
CA VAL G 140 -62.23 -2.56 25.12
C VAL G 140 -63.59 -2.01 24.70
N LYS G 141 -64.15 -1.15 25.53
CA LYS G 141 -65.48 -0.58 25.32
C LYS G 141 -65.36 0.93 25.27
N PHE G 142 -65.85 1.54 24.20
CA PHE G 142 -65.84 2.99 24.13
C PHE G 142 -66.79 3.56 25.17
N MET G 143 -66.34 4.61 25.86
CA MET G 143 -67.08 5.12 27.01
C MET G 143 -68.40 5.71 26.57
N GLY G 144 -69.47 5.30 27.23
CA GLY G 144 -70.81 5.75 26.91
C GLY G 144 -71.14 7.07 27.57
N LEU G 145 -72.44 7.34 27.64
CA LEU G 145 -72.90 8.61 28.16
C LEU G 145 -72.85 8.65 29.68
N ALA G 146 -73.02 7.51 30.33
CA ALA G 146 -73.17 7.51 31.78
C ALA G 146 -71.86 7.74 32.54
N PRO G 147 -70.81 6.94 32.33
CA PRO G 147 -69.64 7.04 33.21
C PRO G 147 -68.95 8.39 33.16
N ARG G 148 -69.20 9.17 32.12
CA ARG G 148 -68.70 10.54 32.08
C ARG G 148 -69.43 11.46 33.05
N PHE G 149 -70.44 10.95 33.77
CA PHE G 149 -71.23 11.80 34.64
C PHE G 149 -71.58 11.13 35.97
N ASN G 150 -70.83 10.12 36.39
CA ASN G 150 -71.19 9.40 37.61
C ASN G 150 -70.78 10.17 38.85
N ALA G 151 -71.23 11.42 38.95
CA ALA G 151 -70.96 12.29 40.09
C ALA G 151 -71.84 13.52 39.98
N TYR G 152 -71.92 14.32 41.04
CA TYR G 152 -72.71 15.54 40.95
C TYR G 152 -72.27 16.52 42.02
N ARG G 153 -72.31 17.80 41.67
CA ARG G 153 -72.07 18.86 42.63
C ARG G 153 -73.33 19.09 43.45
N ALA G 154 -73.15 19.38 44.74
CA ALA G 154 -74.28 19.68 45.61
C ALA G 154 -74.99 20.94 45.11
N ALA G 155 -74.30 22.07 45.14
CA ALA G 155 -74.82 23.33 44.62
C ALA G 155 -74.12 23.63 43.31
N ARG G 156 -74.91 23.82 42.25
CA ARG G 156 -74.34 24.03 40.93
C ARG G 156 -73.50 25.29 40.90
N ASN G 157 -72.38 25.23 40.19
CA ASN G 157 -71.54 26.41 40.03
C ASN G 157 -72.27 27.47 39.23
N LEU G 158 -71.77 28.71 39.32
CA LEU G 158 -72.38 29.80 38.58
C LEU G 158 -72.36 29.52 37.07
N LYS G 159 -71.26 28.94 36.59
CA LYS G 159 -71.14 28.58 35.19
C LYS G 159 -70.67 27.14 35.09
N PRO G 160 -71.17 26.38 34.11
CA PRO G 160 -70.73 24.99 33.96
C PRO G 160 -69.23 24.90 33.73
N VAL G 161 -68.53 24.27 34.67
CA VAL G 161 -67.08 24.16 34.58
C VAL G 161 -66.64 22.73 34.83
N ASP G 162 -67.59 21.79 34.85
CA ASP G 162 -67.26 20.41 35.14
C ASP G 162 -68.43 19.52 34.77
N THR G 163 -68.14 18.24 34.56
CA THR G 163 -69.19 17.27 34.27
C THR G 163 -70.19 17.19 35.41
N ALA G 164 -69.68 17.17 36.65
CA ALA G 164 -70.55 17.06 37.82
C ALA G 164 -71.50 18.24 37.92
N ASP G 165 -71.20 19.36 37.27
CA ASP G 165 -72.08 20.51 37.30
C ASP G 165 -73.23 20.40 36.30
N GLN G 166 -73.33 19.28 35.58
CA GLN G 166 -74.43 19.06 34.66
C GLN G 166 -75.27 17.84 35.03
N VAL G 167 -75.16 17.37 36.27
CA VAL G 167 -75.90 16.19 36.71
C VAL G 167 -76.80 16.63 37.86
N ILE G 168 -78.10 16.37 37.72
CA ILE G 168 -79.03 16.71 38.78
C ILE G 168 -79.30 15.48 39.62
N ASP G 169 -79.11 15.60 40.92
CA ASP G 169 -79.38 14.51 41.85
C ASP G 169 -80.86 14.57 42.19
N ALA G 170 -81.64 13.67 41.59
CA ALA G 170 -83.06 13.60 41.89
C ALA G 170 -83.33 13.08 43.29
N GLY G 171 -82.32 12.56 43.97
CA GLY G 171 -82.51 12.01 45.29
C GLY G 171 -83.04 10.60 45.22
N GLY G 172 -82.42 9.68 45.91
CA GLY G 172 -82.86 8.31 45.89
C GLY G 172 -81.74 7.37 46.27
N THR G 173 -82.09 6.10 46.34
CA THR G 173 -81.17 5.04 46.75
C THR G 173 -81.82 3.71 46.37
N GLY G 174 -81.24 2.62 46.86
CA GLY G 174 -81.79 1.31 46.62
C GLY G 174 -81.27 0.68 45.34
N SER G 175 -82.01 -0.33 44.87
CA SER G 175 -81.69 -1.04 43.64
C SER G 175 -82.81 -0.90 42.62
N ASP G 176 -83.41 0.29 42.58
CA ASP G 176 -84.48 0.56 41.62
C ASP G 176 -84.40 1.95 41.01
N LEU G 177 -83.27 2.65 41.18
CA LEU G 177 -83.12 3.98 40.64
C LEU G 177 -82.88 3.94 39.14
N THR G 178 -83.24 5.02 38.46
CA THR G 178 -83.03 5.16 37.02
C THR G 178 -82.54 6.58 36.74
N SER G 179 -82.38 6.91 35.46
CA SER G 179 -81.86 8.21 35.09
C SER G 179 -82.50 8.68 33.80
N ILE G 180 -82.33 9.97 33.50
CA ILE G 180 -82.86 10.58 32.29
C ILE G 180 -81.75 11.38 31.64
N TRP G 181 -81.70 11.33 30.30
CA TRP G 181 -80.69 12.04 29.52
C TRP G 181 -81.36 13.06 28.61
N MET G 182 -80.89 14.30 28.68
CA MET G 182 -81.23 15.31 27.70
C MET G 182 -79.96 15.68 26.94
N VAL G 183 -79.93 15.33 25.66
CA VAL G 183 -78.75 15.50 24.82
C VAL G 183 -79.17 16.18 23.52
N VAL G 184 -78.23 16.92 22.94
CA VAL G 184 -78.38 17.49 21.60
C VAL G 184 -77.37 16.79 20.71
N TRP G 185 -77.84 16.20 19.63
CA TRP G 185 -76.97 15.51 18.69
C TRP G 185 -76.56 16.48 17.60
N GLY G 186 -75.27 16.78 17.51
CA GLY G 186 -74.78 17.71 16.52
C GLY G 186 -73.29 17.58 16.33
N ASP G 187 -72.81 18.19 15.25
CA ASP G 187 -71.39 18.14 14.93
C ASP G 187 -70.56 18.82 16.02
N ARG G 188 -71.07 19.90 16.58
CA ARG G 188 -70.40 20.59 17.67
C ARG G 188 -70.93 20.17 19.04
N THR G 189 -71.84 19.20 19.10
CA THR G 189 -72.36 18.72 20.38
C THR G 189 -72.02 17.27 20.65
N ALA G 190 -72.46 16.35 19.79
CA ALA G 190 -72.23 14.93 20.04
C ALA G 190 -72.66 14.15 18.82
N HIS G 191 -71.90 13.12 18.50
CA HIS G 191 -72.18 12.32 17.31
C HIS G 191 -71.36 11.04 17.38
N GLY G 192 -71.75 10.08 16.56
CA GLY G 192 -71.00 8.85 16.44
C GLY G 192 -69.71 9.04 15.67
N LEU G 193 -68.86 8.02 15.73
CA LEU G 193 -67.52 8.10 15.14
C LEU G 193 -67.16 6.76 14.54
N TYR G 194 -67.10 6.70 13.21
CA TYR G 194 -66.50 5.58 12.53
C TYR G 194 -65.08 5.95 12.13
N PRO G 195 -64.06 5.23 12.61
CA PRO G 195 -62.67 5.64 12.38
C PRO G 195 -62.30 5.71 10.91
N GLU G 196 -61.12 6.25 10.63
CA GLU G 196 -60.65 6.34 9.26
C GLU G 196 -60.49 4.95 8.65
N GLY G 197 -60.78 4.86 7.35
CA GLY G 197 -60.70 3.59 6.66
C GLY G 197 -61.94 2.75 6.88
N THR G 198 -62.29 2.50 8.14
CA THR G 198 -63.52 1.80 8.45
C THR G 198 -64.72 2.60 7.97
N SER G 199 -65.69 1.90 7.38
CA SER G 199 -66.88 2.56 6.88
C SER G 199 -67.77 2.97 8.06
N ALA G 200 -68.89 3.62 7.73
CA ALA G 200 -69.81 4.15 8.73
C ALA G 200 -70.93 3.16 8.99
N GLY G 201 -71.16 2.85 10.26
CA GLY G 201 -72.23 1.95 10.63
C GLY G 201 -71.84 0.49 10.51
N LEU G 202 -72.86 -0.36 10.44
CA LEU G 202 -72.63 -1.79 10.30
C LEU G 202 -72.06 -2.11 8.93
N GLN G 203 -71.19 -3.13 8.89
CA GLN G 203 -70.53 -3.56 7.66
C GLN G 203 -70.71 -5.07 7.52
N ARG G 204 -71.78 -5.48 6.85
CA ARG G 204 -71.96 -6.88 6.53
C ARG G 204 -70.94 -7.30 5.49
N GLU G 205 -70.28 -8.44 5.74
CA GLU G 205 -69.26 -8.95 4.85
C GLU G 205 -69.51 -10.44 4.63
N TYR G 206 -69.72 -10.83 3.37
CA TYR G 206 -70.05 -12.20 3.02
C TYR G 206 -68.78 -12.91 2.53
N LEU G 207 -68.26 -13.82 3.34
CA LEU G 207 -67.00 -14.48 3.00
C LEU G 207 -67.24 -15.81 2.28
N GLY G 208 -68.06 -15.78 1.24
CA GLY G 208 -68.29 -16.91 0.36
C GLY G 208 -68.42 -18.25 1.04
N ALA G 209 -67.55 -19.19 0.68
CA ALA G 209 -67.50 -20.51 1.29
C ALA G 209 -66.06 -20.83 1.68
N GLU G 210 -65.91 -21.44 2.84
CA GLU G 210 -64.59 -21.78 3.36
C GLU G 210 -64.62 -23.17 3.95
N THR G 211 -63.44 -23.71 4.23
CA THR G 211 -63.28 -25.06 4.74
C THR G 211 -62.77 -25.03 6.17
N LYS G 212 -63.41 -25.80 7.04
CA LYS G 212 -63.13 -25.78 8.46
C LYS G 212 -62.23 -26.95 8.86
N GLU G 213 -62.03 -27.10 10.16
CA GLU G 213 -61.17 -28.15 10.70
C GLU G 213 -61.68 -28.52 12.09
N LEU G 214 -61.04 -29.51 12.68
CA LEU G 214 -61.34 -29.94 14.05
C LEU G 214 -60.05 -30.44 14.69
N GLY G 215 -60.18 -31.13 15.81
CA GLY G 215 -59.02 -31.75 16.43
C GLY G 215 -58.53 -32.97 15.70
N ASP G 216 -59.38 -33.61 14.89
CA ASP G 216 -59.01 -34.77 14.09
C ASP G 216 -59.55 -34.53 12.69
N GLY G 217 -58.76 -33.85 11.86
CA GLY G 217 -59.14 -33.59 10.48
C GLY G 217 -60.56 -33.08 10.34
N GLY G 218 -61.41 -33.91 9.74
CA GLY G 218 -62.83 -33.62 9.67
C GLY G 218 -63.17 -32.32 8.98
N VAL G 219 -62.47 -32.01 7.89
CA VAL G 219 -62.72 -30.76 7.20
C VAL G 219 -64.10 -30.80 6.57
N TYR G 220 -64.87 -29.72 6.78
CA TYR G 220 -66.16 -29.57 6.14
C TYR G 220 -66.33 -28.12 5.71
N ARG G 221 -67.25 -27.89 4.79
CA ARG G 221 -67.42 -26.60 4.14
C ARG G 221 -68.45 -25.76 4.90
N VAL G 222 -68.06 -24.53 5.25
CA VAL G 222 -68.90 -23.60 5.98
C VAL G 222 -69.00 -22.31 5.20
N VAL G 223 -70.13 -21.63 5.32
CA VAL G 223 -70.32 -20.30 4.77
C VAL G 223 -70.32 -19.32 5.93
N ARG G 224 -69.40 -18.35 5.91
CA ARG G 224 -69.20 -17.45 7.04
C ARG G 224 -69.53 -16.03 6.61
N GLU G 225 -70.44 -15.40 7.34
CA GLU G 225 -70.77 -13.98 7.16
C GLU G 225 -70.12 -13.20 8.30
N LYS G 226 -69.27 -12.24 7.94
CA LYS G 226 -68.60 -11.40 8.92
C LYS G 226 -69.37 -10.10 9.09
N PHE G 227 -69.73 -9.78 10.32
CA PHE G 227 -70.40 -8.53 10.64
C PHE G 227 -69.48 -7.69 11.51
N GLU G 228 -69.43 -6.39 11.23
CA GLU G 228 -68.60 -5.48 12.00
C GLU G 228 -69.34 -4.16 12.16
N TRP G 229 -69.07 -3.49 13.26
CA TRP G 229 -69.56 -2.14 13.49
C TRP G 229 -68.58 -1.42 14.40
N ASP G 230 -67.97 -0.36 13.90
CA ASP G 230 -67.13 0.52 14.71
C ASP G 230 -67.91 1.76 15.08
N LEU G 231 -67.74 2.21 16.32
CA LEU G 231 -68.49 3.37 16.78
C LEU G 231 -67.83 4.02 17.99
N GLY G 232 -67.53 5.31 17.88
CA GLY G 232 -67.02 6.08 18.99
C GLY G 232 -67.99 7.18 19.35
N LEU G 233 -67.94 7.59 20.62
CA LEU G 233 -68.85 8.61 21.13
C LEU G 233 -68.04 9.81 21.61
N THR G 234 -68.42 10.99 21.15
CA THR G 234 -67.75 12.24 21.53
C THR G 234 -68.75 13.21 22.13
N VAL G 235 -68.41 13.77 23.28
CA VAL G 235 -69.22 14.82 23.88
C VAL G 235 -68.59 16.18 23.63
N ARG G 236 -68.96 16.80 22.52
CA ARG G 236 -68.52 18.16 22.23
C ARG G 236 -69.42 19.15 22.96
N ASP G 237 -68.79 20.16 23.56
CA ASP G 237 -69.55 21.13 24.35
C ASP G 237 -70.46 20.41 25.32
N PHE G 238 -69.87 19.70 26.29
CA PHE G 238 -70.64 18.84 27.18
C PHE G 238 -71.75 19.59 27.91
N ARG G 239 -71.80 20.91 27.81
CA ARG G 239 -72.88 21.70 28.37
C ARG G 239 -74.19 21.41 27.65
N TYR G 240 -74.17 20.53 26.66
CA TYR G 240 -75.37 20.12 25.94
C TYR G 240 -75.90 18.77 26.42
N VAL G 241 -75.35 18.24 27.51
CA VAL G 241 -75.77 16.95 28.05
C VAL G 241 -76.01 17.12 29.54
N VAL G 242 -77.21 16.80 30.00
CA VAL G 242 -77.57 16.90 31.41
C VAL G 242 -78.21 15.60 31.85
N ARG G 243 -77.78 15.07 32.99
CA ARG G 243 -78.26 13.81 33.51
C ARG G 243 -79.01 14.03 34.83
N ILE G 244 -80.16 13.38 34.96
CA ILE G 244 -80.96 13.41 36.18
C ILE G 244 -80.84 12.03 36.81
N ALA G 245 -80.01 11.91 37.82
CA ALA G 245 -79.62 10.62 38.35
C ALA G 245 -80.41 10.25 39.60
N ASN G 246 -80.35 8.97 39.95
CA ASN G 246 -80.93 8.44 41.18
C ASN G 246 -82.44 8.66 41.25
N ILE G 247 -83.11 8.48 40.11
CA ILE G 247 -84.57 8.58 40.07
C ILE G 247 -85.12 7.23 40.56
N ASP G 248 -85.57 7.19 41.80
CA ASP G 248 -86.16 5.97 42.35
C ASP G 248 -87.43 5.63 41.58
N VAL G 249 -87.45 4.50 40.89
CA VAL G 249 -88.64 4.12 40.14
C VAL G 249 -89.79 3.76 41.07
N SER G 250 -89.48 3.27 42.28
CA SER G 250 -90.53 2.93 43.23
C SER G 250 -91.29 4.17 43.67
N ASP G 251 -90.55 5.22 44.05
CA ASP G 251 -91.20 6.48 44.39
C ASP G 251 -91.75 7.19 43.17
N LEU G 252 -91.35 6.76 41.97
CA LEU G 252 -91.82 7.39 40.75
C LEU G 252 -93.18 6.84 40.34
N GLN G 253 -93.35 5.52 40.47
CA GLN G 253 -94.65 4.91 40.18
C GLN G 253 -95.72 5.47 41.09
N ALA G 254 -95.40 5.62 42.37
CA ALA G 254 -96.25 6.32 43.31
C ALA G 254 -96.03 7.82 43.17
N GLY G 255 -96.86 8.59 43.88
CA GLY G 255 -96.74 10.03 43.85
C GLY G 255 -95.84 10.57 44.93
N THR G 256 -94.53 10.35 44.81
CA THR G 256 -93.57 10.88 45.75
C THR G 256 -92.63 11.89 45.10
N ILE G 257 -92.29 11.72 43.84
CA ILE G 257 -91.47 12.68 43.10
C ILE G 257 -92.11 12.92 41.75
N ASP G 258 -92.08 14.16 41.29
CA ASP G 258 -92.68 14.52 40.01
C ASP G 258 -91.59 14.70 38.98
N ILE G 259 -91.80 14.12 37.79
CA ILE G 259 -90.77 14.20 36.75
C ILE G 259 -90.68 15.60 36.19
N TYR G 260 -91.79 16.36 36.21
CA TYR G 260 -91.78 17.67 35.59
C TYR G 260 -90.82 18.62 36.31
N ALA G 261 -90.73 18.54 37.63
CA ALA G 261 -89.75 19.37 38.34
C ALA G 261 -88.33 19.02 37.91
N LEU G 262 -88.04 17.72 37.80
CA LEU G 262 -86.71 17.30 37.37
C LEU G 262 -86.44 17.78 35.96
N LEU G 263 -87.44 17.68 35.07
CA LEU G 263 -87.25 18.09 33.68
C LEU G 263 -87.01 19.59 33.58
N ARG G 264 -87.77 20.38 34.33
CA ARG G 264 -87.55 21.82 34.30
C ARG G 264 -86.18 22.18 34.86
N LYS G 265 -85.75 21.48 35.92
CA LYS G 265 -84.41 21.73 36.45
C LYS G 265 -83.35 21.41 35.41
N ALA G 266 -83.53 20.29 34.70
CA ALA G 266 -82.56 19.91 33.67
C ALA G 266 -82.53 20.92 32.54
N TYR G 267 -83.70 21.36 32.08
CA TYR G 267 -83.75 22.35 31.02
C TYR G 267 -83.10 23.65 31.46
N TYR G 268 -83.25 23.99 32.74
CA TYR G 268 -82.50 25.12 33.28
C TYR G 268 -81.01 24.87 33.18
N ARG G 269 -80.58 23.65 33.47
CA ARG G 269 -79.15 23.35 33.44
C ARG G 269 -78.63 23.02 32.05
N LEU G 270 -79.49 22.96 31.04
CA LEU G 270 -79.03 22.73 29.67
C LEU G 270 -78.48 24.04 29.10
N GLU G 271 -77.97 23.98 27.88
CA GLU G 271 -77.53 25.15 27.14
C GLU G 271 -78.52 25.43 26.03
N ASN G 272 -78.87 26.70 25.87
CA ASN G 272 -79.88 27.10 24.88
C ASN G 272 -79.49 26.63 23.49
N ARG G 273 -80.43 26.01 22.80
CA ARG G 273 -80.17 25.49 21.46
C ARG G 273 -79.86 26.63 20.50
N VAL G 274 -78.65 26.60 19.94
CA VAL G 274 -78.22 27.59 18.96
C VAL G 274 -77.60 26.82 17.81
N ILE G 275 -77.33 25.53 18.03
CA ILE G 275 -76.69 24.71 17.02
C ILE G 275 -77.59 24.59 15.80
N THR G 276 -76.97 24.68 14.62
CA THR G 276 -77.65 24.50 13.35
C THR G 276 -77.50 23.06 12.89
N GLY G 277 -78.60 22.47 12.42
CA GLY G 277 -78.58 21.10 11.96
C GLY G 277 -78.44 20.08 13.07
N GLY G 278 -78.56 20.50 14.33
CA GLY G 278 -78.37 19.59 15.44
C GLY G 278 -79.65 19.10 16.06
N ARG G 279 -79.97 17.82 15.86
CA ARG G 279 -81.14 17.23 16.49
C ARG G 279 -80.92 17.09 17.98
N ALA G 280 -82.00 17.21 18.75
CA ALA G 280 -81.96 17.06 20.19
C ALA G 280 -83.16 16.26 20.63
N ALA G 281 -83.03 15.57 21.75
CA ALA G 281 -84.12 14.71 22.21
C ALA G 281 -83.92 14.41 23.70
N LEU G 282 -84.97 13.86 24.31
CA LEU G 282 -84.93 13.29 25.64
C LEU G 282 -84.76 11.78 25.56
N TYR G 283 -83.94 11.24 26.44
CA TYR G 283 -83.69 9.80 26.50
C TYR G 283 -84.08 9.29 27.88
N CYS G 284 -85.31 8.80 27.99
CA CYS G 284 -85.87 8.30 29.23
C CYS G 284 -86.54 6.96 28.99
N ASN G 285 -86.42 6.05 29.94
CA ASN G 285 -86.99 4.71 29.79
C ASN G 285 -88.51 4.77 29.79
N ALA G 286 -89.15 3.61 29.66
CA ALA G 286 -90.61 3.59 29.59
C ALA G 286 -91.25 3.99 30.91
N ASP G 287 -90.55 3.78 32.02
CA ASP G 287 -91.11 4.15 33.31
C ASP G 287 -91.32 5.65 33.41
N VAL G 288 -90.40 6.44 32.85
CA VAL G 288 -90.53 7.88 32.94
C VAL G 288 -91.76 8.36 32.18
N THR G 289 -91.90 7.93 30.93
CA THR G 289 -93.05 8.36 30.15
C THR G 289 -94.34 7.81 30.73
N GLU G 290 -94.29 6.65 31.38
CA GLU G 290 -95.45 6.17 32.12
C GLU G 290 -95.79 7.14 33.24
N ALA G 291 -94.78 7.58 33.98
CA ALA G 291 -94.99 8.57 35.02
C ALA G 291 -95.40 9.92 34.46
N MET G 292 -95.30 10.12 33.15
CA MET G 292 -95.80 11.36 32.57
C MET G 292 -97.32 11.38 32.49
N ASP G 293 -97.97 10.44 33.17
CA ASP G 293 -99.43 10.43 33.30
C ASP G 293 -99.86 11.45 34.36
N ALA G 294 -99.62 12.73 34.04
CA ALA G 294 -99.97 13.81 34.98
C ALA G 294 -100.58 14.99 34.21
N ALA G 295 -101.21 14.70 33.07
CA ALA G 295 -101.84 15.77 32.25
C ALA G 295 -100.88 16.96 32.16
N ARG G 308 -99.27 25.28 29.40
CA ARG G 308 -99.74 23.88 29.48
C ARG G 308 -98.82 22.98 28.63
N LEU G 309 -97.88 22.29 29.29
CA LEU G 309 -96.94 21.40 28.56
C LEU G 309 -97.75 20.41 27.72
N THR G 310 -97.55 20.40 26.40
CA THR G 310 -98.33 19.55 25.52
C THR G 310 -97.43 19.06 24.40
N PRO G 311 -97.84 18.02 23.67
CA PRO G 311 -97.12 17.64 22.45
C PRO G 311 -97.28 18.69 21.36
N MET G 312 -96.61 18.44 20.24
CA MET G 312 -96.50 19.40 19.14
C MET G 312 -96.72 18.68 17.82
N GLN G 313 -97.12 19.44 16.81
CA GLN G 313 -97.49 18.88 15.51
C GLN G 313 -96.28 18.44 14.68
N VAL G 314 -96.04 17.12 14.65
CA VAL G 314 -95.15 16.52 13.65
C VAL G 314 -95.93 15.35 13.06
N ASP G 315 -96.68 15.63 11.98
CA ASP G 315 -97.42 14.62 11.22
C ASP G 315 -98.32 13.76 12.11
N GLY G 316 -98.68 14.23 13.30
CA GLY G 316 -99.46 13.45 14.23
C GLY G 316 -98.83 12.12 14.58
N LYS G 317 -97.69 12.15 15.27
CA LYS G 317 -96.95 10.95 15.59
C LYS G 317 -96.89 10.75 17.10
N GLU G 318 -96.55 9.52 17.51
CA GLU G 318 -96.42 9.17 18.92
C GLU G 318 -95.12 9.75 19.45
N VAL G 319 -95.06 11.07 19.51
CA VAL G 319 -93.87 11.73 20.01
C VAL G 319 -94.26 12.88 20.93
N MET G 320 -93.93 12.75 22.21
CA MET G 320 -94.03 13.86 23.13
C MET G 320 -92.98 14.91 22.80
N MET G 321 -93.33 16.18 22.99
CA MET G 321 -92.52 17.30 22.56
C MET G 321 -92.30 18.28 23.71
N TYR G 322 -91.79 17.77 24.83
CA TYR G 322 -91.59 18.59 26.02
C TYR G 322 -90.78 19.84 25.68
N ARG G 323 -91.47 20.97 25.67
CA ARG G 323 -90.90 22.26 25.37
C ARG G 323 -89.99 22.14 24.14
N GLY G 324 -90.63 21.92 23.00
CA GLY G 324 -89.93 21.88 21.72
C GLY G 324 -88.81 20.87 21.64
N ILE G 325 -88.85 19.83 22.46
CA ILE G 325 -87.83 18.79 22.44
C ILE G 325 -88.50 17.42 22.37
N PRO G 326 -88.24 16.64 21.33
CA PRO G 326 -88.85 15.31 21.25
C PRO G 326 -88.40 14.44 22.42
N VAL G 327 -89.32 13.61 22.90
CA VAL G 327 -89.04 12.70 24.00
C VAL G 327 -88.96 11.31 23.40
N ARG G 328 -87.74 10.88 23.07
CA ARG G 328 -87.52 9.56 22.51
C ARG G 328 -87.36 8.56 23.63
N GLU G 329 -88.37 7.71 23.84
CA GLU G 329 -88.31 6.68 24.87
C GLU G 329 -87.44 5.55 24.36
N CYS G 330 -86.35 5.27 25.07
CA CYS G 330 -85.38 4.27 24.65
C CYS G 330 -85.47 3.05 25.54
N ASP G 331 -85.65 1.88 24.92
CA ASP G 331 -85.75 0.64 25.67
C ASP G 331 -84.43 0.19 26.27
N ALA G 332 -83.33 0.84 25.92
CA ALA G 332 -82.02 0.42 26.41
C ALA G 332 -81.67 0.99 27.76
N ILE G 333 -82.42 1.98 28.24
CA ILE G 333 -82.09 2.64 29.50
C ILE G 333 -82.47 1.74 30.66
N LEU G 334 -81.50 1.00 31.18
CA LEU G 334 -81.77 0.07 32.26
C LEU G 334 -82.16 0.84 33.51
N SER G 335 -83.12 0.32 34.25
CA SER G 335 -83.73 1.03 35.38
C SER G 335 -83.23 0.52 36.72
N THR G 336 -82.05 -0.09 36.77
CA THR G 336 -81.46 -0.54 38.02
C THR G 336 -80.00 -0.12 38.09
N GLU G 337 -79.75 1.16 37.81
CA GLU G 337 -78.38 1.68 37.85
C GLU G 337 -77.82 1.66 39.27
N THR G 338 -76.56 2.05 39.41
CA THR G 338 -75.94 2.20 40.72
C THR G 338 -76.03 3.65 41.16
N ALA G 339 -76.09 3.85 42.49
CA ALA G 339 -76.24 5.19 43.03
C ALA G 339 -75.09 6.09 42.59
N VAL G 340 -75.42 7.31 42.18
CA VAL G 340 -74.44 8.28 41.71
C VAL G 340 -73.94 9.06 42.92
N PRO G 341 -72.64 9.03 43.21
CA PRO G 341 -72.13 9.72 44.39
C PRO G 341 -72.05 11.22 44.19
N SER G 342 -71.82 11.92 45.28
CA SER G 342 -71.71 13.38 45.30
C SER G 342 -70.27 13.78 45.50
N VAL G 343 -69.79 14.71 44.68
CA VAL G 343 -68.43 15.25 44.85
C VAL G 343 -68.56 16.45 45.77
N ALA G 344 -68.45 16.17 47.07
CA ALA G 344 -68.58 17.21 48.08
C ALA G 344 -67.38 18.14 48.05
N ASP H 5 -127.29 8.07 47.11
CA ASP H 5 -126.69 6.76 46.90
C ASP H 5 -126.18 6.62 45.47
N ILE H 6 -127.11 6.38 44.55
CA ILE H 6 -126.80 6.24 43.13
C ILE H 6 -126.68 7.63 42.55
N GLN H 7 -125.93 7.78 41.46
CA GLN H 7 -125.74 9.06 40.79
C GLN H 7 -126.47 9.00 39.46
N THR H 8 -127.31 10.01 39.19
CA THR H 8 -127.99 10.11 37.90
C THR H 8 -127.71 11.40 37.16
N SER H 9 -127.73 12.55 37.85
CA SER H 9 -127.64 13.85 37.19
C SER H 9 -126.45 14.61 37.73
N VAL H 10 -125.41 14.77 36.93
CA VAL H 10 -124.17 15.39 37.37
C VAL H 10 -124.40 16.89 37.51
N ALA H 11 -123.54 17.57 38.26
CA ALA H 11 -123.61 19.01 38.44
C ALA H 11 -122.20 19.58 38.36
N PHE H 12 -122.02 20.80 38.86
CA PHE H 12 -120.68 21.35 39.05
C PHE H 12 -119.84 20.36 39.85
N ASP H 13 -118.56 20.28 39.57
CA ASP H 13 -117.72 19.29 40.23
C ASP H 13 -116.28 19.80 40.24
N ARG H 14 -115.34 18.89 40.54
CA ARG H 14 -113.93 19.22 40.66
C ARG H 14 -113.71 20.33 41.68
N GLN H 15 -114.73 20.61 42.49
CA GLN H 15 -114.62 21.53 43.61
C GLN H 15 -115.25 21.00 44.88
N VAL H 16 -115.99 19.89 44.81
CA VAL H 16 -116.64 19.38 46.01
C VAL H 16 -115.61 18.85 46.99
N GLY H 17 -114.54 18.25 46.49
CA GLY H 17 -113.55 17.67 47.38
C GLY H 17 -114.05 16.38 48.00
N ARG H 18 -113.18 15.39 48.16
CA ARG H 18 -113.64 14.10 48.65
C ARG H 18 -112.53 13.47 49.48
N PHE H 19 -112.92 12.54 50.29
CA PHE H 19 -111.94 11.89 51.14
C PHE H 19 -111.19 10.83 50.36
N PRO H 20 -109.95 10.51 50.73
CA PRO H 20 -109.16 9.54 49.97
C PRO H 20 -109.82 8.18 49.98
N PRO H 21 -109.95 7.53 48.83
CA PRO H 21 -110.71 6.26 48.78
C PRO H 21 -110.09 5.14 49.58
N ARG H 22 -108.80 5.18 49.87
CA ARG H 22 -108.12 4.02 50.42
C ARG H 22 -108.18 4.02 51.94
N ALA H 23 -107.99 2.84 52.54
CA ALA H 23 -107.93 2.74 53.99
C ALA H 23 -107.42 1.39 54.48
N GLU H 24 -106.70 1.38 55.59
CA GLU H 24 -106.23 0.14 56.20
C GLU H 24 -105.71 0.44 57.61
N VAL H 25 -105.89 -0.52 58.51
CA VAL H 25 -105.39 -0.38 59.87
C VAL H 25 -103.88 -0.60 59.89
N VAL H 26 -103.17 0.30 60.54
CA VAL H 26 -101.71 0.27 60.59
C VAL H 26 -101.26 -0.49 61.83
N THR H 27 -100.28 -1.36 61.65
CA THR H 27 -99.57 -1.99 62.76
C THR H 27 -98.25 -1.25 62.93
N PRO H 28 -98.07 -0.49 64.00
CA PRO H 28 -96.82 0.27 64.15
C PRO H 28 -95.62 -0.65 64.23
N SER H 29 -94.52 -0.22 63.62
CA SER H 29 -93.29 -1.00 63.62
C SER H 29 -92.12 -0.05 63.53
N ASN H 30 -91.07 -0.34 64.28
CA ASN H 30 -89.89 0.52 64.28
C ASN H 30 -89.15 0.47 62.95
N SER H 31 -89.24 -0.66 62.24
CA SER H 31 -88.55 -0.85 60.96
C SER H 31 -89.57 -1.38 59.96
N GLU H 32 -90.32 -0.48 59.34
CA GLU H 32 -91.29 -0.86 58.31
C GLU H 32 -91.72 0.41 57.60
N GLU H 33 -91.56 0.46 56.28
CA GLU H 33 -91.87 1.65 55.51
C GLU H 33 -93.12 1.43 54.68
N PHE H 34 -93.76 2.54 54.33
CA PHE H 34 -94.98 2.54 53.52
C PHE H 34 -94.60 2.96 52.11
N THR H 35 -95.15 2.25 51.11
CA THR H 35 -94.69 2.42 49.74
C THR H 35 -94.93 3.84 49.25
N SER H 36 -96.10 4.39 49.51
CA SER H 36 -96.41 5.76 49.15
C SER H 36 -96.75 6.55 50.40
N GLY H 37 -96.71 7.88 50.29
CA GLY H 37 -97.06 8.73 51.40
C GLY H 37 -98.47 8.51 51.86
N VAL H 38 -98.66 8.20 53.14
CA VAL H 38 -99.96 7.88 53.70
C VAL H 38 -100.28 8.89 54.79
N SER H 39 -101.57 9.16 54.97
CA SER H 39 -102.03 9.95 56.10
C SER H 39 -102.61 9.02 57.16
N VAL H 40 -102.27 9.28 58.42
CA VAL H 40 -102.75 8.46 59.52
C VAL H 40 -103.53 9.36 60.48
N PHE H 41 -104.64 8.83 60.99
CA PHE H 41 -105.42 9.49 62.01
C PHE H 41 -105.62 8.50 63.15
N SER H 42 -105.48 8.99 64.37
CA SER H 42 -105.66 8.14 65.53
C SER H 42 -107.13 8.02 65.88
N ASN H 43 -107.60 6.80 66.05
CA ASN H 43 -108.98 6.57 66.45
C ASN H 43 -109.19 6.77 67.94
N ASP H 44 -108.13 6.74 68.75
CA ASP H 44 -108.29 6.94 70.18
C ASP H 44 -107.38 8.04 70.72
N GLY H 45 -106.72 8.81 69.87
CA GLY H 45 -105.85 9.85 70.35
C GLY H 45 -104.56 9.31 70.94
N GLY H 46 -103.66 10.20 71.34
CA GLY H 46 -102.43 9.79 71.99
C GLY H 46 -101.23 10.26 71.19
N ASP H 47 -100.06 9.88 71.67
CA ASP H 47 -98.80 10.29 71.04
C ASP H 47 -98.47 9.36 69.89
N ILE H 48 -97.93 9.94 68.82
CA ILE H 48 -97.55 9.19 67.62
C ILE H 48 -96.27 9.80 67.08
N SER H 49 -95.24 8.99 66.90
CA SER H 49 -94.00 9.43 66.30
C SER H 49 -93.92 8.90 64.88
N VAL H 50 -93.71 9.80 63.93
CA VAL H 50 -93.81 9.49 62.52
C VAL H 50 -92.61 10.05 61.78
N VAL H 51 -92.62 9.86 60.46
CA VAL H 51 -91.58 10.34 59.55
C VAL H 51 -92.27 11.12 58.44
N PRO H 52 -91.90 12.36 58.18
CA PRO H 52 -92.49 13.09 57.06
C PRO H 52 -92.07 12.49 55.72
N LEU H 53 -92.56 13.03 54.62
CA LEU H 53 -92.27 12.47 53.31
C LEU H 53 -91.02 13.04 52.66
N LEU H 54 -90.98 14.35 52.43
CA LEU H 54 -89.93 14.88 51.57
C LEU H 54 -88.53 14.72 52.16
N PRO H 55 -88.22 15.26 53.35
CA PRO H 55 -86.83 15.16 53.82
C PRO H 55 -86.44 13.72 54.05
N TYR H 56 -85.56 13.20 53.20
CA TYR H 56 -85.30 11.76 53.19
C TYR H 56 -84.66 11.26 54.47
N GLY H 57 -84.08 12.16 55.26
CA GLY H 57 -83.49 11.75 56.52
C GLY H 57 -84.18 12.35 57.73
N SER H 58 -85.45 12.67 57.58
CA SER H 58 -86.21 13.23 58.70
C SER H 58 -86.28 12.22 59.84
N ALA H 59 -86.04 12.69 61.05
CA ALA H 59 -85.86 11.77 62.17
C ALA H 59 -87.21 11.31 62.72
N ALA H 60 -87.95 12.23 63.35
CA ALA H 60 -89.24 11.90 63.96
C ALA H 60 -89.89 13.14 64.55
N ILE H 61 -91.21 13.14 64.62
CA ILE H 61 -91.97 14.15 65.36
C ILE H 61 -93.11 13.45 66.08
N VAL H 62 -93.33 13.84 67.34
CA VAL H 62 -94.48 13.36 68.10
C VAL H 62 -95.63 14.34 67.86
N VAL H 63 -96.79 13.81 67.49
CA VAL H 63 -97.88 14.67 67.03
C VAL H 63 -98.94 14.92 68.09
N THR H 64 -99.13 14.02 69.04
CA THR H 64 -100.11 14.16 70.12
C THR H 64 -101.46 14.63 69.56
N VAL H 65 -102.03 13.80 68.72
CA VAL H 65 -103.31 14.12 68.08
C VAL H 65 -104.44 13.67 68.99
N ALA H 66 -105.51 14.47 69.00
CA ALA H 66 -106.68 14.15 69.79
C ALA H 66 -107.42 12.97 69.18
N ALA H 67 -108.34 12.41 69.97
CA ALA H 67 -109.13 11.27 69.52
C ALA H 67 -109.96 11.64 68.31
N GLY H 68 -109.95 10.78 67.30
CA GLY H 68 -110.62 11.03 66.05
C GLY H 68 -109.95 12.05 65.16
N GLY H 69 -109.05 12.87 65.69
CA GLY H 69 -108.41 13.89 64.90
C GLY H 69 -107.35 13.34 63.97
N PHE H 70 -106.97 14.31 63.02
CA PHE H 70 -106.03 13.91 61.96
C PHE H 70 -104.61 14.39 62.25
N VAL H 71 -103.60 13.58 61.78
CA VAL H 71 -102.21 13.97 61.91
C VAL H 71 -101.81 14.71 60.63
N PRO H 72 -101.39 15.96 60.72
CA PRO H 72 -101.00 16.70 59.51
C PRO H 72 -99.74 16.12 58.89
N PHE H 73 -99.22 16.78 57.86
CA PHE H 73 -97.96 16.41 57.22
C PHE H 73 -97.92 14.92 56.86
N MET H 74 -98.62 14.55 55.79
CA MET H 74 -98.73 13.18 55.31
C MET H 74 -97.47 12.35 55.56
N VAL H 75 -97.67 11.18 56.14
CA VAL H 75 -96.63 10.45 56.83
C VAL H 75 -95.96 9.44 55.91
N ARG H 76 -94.66 9.29 56.07
CA ARG H 76 -93.91 8.25 55.39
C ARG H 76 -93.85 6.95 56.19
N LYS H 77 -93.63 7.04 57.50
CA LYS H 77 -93.50 5.87 58.35
C LYS H 77 -94.06 6.18 59.73
N VAL H 78 -94.70 5.18 60.34
CA VAL H 78 -95.25 5.30 61.68
C VAL H 78 -94.39 4.46 62.61
N ASN H 79 -93.69 5.13 63.53
CA ASN H 79 -92.78 4.43 64.43
C ASN H 79 -93.56 3.84 65.60
N ALA H 80 -93.27 2.58 65.92
CA ALA H 80 -93.88 1.97 67.09
C ALA H 80 -93.39 2.62 68.38
N THR H 81 -92.07 2.79 68.50
CA THR H 81 -91.48 3.43 69.67
C THR H 81 -91.82 4.91 69.66
N GLY H 82 -92.43 5.40 70.73
CA GLY H 82 -92.91 6.77 70.79
C GLY H 82 -94.37 6.93 70.45
N THR H 83 -95.10 5.84 70.29
CA THR H 83 -96.52 5.88 69.97
C THR H 83 -97.32 5.36 71.16
N THR H 84 -98.28 6.15 71.62
CA THR H 84 -99.16 5.73 72.71
C THR H 84 -100.52 5.29 72.22
N SER H 85 -100.94 5.70 71.03
CA SER H 85 -102.23 5.27 70.51
C SER H 85 -102.19 3.80 70.12
N THR H 86 -103.38 3.19 70.11
CA THR H 86 -103.49 1.77 69.81
C THR H 86 -104.43 1.49 68.65
N SER H 87 -104.93 2.52 67.97
CA SER H 87 -105.93 2.35 66.93
C SER H 87 -105.62 3.24 65.74
N ILE H 88 -104.36 3.25 65.30
CA ILE H 88 -103.96 4.02 64.13
C ILE H 88 -104.63 3.44 62.89
N VAL H 89 -105.20 4.33 62.07
CA VAL H 89 -105.76 3.91 60.79
C VAL H 89 -105.22 4.83 59.70
N ALA H 90 -104.61 4.24 58.68
CA ALA H 90 -104.14 5.01 57.53
C ALA H 90 -105.31 5.26 56.59
N VAL H 91 -105.12 6.18 55.65
CA VAL H 91 -106.18 6.42 54.68
C VAL H 91 -105.64 6.36 53.26
N MET I 1 -61.39 2.93 22.95
CA MET I 1 -60.06 2.33 22.86
C MET I 1 -60.15 1.01 22.11
N ILE I 2 -59.06 0.64 21.45
CA ILE I 2 -59.02 -0.57 20.64
C ILE I 2 -57.89 -1.46 21.12
N MET I 3 -57.59 -1.37 22.42
CA MET I 3 -56.51 -2.14 23.04
C MET I 3 -56.64 -3.62 22.71
N ASP I 4 -55.53 -4.24 22.34
CA ASP I 4 -55.53 -5.55 21.72
C ASP I 4 -54.80 -6.56 22.61
N LYS I 5 -54.72 -7.79 22.11
CA LYS I 5 -54.29 -8.92 22.93
C LYS I 5 -52.79 -8.97 23.15
N GLU I 6 -51.99 -8.87 22.08
CA GLU I 6 -50.62 -9.34 22.15
C GLU I 6 -49.76 -8.46 23.04
N ASN I 7 -49.57 -7.20 22.67
CA ASN I 7 -48.75 -6.29 23.47
C ASN I 7 -49.58 -5.74 24.62
N THR I 8 -49.90 -6.63 25.56
CA THR I 8 -50.71 -6.31 26.72
C THR I 8 -50.13 -7.05 27.92
N PHE I 9 -49.80 -6.29 28.96
CA PHE I 9 -49.12 -6.87 30.11
C PHE I 9 -50.01 -7.74 30.98
N SER I 10 -51.25 -7.29 31.25
CA SER I 10 -52.15 -8.03 32.10
C SER I 10 -53.57 -7.67 31.74
N TYR I 11 -54.46 -8.65 31.77
CA TYR I 11 -55.88 -8.45 31.46
C TYR I 11 -56.69 -8.80 32.71
N LYS I 12 -57.19 -7.77 33.39
CA LYS I 12 -58.02 -7.94 34.57
C LYS I 12 -57.34 -8.82 35.62
N GLN I 13 -56.02 -8.65 35.74
CA GLN I 13 -55.22 -9.45 36.70
C GLN I 13 -55.46 -8.93 38.12
N ALA I 14 -55.81 -9.81 39.06
CA ALA I 14 -56.13 -9.37 40.44
C ALA I 14 -54.89 -8.81 41.14
N ILE I 15 -53.75 -9.51 41.06
CA ILE I 15 -52.52 -9.06 41.79
C ILE I 15 -52.95 -8.59 43.18
N THR I 16 -53.89 -9.29 43.81
CA THR I 16 -54.35 -8.91 45.18
C THR I 16 -53.16 -9.04 46.14
N GLY I 17 -52.35 -10.10 45.98
CA GLY I 17 -51.14 -10.25 46.81
C GLY I 17 -50.00 -9.44 46.23
N THR I 18 -48.75 -9.81 46.56
CA THR I 18 -47.59 -9.10 46.02
C THR I 18 -47.05 -9.79 44.78
N ALA I 19 -47.88 -9.85 43.75
CA ALA I 19 -47.56 -10.61 42.55
C ALA I 19 -46.89 -9.70 41.52
N VAL I 20 -46.68 -10.23 40.32
CA VAL I 20 -46.14 -9.48 39.19
C VAL I 20 -47.02 -9.74 37.98
N SER I 21 -46.70 -9.07 36.88
CA SER I 21 -47.48 -9.23 35.66
C SER I 21 -47.25 -10.62 35.08
N THR I 22 -48.11 -11.03 34.15
CA THR I 22 -48.07 -12.36 33.57
C THR I 22 -47.50 -12.37 32.16
N ASN I 23 -48.06 -11.56 31.27
CA ASN I 23 -47.61 -11.50 29.88
C ASN I 23 -46.43 -10.55 29.79
N VAL I 24 -45.23 -11.10 29.96
CA VAL I 24 -43.99 -10.34 29.87
C VAL I 24 -43.72 -10.09 28.39
N ILE I 25 -43.99 -8.88 27.92
CA ILE I 25 -43.68 -8.55 26.53
C ILE I 25 -42.18 -8.64 26.34
N ASP I 26 -41.75 -9.52 25.44
CA ASP I 26 -40.34 -9.73 25.14
C ASP I 26 -40.06 -9.33 23.71
N LEU I 27 -38.98 -8.59 23.51
CA LEU I 27 -38.54 -8.19 22.17
C LEU I 27 -37.07 -8.59 22.02
N GLY I 28 -36.77 -9.30 20.94
CA GLY I 28 -35.41 -9.77 20.75
C GLY I 28 -34.42 -8.65 20.55
N VAL I 29 -34.85 -7.55 19.94
CA VAL I 29 -33.98 -6.43 19.62
C VAL I 29 -34.32 -5.25 20.52
N SER I 30 -33.30 -4.59 21.04
CA SER I 30 -33.50 -3.43 21.89
C SER I 30 -33.96 -2.22 21.08
N ARG I 31 -35.23 -2.22 20.68
CA ARG I 31 -35.73 -1.13 19.87
C ARG I 31 -35.85 0.16 20.65
N ASP I 32 -36.13 0.08 21.95
CA ASP I 32 -36.41 1.25 22.78
C ASP I 32 -37.50 2.10 22.13
N ILE I 33 -38.68 1.49 22.07
CA ILE I 33 -39.70 1.85 21.09
C ILE I 33 -40.27 3.24 21.29
N GLY I 34 -39.99 3.87 22.42
CA GLY I 34 -40.65 5.14 22.73
C GLY I 34 -40.21 6.27 21.81
N LYS I 35 -39.05 6.14 21.19
CA LYS I 35 -38.49 7.22 20.38
C LYS I 35 -39.40 7.57 19.21
N GLY I 36 -39.32 8.80 18.73
CA GLY I 36 -40.10 9.17 17.57
C GLY I 36 -41.59 9.21 17.89
N VAL I 37 -42.38 8.68 16.96
CA VAL I 37 -43.84 8.74 17.13
C VAL I 37 -44.23 7.98 18.39
N PRO I 38 -45.06 8.56 19.26
CA PRO I 38 -45.29 7.95 20.57
C PRO I 38 -46.14 6.70 20.49
N VAL I 39 -46.19 5.93 21.58
CA VAL I 39 -47.06 4.77 21.67
C VAL I 39 -47.80 4.83 23.01
N PRO I 40 -49.12 5.01 22.99
CA PRO I 40 -49.86 5.16 24.25
C PRO I 40 -49.88 3.87 25.05
N ILE I 41 -49.79 4.02 26.38
CA ILE I 41 -49.83 2.90 27.29
C ILE I 41 -50.79 3.23 28.43
N ILE I 42 -51.27 2.20 29.12
CA ILE I 42 -52.12 2.37 30.28
C ILE I 42 -51.67 1.39 31.35
N ILE I 43 -51.76 1.81 32.60
CA ILE I 43 -51.69 0.89 33.74
C ILE I 43 -52.92 1.21 34.60
N GLN I 44 -53.98 1.63 33.93
CA GLN I 44 -55.22 2.00 34.60
C GLN I 44 -55.75 0.84 35.44
N VAL I 45 -56.09 1.13 36.69
CA VAL I 45 -56.68 0.14 37.58
C VAL I 45 -58.13 -0.06 37.18
N VAL I 46 -58.52 -1.32 36.95
CA VAL I 46 -59.79 -1.61 36.30
C VAL I 46 -60.91 -1.97 37.26
N GLU I 47 -60.60 -2.40 38.49
CA GLU I 47 -61.61 -2.69 39.48
C GLU I 47 -61.01 -2.40 40.85
N ASP I 48 -61.87 -1.97 41.79
CA ASP I 48 -61.41 -1.29 42.99
C ASP I 48 -60.60 -2.20 43.90
N PHE I 49 -59.85 -1.58 44.81
CA PHE I 49 -59.04 -2.27 45.78
C PHE I 49 -59.63 -2.10 47.17
N ALA I 50 -59.68 -3.19 47.93
CA ALA I 50 -60.43 -3.23 49.19
C ALA I 50 -59.54 -2.96 50.41
N ASP I 51 -58.54 -3.79 50.65
CA ASP I 51 -57.79 -3.73 51.90
C ASP I 51 -56.28 -3.63 51.69
N ALA I 52 -55.84 -3.20 50.52
CA ALA I 52 -54.42 -2.95 50.33
C ALA I 52 -54.03 -1.62 50.97
N THR I 53 -52.74 -1.33 50.97
CA THR I 53 -52.24 -0.06 51.47
C THR I 53 -51.35 0.69 50.50
N SER I 54 -50.51 0.01 49.73
CA SER I 54 -49.71 0.66 48.71
C SER I 54 -49.59 -0.27 47.52
N LEU I 55 -49.47 0.31 46.33
CA LEU I 55 -49.47 -0.45 45.09
C LEU I 55 -48.35 0.04 44.17
N THR I 56 -47.13 0.08 44.68
CA THR I 56 -45.97 0.35 43.83
C THR I 56 -46.07 -0.45 42.53
N ALA I 57 -46.05 0.27 41.41
CA ALA I 57 -46.43 -0.31 40.12
C ALA I 57 -45.31 -0.16 39.11
N THR I 58 -44.11 -0.59 39.48
CA THR I 58 -42.91 -0.49 38.66
C THR I 58 -43.12 -1.05 37.25
N LEU I 59 -42.31 -0.59 36.30
CA LEU I 59 -42.36 -1.03 34.92
C LEU I 59 -41.05 -1.70 34.54
N GLN I 60 -40.61 -2.64 35.39
CA GLN I 60 -39.27 -3.21 35.33
C GLN I 60 -38.93 -3.73 33.94
N THR I 61 -37.72 -3.41 33.48
CA THR I 61 -37.19 -3.93 32.24
C THR I 61 -35.85 -4.59 32.51
N SER I 62 -35.61 -5.72 31.84
CA SER I 62 -34.41 -6.51 32.11
C SER I 62 -33.88 -7.06 30.79
N GLU I 63 -32.84 -7.88 30.88
CA GLU I 63 -32.18 -8.40 29.65
C GLU I 63 -32.31 -9.92 29.57
N THR I 64 -33.21 -10.51 30.36
CA THR I 64 -33.38 -11.98 30.37
C THR I 64 -34.84 -12.33 30.62
N GLU I 65 -35.31 -13.45 30.06
CA GLU I 65 -36.70 -13.89 30.37
C GLU I 65 -36.90 -13.68 31.86
N ASN I 66 -36.18 -14.45 32.69
CA ASN I 66 -36.25 -14.15 34.12
C ASN I 66 -35.52 -12.85 34.39
N PHE I 67 -36.18 -11.96 35.12
CA PHE I 67 -35.62 -10.62 35.35
C PHE I 67 -34.59 -10.72 36.48
N SER I 68 -33.43 -11.28 36.13
CA SER I 68 -32.36 -11.43 37.11
C SER I 68 -31.89 -10.07 37.61
N SER I 69 -31.74 -9.12 36.70
CA SER I 69 -31.47 -7.73 37.06
C SER I 69 -32.35 -6.85 36.20
N ALA I 70 -33.23 -6.08 36.84
CA ALA I 70 -34.26 -5.32 36.15
C ALA I 70 -33.98 -3.82 36.28
N THR I 71 -34.61 -3.06 35.39
CA THR I 71 -34.45 -1.61 35.36
C THR I 71 -35.83 -0.97 35.36
N THR I 72 -35.98 0.09 36.15
CA THR I 72 -37.26 0.77 36.31
C THR I 72 -37.39 1.88 35.27
N LEU I 73 -38.51 1.90 34.58
CA LEU I 73 -38.79 2.95 33.61
C LEU I 73 -39.97 3.83 34.00
N ALA I 74 -40.81 3.37 34.92
CA ALA I 74 -41.92 4.18 35.43
C ALA I 74 -42.44 3.58 36.73
N THR I 75 -42.42 4.36 37.81
CA THR I 75 -42.91 3.90 39.11
C THR I 75 -43.96 4.88 39.61
N SER I 76 -45.09 4.36 40.08
CA SER I 76 -46.18 5.21 40.51
C SER I 76 -46.03 5.68 41.95
N GLY I 77 -45.11 5.11 42.71
CA GLY I 77 -45.00 5.43 44.12
C GLY I 77 -46.02 4.67 44.95
N ALA I 78 -45.94 4.89 46.26
CA ALA I 78 -46.81 4.18 47.21
C ALA I 78 -48.19 4.83 47.21
N VAL I 79 -48.96 4.51 46.16
CA VAL I 79 -50.30 5.06 46.01
C VAL I 79 -51.18 4.47 47.10
N PRO I 80 -51.81 5.28 47.94
CA PRO I 80 -52.69 4.74 48.97
C PRO I 80 -53.97 4.19 48.35
N VAL I 81 -54.55 3.22 49.06
CA VAL I 81 -55.72 2.51 48.57
C VAL I 81 -56.92 3.44 48.38
N ALA I 82 -56.88 4.63 48.97
CA ALA I 82 -58.00 5.55 48.84
C ALA I 82 -58.19 6.03 47.40
N ASP I 83 -57.21 5.83 46.54
CA ASP I 83 -57.30 6.24 45.15
C ASP I 83 -57.34 5.07 44.18
N LEU I 84 -57.24 3.84 44.65
CA LEU I 84 -57.15 2.70 43.76
C LEU I 84 -58.54 2.29 43.26
N THR I 85 -59.28 3.24 42.70
CA THR I 85 -60.59 2.96 42.16
C THR I 85 -60.46 2.68 40.66
N ALA I 86 -61.59 2.56 39.97
CA ALA I 86 -61.55 2.35 38.54
C ALA I 86 -61.02 3.59 37.83
N GLY I 87 -60.14 3.39 36.86
CA GLY I 87 -59.59 4.47 36.08
C GLY I 87 -58.39 5.17 36.68
N LYS I 88 -57.85 4.67 37.79
CA LYS I 88 -56.70 5.30 38.44
C LYS I 88 -55.44 4.92 37.67
N GLN I 89 -54.98 5.82 36.81
CA GLN I 89 -53.77 5.57 36.05
C GLN I 89 -52.57 5.50 36.98
N LEU I 90 -51.54 4.74 36.60
CA LEU I 90 -50.41 4.57 37.50
C LEU I 90 -49.06 4.83 36.84
N ALA I 91 -49.03 5.49 35.69
CA ALA I 91 -47.77 5.87 35.07
C ALA I 91 -48.05 6.87 33.97
N VAL I 92 -47.01 7.18 33.20
CA VAL I 92 -47.09 8.25 32.23
C VAL I 92 -47.97 7.84 31.05
N GLN I 93 -48.31 8.83 30.23
CA GLN I 93 -49.17 8.62 29.07
C GLN I 93 -48.56 7.66 28.07
N TYR I 94 -47.46 8.07 27.45
CA TYR I 94 -46.90 7.34 26.32
C TYR I 94 -45.73 6.48 26.76
N MET I 95 -45.17 5.75 25.80
CA MET I 95 -44.12 4.80 26.11
C MET I 95 -42.90 5.54 26.64
N PRO I 96 -42.29 5.09 27.73
CA PRO I 96 -41.05 5.72 28.20
C PRO I 96 -39.87 5.37 27.32
N LEU I 97 -38.67 5.77 27.73
CA LEU I 97 -37.46 5.48 26.99
C LEU I 97 -36.50 4.67 27.86
N GLY I 98 -35.98 3.58 27.31
CA GLY I 98 -35.04 2.74 28.02
C GLY I 98 -35.43 1.29 28.09
N THR I 99 -36.35 0.86 27.23
CA THR I 99 -36.83 -0.52 27.24
C THR I 99 -35.76 -1.41 26.62
N GLN I 100 -34.82 -1.87 27.44
CA GLN I 100 -33.66 -2.55 26.88
C GLN I 100 -34.01 -3.87 26.20
N ARG I 101 -34.38 -4.92 26.93
CA ARG I 101 -34.63 -6.20 26.25
C ARG I 101 -36.01 -6.78 26.55
N TYR I 102 -36.37 -6.83 27.84
CA TYR I 102 -37.61 -7.43 28.29
C TYR I 102 -38.36 -6.44 29.15
N LEU I 103 -39.66 -6.66 29.32
CA LEU I 103 -40.52 -5.74 30.05
C LEU I 103 -41.56 -6.53 30.84
N ARG I 104 -41.54 -6.41 32.16
CA ARG I 104 -42.58 -6.97 33.02
C ARG I 104 -42.96 -5.94 34.08
N VAL I 105 -44.19 -5.99 34.53
CA VAL I 105 -44.69 -5.04 35.52
C VAL I 105 -44.66 -5.70 36.89
N ASN I 106 -44.06 -5.01 37.85
CA ASN I 106 -44.08 -5.43 39.25
C ASN I 106 -45.26 -4.78 39.96
N TYR I 107 -45.74 -5.47 40.99
CA TYR I 107 -46.87 -5.01 41.78
C TYR I 107 -46.59 -5.17 43.26
N THR I 108 -45.47 -4.63 43.71
CA THR I 108 -45.19 -4.62 45.15
C THR I 108 -46.34 -3.99 45.92
N VAL I 109 -46.90 -4.75 46.86
CA VAL I 109 -48.02 -4.30 47.67
C VAL I 109 -47.60 -4.34 49.13
N SER I 110 -47.88 -3.26 49.85
CA SER I 110 -47.67 -3.24 51.29
C SER I 110 -48.85 -3.92 51.95
N GLY I 111 -48.62 -5.12 52.47
CA GLY I 111 -49.71 -5.93 52.97
C GLY I 111 -50.42 -6.63 51.83
N THR I 112 -51.42 -7.44 52.14
CA THR I 112 -52.17 -8.13 51.10
C THR I 112 -53.44 -7.37 50.77
N ALA I 113 -54.18 -7.87 49.79
CA ALA I 113 -55.44 -7.25 49.38
C ALA I 113 -56.49 -8.32 49.18
N THR I 114 -57.75 -7.93 49.38
CA THR I 114 -58.87 -8.82 49.13
C THR I 114 -59.58 -8.51 47.82
N ALA I 115 -59.30 -7.36 47.21
CA ALA I 115 -59.86 -7.01 45.92
C ALA I 115 -58.89 -6.08 45.21
N GLY I 116 -58.92 -6.12 43.89
CA GLY I 116 -58.05 -5.29 43.08
C GLY I 116 -57.70 -5.96 41.76
N ALA I 117 -57.66 -5.14 40.71
CA ALA I 117 -57.34 -5.62 39.37
C ALA I 117 -56.84 -4.45 38.55
N VAL I 118 -56.12 -4.76 37.48
CA VAL I 118 -55.52 -3.77 36.60
C VAL I 118 -55.63 -4.28 35.16
N THR I 119 -55.33 -3.41 34.21
CA THR I 119 -55.36 -3.75 32.79
C THR I 119 -54.17 -3.13 32.07
N ALA I 120 -52.99 -3.23 32.66
CA ALA I 120 -51.81 -2.62 32.09
C ALA I 120 -51.50 -3.19 30.71
N GLY I 121 -51.24 -2.30 29.75
CA GLY I 121 -50.93 -2.73 28.40
C GLY I 121 -50.89 -1.55 27.45
N VAL I 122 -50.52 -1.86 26.21
CA VAL I 122 -50.38 -0.84 25.17
C VAL I 122 -51.72 -0.58 24.52
N VAL I 123 -52.01 0.69 24.27
CA VAL I 123 -53.28 1.14 23.72
C VAL I 123 -53.02 1.97 22.48
N MET I 124 -53.89 1.81 21.48
CA MET I 124 -53.72 2.56 20.23
C MET I 124 -53.92 4.05 20.45
N SER I 125 -54.93 4.43 21.22
CA SER I 125 -55.16 5.85 21.53
C SER I 125 -55.87 5.97 22.87
N HIS I 126 -55.37 6.89 23.70
CA HIS I 126 -55.90 7.05 25.04
C HIS I 126 -57.36 7.52 25.00
N GLN I 127 -58.06 7.27 26.10
CA GLN I 127 -59.39 7.79 26.32
C GLN I 127 -59.35 8.79 27.46
N GLN I 128 -59.80 10.02 27.19
CA GLN I 128 -59.76 11.10 28.17
C GLN I 128 -61.12 11.78 28.21
N ASN I 129 -61.70 11.87 29.41
CA ASN I 129 -62.94 12.62 29.65
C ASN I 129 -64.02 12.36 28.60
N MET J 1 -34.54 21.34 18.67
CA MET J 1 -35.48 21.77 19.69
C MET J 1 -35.89 23.21 19.46
N ILE J 2 -37.14 23.42 19.06
CA ILE J 2 -37.66 24.77 18.88
C ILE J 2 -38.28 25.19 20.22
N MET J 3 -37.42 25.65 21.11
CA MET J 3 -37.88 26.20 22.38
C MET J 3 -38.59 27.52 22.11
N ASP J 4 -39.08 28.16 23.17
CA ASP J 4 -39.74 29.45 23.00
C ASP J 4 -39.84 30.14 24.35
N LYS J 5 -39.57 31.44 24.37
CA LYS J 5 -39.86 32.21 25.56
C LYS J 5 -41.37 32.42 25.67
N GLU J 6 -41.82 32.76 26.87
CA GLU J 6 -43.22 32.84 27.27
C GLU J 6 -43.84 31.47 27.43
N ASN J 7 -43.09 30.40 27.20
CA ASN J 7 -43.53 29.05 27.52
C ASN J 7 -42.37 28.22 28.05
N THR J 8 -41.38 28.88 28.64
CA THR J 8 -40.17 28.21 29.10
C THR J 8 -40.11 28.26 30.62
N PHE J 9 -39.92 27.10 31.25
CA PHE J 9 -39.75 27.07 32.69
C PHE J 9 -38.53 27.87 33.12
N SER J 10 -37.41 27.70 32.42
CA SER J 10 -36.16 28.33 32.79
C SER J 10 -35.15 28.23 31.66
N TYR J 11 -34.51 29.35 31.33
CA TYR J 11 -33.53 29.39 30.25
C TYR J 11 -32.14 29.43 30.86
N LYS J 12 -31.39 28.34 30.68
CA LYS J 12 -30.00 28.26 31.13
C LYS J 12 -29.86 28.50 32.63
N GLN J 13 -30.89 28.16 33.39
CA GLN J 13 -30.86 28.39 34.84
C GLN J 13 -29.80 27.52 35.49
N ALA J 14 -29.05 28.11 36.41
CA ALA J 14 -28.09 27.37 37.21
C ALA J 14 -28.80 26.57 38.30
N ILE J 15 -28.25 25.40 38.59
CA ILE J 15 -28.89 24.45 39.49
C ILE J 15 -28.33 24.50 40.90
N THR J 16 -27.07 24.88 41.09
CA THR J 16 -26.35 24.82 42.36
C THR J 16 -27.20 25.30 43.52
N GLY J 17 -27.38 24.45 44.52
CA GLY J 17 -28.19 24.77 45.68
C GLY J 17 -29.67 24.63 45.42
N THR J 18 -30.43 24.26 46.45
CA THR J 18 -31.86 24.05 46.26
C THR J 18 -32.54 25.33 45.81
N ALA J 19 -33.35 25.22 44.76
CA ALA J 19 -34.02 26.38 44.18
C ALA J 19 -35.09 25.88 43.23
N VAL J 20 -35.93 26.81 42.77
CA VAL J 20 -37.03 26.48 41.89
C VAL J 20 -36.78 27.10 40.53
N SER J 21 -37.66 26.82 39.57
CA SER J 21 -37.54 27.41 38.24
C SER J 21 -37.73 28.92 38.32
N THR J 22 -36.91 29.65 37.56
CA THR J 22 -36.99 31.10 37.58
C THR J 22 -38.35 31.58 37.07
N ASN J 23 -38.86 30.94 36.04
CA ASN J 23 -40.13 31.32 35.43
C ASN J 23 -41.19 30.27 35.75
N VAL J 24 -42.38 30.73 36.12
CA VAL J 24 -43.51 29.89 36.48
C VAL J 24 -44.58 30.08 35.42
N ILE J 25 -44.99 28.99 34.78
CA ILE J 25 -45.95 29.09 33.69
C ILE J 25 -47.33 29.46 34.25
N ASP J 26 -48.09 30.19 33.44
CA ASP J 26 -49.43 30.65 33.85
C ASP J 26 -50.35 30.48 32.65
N LEU J 27 -51.31 29.55 32.77
CA LEU J 27 -52.14 29.16 31.62
C LEU J 27 -53.50 29.83 31.64
N GLY J 28 -53.58 31.02 32.22
CA GLY J 28 -54.83 31.77 32.22
C GLY J 28 -55.86 31.18 33.17
N VAL J 29 -56.36 29.98 32.84
CA VAL J 29 -57.29 29.26 33.69
C VAL J 29 -56.73 27.88 33.95
N SER J 30 -57.32 27.18 34.91
CA SER J 30 -56.83 25.88 35.33
C SER J 30 -57.29 24.77 34.40
N ARG J 31 -57.04 24.92 33.11
CA ARG J 31 -57.42 23.88 32.15
C ARG J 31 -56.22 22.95 31.92
N ASP J 32 -56.41 21.93 31.09
CA ASP J 32 -55.47 20.81 31.07
C ASP J 32 -54.67 20.79 29.78
N ILE J 33 -53.50 20.17 29.85
CA ILE J 33 -52.55 20.10 28.74
C ILE J 33 -52.29 18.67 28.31
N GLY J 34 -51.83 17.83 29.24
CA GLY J 34 -51.36 16.50 28.91
C GLY J 34 -52.39 15.68 28.16
N LYS J 35 -53.66 15.94 28.41
CA LYS J 35 -54.72 15.25 27.72
C LYS J 35 -54.77 15.65 26.25
N GLY J 36 -55.35 14.78 25.44
CA GLY J 36 -55.47 15.06 24.03
C GLY J 36 -54.13 14.98 23.32
N VAL J 37 -53.83 16.04 22.57
CA VAL J 37 -52.58 16.08 21.80
C VAL J 37 -51.39 16.01 22.74
N PRO J 38 -50.39 15.16 22.48
CA PRO J 38 -49.21 15.14 23.34
C PRO J 38 -48.48 16.47 23.28
N VAL J 39 -47.93 16.86 24.41
CA VAL J 39 -47.14 18.08 24.52
C VAL J 39 -45.76 17.71 25.06
N PRO J 40 -44.73 17.74 24.22
CA PRO J 40 -43.40 17.34 24.66
C PRO J 40 -42.79 18.39 25.57
N ILE J 41 -42.08 17.93 26.60
CA ILE J 41 -41.31 18.80 27.45
C ILE J 41 -39.95 18.15 27.69
N ILE J 42 -38.95 18.98 27.98
CA ILE J 42 -37.64 18.46 28.31
C ILE J 42 -37.04 19.22 29.49
N ILE J 43 -37.22 18.67 30.68
CA ILE J 43 -36.45 19.13 31.85
C ILE J 43 -35.13 18.37 31.79
N GLN J 44 -34.18 18.95 31.07
CA GLN J 44 -32.93 18.29 30.73
C GLN J 44 -31.75 19.07 31.26
N VAL J 45 -30.78 18.35 31.83
CA VAL J 45 -29.55 18.98 32.26
C VAL J 45 -28.75 19.43 31.06
N VAL J 46 -28.21 20.65 31.12
CA VAL J 46 -27.44 21.24 30.05
C VAL J 46 -25.94 21.19 30.33
N GLU J 47 -25.52 21.62 31.51
CA GLU J 47 -24.11 21.71 31.85
C GLU J 47 -23.83 20.79 33.03
N ASP J 48 -22.61 20.26 33.09
CA ASP J 48 -22.29 19.14 33.97
C ASP J 48 -22.36 19.55 35.44
N PHE J 49 -22.07 18.61 36.32
CA PHE J 49 -22.31 18.81 37.74
C PHE J 49 -21.08 18.51 38.57
N ALA J 50 -21.26 18.56 39.88
CA ALA J 50 -20.17 18.54 40.85
C ALA J 50 -20.60 17.68 42.03
N ASP J 51 -19.91 17.85 43.16
CA ASP J 51 -19.98 16.96 44.31
C ASP J 51 -21.39 16.67 44.83
N ALA J 52 -22.40 17.39 44.36
CA ALA J 52 -23.77 17.18 44.82
C ALA J 52 -24.18 15.73 44.63
N THR J 53 -24.79 15.16 45.67
CA THR J 53 -25.11 13.73 45.66
C THR J 53 -26.16 13.39 44.62
N SER J 54 -27.23 14.19 44.53
CA SER J 54 -28.34 13.83 43.65
C SER J 54 -29.04 15.10 43.18
N LEU J 55 -30.20 14.92 42.56
CA LEU J 55 -31.01 16.00 42.02
C LEU J 55 -32.43 15.49 41.89
N THR J 56 -33.40 16.36 42.17
CA THR J 56 -34.79 15.94 42.31
C THR J 56 -35.71 16.90 41.55
N ALA J 57 -35.43 17.14 40.27
CA ALA J 57 -36.27 18.01 39.48
C ALA J 57 -37.69 17.44 39.37
N THR J 58 -38.64 18.11 40.03
CA THR J 58 -40.04 17.71 39.99
C THR J 58 -40.87 18.80 39.32
N LEU J 59 -41.95 18.37 38.66
CA LEU J 59 -42.86 19.28 37.98
C LEU J 59 -44.04 19.56 38.91
N GLN J 60 -43.86 20.52 39.81
CA GLN J 60 -44.90 20.89 40.75
C GLN J 60 -45.92 21.81 40.09
N THR J 61 -47.18 21.62 40.42
CA THR J 61 -48.25 22.49 39.98
C THR J 61 -49.07 22.95 41.17
N SER J 62 -49.75 24.08 41.00
CA SER J 62 -50.61 24.61 42.04
C SER J 62 -51.61 25.57 41.42
N GLU J 63 -52.77 25.69 42.06
CA GLU J 63 -53.78 26.62 41.58
C GLU J 63 -53.35 28.07 41.81
N THR J 64 -52.77 28.36 42.98
CA THR J 64 -52.31 29.70 43.27
C THR J 64 -51.07 30.04 42.46
N GLU J 65 -50.85 31.33 42.25
CA GLU J 65 -49.64 31.77 41.55
C GLU J 65 -48.40 31.39 42.34
N ASN J 66 -48.37 31.72 43.62
CA ASN J 66 -47.34 31.21 44.51
C ASN J 66 -47.72 29.81 44.96
N PHE J 67 -46.74 28.90 45.00
CA PHE J 67 -47.04 27.48 45.15
C PHE J 67 -47.04 27.12 46.62
N SER J 68 -48.21 27.22 47.24
CA SER J 68 -48.41 26.73 48.60
C SER J 68 -49.10 25.39 48.65
N SER J 69 -49.70 24.95 47.55
CA SER J 69 -50.34 23.63 47.45
C SER J 69 -49.56 22.83 46.42
N ALA J 70 -48.51 22.17 46.88
CA ALA J 70 -47.64 21.41 45.99
C ALA J 70 -48.37 20.19 45.45
N THR J 71 -48.13 19.89 44.17
CA THR J 71 -48.74 18.75 43.51
C THR J 71 -47.76 18.24 42.46
N THR J 72 -47.24 17.03 42.66
CA THR J 72 -46.22 16.49 41.77
C THR J 72 -46.91 15.84 40.57
N LEU J 73 -46.81 16.49 39.41
CA LEU J 73 -47.31 15.88 38.19
C LEU J 73 -46.36 14.80 37.67
N ALA J 74 -45.06 14.98 37.89
CA ALA J 74 -44.05 14.01 37.48
C ALA J 74 -42.75 14.35 38.19
N THR J 75 -42.00 13.33 38.57
CA THR J 75 -40.77 13.51 39.34
C THR J 75 -39.61 12.85 38.62
N SER J 76 -38.45 13.51 38.68
CA SER J 76 -37.23 12.93 38.15
C SER J 76 -36.70 11.80 39.02
N GLY J 77 -37.06 11.78 40.30
CA GLY J 77 -36.46 10.86 41.23
C GLY J 77 -35.11 11.35 41.70
N ALA J 78 -34.50 10.56 42.57
CA ALA J 78 -33.18 10.89 43.11
C ALA J 78 -32.09 10.38 42.15
N VAL J 79 -31.95 11.11 41.05
CA VAL J 79 -30.94 10.73 40.06
C VAL J 79 -29.55 10.83 40.68
N PRO J 80 -28.70 9.82 40.52
CA PRO J 80 -27.40 9.84 41.20
C PRO J 80 -26.47 10.89 40.60
N VAL J 81 -25.34 11.07 41.27
CA VAL J 81 -24.39 12.11 40.88
C VAL J 81 -23.77 11.80 39.53
N ALA J 82 -23.52 10.52 39.25
CA ALA J 82 -22.79 10.15 38.04
C ALA J 82 -23.57 10.53 36.79
N ASP J 83 -24.89 10.41 36.83
CA ASP J 83 -25.71 10.60 35.64
C ASP J 83 -26.10 12.06 35.41
N LEU J 84 -25.64 12.99 36.23
CA LEU J 84 -25.89 14.41 36.01
C LEU J 84 -24.95 14.90 34.90
N THR J 85 -25.22 14.43 33.68
CA THR J 85 -24.42 14.77 32.53
C THR J 85 -25.29 15.56 31.55
N ALA J 86 -24.61 16.25 30.64
CA ALA J 86 -25.32 17.03 29.63
C ALA J 86 -26.19 16.12 28.78
N GLY J 87 -27.38 16.62 28.44
CA GLY J 87 -28.29 15.88 27.60
C GLY J 87 -29.12 14.84 28.30
N LYS J 88 -29.11 14.80 29.63
CA LYS J 88 -29.90 13.82 30.37
C LYS J 88 -31.31 14.36 30.52
N GLN J 89 -32.27 13.73 29.85
CA GLN J 89 -33.67 14.08 30.01
C GLN J 89 -34.15 13.52 31.33
N LEU J 90 -34.31 14.39 32.33
CA LEU J 90 -34.54 13.96 33.69
C LEU J 90 -35.98 13.61 33.99
N ALA J 91 -36.91 13.87 33.09
CA ALA J 91 -38.31 13.60 33.40
C ALA J 91 -38.99 13.02 32.17
N VAL J 92 -40.32 12.99 32.18
CA VAL J 92 -41.09 12.32 31.15
C VAL J 92 -40.90 13.02 29.81
N GLN J 93 -41.01 12.24 28.74
CA GLN J 93 -40.93 12.79 27.38
C GLN J 93 -42.09 13.74 27.08
N TYR J 94 -43.27 13.48 27.63
CA TYR J 94 -44.45 14.29 27.33
C TYR J 94 -45.03 14.84 28.61
N MET J 95 -45.89 15.84 28.46
CA MET J 95 -46.45 16.55 29.60
C MET J 95 -47.40 15.65 30.38
N PRO J 96 -47.20 15.45 31.68
CA PRO J 96 -48.11 14.62 32.46
C PRO J 96 -49.51 15.20 32.50
N LEU J 97 -50.41 14.43 33.10
CA LEU J 97 -51.84 14.74 33.09
C LEU J 97 -52.24 15.46 34.38
N GLY J 98 -53.04 16.51 34.23
CA GLY J 98 -53.59 17.21 35.37
C GLY J 98 -52.99 18.58 35.61
N THR J 99 -52.76 19.33 34.53
CA THR J 99 -52.16 20.65 34.67
C THR J 99 -53.16 21.64 35.26
N GLN J 100 -52.74 22.33 36.31
CA GLN J 100 -53.54 23.35 36.96
C GLN J 100 -53.24 24.72 36.36
N ARG J 101 -53.63 25.79 37.06
CA ARG J 101 -53.36 27.15 36.58
C ARG J 101 -51.88 27.36 36.33
N TYR J 102 -51.03 27.01 37.29
CA TYR J 102 -49.61 27.29 37.23
C TYR J 102 -48.80 26.01 37.40
N LEU J 103 -47.61 26.01 36.79
CA LEU J 103 -46.66 24.92 36.95
C LEU J 103 -45.28 25.49 37.22
N ARG J 104 -44.52 24.78 38.06
CA ARG J 104 -43.16 25.17 38.38
C ARG J 104 -42.26 23.95 38.19
N VAL J 105 -40.95 24.18 38.25
CA VAL J 105 -39.98 23.10 38.34
C VAL J 105 -39.18 23.28 39.61
N ASN J 106 -39.17 22.25 40.46
CA ASN J 106 -38.52 22.30 41.77
C ASN J 106 -37.26 21.45 41.70
N TYR J 107 -36.12 22.07 42.01
CA TYR J 107 -34.83 21.38 42.01
C TYR J 107 -34.40 21.19 43.45
N THR J 108 -34.42 19.94 43.92
CA THR J 108 -33.98 19.58 45.26
C THR J 108 -32.71 18.75 45.11
N VAL J 109 -31.59 19.31 45.53
CA VAL J 109 -30.28 18.69 45.35
C VAL J 109 -29.75 18.25 46.71
N SER J 110 -29.38 16.98 46.81
CA SER J 110 -28.72 16.48 48.01
C SER J 110 -27.32 17.06 48.06
N GLY J 111 -27.10 18.03 48.94
CA GLY J 111 -25.86 18.78 48.94
C GLY J 111 -25.89 19.87 47.88
N THR J 112 -24.79 20.61 47.82
CA THR J 112 -24.65 21.70 46.87
C THR J 112 -23.44 21.46 45.97
N ALA J 113 -23.64 21.62 44.67
CA ALA J 113 -22.60 21.42 43.69
C ALA J 113 -22.01 22.78 43.30
N THR J 114 -20.79 22.75 42.78
CA THR J 114 -20.16 23.93 42.23
C THR J 114 -20.47 24.12 40.76
N ALA J 115 -21.20 23.20 40.15
CA ALA J 115 -21.56 23.29 38.74
C ALA J 115 -22.90 22.62 38.52
N GLY J 116 -23.57 22.99 37.43
CA GLY J 116 -24.85 22.42 37.11
C GLY J 116 -25.83 23.42 36.52
N ALA J 117 -26.49 23.06 35.43
CA ALA J 117 -27.43 23.95 34.78
C ALA J 117 -28.52 23.12 34.12
N VAL J 118 -29.66 23.75 33.90
CA VAL J 118 -30.83 23.10 33.32
C VAL J 118 -31.59 24.10 32.46
N THR J 119 -32.03 23.65 31.29
CA THR J 119 -32.95 24.39 30.45
C THR J 119 -34.20 23.53 30.27
N ALA J 120 -35.29 23.93 30.93
CA ALA J 120 -36.52 23.16 30.95
C ALA J 120 -37.64 23.94 30.29
N GLY J 121 -38.53 23.22 29.60
CA GLY J 121 -39.65 23.86 28.96
C GLY J 121 -40.31 22.94 27.96
N VAL J 122 -41.29 23.49 27.28
CA VAL J 122 -42.04 22.77 26.25
C VAL J 122 -41.46 23.11 24.89
N VAL J 123 -41.23 22.09 24.07
CA VAL J 123 -40.64 22.26 22.75
C VAL J 123 -41.67 21.89 21.70
N MET J 124 -41.47 22.43 20.49
CA MET J 124 -42.37 22.13 19.40
C MET J 124 -42.30 20.66 19.00
N SER J 125 -41.08 20.12 18.90
CA SER J 125 -40.89 18.72 18.50
C SER J 125 -39.64 18.23 19.21
N HIS J 126 -39.82 17.45 20.26
CA HIS J 126 -38.71 16.88 21.01
C HIS J 126 -37.78 16.14 20.07
N GLN J 127 -36.51 16.54 20.07
CA GLN J 127 -35.56 16.02 19.09
C GLN J 127 -34.84 14.82 19.67
N GLN J 128 -35.06 13.66 19.06
CA GLN J 128 -34.29 12.48 19.40
C GLN J 128 -33.04 12.42 18.53
N ASN J 129 -32.00 11.79 19.06
CA ASN J 129 -30.72 11.64 18.36
C ASN J 129 -30.19 12.96 17.81
N MET K 1 -31.82 -31.15 2.06
CA MET K 1 -32.47 -32.31 1.47
C MET K 1 -33.92 -32.40 1.93
N ILE K 2 -34.82 -32.68 0.98
CA ILE K 2 -36.24 -32.65 1.28
C ILE K 2 -36.62 -33.80 2.18
N MET K 3 -37.42 -33.51 3.20
CA MET K 3 -38.02 -34.51 4.07
C MET K 3 -39.47 -34.13 4.28
N ASP K 4 -40.14 -35.11 5.08
CA ASP K 4 -41.59 -34.94 5.35
C ASP K 4 -41.83 -34.90 6.86
N LYS K 5 -43.09 -34.69 7.28
CA LYS K 5 -43.48 -34.86 8.67
C LYS K 5 -43.95 -36.27 8.97
N GLU K 6 -44.83 -36.83 8.13
CA GLU K 6 -45.33 -38.18 8.39
C GLU K 6 -44.29 -39.23 8.05
N ASN K 7 -43.74 -39.19 6.84
CA ASN K 7 -42.74 -40.17 6.43
C ASN K 7 -41.43 -39.83 7.12
N THR K 8 -41.45 -39.96 8.44
CA THR K 8 -40.34 -39.52 9.29
C THR K 8 -40.41 -40.32 10.58
N PHE K 9 -39.45 -41.20 10.78
CA PHE K 9 -39.45 -42.05 11.96
C PHE K 9 -38.90 -41.36 13.20
N SER K 10 -38.20 -40.24 13.03
CA SER K 10 -37.63 -39.51 14.15
C SER K 10 -37.12 -38.18 13.62
N TYR K 11 -36.96 -37.23 14.54
CA TYR K 11 -36.44 -35.91 14.18
C TYR K 11 -35.64 -35.41 15.39
N LYS K 12 -34.32 -35.55 15.30
CA LYS K 12 -33.42 -35.23 16.40
C LYS K 12 -33.80 -35.97 17.68
N GLN K 13 -34.41 -37.15 17.52
CA GLN K 13 -34.93 -37.89 18.66
C GLN K 13 -33.79 -38.27 19.61
N ALA K 14 -34.03 -38.05 20.89
CA ALA K 14 -33.04 -38.41 21.90
C ALA K 14 -32.95 -39.92 22.02
N ILE K 15 -31.73 -40.42 22.20
CA ILE K 15 -31.51 -41.85 22.39
C ILE K 15 -30.80 -42.06 23.72
N THR K 16 -31.13 -41.26 24.71
CA THR K 16 -30.46 -41.36 26.00
C THR K 16 -30.93 -42.61 26.73
N GLY K 17 -30.60 -43.77 26.17
CA GLY K 17 -31.02 -45.05 26.69
C GLY K 17 -31.45 -45.96 25.55
N THR K 18 -32.11 -47.06 25.91
CA THR K 18 -32.56 -48.03 24.92
C THR K 18 -33.91 -47.64 24.34
N ALA K 19 -34.00 -46.44 23.78
CA ALA K 19 -35.27 -45.91 23.31
C ALA K 19 -35.65 -46.53 21.96
N VAL K 20 -36.86 -46.21 21.51
CA VAL K 20 -37.37 -46.64 20.21
C VAL K 20 -37.89 -45.40 19.49
N SER K 21 -38.32 -45.60 18.25
CA SER K 21 -38.77 -44.49 17.41
C SER K 21 -40.04 -43.86 17.96
N THR K 22 -40.49 -42.77 17.34
CA THR K 22 -41.66 -42.04 17.80
C THR K 22 -42.80 -42.07 16.81
N ASN K 23 -42.54 -41.74 15.55
CA ASN K 23 -43.60 -41.62 14.55
C ASN K 23 -43.68 -42.89 13.70
N VAL K 24 -44.39 -43.88 14.24
CA VAL K 24 -44.59 -45.13 13.52
C VAL K 24 -45.49 -44.87 12.32
N ILE K 25 -45.08 -45.36 11.15
CA ILE K 25 -45.73 -45.06 9.89
C ILE K 25 -46.75 -46.13 9.55
N ASP K 26 -47.88 -45.72 8.98
CA ASP K 26 -48.89 -46.63 8.46
C ASP K 26 -48.97 -46.48 6.94
N LEU K 27 -49.48 -47.53 6.29
CA LEU K 27 -49.58 -47.54 4.83
C LEU K 27 -50.91 -48.08 4.35
N GLY K 28 -51.98 -47.88 5.11
CA GLY K 28 -53.28 -48.36 4.67
C GLY K 28 -53.28 -49.87 4.56
N VAL K 29 -53.52 -50.38 3.36
CA VAL K 29 -53.38 -51.81 3.12
C VAL K 29 -51.94 -52.22 3.41
N SER K 30 -51.75 -53.50 3.75
CA SER K 30 -50.44 -53.97 4.20
C SER K 30 -49.34 -53.61 3.20
N ARG K 31 -49.43 -54.15 1.98
CA ARG K 31 -48.54 -53.76 0.88
C ARG K 31 -47.08 -54.06 1.14
N ASP K 32 -46.25 -53.85 0.12
CA ASP K 32 -44.80 -54.02 0.22
C ASP K 32 -44.13 -52.84 -0.47
N ILE K 33 -43.52 -51.96 0.32
CA ILE K 33 -42.95 -50.74 -0.24
C ILE K 33 -41.57 -50.93 -0.81
N GLY K 34 -40.88 -52.03 -0.48
CA GLY K 34 -39.56 -52.27 -1.05
C GLY K 34 -39.57 -52.69 -2.50
N LYS K 35 -40.70 -53.21 -2.98
CA LYS K 35 -40.82 -53.59 -4.38
C LYS K 35 -40.77 -52.35 -5.26
N GLY K 36 -40.58 -52.57 -6.56
CA GLY K 36 -40.66 -51.48 -7.51
C GLY K 36 -39.53 -50.48 -7.35
N VAL K 37 -39.81 -49.25 -7.77
CA VAL K 37 -38.80 -48.18 -7.77
C VAL K 37 -38.33 -47.94 -6.35
N PRO K 38 -37.04 -47.73 -6.11
CA PRO K 38 -36.56 -47.61 -4.73
C PRO K 38 -37.08 -46.34 -4.06
N VAL K 39 -37.27 -46.43 -2.75
CA VAL K 39 -37.67 -45.29 -1.94
C VAL K 39 -36.58 -45.02 -0.90
N PRO K 40 -35.93 -43.87 -0.94
CA PRO K 40 -34.78 -43.63 -0.06
C PRO K 40 -35.15 -43.53 1.41
N ILE K 41 -34.13 -43.53 2.27
CA ILE K 41 -34.33 -43.36 3.70
C ILE K 41 -33.01 -42.89 4.29
N ILE K 42 -33.09 -42.03 5.31
CA ILE K 42 -31.90 -41.46 5.93
C ILE K 42 -31.97 -41.73 7.43
N ILE K 43 -30.90 -42.32 7.97
CA ILE K 43 -30.81 -42.64 9.39
C ILE K 43 -29.64 -41.86 9.95
N GLN K 44 -29.41 -40.67 9.39
CA GLN K 44 -28.26 -39.86 9.77
C GLN K 44 -28.33 -39.50 11.25
N VAL K 45 -27.16 -39.52 11.90
CA VAL K 45 -27.06 -39.18 13.30
C VAL K 45 -26.69 -37.70 13.44
N VAL K 46 -27.40 -37.02 14.33
CA VAL K 46 -27.18 -35.62 14.65
C VAL K 46 -26.78 -35.56 16.12
N GLU K 47 -26.15 -34.44 16.51
CA GLU K 47 -25.81 -34.20 17.92
C GLU K 47 -24.90 -35.31 18.46
N ASP K 48 -23.65 -35.25 17.98
CA ASP K 48 -22.66 -36.31 18.15
C ASP K 48 -22.76 -36.98 19.52
N PHE K 49 -22.71 -38.31 19.51
CA PHE K 49 -22.84 -39.08 20.74
C PHE K 49 -21.64 -38.88 21.66
N ALA K 50 -21.86 -39.15 22.94
CA ALA K 50 -20.87 -38.85 23.97
C ALA K 50 -20.40 -40.09 24.72
N ASP K 51 -21.32 -40.87 25.30
CA ASP K 51 -20.92 -41.90 26.25
C ASP K 51 -21.53 -43.26 25.99
N ALA K 52 -22.04 -43.51 24.79
CA ALA K 52 -22.67 -44.80 24.50
C ALA K 52 -21.62 -45.90 24.37
N THR K 53 -22.06 -47.09 23.94
CA THR K 53 -21.11 -48.21 23.72
C THR K 53 -21.45 -48.88 22.38
N SER K 54 -22.74 -49.12 22.12
CA SER K 54 -23.16 -49.72 20.83
C SER K 54 -24.57 -49.22 20.48
N LEU K 55 -24.79 -48.82 19.23
CA LEU K 55 -26.14 -48.35 18.79
C LEU K 55 -26.74 -49.38 17.84
N THR K 56 -27.73 -50.15 18.31
CA THR K 56 -28.42 -51.13 17.43
C THR K 56 -29.46 -50.39 16.59
N ALA K 57 -29.33 -50.43 15.26
CA ALA K 57 -30.25 -49.66 14.39
C ALA K 57 -31.28 -50.60 13.75
N THR K 58 -31.86 -51.51 14.53
CA THR K 58 -32.92 -52.35 13.98
C THR K 58 -34.01 -51.52 13.32
N LEU K 59 -34.70 -52.10 12.33
CA LEU K 59 -35.73 -51.41 11.57
C LEU K 59 -37.03 -52.22 11.60
N GLN K 60 -37.46 -52.56 12.82
CA GLN K 60 -38.62 -53.41 13.03
C GLN K 60 -39.85 -52.92 12.26
N THR K 61 -40.57 -53.86 11.65
CA THR K 61 -41.86 -53.59 11.05
C THR K 61 -42.88 -54.54 11.66
N SER K 62 -44.15 -54.18 11.58
CA SER K 62 -45.21 -54.96 12.18
C SER K 62 -46.46 -54.90 11.31
N GLU K 63 -47.44 -55.73 11.66
CA GLU K 63 -48.76 -55.64 11.07
C GLU K 63 -49.78 -55.02 12.02
N THR K 64 -49.41 -54.76 13.26
CA THR K 64 -50.29 -54.15 14.24
C THR K 64 -49.67 -52.84 14.70
N GLU K 65 -50.53 -51.89 15.09
CA GLU K 65 -50.06 -50.60 15.58
C GLU K 65 -49.08 -50.78 16.73
N ASN K 66 -49.48 -51.52 17.75
CA ASN K 66 -48.56 -51.92 18.79
C ASN K 66 -47.66 -53.02 18.25
N PHE K 67 -46.35 -52.87 18.43
CA PHE K 67 -45.39 -53.79 17.82
C PHE K 67 -45.22 -55.04 18.70
N SER K 68 -46.34 -55.70 18.95
CA SER K 68 -46.31 -56.99 19.64
C SER K 68 -45.55 -58.02 18.81
N SER K 69 -45.77 -58.02 17.51
CA SER K 69 -45.05 -58.90 16.59
C SER K 69 -44.26 -58.03 15.62
N ALA K 70 -42.94 -58.20 15.62
CA ALA K 70 -42.06 -57.35 14.83
C ALA K 70 -41.18 -58.22 13.94
N THR K 71 -40.81 -57.66 12.78
CA THR K 71 -40.04 -58.39 11.77
C THR K 71 -38.84 -57.54 11.36
N THR K 72 -37.66 -57.91 11.86
CA THR K 72 -36.46 -57.15 11.55
C THR K 72 -36.19 -57.17 10.05
N LEU K 73 -35.90 -55.99 9.48
CA LEU K 73 -35.59 -55.88 8.06
C LEU K 73 -34.16 -55.46 7.78
N ALA K 74 -33.48 -54.82 8.72
CA ALA K 74 -32.11 -54.36 8.54
C ALA K 74 -31.52 -54.11 9.92
N THR K 75 -30.21 -53.93 9.98
CA THR K 75 -29.52 -53.65 11.23
C THR K 75 -28.17 -53.02 10.90
N SER K 76 -27.49 -52.45 11.88
CA SER K 76 -26.15 -51.93 11.67
C SER K 76 -25.11 -52.52 12.61
N GLY K 77 -25.47 -53.47 13.46
CA GLY K 77 -24.52 -54.06 14.37
C GLY K 77 -24.21 -53.13 15.53
N ALA K 78 -23.21 -53.53 16.31
CA ALA K 78 -22.78 -52.77 17.48
C ALA K 78 -21.77 -51.70 17.07
N VAL K 79 -22.27 -50.68 16.39
CA VAL K 79 -21.42 -49.55 16.00
C VAL K 79 -20.96 -48.83 17.27
N PRO K 80 -19.66 -48.62 17.46
CA PRO K 80 -19.19 -48.08 18.74
C PRO K 80 -19.57 -46.63 18.93
N VAL K 81 -19.39 -46.16 20.16
CA VAL K 81 -19.58 -44.74 20.46
C VAL K 81 -18.62 -43.91 19.63
N ALA K 82 -17.38 -44.40 19.48
CA ALA K 82 -16.45 -43.78 18.54
C ALA K 82 -17.06 -43.83 17.14
N ASP K 83 -16.73 -42.81 16.35
CA ASP K 83 -17.51 -42.50 15.14
C ASP K 83 -18.91 -42.14 15.66
N LEU K 84 -19.98 -42.60 15.02
CA LEU K 84 -21.35 -42.20 15.37
C LEU K 84 -21.52 -40.70 15.35
N THR K 85 -20.69 -40.00 14.59
CA THR K 85 -20.70 -38.55 14.58
C THR K 85 -21.79 -38.05 13.65
N ALA K 86 -21.80 -36.76 13.38
CA ALA K 86 -22.81 -36.18 12.50
C ALA K 86 -22.66 -36.74 11.09
N GLY K 87 -23.79 -36.89 10.40
CA GLY K 87 -23.76 -37.39 9.05
C GLY K 87 -23.42 -38.85 8.90
N LYS K 88 -23.60 -39.64 9.96
CA LYS K 88 -23.28 -41.06 9.94
C LYS K 88 -24.57 -41.84 9.73
N GLN K 89 -24.73 -42.39 8.53
CA GLN K 89 -25.87 -43.26 8.25
C GLN K 89 -25.64 -44.61 8.93
N LEU K 90 -26.75 -45.29 9.24
CA LEU K 90 -26.65 -46.54 9.99
C LEU K 90 -27.60 -47.62 9.49
N ALA K 91 -27.95 -47.61 8.21
CA ALA K 91 -28.78 -48.67 7.66
C ALA K 91 -28.74 -48.56 6.14
N VAL K 92 -29.59 -49.37 5.50
CA VAL K 92 -29.66 -49.37 4.04
C VAL K 92 -30.24 -48.05 3.55
N GLN K 93 -29.65 -47.53 2.48
CA GLN K 93 -30.05 -46.24 1.93
C GLN K 93 -31.48 -46.24 1.44
N TYR K 94 -32.04 -47.39 1.10
CA TYR K 94 -33.39 -47.49 0.58
C TYR K 94 -34.19 -48.44 1.45
N MET K 95 -35.48 -48.54 1.18
CA MET K 95 -36.34 -49.33 2.03
C MET K 95 -36.19 -50.81 1.70
N PRO K 96 -35.81 -51.65 2.67
CA PRO K 96 -35.68 -53.09 2.37
C PRO K 96 -37.03 -53.74 2.07
N LEU K 97 -36.99 -54.94 1.52
CA LEU K 97 -38.20 -55.69 1.20
C LEU K 97 -38.79 -56.29 2.47
N GLY K 98 -40.12 -56.32 2.51
CA GLY K 98 -40.81 -56.97 3.62
C GLY K 98 -41.45 -56.00 4.59
N THR K 99 -42.00 -54.90 4.07
CA THR K 99 -42.66 -53.90 4.88
C THR K 99 -44.11 -54.33 5.07
N GLN K 100 -44.41 -55.00 6.19
CA GLN K 100 -45.71 -55.62 6.33
C GLN K 100 -46.86 -54.62 6.36
N ARG K 101 -47.01 -53.89 7.46
CA ARG K 101 -48.04 -52.85 7.56
C ARG K 101 -47.47 -51.52 8.05
N TYR K 102 -46.74 -51.57 9.16
CA TYR K 102 -46.14 -50.42 9.79
C TYR K 102 -44.62 -50.52 9.76
N LEU K 103 -43.96 -49.46 10.19
CA LEU K 103 -42.51 -49.43 10.29
C LEU K 103 -42.12 -48.57 11.48
N ARG K 104 -40.98 -48.90 12.10
CA ARG K 104 -40.41 -48.09 13.15
C ARG K 104 -38.92 -48.39 13.22
N VAL K 105 -38.21 -47.68 14.09
CA VAL K 105 -36.79 -47.90 14.29
C VAL K 105 -36.55 -48.20 15.76
N ASN K 106 -35.74 -49.22 16.02
CA ASN K 106 -35.30 -49.57 17.35
C ASN K 106 -33.88 -49.05 17.55
N TYR K 107 -33.55 -48.68 18.78
CA TYR K 107 -32.29 -48.01 19.10
C TYR K 107 -31.65 -48.63 20.34
N THR K 108 -31.51 -49.96 20.34
CA THR K 108 -30.90 -50.63 21.47
C THR K 108 -29.46 -50.16 21.68
N VAL K 109 -29.14 -49.83 22.92
CA VAL K 109 -27.82 -49.32 23.29
C VAL K 109 -27.29 -50.13 24.46
N SER K 110 -26.03 -50.56 24.37
CA SER K 110 -25.38 -51.32 25.43
C SER K 110 -24.82 -50.33 26.46
N GLY K 111 -25.74 -49.72 27.20
CA GLY K 111 -25.35 -48.76 28.22
C GLY K 111 -26.14 -47.48 28.17
N THR K 112 -25.55 -46.40 28.70
CA THR K 112 -26.20 -45.09 28.75
C THR K 112 -25.44 -44.12 27.86
N ALA K 113 -26.18 -43.31 27.12
CA ALA K 113 -25.61 -42.29 26.25
C ALA K 113 -26.08 -40.93 26.73
N THR K 114 -25.15 -40.04 27.01
CA THR K 114 -25.49 -38.71 27.51
C THR K 114 -25.78 -37.72 26.40
N ALA K 115 -25.71 -38.14 25.14
CA ALA K 115 -26.04 -37.27 24.03
C ALA K 115 -26.59 -38.14 22.91
N GLY K 116 -26.66 -37.59 21.71
CA GLY K 116 -27.06 -38.35 20.54
C GLY K 116 -28.42 -37.93 20.00
N ALA K 117 -28.56 -38.02 18.69
CA ALA K 117 -29.81 -37.70 18.01
C ALA K 117 -29.80 -38.44 16.67
N VAL K 118 -31.00 -38.68 16.14
CA VAL K 118 -31.19 -39.38 14.88
C VAL K 118 -32.25 -38.64 14.08
N THR K 119 -32.26 -38.87 12.77
CA THR K 119 -33.26 -38.28 11.88
C THR K 119 -33.79 -39.36 10.94
N ALA K 120 -34.18 -40.49 11.50
CA ALA K 120 -34.72 -41.57 10.70
C ALA K 120 -35.97 -41.14 9.96
N GLY K 121 -36.03 -41.43 8.68
CA GLY K 121 -37.21 -41.12 7.89
C GLY K 121 -36.91 -41.14 6.41
N VAL K 122 -37.98 -41.20 5.63
CA VAL K 122 -37.84 -41.16 4.18
C VAL K 122 -37.36 -39.79 3.74
N VAL K 123 -36.49 -39.77 2.72
CA VAL K 123 -35.96 -38.48 2.19
C VAL K 123 -36.24 -38.47 0.69
N MET K 124 -36.72 -37.35 0.17
CA MET K 124 -37.08 -37.25 -1.27
C MET K 124 -35.85 -37.53 -2.13
N SER K 125 -34.70 -37.04 -1.70
CA SER K 125 -33.46 -37.20 -2.50
C SER K 125 -32.26 -37.38 -1.57
N HIS K 126 -31.64 -38.56 -1.59
CA HIS K 126 -30.51 -38.84 -0.67
C HIS K 126 -29.41 -37.83 -0.95
N GLN K 127 -28.67 -37.40 0.08
CA GLN K 127 -27.53 -36.48 -0.16
C GLN K 127 -26.21 -37.25 -0.04
N GLN K 128 -25.57 -37.56 -1.18
CA GLN K 128 -24.26 -38.26 -1.17
C GLN K 128 -23.15 -37.22 -1.13
N ASN K 129 -22.23 -37.33 -0.15
CA ASN K 129 -21.15 -36.30 0.00
C ASN K 129 -21.04 -35.48 -1.28
N MET L 1 60.63 -18.70 -26.78
CA MET L 1 62.00 -18.72 -27.27
C MET L 1 62.32 -20.04 -27.96
N ILE L 2 63.25 -19.99 -28.92
CA ILE L 2 63.61 -21.14 -29.73
C ILE L 2 65.00 -21.60 -29.27
N MET L 3 65.05 -22.70 -28.54
CA MET L 3 66.28 -23.25 -28.01
C MET L 3 66.45 -24.69 -28.50
N ASP L 4 67.67 -25.07 -28.86
CA ASP L 4 67.92 -26.38 -29.44
C ASP L 4 68.62 -27.30 -28.45
N LYS L 5 68.38 -28.60 -28.61
CA LYS L 5 68.92 -29.60 -27.70
C LYS L 5 70.44 -29.68 -27.73
N GLU L 6 71.04 -29.51 -28.91
CA GLU L 6 72.48 -29.63 -29.06
C GLU L 6 73.26 -28.54 -28.35
N ASN L 7 72.68 -27.36 -28.14
CA ASN L 7 73.35 -26.31 -27.39
C ASN L 7 72.75 -26.06 -26.02
N THR L 8 71.86 -26.92 -25.55
CA THR L 8 71.38 -26.83 -24.18
C THR L 8 72.51 -27.17 -23.22
N PHE L 9 73.09 -26.16 -22.57
CA PHE L 9 74.14 -26.45 -21.61
C PHE L 9 73.61 -27.30 -20.46
N SER L 10 72.42 -26.97 -19.98
CA SER L 10 71.71 -27.80 -19.01
C SER L 10 70.24 -27.42 -19.08
N TYR L 11 69.39 -28.36 -19.51
CA TYR L 11 67.95 -28.12 -19.56
C TYR L 11 67.32 -28.58 -18.26
N LYS L 12 66.83 -27.63 -17.47
CA LYS L 12 66.17 -27.90 -16.20
C LYS L 12 67.04 -28.77 -15.29
N GLN L 13 68.31 -28.42 -15.22
CA GLN L 13 69.23 -29.11 -14.33
C GLN L 13 68.76 -28.99 -12.89
N ALA L 14 68.82 -30.09 -12.15
CA ALA L 14 68.44 -30.12 -10.75
C ALA L 14 69.67 -29.80 -9.93
N ILE L 15 69.77 -28.54 -9.48
CA ILE L 15 70.95 -28.11 -8.75
C ILE L 15 70.94 -28.68 -7.34
N THR L 16 72.09 -29.23 -6.93
CA THR L 16 72.25 -29.74 -5.57
C THR L 16 73.39 -29.08 -4.81
N GLY L 17 74.26 -28.31 -5.46
CA GLY L 17 75.29 -27.58 -4.75
C GLY L 17 76.68 -27.57 -5.36
N THR L 18 77.08 -28.65 -6.02
CA THR L 18 78.39 -28.73 -6.63
C THR L 18 78.40 -29.34 -8.03
N ALA L 19 77.29 -29.83 -8.52
CA ALA L 19 77.26 -30.46 -9.84
C ALA L 19 77.48 -29.43 -10.94
N VAL L 20 78.40 -29.73 -11.84
CA VAL L 20 78.64 -28.89 -13.02
C VAL L 20 77.61 -29.22 -14.08
N SER L 21 77.56 -28.42 -15.15
CA SER L 21 76.60 -28.61 -16.23
C SER L 21 76.67 -30.01 -16.82
N THR L 22 75.64 -30.42 -17.54
CA THR L 22 75.52 -31.78 -18.05
C THR L 22 75.94 -31.90 -19.51
N ASN L 23 75.42 -31.05 -20.39
CA ASN L 23 75.69 -31.17 -21.82
C ASN L 23 76.79 -30.18 -22.23
N VAL L 24 78.03 -30.62 -22.03
CA VAL L 24 79.18 -29.84 -22.47
C VAL L 24 79.15 -29.72 -23.99
N ILE L 25 79.53 -28.56 -24.50
CA ILE L 25 79.57 -28.34 -25.95
C ILE L 25 80.91 -28.82 -26.48
N ASP L 26 80.85 -29.62 -27.53
CA ASP L 26 82.03 -30.19 -28.16
C ASP L 26 82.25 -29.51 -29.52
N LEU L 27 83.47 -29.04 -29.75
CA LEU L 27 83.96 -28.89 -31.11
C LEU L 27 85.46 -28.65 -31.03
N GLY L 28 86.23 -29.40 -31.81
CA GLY L 28 87.68 -29.36 -31.73
C GLY L 28 88.28 -27.99 -31.94
N VAL L 29 87.99 -27.38 -33.10
CA VAL L 29 88.64 -26.15 -33.51
C VAL L 29 88.18 -25.01 -32.61
N SER L 30 88.93 -23.92 -32.56
CA SER L 30 88.85 -22.89 -31.53
C SER L 30 88.36 -21.54 -32.07
N ARG L 31 87.27 -21.55 -32.84
CA ARG L 31 86.83 -20.35 -33.57
C ARG L 31 86.71 -19.11 -32.70
N ASP L 32 86.64 -19.27 -31.37
CA ASP L 32 86.27 -18.22 -30.43
C ASP L 32 84.88 -17.65 -30.78
N ILE L 33 83.89 -18.52 -30.60
CA ILE L 33 82.50 -18.31 -30.98
C ILE L 33 81.99 -16.94 -30.53
N GLY L 34 82.64 -16.36 -29.52
CA GLY L 34 82.14 -15.11 -28.95
C GLY L 34 82.21 -13.94 -29.91
N LYS L 35 83.33 -13.78 -30.61
CA LYS L 35 83.53 -12.60 -31.43
C LYS L 35 82.74 -12.69 -32.73
N GLY L 36 82.35 -11.53 -33.26
CA GLY L 36 81.57 -11.46 -34.47
C GLY L 36 80.16 -10.95 -34.23
N VAL L 37 79.19 -11.51 -34.95
CA VAL L 37 77.79 -11.17 -34.65
C VAL L 37 77.41 -11.81 -33.31
N PRO L 38 76.70 -11.11 -32.44
CA PRO L 38 76.47 -11.64 -31.08
C PRO L 38 75.64 -12.91 -31.10
N VAL L 39 75.89 -13.75 -30.11
CA VAL L 39 75.16 -15.01 -29.94
C VAL L 39 74.51 -15.01 -28.56
N PRO L 40 73.18 -14.95 -28.47
CA PRO L 40 72.53 -14.85 -27.16
C PRO L 40 72.65 -16.13 -26.37
N ILE L 41 72.79 -15.99 -25.05
CA ILE L 41 72.74 -17.13 -24.14
C ILE L 41 71.99 -16.70 -22.89
N ILE L 42 71.23 -17.62 -22.30
CA ILE L 42 70.52 -17.38 -21.05
C ILE L 42 71.12 -18.31 -20.00
N ILE L 43 71.19 -17.83 -18.77
CA ILE L 43 71.55 -18.67 -17.62
C ILE L 43 70.39 -18.60 -16.64
N GLN L 44 69.17 -18.50 -17.16
CA GLN L 44 67.99 -18.26 -16.32
C GLN L 44 67.83 -19.34 -15.28
N VAL L 45 67.42 -18.94 -14.08
CA VAL L 45 67.07 -19.86 -13.01
C VAL L 45 65.61 -20.25 -13.19
N VAL L 46 65.34 -21.55 -13.22
CA VAL L 46 63.98 -22.05 -13.44
C VAL L 46 63.26 -22.15 -12.11
N GLU L 47 63.75 -22.99 -11.22
CA GLU L 47 63.07 -23.19 -9.95
C GLU L 47 63.76 -22.38 -8.85
N ASP L 48 63.01 -22.07 -7.81
CA ASP L 48 63.51 -21.23 -6.73
C ASP L 48 64.40 -22.03 -5.79
N PHE L 49 65.44 -21.38 -5.30
CA PHE L 49 66.44 -22.02 -4.44
C PHE L 49 66.09 -21.73 -2.98
N ALA L 50 66.08 -22.80 -2.17
CA ALA L 50 65.52 -22.71 -0.82
C ALA L 50 66.58 -22.43 0.23
N ASP L 51 67.57 -23.31 0.38
CA ASP L 51 68.49 -23.24 1.51
C ASP L 51 69.88 -22.77 1.15
N ALA L 52 70.13 -22.43 -0.10
CA ALA L 52 71.46 -22.01 -0.51
C ALA L 52 71.74 -20.58 -0.01
N THR L 53 72.93 -20.08 -0.34
CA THR L 53 73.27 -18.69 -0.10
C THR L 53 74.03 -18.08 -1.27
N SER L 54 74.43 -18.88 -2.26
CA SER L 54 75.16 -18.38 -3.40
C SER L 54 74.87 -19.28 -4.59
N LEU L 55 74.98 -18.73 -5.80
CA LEU L 55 74.77 -19.51 -7.01
C LEU L 55 75.84 -19.13 -8.04
N THR L 56 77.11 -19.25 -7.63
CA THR L 56 78.21 -18.98 -8.55
C THR L 56 78.05 -19.79 -9.82
N ALA L 57 78.21 -19.12 -10.97
CA ALA L 57 77.85 -19.69 -12.25
C ALA L 57 79.03 -19.67 -13.22
N THR L 58 80.18 -20.14 -12.76
CA THR L 58 81.41 -20.16 -13.57
C THR L 58 81.20 -20.86 -14.91
N LEU L 59 81.28 -20.10 -16.00
CA LEU L 59 81.19 -20.66 -17.36
C LEU L 59 82.59 -21.03 -17.79
N GLN L 60 82.95 -22.30 -17.59
CA GLN L 60 84.32 -22.74 -17.79
C GLN L 60 84.56 -23.15 -19.24
N THR L 61 85.56 -22.56 -19.87
CA THR L 61 86.00 -22.97 -21.20
C THR L 61 87.26 -23.81 -21.06
N SER L 62 87.41 -24.80 -21.94
CA SER L 62 88.51 -25.73 -21.80
C SER L 62 89.17 -26.07 -23.13
N GLU L 63 90.09 -27.02 -23.10
CA GLU L 63 90.85 -27.44 -24.26
C GLU L 63 90.69 -28.93 -24.55
N THR L 64 90.02 -29.68 -23.68
CA THR L 64 89.81 -31.09 -23.89
C THR L 64 88.38 -31.43 -23.50
N GLU L 65 87.84 -32.49 -24.12
CA GLU L 65 86.49 -32.94 -23.80
C GLU L 65 86.35 -33.16 -22.30
N ASN L 66 87.26 -33.95 -21.73
CA ASN L 66 87.44 -33.93 -20.29
C ASN L 66 87.97 -32.57 -19.90
N PHE L 67 87.35 -31.96 -18.89
CA PHE L 67 87.80 -30.66 -18.41
C PHE L 67 89.01 -30.85 -17.49
N SER L 68 90.10 -31.28 -18.11
CA SER L 68 91.37 -31.41 -17.40
C SER L 68 91.81 -30.07 -16.84
N SER L 69 91.66 -29.02 -17.63
CA SER L 69 91.86 -27.66 -17.15
C SER L 69 90.81 -26.78 -17.80
N ALA L 70 90.56 -25.63 -17.18
CA ALA L 70 89.48 -24.78 -17.66
C ALA L 70 89.83 -23.32 -17.40
N THR L 71 89.14 -22.44 -18.12
CA THR L 71 89.28 -21.00 -17.96
C THR L 71 87.89 -20.38 -17.81
N THR L 72 87.81 -19.32 -17.02
CA THR L 72 86.54 -18.68 -16.67
C THR L 72 86.30 -17.51 -17.64
N LEU L 73 85.16 -17.55 -18.32
CA LEU L 73 84.79 -16.48 -19.23
C LEU L 73 83.68 -15.59 -18.71
N ALA L 74 82.90 -16.05 -17.74
CA ALA L 74 81.83 -15.25 -17.15
C ALA L 74 81.62 -15.76 -15.74
N THR L 75 81.01 -14.91 -14.91
CA THR L 75 80.76 -15.28 -13.53
C THR L 75 79.57 -14.48 -13.01
N SER L 76 78.53 -15.19 -12.59
CA SER L 76 77.42 -14.53 -11.91
C SER L 76 77.87 -13.94 -10.59
N GLY L 77 78.72 -14.65 -9.87
CA GLY L 77 79.15 -14.24 -8.55
C GLY L 77 78.36 -14.93 -7.47
N ALA L 78 78.57 -14.46 -6.24
CA ALA L 78 77.85 -14.97 -5.08
C ALA L 78 76.47 -14.34 -5.04
N VAL L 79 75.55 -14.92 -5.81
CA VAL L 79 74.18 -14.43 -5.90
C VAL L 79 73.43 -14.81 -4.63
N PRO L 80 72.89 -13.86 -3.88
CA PRO L 80 72.18 -14.19 -2.64
C PRO L 80 70.95 -15.05 -2.93
N VAL L 81 70.59 -15.88 -1.94
CA VAL L 81 69.48 -16.81 -2.12
C VAL L 81 68.16 -16.06 -2.21
N ALA L 82 68.12 -14.82 -1.75
CA ALA L 82 66.87 -14.08 -1.70
C ALA L 82 66.29 -13.87 -3.09
N ASP L 83 67.14 -13.55 -4.07
CA ASP L 83 66.69 -13.34 -5.45
C ASP L 83 66.99 -14.53 -6.34
N LEU L 84 66.93 -15.74 -5.81
CA LEU L 84 67.07 -16.95 -6.60
C LEU L 84 65.66 -17.45 -6.94
N THR L 85 65.03 -16.79 -7.91
CA THR L 85 63.70 -17.15 -8.35
C THR L 85 63.72 -17.32 -9.86
N ALA L 86 62.55 -17.59 -10.42
CA ALA L 86 62.44 -17.79 -11.86
C ALA L 86 62.65 -16.46 -12.60
N GLY L 87 63.39 -16.54 -13.71
CA GLY L 87 63.50 -15.41 -14.61
C GLY L 87 64.68 -14.50 -14.43
N LYS L 88 65.68 -14.90 -13.63
CA LYS L 88 66.81 -14.06 -13.34
C LYS L 88 68.01 -14.50 -14.18
N GLN L 89 68.45 -13.63 -15.08
CA GLN L 89 69.61 -13.91 -15.92
C GLN L 89 70.86 -13.92 -15.04
N LEU L 90 71.38 -15.12 -14.80
CA LEU L 90 72.50 -15.27 -13.86
C LEU L 90 73.75 -14.55 -14.34
N ALA L 91 74.06 -14.62 -15.64
CA ALA L 91 75.35 -14.21 -16.13
C ALA L 91 75.14 -13.31 -17.35
N VAL L 92 76.22 -13.09 -18.09
CA VAL L 92 76.23 -12.17 -19.21
C VAL L 92 75.14 -12.52 -20.21
N GLN L 93 74.68 -11.51 -20.96
CA GLN L 93 73.58 -11.71 -21.89
C GLN L 93 74.02 -12.50 -23.12
N TYR L 94 75.19 -12.20 -23.67
CA TYR L 94 75.63 -12.77 -24.93
C TYR L 94 76.83 -13.68 -24.72
N MET L 95 77.41 -14.14 -25.81
CA MET L 95 78.51 -15.08 -25.70
C MET L 95 79.79 -14.34 -25.35
N PRO L 96 80.51 -14.75 -24.29
CA PRO L 96 81.74 -14.05 -23.92
C PRO L 96 82.89 -14.38 -24.87
N LEU L 97 84.08 -13.84 -24.58
CA LEU L 97 85.25 -14.08 -25.41
C LEU L 97 86.22 -15.00 -24.68
N GLY L 98 86.71 -16.02 -25.38
CA GLY L 98 87.68 -16.94 -24.82
C GLY L 98 87.27 -18.40 -24.89
N THR L 99 86.27 -18.68 -25.72
CA THR L 99 85.74 -20.03 -25.88
C THR L 99 86.73 -20.85 -26.68
N GLN L 100 87.68 -21.47 -25.99
CA GLN L 100 88.74 -22.20 -26.68
C GLN L 100 88.19 -23.41 -27.44
N ARG L 101 87.81 -24.45 -26.73
CA ARG L 101 87.44 -25.68 -27.43
C ARG L 101 86.14 -26.28 -26.94
N TYR L 102 85.99 -26.26 -25.57
CA TYR L 102 84.77 -26.82 -24.93
C TYR L 102 84.21 -25.85 -23.90
N LEU L 103 82.86 -25.89 -23.70
CA LEU L 103 82.26 -25.03 -22.70
C LEU L 103 81.42 -25.86 -21.74
N ARG L 104 81.56 -25.58 -20.45
CA ARG L 104 80.73 -26.20 -19.42
C ARG L 104 80.42 -25.16 -18.35
N VAL L 105 79.33 -25.36 -17.63
CA VAL L 105 78.89 -24.44 -16.61
C VAL L 105 79.01 -25.14 -15.26
N ASN L 106 79.90 -24.65 -14.40
CA ASN L 106 79.94 -25.11 -13.03
C ASN L 106 78.81 -24.48 -12.23
N TYR L 107 78.43 -25.14 -11.14
CA TYR L 107 77.39 -24.63 -10.26
C TYR L 107 77.75 -24.88 -8.80
N THR L 108 79.00 -24.60 -8.42
CA THR L 108 79.40 -24.80 -7.04
C THR L 108 78.71 -23.76 -6.15
N VAL L 109 78.11 -24.24 -5.06
CA VAL L 109 77.23 -23.44 -4.22
C VAL L 109 77.79 -23.38 -2.80
N SER L 110 77.67 -22.22 -2.18
CA SER L 110 78.02 -22.09 -0.77
C SER L 110 76.99 -22.84 0.05
N GLY L 111 77.29 -24.10 0.39
CA GLY L 111 76.32 -24.97 1.01
C GLY L 111 75.52 -25.73 -0.03
N THR L 112 74.50 -26.43 0.46
CA THR L 112 73.61 -27.20 -0.40
C THR L 112 72.31 -26.44 -0.64
N ALA L 113 71.71 -26.68 -1.80
CA ALA L 113 70.44 -26.06 -2.18
C ALA L 113 69.38 -27.16 -2.24
N THR L 114 68.32 -26.99 -1.49
CA THR L 114 67.25 -27.99 -1.41
C THR L 114 66.21 -27.81 -2.52
N ALA L 115 66.30 -26.77 -3.32
CA ALA L 115 65.39 -26.55 -4.42
C ALA L 115 66.06 -25.63 -5.43
N GLY L 116 65.46 -25.52 -6.60
CA GLY L 116 66.01 -24.66 -7.63
C GLY L 116 66.40 -25.41 -8.88
N ALA L 117 66.33 -24.72 -10.02
CA ALA L 117 66.68 -25.32 -11.30
C ALA L 117 67.17 -24.25 -12.25
N VAL L 118 68.00 -24.65 -13.21
CA VAL L 118 68.61 -23.75 -14.17
C VAL L 118 68.38 -24.28 -15.57
N THR L 119 68.43 -23.39 -16.56
CA THR L 119 68.21 -23.75 -17.96
C THR L 119 69.21 -23.03 -18.86
N ALA L 120 70.47 -23.02 -18.44
CA ALA L 120 71.52 -22.35 -19.21
C ALA L 120 71.66 -22.99 -20.58
N GLY L 121 71.70 -22.17 -21.62
CA GLY L 121 71.81 -22.67 -22.97
C GLY L 121 71.59 -21.58 -23.99
N VAL L 122 71.94 -21.90 -25.23
CA VAL L 122 71.88 -20.92 -26.31
C VAL L 122 70.45 -20.82 -26.85
N VAL L 123 70.07 -19.60 -27.24
CA VAL L 123 68.73 -19.33 -27.74
C VAL L 123 68.82 -18.62 -29.07
N MET L 124 67.72 -18.61 -29.82
CA MET L 124 67.68 -17.88 -31.09
C MET L 124 67.65 -16.38 -30.86
N SER L 125 66.81 -15.93 -29.93
CA SER L 125 66.70 -14.51 -29.62
C SER L 125 66.40 -14.33 -28.14
N HIS L 126 66.89 -13.22 -27.60
CA HIS L 126 66.55 -12.87 -26.23
C HIS L 126 65.08 -12.51 -26.13
N GLN L 127 64.48 -12.85 -25.00
CA GLN L 127 63.11 -12.44 -24.67
C GLN L 127 63.20 -11.58 -23.43
N GLN L 128 63.08 -10.27 -23.61
CA GLN L 128 63.19 -9.30 -22.52
C GLN L 128 61.91 -8.47 -22.48
N ASN L 129 61.01 -8.84 -21.58
CA ASN L 129 59.71 -8.17 -21.44
C ASN L 129 58.95 -8.17 -22.76
N MET M 1 57.16 37.14 -14.54
CA MET M 1 56.99 38.01 -15.73
C MET M 1 58.28 37.96 -16.57
N ILE M 2 58.68 39.10 -17.13
CA ILE M 2 59.89 39.14 -17.96
C ILE M 2 61.14 39.05 -17.08
N MET M 3 61.32 40.03 -16.19
CA MET M 3 62.41 40.02 -15.22
C MET M 3 63.76 39.97 -15.94
N ASP M 4 64.13 41.07 -16.57
CA ASP M 4 65.41 41.18 -17.27
C ASP M 4 66.56 40.83 -16.34
N LYS M 5 67.44 39.92 -16.80
CA LYS M 5 68.52 39.43 -15.97
C LYS M 5 69.53 40.52 -15.65
N GLU M 6 69.90 41.34 -16.64
CA GLU M 6 70.93 42.36 -16.47
C GLU M 6 70.48 43.53 -15.61
N ASN M 7 69.32 43.44 -14.96
CA ASN M 7 68.87 44.45 -14.01
C ASN M 7 68.54 43.86 -12.65
N THR M 8 68.67 42.55 -12.48
CA THR M 8 68.23 41.88 -11.26
C THR M 8 69.20 42.16 -10.13
N PHE M 9 68.75 42.88 -9.11
CA PHE M 9 69.55 43.08 -7.91
C PHE M 9 69.84 41.76 -7.22
N SER M 10 68.84 40.90 -7.13
CA SER M 10 68.99 39.60 -6.48
C SER M 10 67.88 38.70 -6.97
N TYR M 11 68.15 37.39 -6.96
CA TYR M 11 67.21 36.39 -7.46
C TYR M 11 67.28 35.19 -6.54
N LYS M 12 66.17 34.93 -5.83
CA LYS M 12 66.09 33.83 -4.87
C LYS M 12 67.17 33.95 -3.79
N GLN M 13 67.61 35.17 -3.50
CA GLN M 13 68.68 35.38 -2.54
C GLN M 13 68.15 35.15 -1.14
N ALA M 14 68.81 34.25 -0.39
CA ALA M 14 68.43 34.05 1.00
C ALA M 14 68.78 35.29 1.80
N ILE M 15 67.85 35.70 2.68
CA ILE M 15 67.98 36.94 3.43
C ILE M 15 68.27 36.71 4.90
N THR M 16 68.76 35.53 5.27
CA THR M 16 69.19 35.33 6.64
C THR M 16 70.31 36.30 6.99
N GLY M 17 70.12 37.06 8.06
CA GLY M 17 71.07 38.08 8.45
C GLY M 17 70.93 39.35 7.62
N THR M 18 71.65 40.38 8.04
CA THR M 18 71.64 41.66 7.33
C THR M 18 72.72 41.66 6.27
N ALA M 19 72.30 41.70 5.01
CA ALA M 19 73.24 41.69 3.89
C ALA M 19 72.67 42.56 2.77
N VAL M 20 73.40 42.60 1.66
CA VAL M 20 72.97 43.37 0.50
C VAL M 20 72.81 42.42 -0.68
N SER M 21 72.03 42.86 -1.65
CA SER M 21 71.82 42.06 -2.85
C SER M 21 73.14 41.89 -3.59
N THR M 22 73.31 40.72 -4.22
CA THR M 22 74.58 40.40 -4.83
C THR M 22 74.96 41.40 -5.91
N ASN M 23 74.04 41.67 -6.83
CA ASN M 23 74.34 42.49 -7.98
C ASN M 23 74.05 43.96 -7.69
N VAL M 24 74.77 44.83 -8.40
CA VAL M 24 74.55 46.27 -8.35
C VAL M 24 74.53 46.81 -9.77
N ILE M 25 73.43 47.44 -10.18
CA ILE M 25 73.31 47.85 -11.57
C ILE M 25 74.15 49.09 -11.83
N ASP M 26 74.72 49.16 -13.04
CA ASP M 26 75.62 50.23 -13.43
C ASP M 26 75.02 50.95 -14.63
N LEU M 27 74.49 52.14 -14.40
CA LEU M 27 73.82 52.89 -15.47
C LEU M 27 74.75 53.85 -16.19
N GLY M 28 75.95 53.41 -16.57
CA GLY M 28 76.78 54.20 -17.46
C GLY M 28 77.29 55.48 -16.82
N VAL M 29 76.37 56.43 -16.60
CA VAL M 29 76.67 57.69 -15.94
C VAL M 29 75.56 57.96 -14.93
N SER M 30 75.62 59.10 -14.24
CA SER M 30 74.51 59.55 -13.43
C SER M 30 73.45 60.14 -14.35
N ARG M 31 72.23 59.62 -14.29
CA ARG M 31 71.23 59.93 -15.31
C ARG M 31 69.83 60.19 -14.79
N ASP M 32 69.51 59.87 -13.54
CA ASP M 32 68.13 59.93 -13.04
C ASP M 32 67.23 59.01 -13.87
N ILE M 33 67.48 57.71 -13.68
CA ILE M 33 66.93 56.68 -14.56
C ILE M 33 65.41 56.67 -14.46
N GLY M 34 64.87 57.12 -13.34
CA GLY M 34 63.43 56.99 -13.11
C GLY M 34 62.61 58.02 -13.86
N LYS M 35 63.22 59.14 -14.21
CA LYS M 35 62.48 60.26 -14.81
C LYS M 35 61.83 59.83 -16.12
N GLY M 36 60.68 60.43 -16.40
CA GLY M 36 60.01 60.24 -17.68
C GLY M 36 59.10 59.02 -17.71
N VAL M 37 59.33 58.15 -18.68
CA VAL M 37 58.53 56.92 -18.78
C VAL M 37 58.77 56.08 -17.54
N PRO M 38 57.72 55.53 -16.91
CA PRO M 38 57.92 54.74 -15.71
C PRO M 38 58.77 53.50 -15.96
N VAL M 39 59.49 53.09 -14.93
CA VAL M 39 60.31 51.88 -15.01
C VAL M 39 59.81 50.90 -13.94
N PRO M 40 59.11 49.84 -14.34
CA PRO M 40 58.51 48.95 -13.33
C PRO M 40 59.58 48.15 -12.61
N ILE M 41 59.59 48.26 -11.29
CA ILE M 41 60.56 47.58 -10.44
C ILE M 41 59.82 46.71 -9.44
N ILE M 42 60.31 45.50 -9.22
CA ILE M 42 59.76 44.61 -8.20
C ILE M 42 60.90 44.23 -7.26
N ILE M 43 60.78 44.64 -6.00
CA ILE M 43 61.53 44.00 -4.93
C ILE M 43 60.52 43.16 -4.17
N GLN M 44 60.34 41.92 -4.58
CA GLN M 44 59.22 41.12 -4.11
C GLN M 44 59.74 39.86 -3.41
N VAL M 45 59.20 39.59 -2.22
CA VAL M 45 59.54 38.39 -1.48
C VAL M 45 59.11 37.18 -2.30
N VAL M 46 59.90 36.12 -2.28
CA VAL M 46 59.63 35.00 -3.17
C VAL M 46 59.53 33.72 -2.33
N GLU M 47 59.90 33.81 -1.07
CA GLU M 47 59.87 32.67 -0.17
C GLU M 47 59.55 33.13 1.24
N ASP M 48 58.85 32.28 1.99
CA ASP M 48 58.40 32.64 3.32
C ASP M 48 59.58 32.79 4.28
N PHE M 49 59.31 33.39 5.43
CA PHE M 49 60.35 33.77 6.37
C PHE M 49 60.20 33.00 7.68
N ALA M 50 60.98 33.39 8.68
CA ALA M 50 61.12 32.64 9.91
C ALA M 50 61.14 33.62 11.07
N ASP M 51 61.62 33.16 12.22
CA ASP M 51 61.45 33.83 13.50
C ASP M 51 62.08 35.22 13.58
N ALA M 52 62.69 35.70 12.50
CA ALA M 52 63.21 37.06 12.49
C ALA M 52 62.07 38.05 12.73
N THR M 53 62.36 39.09 13.51
CA THR M 53 61.31 40.03 13.90
C THR M 53 60.78 40.81 12.69
N SER M 54 61.66 41.41 11.91
CA SER M 54 61.22 42.29 10.84
C SER M 54 62.31 42.44 9.78
N LEU M 55 61.89 42.92 8.61
CA LEU M 55 62.78 43.14 7.47
C LEU M 55 62.57 44.55 6.94
N THR M 56 63.64 45.17 6.47
CA THR M 56 63.62 46.59 6.14
C THR M 56 64.30 46.85 4.80
N ALA M 57 63.89 46.13 3.76
CA ALA M 57 64.52 46.26 2.45
C ALA M 57 64.52 47.71 1.97
N THR M 58 65.68 48.16 1.48
CA THR M 58 65.92 49.55 1.12
C THR M 58 66.54 49.62 -0.26
N LEU M 59 66.26 50.72 -0.96
CA LEU M 59 66.86 51.02 -2.26
C LEU M 59 67.87 52.14 -2.08
N GLN M 60 69.10 51.88 -2.50
CA GLN M 60 70.21 52.82 -2.28
C GLN M 60 70.90 53.11 -3.61
N THR M 61 71.40 54.33 -3.73
CA THR M 61 72.10 54.77 -4.93
C THR M 61 73.38 55.50 -4.54
N SER M 62 74.44 55.29 -5.31
CA SER M 62 75.71 55.96 -5.07
C SER M 62 76.52 55.99 -6.36
N GLU M 63 77.42 56.98 -6.43
CA GLU M 63 78.30 57.09 -7.58
C GLU M 63 79.40 56.03 -7.53
N THR M 64 79.95 55.79 -6.35
CA THR M 64 81.06 54.86 -6.23
C THR M 64 80.57 53.42 -6.42
N GLU M 65 81.46 52.58 -6.95
CA GLU M 65 81.15 51.16 -7.04
C GLU M 65 80.80 50.59 -5.68
N ASN M 66 81.63 50.82 -4.68
CA ASN M 66 81.32 50.47 -3.31
C ASN M 66 80.61 51.64 -2.64
N PHE M 67 79.52 51.35 -1.95
CA PHE M 67 78.68 52.41 -1.40
C PHE M 67 79.35 52.99 -0.17
N SER M 68 80.30 53.89 -0.42
CA SER M 68 80.87 54.71 0.64
C SER M 68 79.92 55.80 1.09
N SER M 69 79.03 56.26 0.21
CA SER M 69 78.04 57.28 0.54
C SER M 69 76.72 56.84 -0.10
N ALA M 70 75.91 56.09 0.65
CA ALA M 70 74.64 55.61 0.13
C ALA M 70 73.63 56.75 0.08
N THR M 71 72.50 56.50 -0.55
CA THR M 71 71.41 57.48 -0.61
C THR M 71 70.09 56.71 -0.58
N THR M 72 69.30 56.95 0.46
CA THR M 72 68.07 56.18 0.65
C THR M 72 67.02 56.60 -0.37
N LEU M 73 67.08 56.01 -1.57
CA LEU M 73 66.14 56.37 -2.61
C LEU M 73 64.72 55.96 -2.23
N ALA M 74 64.55 54.76 -1.70
CA ALA M 74 63.25 54.23 -1.37
C ALA M 74 63.41 53.18 -0.28
N THR M 75 62.51 53.22 0.70
CA THR M 75 62.55 52.28 1.82
C THR M 75 61.16 51.75 2.09
N SER M 76 61.08 50.43 2.37
CA SER M 76 59.80 49.82 2.71
C SER M 76 59.36 50.25 4.10
N GLY M 77 60.28 50.27 5.05
CA GLY M 77 59.96 50.38 6.44
C GLY M 77 60.06 49.04 7.15
N ALA M 78 59.98 49.10 8.48
CA ALA M 78 60.13 47.90 9.30
C ALA M 78 58.86 47.07 9.19
N VAL M 79 58.74 46.35 8.08
CA VAL M 79 57.56 45.51 7.88
C VAL M 79 57.61 44.34 8.85
N PRO M 80 56.51 43.97 9.50
CA PRO M 80 56.53 42.83 10.41
C PRO M 80 56.61 41.51 9.68
N VAL M 81 57.09 40.50 10.40
CA VAL M 81 57.29 39.17 9.84
C VAL M 81 55.99 38.52 9.39
N ALA M 82 54.86 38.95 9.94
CA ALA M 82 53.58 38.30 9.63
C ALA M 82 53.26 38.40 8.14
N ASP M 83 53.79 39.41 7.46
CA ASP M 83 53.49 39.65 6.06
C ASP M 83 54.62 39.19 5.14
N LEU M 84 55.57 38.41 5.65
CA LEU M 84 56.68 37.91 4.83
C LEU M 84 56.25 36.60 4.18
N THR M 85 55.44 36.72 3.14
CA THR M 85 54.98 35.59 2.36
C THR M 85 55.16 35.88 0.88
N ALA M 86 55.05 34.83 0.07
CA ALA M 86 55.23 34.98 -1.36
C ALA M 86 54.20 35.94 -1.94
N GLY M 87 54.60 36.68 -2.96
CA GLY M 87 53.73 37.65 -3.60
C GLY M 87 53.70 39.01 -2.95
N LYS M 88 54.46 39.23 -1.88
CA LYS M 88 54.52 40.52 -1.24
C LYS M 88 55.46 41.43 -2.01
N GLN M 89 54.97 42.62 -2.37
CA GLN M 89 55.80 43.64 -2.99
C GLN M 89 56.39 44.53 -1.91
N LEU M 90 57.72 44.51 -1.77
CA LEU M 90 58.39 45.14 -0.65
C LEU M 90 58.90 46.54 -0.95
N ALA M 91 58.60 47.11 -2.10
CA ALA M 91 59.14 48.43 -2.42
C ALA M 91 58.20 49.14 -3.37
N VAL M 92 58.71 50.20 -4.00
CA VAL M 92 57.90 51.04 -4.84
C VAL M 92 57.36 50.25 -6.03
N GLN M 93 56.22 50.72 -6.55
CA GLN M 93 55.67 50.18 -7.79
C GLN M 93 56.52 50.55 -9.00
N TYR M 94 57.21 51.69 -8.97
CA TYR M 94 57.99 52.16 -10.11
C TYR M 94 59.31 52.76 -9.65
N MET M 95 60.22 52.90 -10.60
CA MET M 95 61.57 53.36 -10.29
C MET M 95 61.50 54.79 -9.75
N PRO M 96 62.14 55.08 -8.62
CA PRO M 96 62.03 56.40 -8.03
C PRO M 96 62.87 57.44 -8.79
N LEU M 97 62.76 58.67 -8.32
CA LEU M 97 63.47 59.81 -8.90
C LEU M 97 64.72 60.11 -8.07
N GLY M 98 65.82 60.38 -8.75
CA GLY M 98 67.07 60.64 -8.06
C GLY M 98 67.99 59.43 -8.03
N THR M 99 68.22 58.82 -9.18
CA THR M 99 69.11 57.67 -9.29
C THR M 99 70.48 58.10 -9.77
N GLN M 100 71.52 57.69 -9.06
CA GLN M 100 72.90 57.96 -9.44
C GLN M 100 73.46 56.79 -10.25
N ARG M 101 74.78 56.72 -10.38
CA ARG M 101 75.41 55.73 -11.24
C ARG M 101 75.00 54.30 -10.90
N TYR M 102 75.05 53.95 -9.62
CA TYR M 102 74.79 52.57 -9.21
C TYR M 102 73.62 52.51 -8.23
N LEU M 103 72.95 51.36 -8.21
CA LEU M 103 71.86 51.09 -7.30
C LEU M 103 72.04 49.71 -6.69
N ARG M 104 72.08 49.65 -5.36
CA ARG M 104 72.15 48.41 -4.61
C ARG M 104 70.86 48.23 -3.81
N VAL M 105 70.67 47.04 -3.27
CA VAL M 105 69.53 46.75 -2.41
C VAL M 105 70.05 46.20 -1.09
N ASN M 106 69.65 46.83 0.01
CA ASN M 106 70.14 46.51 1.35
C ASN M 106 69.00 45.99 2.19
N TYR M 107 69.21 44.86 2.86
CA TYR M 107 68.20 44.18 3.65
C TYR M 107 68.59 44.26 5.12
N THR M 108 68.13 45.31 5.81
CA THR M 108 68.32 45.41 7.24
C THR M 108 67.29 44.54 7.96
N VAL M 109 67.76 43.52 8.66
CA VAL M 109 66.89 42.53 9.29
C VAL M 109 67.12 42.54 10.78
N SER M 110 66.03 42.65 11.55
CA SER M 110 66.10 42.63 13.00
C SER M 110 65.97 41.18 13.48
N GLY M 111 67.09 40.49 13.47
CA GLY M 111 67.13 39.09 13.83
C GLY M 111 67.45 38.22 12.64
N THR M 112 68.06 37.07 12.92
CA THR M 112 68.54 36.17 11.88
C THR M 112 67.45 35.14 11.56
N ALA M 113 66.76 35.34 10.44
CA ALA M 113 65.73 34.40 10.02
C ALA M 113 66.36 33.09 9.58
N THR M 114 65.66 31.99 9.83
CA THR M 114 66.10 30.70 9.34
C THR M 114 65.58 30.41 7.94
N ALA M 115 64.77 31.30 7.38
CA ALA M 115 64.28 31.15 6.02
C ALA M 115 63.89 32.52 5.50
N GLY M 116 63.76 32.61 4.18
CA GLY M 116 63.35 33.86 3.55
C GLY M 116 64.19 34.22 2.34
N ALA M 117 63.54 34.39 1.20
CA ALA M 117 64.22 34.74 -0.04
C ALA M 117 63.48 35.87 -0.73
N VAL M 118 64.24 36.75 -1.38
CA VAL M 118 63.71 37.91 -2.06
C VAL M 118 64.26 37.92 -3.48
N THR M 119 63.40 38.34 -4.41
CA THR M 119 63.79 38.44 -5.82
C THR M 119 63.50 39.86 -6.28
N ALA M 120 64.54 40.68 -6.37
CA ALA M 120 64.43 42.07 -6.80
C ALA M 120 64.87 42.20 -8.24
N GLY M 121 64.50 43.31 -8.86
CA GLY M 121 64.90 43.57 -10.23
C GLY M 121 63.92 44.48 -10.94
N VAL M 122 64.17 44.65 -12.23
CA VAL M 122 63.38 45.52 -13.08
C VAL M 122 62.67 44.66 -14.12
N VAL M 123 61.36 44.86 -14.26
CA VAL M 123 60.54 44.12 -15.21
C VAL M 123 59.69 45.14 -15.98
N MET M 124 59.07 44.69 -17.07
CA MET M 124 58.23 45.57 -17.87
C MET M 124 56.74 45.42 -17.55
N SER M 125 56.23 44.20 -17.62
CA SER M 125 54.82 43.93 -17.35
C SER M 125 54.66 43.33 -15.96
N HIS M 126 53.65 43.81 -15.23
CA HIS M 126 53.39 43.38 -13.86
C HIS M 126 52.35 42.26 -13.80
N GLN M 127 52.41 41.53 -12.69
CA GLN M 127 51.44 40.48 -12.41
C GLN M 127 50.20 41.01 -11.69
N GLN M 128 50.25 42.25 -11.20
CA GLN M 128 49.26 42.75 -10.26
C GLN M 128 47.84 42.58 -10.77
N ASN M 129 47.04 41.85 -10.02
CA ASN M 129 45.69 41.48 -10.46
C ASN M 129 44.64 41.84 -9.41
N MET N 1 -32.68 -63.07 -14.33
CA MET N 1 -32.06 -61.77 -14.54
C MET N 1 -30.56 -61.92 -14.82
N ILE N 2 -29.95 -60.83 -15.29
CA ILE N 2 -28.50 -60.83 -15.50
C ILE N 2 -27.81 -60.95 -14.14
N MET N 3 -26.65 -61.59 -14.13
CA MET N 3 -26.08 -61.99 -12.85
C MET N 3 -24.64 -61.56 -12.60
N ASP N 4 -23.83 -61.29 -13.62
CA ASP N 4 -22.45 -60.81 -13.44
C ASP N 4 -21.66 -61.83 -12.60
N LYS N 5 -21.27 -62.91 -13.28
CA LYS N 5 -20.51 -63.97 -12.63
C LYS N 5 -19.28 -63.43 -11.90
N GLU N 6 -18.70 -62.34 -12.40
CA GLU N 6 -17.53 -61.75 -11.75
C GLU N 6 -17.86 -61.30 -10.32
N ASN N 7 -18.95 -60.56 -10.15
CA ASN N 7 -19.47 -60.25 -8.81
C ASN N 7 -20.56 -61.26 -8.47
N THR N 8 -20.18 -62.31 -7.77
CA THR N 8 -21.14 -63.33 -7.36
C THR N 8 -20.62 -63.91 -6.06
N PHE N 9 -21.12 -63.37 -4.93
CA PHE N 9 -20.61 -63.78 -3.64
C PHE N 9 -20.77 -65.28 -3.43
N SER N 10 -21.83 -65.86 -3.95
CA SER N 10 -22.02 -67.31 -3.88
C SER N 10 -22.95 -67.71 -5.02
N TYR N 11 -22.76 -68.93 -5.51
CA TYR N 11 -23.56 -69.48 -6.59
C TYR N 11 -24.02 -70.86 -6.15
N LYS N 12 -25.26 -70.94 -5.68
CA LYS N 12 -25.85 -72.18 -5.16
C LYS N 12 -25.02 -72.76 -4.02
N GLN N 13 -24.36 -71.91 -3.25
CA GLN N 13 -23.51 -72.38 -2.17
C GLN N 13 -24.35 -73.08 -1.10
N ALA N 14 -23.82 -74.18 -0.58
CA ALA N 14 -24.50 -74.88 0.51
C ALA N 14 -24.28 -74.15 1.82
N ILE N 15 -25.31 -74.16 2.67
CA ILE N 15 -25.32 -73.36 3.89
C ILE N 15 -25.21 -74.21 5.15
N THR N 16 -24.84 -75.47 5.04
CA THR N 16 -24.67 -76.29 6.24
C THR N 16 -23.58 -75.70 7.13
N GLY N 17 -23.97 -75.30 8.34
CA GLY N 17 -23.03 -74.73 9.27
C GLY N 17 -22.75 -73.25 8.98
N THR N 18 -21.86 -72.69 9.81
CA THR N 18 -21.51 -71.29 9.74
C THR N 18 -20.14 -71.11 9.10
N ALA N 19 -20.09 -70.33 8.04
CA ALA N 19 -18.86 -70.03 7.32
C ALA N 19 -19.08 -68.72 6.57
N VAL N 20 -18.21 -68.43 5.61
CA VAL N 20 -18.32 -67.20 4.83
C VAL N 20 -18.61 -67.57 3.38
N SER N 21 -19.07 -66.60 2.61
CA SER N 21 -19.40 -66.84 1.22
C SER N 21 -18.14 -67.11 0.42
N THR N 22 -18.32 -67.78 -0.73
CA THR N 22 -17.16 -68.25 -1.50
C THR N 22 -16.35 -67.09 -2.05
N ASN N 23 -17.01 -66.15 -2.72
CA ASN N 23 -16.32 -65.08 -3.43
C ASN N 23 -16.20 -63.86 -2.54
N VAL N 24 -14.97 -63.34 -2.42
CA VAL N 24 -14.69 -62.12 -1.66
C VAL N 24 -14.28 -61.04 -2.66
N ILE N 25 -15.19 -60.10 -2.92
CA ILE N 25 -15.00 -59.14 -4.01
C ILE N 25 -13.87 -58.17 -3.68
N ASP N 26 -13.29 -57.59 -4.72
CA ASP N 26 -12.19 -56.63 -4.58
C ASP N 26 -12.41 -55.53 -5.61
N LEU N 27 -12.77 -54.33 -5.16
CA LEU N 27 -13.01 -53.24 -6.10
C LEU N 27 -11.79 -52.34 -6.28
N GLY N 28 -10.61 -52.94 -6.46
CA GLY N 28 -9.46 -52.13 -6.81
C GLY N 28 -9.01 -51.23 -5.69
N VAL N 29 -9.84 -50.24 -5.37
CA VAL N 29 -9.52 -49.21 -4.37
C VAL N 29 -10.63 -49.16 -3.35
N SER N 30 -10.52 -48.22 -2.41
CA SER N 30 -11.46 -48.10 -1.30
C SER N 30 -12.77 -47.43 -1.69
N ARG N 31 -13.10 -47.40 -2.98
CA ARG N 31 -14.30 -46.72 -3.44
C ARG N 31 -15.53 -47.27 -2.75
N ASP N 32 -16.54 -46.42 -2.57
CA ASP N 32 -17.80 -46.82 -1.96
C ASP N 32 -18.85 -46.93 -3.07
N ILE N 33 -19.35 -48.15 -3.27
CA ILE N 33 -20.41 -48.32 -4.27
C ILE N 33 -21.69 -47.65 -3.81
N GLY N 34 -22.02 -47.77 -2.53
CA GLY N 34 -23.28 -47.31 -1.99
C GLY N 34 -23.72 -45.95 -2.49
N LYS N 35 -22.90 -44.93 -2.28
CA LYS N 35 -23.21 -43.61 -2.80
C LYS N 35 -23.24 -43.63 -4.32
N GLY N 36 -24.31 -43.11 -4.90
CA GLY N 36 -24.43 -43.03 -6.34
C GLY N 36 -25.63 -43.81 -6.81
N VAL N 37 -25.55 -44.32 -8.04
CA VAL N 37 -26.65 -45.10 -8.60
C VAL N 37 -26.88 -46.33 -7.73
N PRO N 38 -28.13 -46.70 -7.44
CA PRO N 38 -28.37 -47.91 -6.64
C PRO N 38 -27.91 -49.15 -7.38
N VAL N 39 -26.87 -49.80 -6.84
CA VAL N 39 -26.37 -51.04 -7.41
C VAL N 39 -27.16 -52.19 -6.76
N PRO N 40 -27.96 -52.92 -7.52
CA PRO N 40 -28.82 -53.94 -6.92
C PRO N 40 -28.08 -55.25 -6.72
N ILE N 41 -28.40 -55.92 -5.61
CA ILE N 41 -27.92 -57.28 -5.34
C ILE N 41 -29.06 -58.09 -4.73
N ILE N 42 -28.86 -59.40 -4.66
CA ILE N 42 -29.85 -60.30 -4.06
C ILE N 42 -29.16 -61.39 -3.27
N ILE N 43 -29.20 -61.28 -1.94
CA ILE N 43 -28.85 -62.42 -1.08
C ILE N 43 -30.15 -63.16 -0.86
N GLN N 44 -30.48 -64.01 -1.83
CA GLN N 44 -31.76 -64.71 -1.84
C GLN N 44 -31.51 -66.20 -1.63
N VAL N 45 -32.38 -66.83 -0.83
CA VAL N 45 -32.28 -68.26 -0.63
C VAL N 45 -32.85 -68.97 -1.84
N VAL N 46 -32.04 -69.84 -2.43
CA VAL N 46 -32.44 -70.53 -3.67
C VAL N 46 -33.00 -71.91 -3.40
N GLU N 47 -32.57 -72.60 -2.34
CA GLU N 47 -33.16 -73.88 -1.96
C GLU N 47 -33.50 -73.86 -0.47
N ASP N 48 -34.61 -74.53 -0.14
CA ASP N 48 -35.16 -74.48 1.20
C ASP N 48 -34.18 -75.08 2.21
N PHE N 49 -34.53 -74.94 3.48
CA PHE N 49 -33.62 -75.24 4.57
C PHE N 49 -34.16 -76.41 5.41
N ALA N 50 -33.52 -76.64 6.55
CA ALA N 50 -33.73 -77.85 7.33
C ALA N 50 -33.81 -77.47 8.80
N ASP N 51 -33.63 -78.45 9.67
CA ASP N 51 -33.95 -78.31 11.09
C ASP N 51 -33.16 -77.20 11.79
N ALA N 52 -32.25 -76.53 11.09
CA ALA N 52 -31.48 -75.43 11.67
C ALA N 52 -32.41 -74.37 12.25
N THR N 53 -32.07 -73.88 13.43
CA THR N 53 -32.99 -73.01 14.18
C THR N 53 -33.21 -71.69 13.46
N SER N 54 -32.14 -70.99 13.08
CA SER N 54 -32.28 -69.67 12.48
C SER N 54 -31.04 -69.35 11.66
N LEU N 55 -31.19 -68.37 10.77
CA LEU N 55 -30.11 -67.91 9.90
C LEU N 55 -29.89 -66.42 10.09
N THR N 56 -28.64 -66.00 9.97
CA THR N 56 -28.23 -64.64 10.31
C THR N 56 -27.34 -64.06 9.21
N ALA N 57 -27.81 -64.11 7.97
CA ALA N 57 -27.05 -63.62 6.82
C ALA N 57 -26.50 -62.21 7.04
N THR N 58 -25.18 -62.08 7.04
CA THR N 58 -24.49 -60.83 7.35
C THR N 58 -23.64 -60.41 6.17
N LEU N 59 -23.40 -59.11 6.05
CA LEU N 59 -22.60 -58.53 4.97
C LEU N 59 -21.43 -57.78 5.61
N GLN N 60 -20.33 -58.49 5.86
CA GLN N 60 -19.14 -57.87 6.41
C GLN N 60 -18.32 -57.22 5.30
N THR N 61 -17.45 -56.29 5.69
CA THR N 61 -16.56 -55.65 4.75
C THR N 61 -15.27 -55.28 5.46
N SER N 62 -14.21 -55.11 4.69
CA SER N 62 -12.92 -54.71 5.23
C SER N 62 -12.02 -54.28 4.10
N GLU N 63 -11.13 -53.33 4.40
CA GLU N 63 -10.18 -52.86 3.40
C GLU N 63 -9.18 -53.95 3.03
N THR N 64 -8.84 -54.81 3.98
CA THR N 64 -7.83 -55.84 3.75
C THR N 64 -8.43 -57.01 2.96
N GLU N 65 -7.55 -57.77 2.32
CA GLU N 65 -7.97 -59.00 1.65
C GLU N 65 -8.62 -59.96 2.63
N ASN N 66 -7.87 -60.46 3.61
CA ASN N 66 -8.45 -61.24 4.66
C ASN N 66 -9.20 -60.33 5.61
N PHE N 67 -10.34 -60.81 6.11
CA PHE N 67 -11.23 -59.97 6.92
C PHE N 67 -10.84 -60.04 8.39
N SER N 68 -9.60 -59.65 8.67
CA SER N 68 -9.14 -59.56 10.04
C SER N 68 -9.79 -58.42 10.81
N SER N 69 -10.51 -57.53 10.12
CA SER N 69 -11.23 -56.44 10.75
C SER N 69 -12.70 -56.56 10.38
N ALA N 70 -13.56 -56.65 11.38
CA ALA N 70 -14.99 -56.84 11.17
C ALA N 70 -15.69 -55.48 11.14
N THR N 71 -16.34 -55.16 10.02
CA THR N 71 -17.07 -53.91 9.85
C THR N 71 -18.39 -54.24 9.16
N THR N 72 -19.43 -54.46 9.95
CA THR N 72 -20.73 -54.83 9.41
C THR N 72 -21.33 -53.67 8.63
N LEU N 73 -21.92 -53.99 7.48
CA LEU N 73 -22.63 -53.02 6.67
C LEU N 73 -24.11 -53.31 6.57
N ALA N 74 -24.54 -54.53 6.90
CA ALA N 74 -25.94 -54.90 6.83
C ALA N 74 -26.16 -56.18 7.62
N THR N 75 -27.41 -56.52 7.89
CA THR N 75 -27.72 -57.78 8.57
C THR N 75 -29.17 -58.17 8.33
N SER N 76 -29.41 -59.46 8.14
CA SER N 76 -30.76 -59.98 7.99
C SER N 76 -31.48 -60.14 9.32
N GLY N 77 -30.79 -59.92 10.43
CA GLY N 77 -31.35 -60.28 11.70
C GLY N 77 -31.28 -61.80 11.89
N ALA N 78 -32.02 -62.28 12.88
CA ALA N 78 -32.13 -63.70 13.13
C ALA N 78 -33.39 -64.25 12.43
N VAL N 79 -33.27 -64.42 11.12
CA VAL N 79 -34.42 -64.84 10.33
C VAL N 79 -34.82 -66.25 10.75
N PRO N 80 -36.10 -66.59 10.80
CA PRO N 80 -36.49 -67.94 11.23
C PRO N 80 -36.36 -68.97 10.12
N VAL N 81 -36.36 -70.23 10.54
CA VAL N 81 -36.28 -71.34 9.59
C VAL N 81 -37.57 -71.50 8.82
N ALA N 82 -38.70 -71.25 9.48
CA ALA N 82 -40.00 -71.58 8.89
C ALA N 82 -40.22 -70.82 7.58
N ASP N 83 -39.82 -69.55 7.53
CA ASP N 83 -40.01 -68.77 6.32
C ASP N 83 -38.86 -68.90 5.33
N LEU N 84 -37.81 -69.64 5.68
CA LEU N 84 -36.65 -69.79 4.81
C LEU N 84 -37.00 -70.74 3.67
N THR N 85 -37.56 -70.20 2.59
CA THR N 85 -37.91 -70.99 1.43
C THR N 85 -37.22 -70.36 0.22
N ALA N 86 -37.53 -70.87 -0.97
CA ALA N 86 -36.90 -70.40 -2.18
C ALA N 86 -37.40 -69.01 -2.55
N GLY N 87 -36.49 -68.19 -3.08
CA GLY N 87 -36.84 -66.89 -3.58
C GLY N 87 -37.08 -65.82 -2.54
N LYS N 88 -36.77 -66.10 -1.27
CA LYS N 88 -36.95 -65.12 -0.21
C LYS N 88 -35.65 -64.35 -0.04
N GLN N 89 -35.67 -63.06 -0.38
CA GLN N 89 -34.50 -62.22 -0.15
C GLN N 89 -34.25 -62.09 1.34
N LEU N 90 -32.98 -62.09 1.72
CA LEU N 90 -32.62 -62.06 3.14
C LEU N 90 -32.18 -60.70 3.65
N ALA N 91 -31.49 -59.91 2.84
CA ALA N 91 -30.79 -58.74 3.37
C ALA N 91 -31.04 -57.57 2.43
N VAL N 92 -30.23 -56.53 2.60
CA VAL N 92 -30.40 -55.26 1.90
C VAL N 92 -30.50 -55.48 0.40
N GLN N 93 -31.57 -54.98 -0.20
CA GLN N 93 -31.79 -55.17 -1.63
C GLN N 93 -30.84 -54.33 -2.47
N TYR N 94 -30.17 -53.36 -1.87
CA TYR N 94 -29.17 -52.55 -2.56
C TYR N 94 -27.95 -52.42 -1.66
N MET N 95 -26.90 -51.84 -2.21
CA MET N 95 -25.67 -51.66 -1.46
C MET N 95 -25.89 -50.84 -0.20
N PRO N 96 -25.41 -51.27 0.95
CA PRO N 96 -25.31 -50.36 2.09
C PRO N 96 -24.19 -49.35 1.88
N LEU N 97 -23.94 -48.50 2.85
CA LEU N 97 -22.90 -47.49 2.74
C LEU N 97 -21.67 -47.90 3.53
N GLY N 98 -20.51 -47.48 3.05
CA GLY N 98 -19.24 -47.81 3.67
C GLY N 98 -18.51 -48.98 3.06
N THR N 99 -18.84 -49.37 1.83
CA THR N 99 -18.19 -50.50 1.19
C THR N 99 -16.71 -50.22 0.98
N GLN N 100 -15.86 -50.94 1.69
CA GLN N 100 -14.42 -50.80 1.57
C GLN N 100 -13.93 -51.68 0.41
N ARG N 101 -12.63 -51.93 0.36
CA ARG N 101 -12.03 -52.65 -0.77
C ARG N 101 -12.68 -54.02 -0.97
N TYR N 102 -12.90 -54.77 0.10
CA TYR N 102 -13.35 -56.15 0.00
C TYR N 102 -14.67 -56.35 0.74
N LEU N 103 -15.54 -57.18 0.15
CA LEU N 103 -16.85 -57.48 0.70
C LEU N 103 -17.06 -58.98 0.76
N ARG N 104 -17.27 -59.52 1.95
CA ARG N 104 -17.67 -60.91 2.11
C ARG N 104 -19.15 -60.94 2.47
N VAL N 105 -19.75 -62.13 2.51
CA VAL N 105 -21.12 -62.26 2.99
C VAL N 105 -21.19 -63.42 3.98
N ASN N 106 -21.18 -63.11 5.28
CA ASN N 106 -21.17 -64.14 6.30
C ASN N 106 -22.52 -64.85 6.38
N TYR N 107 -22.48 -66.16 6.64
CA TYR N 107 -23.67 -67.00 6.74
C TYR N 107 -23.64 -67.70 8.09
N THR N 108 -24.15 -67.03 9.12
CA THR N 108 -24.17 -67.60 10.46
C THR N 108 -25.54 -68.22 10.70
N VAL N 109 -25.56 -69.52 10.98
CA VAL N 109 -26.80 -70.27 11.17
C VAL N 109 -26.81 -70.83 12.59
N SER N 110 -27.97 -70.78 13.22
CA SER N 110 -28.13 -71.30 14.57
C SER N 110 -28.12 -72.82 14.51
N GLY N 111 -26.98 -73.43 14.80
CA GLY N 111 -26.83 -74.87 14.67
C GLY N 111 -26.34 -75.26 13.29
N THR N 112 -26.93 -76.28 12.70
CA THR N 112 -26.58 -76.72 11.35
C THR N 112 -27.83 -77.14 10.61
N ALA N 113 -27.83 -76.89 9.30
CA ALA N 113 -28.93 -77.26 8.41
C ALA N 113 -28.50 -78.39 7.50
N THR N 114 -29.36 -79.37 7.33
CA THR N 114 -29.07 -80.49 6.45
C THR N 114 -29.37 -80.19 4.99
N ALA N 115 -29.85 -78.99 4.69
CA ALA N 115 -30.10 -78.55 3.32
C ALA N 115 -29.85 -77.06 3.26
N GLY N 116 -30.32 -76.41 2.20
CA GLY N 116 -30.23 -74.97 2.11
C GLY N 116 -29.12 -74.47 1.21
N ALA N 117 -29.49 -73.62 0.24
CA ALA N 117 -28.51 -73.02 -0.65
C ALA N 117 -28.87 -71.54 -0.84
N VAL N 118 -27.84 -70.71 -1.00
CA VAL N 118 -28.02 -69.27 -1.14
C VAL N 118 -27.09 -68.74 -2.23
N THR N 119 -27.60 -67.84 -3.05
CA THR N 119 -26.81 -67.12 -4.05
C THR N 119 -26.80 -65.65 -3.68
N ALA N 120 -25.69 -64.97 -4.01
CA ALA N 120 -25.54 -63.57 -3.63
C ALA N 120 -24.65 -62.87 -4.65
N GLY N 121 -25.11 -61.73 -5.16
CA GLY N 121 -24.30 -60.94 -6.07
C GLY N 121 -25.06 -59.83 -6.77
N VAL N 122 -24.31 -58.95 -7.46
CA VAL N 122 -24.95 -57.86 -8.18
C VAL N 122 -25.80 -58.42 -9.31
N VAL N 123 -26.82 -57.66 -9.69
CA VAL N 123 -27.71 -58.00 -10.79
C VAL N 123 -27.92 -56.76 -11.64
N MET N 124 -28.76 -56.90 -12.66
CA MET N 124 -29.13 -55.78 -13.52
C MET N 124 -30.57 -55.36 -13.31
N SER N 125 -31.37 -56.17 -12.66
CA SER N 125 -32.78 -55.90 -12.39
C SER N 125 -33.25 -56.90 -11.34
N HIS N 126 -34.56 -56.96 -11.11
CA HIS N 126 -35.10 -57.85 -10.10
C HIS N 126 -36.33 -58.56 -10.64
N GLN N 127 -36.96 -59.33 -9.76
CA GLN N 127 -38.24 -59.97 -10.04
C GLN N 127 -39.38 -59.38 -9.25
N GLN N 128 -39.25 -59.29 -7.94
CA GLN N 128 -40.23 -58.62 -7.08
C GLN N 128 -41.63 -59.16 -7.36
N ASN N 129 -41.75 -60.49 -7.36
CA ASN N 129 -43.00 -61.17 -7.66
C ASN N 129 -43.53 -60.78 -9.04
N MET O 1 87.41 3.23 -31.97
CA MET O 1 86.11 2.62 -31.73
C MET O 1 85.03 3.67 -31.54
N ILE O 2 85.32 4.89 -31.98
CA ILE O 2 84.44 6.05 -31.87
C ILE O 2 83.84 6.10 -30.47
N MET O 3 84.66 5.84 -29.47
CA MET O 3 84.22 5.99 -28.09
C MET O 3 83.98 7.46 -27.78
N ASP O 4 82.89 7.74 -27.09
CA ASP O 4 82.45 9.12 -26.86
C ASP O 4 82.80 9.55 -25.44
N LYS O 5 83.33 10.77 -25.33
CA LYS O 5 83.76 11.29 -24.03
C LYS O 5 82.58 11.43 -23.08
N GLU O 6 81.41 11.81 -23.59
CA GLU O 6 80.26 12.08 -22.74
C GLU O 6 79.85 10.82 -21.99
N ASN O 7 79.66 9.72 -22.70
CA ASN O 7 79.17 8.47 -22.11
C ASN O 7 80.33 7.53 -21.77
N THR O 8 81.16 7.98 -20.83
CA THR O 8 82.32 7.21 -20.41
C THR O 8 82.38 7.16 -18.89
N PHE O 9 83.05 6.12 -18.38
CA PHE O 9 83.27 5.97 -16.95
C PHE O 9 84.63 6.46 -16.51
N SER O 10 85.65 6.26 -17.33
CA SER O 10 86.99 6.76 -17.06
C SER O 10 87.79 6.73 -18.35
N TYR O 11 88.69 7.70 -18.51
CA TYR O 11 89.55 7.82 -19.68
C TYR O 11 90.98 7.83 -19.18
N LYS O 12 91.63 6.66 -19.25
CA LYS O 12 93.01 6.48 -18.80
C LYS O 12 93.20 6.73 -17.31
N GLN O 13 92.22 6.34 -16.49
CA GLN O 13 92.34 6.48 -15.06
C GLN O 13 93.37 5.51 -14.50
N ALA O 14 94.22 5.99 -13.59
CA ALA O 14 95.20 5.17 -12.93
C ALA O 14 94.53 4.27 -11.89
N ILE O 15 95.09 3.07 -11.71
CA ILE O 15 94.49 2.07 -10.85
C ILE O 15 95.45 1.70 -9.73
N THR O 16 96.21 2.68 -9.24
CA THR O 16 97.06 2.49 -8.07
C THR O 16 96.16 2.40 -6.84
N GLY O 17 95.79 1.18 -6.48
CA GLY O 17 94.95 0.95 -5.31
C GLY O 17 93.47 1.00 -5.62
N THR O 18 92.67 0.66 -4.61
CA THR O 18 91.21 0.66 -4.76
C THR O 18 90.68 2.08 -4.93
N ALA O 19 89.80 2.25 -5.91
CA ALA O 19 89.25 3.55 -6.25
C ALA O 19 87.99 3.33 -7.07
N VAL O 20 87.50 4.39 -7.69
CA VAL O 20 86.26 4.37 -8.46
C VAL O 20 86.52 5.02 -9.81
N SER O 21 85.60 4.82 -10.74
CA SER O 21 85.66 5.48 -12.02
C SER O 21 85.48 6.99 -11.85
N THR O 22 86.21 7.75 -12.67
CA THR O 22 86.13 9.20 -12.56
C THR O 22 84.76 9.72 -12.94
N ASN O 23 84.16 9.17 -13.99
CA ASN O 23 82.91 9.67 -14.53
C ASN O 23 81.78 8.67 -14.29
N VAL O 24 80.59 9.21 -14.01
CA VAL O 24 79.40 8.43 -13.76
C VAL O 24 78.32 8.85 -14.75
N ILE O 25 77.73 7.88 -15.43
CA ILE O 25 76.69 8.16 -16.41
C ILE O 25 75.34 8.25 -15.71
N ASP O 26 74.56 9.25 -16.06
CA ASP O 26 73.18 9.39 -15.59
C ASP O 26 72.26 9.32 -16.79
N LEU O 27 71.23 8.48 -16.71
CA LEU O 27 70.41 8.12 -17.85
C LEU O 27 69.01 8.71 -17.77
N GLY O 28 68.88 9.94 -17.28
CA GLY O 28 67.58 10.56 -17.21
C GLY O 28 66.69 9.91 -16.18
N VAL O 29 65.74 9.12 -16.64
CA VAL O 29 64.94 8.28 -15.76
C VAL O 29 65.59 6.91 -15.67
N SER O 30 65.20 6.14 -14.66
CA SER O 30 65.78 4.82 -14.41
C SER O 30 65.19 3.81 -15.40
N ARG O 31 65.60 3.94 -16.65
CA ARG O 31 65.22 2.99 -17.69
C ARG O 31 66.08 1.75 -17.63
N ASP O 32 65.72 0.76 -18.44
CA ASP O 32 66.52 -0.46 -18.58
C ASP O 32 67.13 -0.49 -19.98
N ILE O 33 68.47 -0.47 -20.04
CA ILE O 33 69.18 -0.36 -21.31
C ILE O 33 69.77 -1.70 -21.78
N GLY O 34 70.05 -2.63 -20.86
CA GLY O 34 70.69 -3.87 -21.27
C GLY O 34 69.93 -4.63 -22.33
N LYS O 35 68.62 -4.43 -22.41
CA LYS O 35 67.80 -5.14 -23.38
C LYS O 35 67.70 -4.34 -24.67
N GLY O 36 66.80 -4.76 -25.56
CA GLY O 36 66.69 -4.11 -26.86
C GLY O 36 67.90 -4.42 -27.72
N VAL O 37 68.21 -3.51 -28.64
CA VAL O 37 69.48 -3.63 -29.36
C VAL O 37 70.62 -3.43 -28.39
N PRO O 38 71.64 -4.28 -28.37
CA PRO O 38 72.70 -4.15 -27.38
C PRO O 38 73.52 -2.88 -27.58
N VAL O 39 74.03 -2.36 -26.46
CA VAL O 39 74.96 -1.24 -26.45
C VAL O 39 76.34 -1.81 -26.15
N PRO O 40 77.27 -1.79 -27.10
CA PRO O 40 78.60 -2.35 -26.84
C PRO O 40 79.41 -1.45 -25.91
N ILE O 41 80.02 -2.06 -24.91
CA ILE O 41 80.77 -1.32 -23.90
C ILE O 41 82.12 -2.00 -23.70
N ILE O 42 83.06 -1.24 -23.13
CA ILE O 42 84.38 -1.77 -22.82
C ILE O 42 84.77 -1.38 -21.40
N ILE O 43 85.25 -2.34 -20.63
CA ILE O 43 86.06 -2.06 -19.45
C ILE O 43 87.39 -2.75 -19.72
N GLN O 44 88.33 -1.99 -20.28
CA GLN O 44 89.51 -2.53 -20.90
C GLN O 44 90.77 -1.98 -20.24
N VAL O 45 91.73 -2.87 -20.01
CA VAL O 45 93.04 -2.46 -19.50
C VAL O 45 93.84 -1.85 -20.64
N VAL O 46 94.39 -0.67 -20.40
CA VAL O 46 95.16 0.04 -21.41
C VAL O 46 96.65 0.02 -21.13
N GLU O 47 97.07 0.09 -19.87
CA GLU O 47 98.47 -0.06 -19.52
C GLU O 47 98.61 -1.18 -18.51
N ASP O 48 99.75 -1.86 -18.55
CA ASP O 48 99.97 -3.05 -17.75
C ASP O 48 100.13 -2.62 -16.28
N PHE O 49 100.13 -3.61 -15.38
CA PHE O 49 99.99 -3.40 -13.96
C PHE O 49 101.28 -3.82 -13.23
N ALA O 50 101.19 -3.89 -11.91
CA ALA O 50 102.37 -4.05 -11.07
C ALA O 50 102.05 -5.07 -9.97
N ASP O 51 102.87 -5.07 -8.92
CA ASP O 51 102.94 -6.16 -7.95
C ASP O 51 101.66 -6.41 -7.17
N ALA O 52 100.58 -5.70 -7.49
CA ALA O 52 99.30 -5.97 -6.84
C ALA O 52 98.81 -7.40 -7.10
N THR O 53 97.77 -7.83 -6.39
CA THR O 53 97.29 -9.20 -6.53
C THR O 53 96.22 -9.34 -7.62
N SER O 54 95.18 -8.52 -7.58
CA SER O 54 94.06 -8.73 -8.50
C SER O 54 93.32 -7.43 -8.74
N LEU O 55 92.54 -7.42 -9.81
CA LEU O 55 91.60 -6.35 -10.13
C LEU O 55 90.21 -6.96 -10.29
N THR O 56 89.20 -6.26 -9.77
CA THR O 56 87.84 -6.78 -9.70
C THR O 56 86.84 -5.73 -10.16
N ALA O 57 87.06 -5.15 -11.33
CA ALA O 57 86.21 -4.09 -11.85
C ALA O 57 84.74 -4.52 -11.88
N THR O 58 83.92 -3.82 -11.10
CA THR O 58 82.50 -4.11 -10.98
C THR O 58 81.68 -2.95 -11.55
N LEU O 59 80.65 -3.28 -12.31
CA LEU O 59 79.82 -2.27 -12.97
C LEU O 59 78.57 -1.98 -12.13
N GLN O 60 78.80 -1.49 -10.92
CA GLN O 60 77.72 -1.28 -9.98
C GLN O 60 76.84 -0.11 -10.40
N THR O 61 75.55 -0.22 -10.06
CA THR O 61 74.57 0.78 -10.45
C THR O 61 73.73 1.17 -9.24
N SER O 62 73.15 2.36 -9.32
CA SER O 62 72.31 2.88 -8.25
C SER O 62 71.38 3.92 -8.83
N GLU O 63 70.35 4.25 -8.07
CA GLU O 63 69.36 5.24 -8.49
C GLU O 63 69.75 6.66 -8.11
N THR O 64 70.79 6.84 -7.31
CA THR O 64 71.10 8.14 -6.72
C THR O 64 72.48 8.60 -7.17
N GLU O 65 72.69 9.91 -7.07
CA GLU O 65 73.99 10.48 -7.41
C GLU O 65 75.09 9.87 -6.56
N ASN O 66 74.84 9.74 -5.25
CA ASN O 66 75.74 9.02 -4.37
C ASN O 66 75.34 7.55 -4.36
N PHE O 67 76.31 6.67 -4.58
CA PHE O 67 76.04 5.24 -4.71
C PHE O 67 75.89 4.64 -3.32
N SER O 68 74.73 4.92 -2.72
CA SER O 68 74.32 4.29 -1.48
C SER O 68 73.54 3.00 -1.71
N SER O 69 73.20 2.70 -2.96
CA SER O 69 72.41 1.53 -3.34
C SER O 69 73.05 0.82 -4.52
N ALA O 70 74.35 0.58 -4.42
CA ALA O 70 75.08 -0.04 -5.52
C ALA O 70 74.56 -1.44 -5.79
N THR O 71 74.33 -1.77 -7.05
CA THR O 71 73.81 -3.06 -7.46
C THR O 71 74.76 -3.65 -8.50
N THR O 72 75.25 -4.86 -8.22
CA THR O 72 76.26 -5.51 -9.06
C THR O 72 75.60 -6.05 -10.31
N LEU O 73 75.64 -5.27 -11.38
CA LEU O 73 75.11 -5.74 -12.66
C LEU O 73 76.08 -6.70 -13.35
N ALA O 74 77.38 -6.45 -13.25
CA ALA O 74 78.37 -7.34 -13.85
C ALA O 74 79.68 -7.17 -13.12
N THR O 75 80.39 -8.28 -12.94
CA THR O 75 81.66 -8.30 -12.22
C THR O 75 82.75 -8.91 -13.08
N SER O 76 83.95 -8.37 -12.97
CA SER O 76 85.10 -8.92 -13.68
C SER O 76 85.64 -10.17 -13.03
N GLY O 77 85.35 -10.39 -11.76
CA GLY O 77 85.96 -11.48 -11.01
C GLY O 77 87.35 -11.11 -10.54
N ALA O 78 87.95 -12.03 -9.79
CA ALA O 78 89.29 -11.82 -9.25
C ALA O 78 90.31 -12.19 -10.32
N VAL O 79 90.51 -11.27 -11.26
CA VAL O 79 91.43 -11.54 -12.36
C VAL O 79 92.86 -11.61 -11.82
N PRO O 80 93.68 -12.57 -12.27
CA PRO O 80 95.06 -12.61 -11.79
C PRO O 80 95.88 -11.44 -12.30
N VAL O 81 96.89 -11.08 -11.51
CA VAL O 81 97.70 -9.91 -11.83
C VAL O 81 98.42 -10.09 -13.17
N ALA O 82 98.93 -11.30 -13.42
CA ALA O 82 99.68 -11.54 -14.65
C ALA O 82 98.82 -11.35 -15.88
N ASP O 83 97.50 -11.48 -15.75
CA ASP O 83 96.63 -11.30 -16.90
C ASP O 83 96.65 -9.87 -17.42
N LEU O 84 96.66 -8.90 -16.51
CA LEU O 84 96.47 -7.50 -16.91
C LEU O 84 97.57 -7.05 -17.86
N THR O 85 97.19 -6.89 -19.13
CA THR O 85 98.04 -6.38 -20.19
C THR O 85 97.18 -5.52 -21.09
N ALA O 86 97.83 -4.67 -21.87
CA ALA O 86 97.09 -3.85 -22.82
C ALA O 86 96.34 -4.76 -23.79
N GLY O 87 95.04 -4.53 -23.91
CA GLY O 87 94.21 -5.33 -24.78
C GLY O 87 93.33 -6.36 -24.11
N LYS O 88 93.13 -6.25 -22.80
CA LYS O 88 92.26 -7.18 -22.07
C LYS O 88 90.97 -6.46 -21.71
N GLN O 89 89.84 -7.05 -22.11
CA GLN O 89 88.52 -6.53 -21.77
C GLN O 89 88.05 -7.24 -20.51
N LEU O 90 87.77 -6.47 -19.46
CA LEU O 90 87.52 -7.02 -18.14
C LEU O 90 86.06 -7.25 -17.82
N ALA O 91 85.14 -6.83 -18.67
CA ALA O 91 83.72 -6.96 -18.37
C ALA O 91 83.00 -7.48 -19.60
N VAL O 92 81.67 -7.46 -19.54
CA VAL O 92 80.86 -8.00 -20.62
C VAL O 92 81.09 -7.19 -21.90
N GLN O 93 80.98 -7.87 -23.04
CA GLN O 93 81.04 -7.17 -24.32
C GLN O 93 79.89 -6.18 -24.49
N TYR O 94 78.79 -6.37 -23.78
CA TYR O 94 77.65 -5.47 -23.87
C TYR O 94 77.15 -5.19 -22.47
N MET O 95 76.57 -4.01 -22.29
CA MET O 95 76.26 -3.55 -20.95
C MET O 95 75.19 -4.43 -20.33
N PRO O 96 75.37 -4.89 -19.10
CA PRO O 96 74.47 -5.89 -18.54
C PRO O 96 73.05 -5.36 -18.36
N LEU O 97 72.13 -6.31 -18.22
CA LEU O 97 70.72 -6.00 -18.04
C LEU O 97 70.47 -5.41 -16.65
N GLY O 98 69.22 -5.01 -16.41
CA GLY O 98 68.86 -4.45 -15.11
C GLY O 98 69.55 -3.16 -14.79
N THR O 99 69.64 -2.26 -15.78
CA THR O 99 70.31 -0.98 -15.56
C THR O 99 69.43 -0.06 -14.71
N GLN O 100 69.94 1.13 -14.44
CA GLN O 100 69.31 2.06 -13.53
C GLN O 100 69.74 3.47 -13.92
N ARG O 101 69.55 4.43 -13.01
CA ARG O 101 69.92 5.81 -13.28
C ARG O 101 71.41 5.95 -13.51
N TYR O 102 72.21 5.69 -12.48
CA TYR O 102 73.65 5.91 -12.52
C TYR O 102 74.39 4.59 -12.52
N LEU O 103 75.60 4.61 -13.08
CA LEU O 103 76.47 3.44 -13.09
C LEU O 103 77.91 3.84 -12.80
N ARG O 104 78.55 3.11 -11.89
CA ARG O 104 79.95 3.31 -11.52
C ARG O 104 80.78 2.11 -11.95
N VAL O 105 82.10 2.33 -12.02
CA VAL O 105 83.03 1.24 -12.28
C VAL O 105 84.07 1.22 -11.15
N ASN O 106 83.86 0.33 -10.18
CA ASN O 106 84.68 0.25 -8.98
C ASN O 106 85.74 -0.83 -9.15
N TYR O 107 86.99 -0.51 -8.83
CA TYR O 107 88.10 -1.44 -8.90
C TYR O 107 88.48 -1.85 -7.47
N THR O 108 87.81 -2.89 -6.97
CA THR O 108 88.01 -3.38 -5.61
C THR O 108 89.21 -4.31 -5.62
N VAL O 109 90.39 -3.73 -5.58
CA VAL O 109 91.63 -4.47 -5.73
C VAL O 109 92.05 -5.03 -4.37
N SER O 110 92.99 -5.97 -4.41
CA SER O 110 93.60 -6.55 -3.21
C SER O 110 95.08 -6.18 -3.23
N GLY O 111 95.40 -5.01 -2.71
CA GLY O 111 96.76 -4.51 -2.74
C GLY O 111 96.97 -3.47 -3.82
N THR O 112 97.89 -2.54 -3.57
CA THR O 112 98.12 -1.41 -4.47
C THR O 112 99.19 -1.76 -5.50
N ALA O 113 98.94 -1.37 -6.75
CA ALA O 113 99.87 -1.57 -7.84
C ALA O 113 100.51 -0.25 -8.21
N THR O 114 101.80 -0.31 -8.53
CA THR O 114 102.52 0.87 -8.99
C THR O 114 102.24 1.20 -10.45
N ALA O 115 101.49 0.36 -11.15
CA ALA O 115 101.14 0.60 -12.53
C ALA O 115 99.78 0.00 -12.81
N GLY O 116 99.13 0.50 -13.86
CA GLY O 116 97.83 0.00 -14.25
C GLY O 116 96.80 1.08 -14.51
N ALA O 117 96.23 1.08 -15.72
CA ALA O 117 95.25 2.07 -16.11
C ALA O 117 94.28 1.44 -17.09
N VAL O 118 93.05 1.97 -17.11
CA VAL O 118 91.96 1.41 -17.90
C VAL O 118 91.24 2.54 -18.63
N THR O 119 90.34 2.14 -19.53
CA THR O 119 89.47 3.07 -20.26
C THR O 119 88.11 2.41 -20.39
N ALA O 120 87.12 2.90 -19.66
CA ALA O 120 85.81 2.26 -19.55
C ALA O 120 84.76 3.12 -20.21
N GLY O 121 83.89 2.49 -21.00
CA GLY O 121 82.80 3.22 -21.63
C GLY O 121 82.17 2.42 -22.75
N VAL O 122 81.28 3.12 -23.47
CA VAL O 122 80.49 2.56 -24.56
C VAL O 122 81.13 2.93 -25.89
N VAL O 123 81.06 2.03 -26.86
CA VAL O 123 81.69 2.23 -28.16
C VAL O 123 80.65 2.04 -29.27
N MET O 124 80.93 2.63 -30.43
CA MET O 124 80.09 2.35 -31.59
C MET O 124 80.25 0.92 -32.08
N SER O 125 81.47 0.39 -32.12
CA SER O 125 81.70 -0.99 -32.51
C SER O 125 82.95 -1.48 -31.81
N HIS O 126 82.98 -2.76 -31.53
CA HIS O 126 84.10 -3.38 -30.82
C HIS O 126 85.22 -3.70 -31.79
N GLN O 127 86.44 -3.82 -31.25
CA GLN O 127 87.59 -4.25 -32.04
C GLN O 127 87.93 -5.66 -31.62
N GLN O 128 87.49 -6.64 -32.40
CA GLN O 128 87.73 -8.05 -32.11
C GLN O 128 88.58 -8.64 -33.23
N ASN O 129 89.89 -8.70 -32.99
CA ASN O 129 90.86 -9.26 -33.94
C ASN O 129 90.83 -8.52 -35.26
#